data_7WHD
#
_entry.id   7WHD
#
_cell.length_a   1.00
_cell.length_b   1.00
_cell.length_c   1.00
_cell.angle_alpha   90.00
_cell.angle_beta   90.00
_cell.angle_gamma   90.00
#
_symmetry.space_group_name_H-M   'P 1'
#
loop_
_entity.id
_entity.type
_entity.pdbx_description
1 polymer 'Spike glycoprotein'
2 polymer 'antibody ZB8 heavy chain'
3 polymer 'antibody ZB8 light chain'
4 branched 2-acetamido-2-deoxy-beta-D-glucopyranose-(1-4)-2-acetamido-2-deoxy-beta-D-glucopyranose
5 non-polymer 2-acetamido-2-deoxy-beta-D-glucopyranose
#
loop_
_entity_poly.entity_id
_entity_poly.type
_entity_poly.pdbx_seq_one_letter_code
_entity_poly.pdbx_strand_id
1 'polypeptide(L)'
;AYTNSFTRGVYYPDKVFRSSVLHSTQDLFLPFFSNVTWFHAIHVSGTNGTKRFDNPVLPFNDGVYFASTEKSNIIRGWIF
GTTLDSKTQSLLIVNNATNVVIKVCEFQFCNDPFLGVYYHKNNKSWMESEFRVYSSANNCTFEYVSQPFLMDLEGKQGNF
KNLREFVFKNIDGYFKIYSKHTPINLVRDLPQGFSALEPLVDLPIGINITRFQTLLALHRSYLTPGDSSSGWTAGAAAYY
VGYLQPRTFLLKYNENGTITDAVDCALDPLSETKCTLKSFTVEKGIYQTSNFRVQPTESIVRFPNITNLCPFGEVFNATR
FASVYAWNRKRISNCVADYSVLYNSASFSTFKCYGVSPTKLNDLCFTNVYADSFVIRGDEVRQIAPGQTGKIADYNYKLP
DDFTGCVIAWNSNNLDSKVGGNYNYLYRLFRKSNLKPFERDISTEIYQAGSTPCNGVEGFNCYFPLQSYGFQPTNGVGYQ
PYRVVVLSFELLHAPATVCGPKKSTNLVKNKCVNFNFNGLTGTGVLTESNKKFLPFQQFGRDIADTTDAVRDPQTLEILD
ITPCSFGGVSVITPGTNTSNQVAVLYQDVNCTEVPVAIHADQLTPTWRVYSTGSNVFQTRAGCLIGAEHVNNSYECDIPI
GAGICASYQTQTNSPRRARSVASQSIIAYTMSLGAENSVAYSNNSIAIPTNFTISVTTEILPVSMTKTSVDCTMYICGDS
TECSNLLLQYGSFCTQLNRALTGIAVEQDKNTQEVFAQVKQIYKTPPIKDFGGFNFSQILPDPSKPSKRSFIEDLLFNKV
TLADAGFIKQYGDCLGDIAARDLICAQKFNGLTVLPPLLTDEMIAQYTSALLAGTITSGWTFGAGAALQIPFAMQMAYRF
NGIGVTQNVLYENQKLIANQFNSAIGKIQDSLSSTASALGKLQDVVNQNAQALNTLVKQLSSNFGAISSVLNDILSRLDP
PEAEVQIDRLITGRLQSLQTYVTQQLIRAAEIRASANLAATKMSECVLGQSKRVDFCGKGYHLMSFPQSAPHGVVFLHVT
YVPAQEKNFTTAPAICHDGKAHFPREGVFVSNGTHWFVTQRNFYEPQIITTDNTFVSGNCDVVIGIVNNTVYDPLQPELD
;
A,B,C
2 'polypeptide(L)'
;EVQLVQSGAEVKKPGSSVKVSCKASGGTFSNYGISWVRQAPGQGLEWMGRILPTFGTANSAQKFQGRVTITADESTGTAY
MELRSLRSEDTAVYYCAKEGLAFLGYGMDVWGQGTTVTVSSASTKGPSVFPLAPSSKSTSGGTAALGCLVKDYFPEPVTV
SWNSGALTSGVHTFPAVLQSSGLYSLSSVVTVPSSSLGTQTYICNVNHKPSNTKVDKKVEPKSC
;
D,G,J
3 'polypeptide(L)'
;EIVLTQSPGTLSLSPGERATLSCRASQSVSSYLAWYQQKPGQAPRLLIYDASNRATGIPARFIGSGSGTDFTLTISSLEP
EDFAVYFCQQRSNWPLTFGGGTKVEIKRTVAAPSVFIFPPSDEQLKSGTASVVCLLNNFYPREAKVQWKVDNALQSGNSQ
ESVTEQDSKDSTYSLSSTLTLSKADYEKHKVYACEVTHQGLSSPVTKSFNRGEC
;
E,H,K
#
loop_
_chem_comp.id
_chem_comp.type
_chem_comp.name
_chem_comp.formula
NAG D-saccharide, beta linking 2-acetamido-2-deoxy-beta-D-glucopyranose 'C8 H15 N O6'
#
# COMPACT_ATOMS: atom_id res chain seq x y z
N ALA A 1 -41.91 -32.96 2.29
CA ALA A 1 -41.23 -34.24 2.38
C ALA A 1 -39.76 -34.03 2.74
N TYR A 2 -39.25 -34.87 3.64
CA TYR A 2 -37.86 -34.77 4.09
C TYR A 2 -37.37 -36.16 4.48
N THR A 3 -36.21 -36.53 3.99
CA THR A 3 -35.57 -37.78 4.36
C THR A 3 -34.17 -37.51 4.90
N ASN A 4 -33.46 -38.57 5.28
CA ASN A 4 -32.17 -38.48 5.95
C ASN A 4 -31.05 -38.75 4.98
N SER A 5 -30.09 -37.83 4.91
CA SER A 5 -28.91 -37.98 4.05
C SER A 5 -27.80 -38.61 4.87
N PHE A 6 -27.54 -39.89 4.64
CA PHE A 6 -26.48 -40.59 5.35
C PHE A 6 -25.13 -40.22 4.75
N THR A 7 -24.11 -41.04 4.97
CA THR A 7 -22.75 -40.69 4.56
C THR A 7 -22.70 -40.73 3.04
N ARG A 8 -23.20 -39.66 2.43
CA ARG A 8 -23.29 -39.53 0.98
C ARG A 8 -22.89 -38.11 0.58
N GLY A 9 -22.52 -37.96 -0.68
CA GLY A 9 -22.20 -36.66 -1.22
C GLY A 9 -20.76 -36.22 -1.07
N VAL A 10 -19.86 -37.12 -0.66
CA VAL A 10 -18.45 -36.78 -0.55
C VAL A 10 -17.81 -36.94 -1.93
N TYR A 11 -16.85 -36.06 -2.23
CA TYR A 11 -16.24 -36.03 -3.54
C TYR A 11 -14.77 -35.65 -3.39
N TYR A 12 -13.99 -36.00 -4.40
CA TYR A 12 -12.58 -35.65 -4.39
C TYR A 12 -12.43 -34.15 -4.48
N PRO A 13 -11.80 -33.49 -3.50
CA PRO A 13 -11.67 -32.03 -3.55
C PRO A 13 -10.53 -31.55 -4.41
N ASP A 14 -9.69 -32.46 -4.91
CA ASP A 14 -8.52 -32.05 -5.66
C ASP A 14 -8.12 -33.17 -6.60
N LYS A 15 -7.27 -32.82 -7.57
CA LYS A 15 -6.79 -33.74 -8.58
C LYS A 15 -5.45 -34.36 -8.22
N VAL A 16 -5.18 -34.52 -6.92
CA VAL A 16 -3.90 -34.99 -6.42
C VAL A 16 -4.05 -36.43 -5.97
N PHE A 17 -3.16 -37.29 -6.47
CA PHE A 17 -3.11 -38.66 -5.99
C PHE A 17 -2.58 -38.68 -4.56
N ARG A 18 -3.03 -39.67 -3.79
CA ARG A 18 -2.66 -39.76 -2.39
C ARG A 18 -2.37 -41.21 -2.03
N SER A 19 -1.38 -41.41 -1.17
CA SER A 19 -1.07 -42.74 -0.69
C SER A 19 -1.92 -43.05 0.53
N SER A 20 -1.69 -44.20 1.16
CA SER A 20 -2.50 -44.63 2.30
C SER A 20 -2.18 -43.73 3.49
N VAL A 21 -2.82 -42.56 3.49
CA VAL A 21 -2.66 -41.59 4.56
C VAL A 21 -4.05 -41.10 4.96
N LEU A 22 -4.08 -40.16 5.90
CA LEU A 22 -5.29 -39.47 6.29
C LEU A 22 -5.10 -37.99 6.02
N HIS A 23 -5.92 -37.43 5.13
CA HIS A 23 -5.82 -36.03 4.76
C HIS A 23 -7.06 -35.29 5.23
N SER A 24 -6.86 -34.08 5.73
CA SER A 24 -7.96 -33.23 6.20
C SER A 24 -8.09 -32.02 5.28
N THR A 25 -9.31 -31.80 4.80
CA THR A 25 -9.58 -30.73 3.85
C THR A 25 -10.63 -29.79 4.44
N GLN A 26 -10.38 -28.49 4.36
CA GLN A 26 -11.35 -27.47 4.74
C GLN A 26 -12.02 -26.99 3.45
N ASP A 27 -13.20 -27.52 3.17
CA ASP A 27 -13.94 -27.18 1.96
C ASP A 27 -15.43 -27.22 2.30
N LEU A 28 -16.27 -27.19 1.29
CA LEU A 28 -17.71 -27.28 1.47
C LEU A 28 -18.20 -28.64 1.00
N PHE A 29 -18.92 -29.33 1.88
CA PHE A 29 -19.35 -30.69 1.66
C PHE A 29 -20.82 -30.79 2.04
N LEU A 30 -21.35 -32.01 2.02
CA LEU A 30 -22.71 -32.24 2.46
C LEU A 30 -22.67 -32.80 3.86
N PRO A 31 -23.06 -32.03 4.88
CA PRO A 31 -22.93 -32.51 6.26
C PRO A 31 -23.69 -33.81 6.47
N PHE A 32 -23.09 -34.70 7.26
CA PHE A 32 -23.68 -36.01 7.47
C PHE A 32 -24.99 -35.90 8.23
N PHE A 33 -25.94 -36.77 7.88
CA PHE A 33 -27.24 -36.85 8.55
C PHE A 33 -27.96 -35.49 8.50
N SER A 34 -28.23 -35.05 7.28
CA SER A 34 -28.85 -33.76 7.04
C SER A 34 -30.31 -33.92 6.61
N ASN A 35 -31.01 -32.80 6.65
CA ASN A 35 -32.43 -32.74 6.32
C ASN A 35 -32.57 -32.36 4.86
N VAL A 36 -32.55 -33.36 3.99
CA VAL A 36 -32.62 -33.15 2.55
C VAL A 36 -34.08 -33.20 2.10
N THR A 37 -34.42 -32.39 1.11
CA THR A 37 -35.77 -32.37 0.57
C THR A 37 -36.02 -33.61 -0.29
N TRP A 38 -37.29 -33.92 -0.48
CA TRP A 38 -37.72 -34.99 -1.36
C TRP A 38 -38.74 -34.43 -2.34
N PHE A 39 -38.54 -34.71 -3.62
CA PHE A 39 -39.40 -34.19 -4.66
C PHE A 39 -39.89 -35.33 -5.54
N HIS A 40 -41.10 -35.16 -6.07
CA HIS A 40 -41.77 -36.15 -6.89
C HIS A 40 -42.24 -35.49 -8.19
N ALA A 41 -42.69 -36.32 -9.12
CA ALA A 41 -43.22 -35.82 -10.39
C ALA A 41 -44.73 -35.70 -10.36
N ASN A 55 -42.92 -28.03 -11.19
CA ASN A 55 -41.69 -28.53 -10.60
C ASN A 55 -40.90 -27.38 -9.99
N PRO A 56 -40.79 -27.37 -8.66
CA PRO A 56 -40.37 -26.16 -7.95
C PRO A 56 -38.99 -25.68 -8.35
N VAL A 57 -38.84 -24.35 -8.35
CA VAL A 57 -37.55 -23.70 -8.59
C VAL A 57 -36.86 -23.56 -7.25
N LEU A 58 -35.60 -24.00 -7.19
CA LEU A 58 -34.90 -24.14 -5.93
C LEU A 58 -33.71 -23.18 -5.86
N PRO A 59 -33.46 -22.58 -4.71
CA PRO A 59 -32.27 -21.73 -4.55
C PRO A 59 -31.00 -22.55 -4.62
N PHE A 60 -29.93 -21.92 -5.08
CA PHE A 60 -28.63 -22.56 -5.21
C PHE A 60 -27.76 -22.20 -4.02
N ASN A 61 -27.35 -20.94 -3.92
CA ASN A 61 -26.89 -20.25 -2.72
C ASN A 61 -25.59 -20.78 -2.12
N ASP A 62 -25.22 -22.04 -2.42
CA ASP A 62 -23.89 -22.52 -2.06
C ASP A 62 -23.34 -23.60 -2.97
N GLY A 63 -24.06 -24.02 -4.00
CA GLY A 63 -23.79 -25.29 -4.63
C GLY A 63 -24.64 -26.40 -4.05
N VAL A 64 -25.00 -27.35 -4.92
CA VAL A 64 -26.08 -28.29 -4.62
C VAL A 64 -25.60 -29.70 -4.91
N TYR A 65 -25.96 -30.62 -4.02
CA TYR A 65 -25.80 -32.04 -4.26
C TYR A 65 -27.13 -32.62 -4.71
N PHE A 66 -27.13 -33.27 -5.88
CA PHE A 66 -28.33 -33.80 -6.50
C PHE A 66 -28.18 -35.30 -6.68
N ALA A 67 -29.21 -36.04 -6.27
CA ALA A 67 -29.23 -37.49 -6.44
C ALA A 67 -30.55 -37.88 -7.11
N SER A 68 -30.47 -38.84 -8.02
CA SER A 68 -31.65 -39.35 -8.69
C SER A 68 -31.61 -40.87 -8.72
N THR A 69 -32.79 -41.48 -8.65
CA THR A 69 -32.92 -42.94 -8.70
C THR A 69 -34.15 -43.30 -9.54
N GLU A 70 -33.91 -43.66 -10.79
CA GLU A 70 -34.97 -44.03 -11.72
C GLU A 70 -34.48 -45.15 -12.62
N LYS A 71 -35.43 -45.85 -13.25
CA LYS A 71 -35.10 -46.86 -14.25
C LYS A 71 -35.11 -46.27 -15.65
N SER A 72 -36.25 -45.72 -16.08
CA SER A 72 -36.32 -45.03 -17.35
C SER A 72 -35.62 -43.69 -17.25
N ASN A 73 -35.21 -43.18 -18.40
CA ASN A 73 -34.62 -41.84 -18.42
C ASN A 73 -35.72 -40.82 -18.20
N ILE A 74 -35.95 -40.44 -16.95
CA ILE A 74 -36.97 -39.47 -16.59
C ILE A 74 -36.36 -38.07 -16.46
N ILE A 75 -35.37 -37.92 -15.60
CA ILE A 75 -34.74 -36.63 -15.36
C ILE A 75 -33.76 -36.38 -16.50
N ARG A 76 -33.97 -35.31 -17.26
CA ARG A 76 -33.10 -35.01 -18.38
C ARG A 76 -31.94 -34.12 -17.96
N GLY A 77 -32.25 -32.95 -17.41
CA GLY A 77 -31.20 -32.02 -17.05
C GLY A 77 -31.72 -30.88 -16.21
N TRP A 78 -30.93 -29.81 -16.19
CA TRP A 78 -31.15 -28.70 -15.27
C TRP A 78 -30.87 -27.39 -15.98
N ILE A 79 -31.36 -26.31 -15.37
CA ILE A 79 -31.10 -24.96 -15.84
C ILE A 79 -30.58 -24.16 -14.66
N PHE A 80 -29.79 -23.14 -14.94
CA PHE A 80 -29.18 -22.34 -13.88
C PHE A 80 -29.17 -20.87 -14.27
N GLY A 81 -29.52 -20.01 -13.33
CA GLY A 81 -29.52 -18.59 -13.57
C GLY A 81 -29.70 -17.81 -12.28
N THR A 82 -30.20 -16.58 -12.42
CA THR A 82 -30.52 -15.75 -11.26
C THR A 82 -32.00 -15.42 -11.20
N THR A 83 -32.56 -14.87 -12.27
CA THR A 83 -33.96 -14.48 -12.30
C THR A 83 -34.71 -15.00 -13.52
N LEU A 84 -34.01 -15.57 -14.50
CA LEU A 84 -34.63 -16.12 -15.70
C LEU A 84 -35.44 -15.06 -16.44
N ASP A 85 -34.81 -13.91 -16.67
CA ASP A 85 -35.45 -12.81 -17.37
C ASP A 85 -34.43 -12.19 -18.32
N SER A 86 -34.73 -10.98 -18.79
CA SER A 86 -33.85 -10.30 -19.74
C SER A 86 -32.53 -9.93 -19.08
N LYS A 87 -31.48 -9.89 -19.91
CA LYS A 87 -30.14 -9.46 -19.49
C LYS A 87 -29.61 -10.32 -18.34
N THR A 88 -29.80 -11.64 -18.46
CA THR A 88 -29.29 -12.56 -17.45
C THR A 88 -28.92 -13.86 -18.17
N GLN A 89 -27.64 -13.97 -18.54
CA GLN A 89 -27.18 -15.14 -19.28
C GLN A 89 -27.28 -16.39 -18.41
N SER A 90 -27.87 -17.44 -18.95
CA SER A 90 -28.10 -18.69 -18.23
C SER A 90 -27.37 -19.83 -18.95
N LEU A 91 -27.62 -21.05 -18.50
CA LEU A 91 -26.97 -22.22 -19.07
C LEU A 91 -27.87 -23.42 -18.93
N LEU A 92 -27.66 -24.44 -19.76
CA LEU A 92 -28.51 -25.63 -19.69
C LEU A 92 -27.81 -26.93 -20.05
N ILE A 93 -28.16 -27.99 -19.32
CA ILE A 93 -27.59 -29.31 -19.54
C ILE A 93 -28.72 -30.33 -19.62
N VAL A 94 -28.87 -30.96 -20.77
CA VAL A 94 -29.92 -31.96 -20.97
C VAL A 94 -29.42 -33.17 -21.76
N ASN A 95 -30.16 -34.28 -21.65
CA ASN A 95 -29.79 -35.50 -22.36
C ASN A 95 -31.00 -36.17 -23.02
N ASN A 96 -31.22 -35.83 -24.30
CA ASN A 96 -32.33 -36.39 -25.05
C ASN A 96 -31.90 -36.72 -26.48
N ALA A 97 -31.90 -35.71 -27.34
CA ALA A 97 -31.51 -35.88 -28.73
C ALA A 97 -29.98 -35.80 -28.83
N THR A 98 -29.39 -36.72 -29.59
CA THR A 98 -27.95 -36.77 -29.78
C THR A 98 -27.20 -36.73 -28.45
N ASN A 99 -27.46 -37.72 -27.60
CA ASN A 99 -26.83 -37.82 -26.29
C ASN A 99 -26.90 -36.52 -25.48
N VAL A 100 -25.78 -36.13 -24.90
CA VAL A 100 -25.72 -34.92 -24.08
C VAL A 100 -25.70 -33.64 -24.91
N VAL A 101 -25.83 -32.50 -24.22
CA VAL A 101 -25.83 -31.20 -24.87
C VAL A 101 -25.43 -30.12 -23.87
N ILE A 102 -24.91 -29.00 -24.37
CA ILE A 102 -24.49 -27.91 -23.50
C ILE A 102 -24.61 -26.55 -24.20
N LYS A 103 -25.20 -25.59 -23.50
CA LYS A 103 -25.39 -24.25 -24.04
C LYS A 103 -25.40 -23.24 -22.88
N VAL A 104 -24.71 -22.12 -23.07
CA VAL A 104 -24.61 -21.05 -22.09
C VAL A 104 -25.03 -19.76 -22.79
N CYS A 105 -25.93 -19.89 -23.75
CA CYS A 105 -26.47 -18.72 -24.44
C CYS A 105 -27.37 -17.93 -23.50
N GLU A 106 -27.83 -16.78 -23.99
CA GLU A 106 -28.89 -16.02 -23.34
C GLU A 106 -30.22 -16.44 -23.96
N PHE A 107 -31.14 -16.89 -23.12
CA PHE A 107 -32.39 -17.46 -23.60
C PHE A 107 -33.41 -17.54 -22.49
N GLN A 108 -34.67 -17.30 -22.85
CA GLN A 108 -35.76 -17.01 -21.91
C GLN A 108 -36.66 -18.23 -21.77
N PHE A 109 -36.95 -18.63 -20.54
CA PHE A 109 -37.72 -19.82 -20.26
C PHE A 109 -39.19 -19.50 -20.04
N CYS A 110 -39.98 -20.54 -19.84
CA CYS A 110 -41.37 -20.44 -19.46
C CYS A 110 -41.50 -20.73 -17.96
N ASN A 111 -42.72 -20.59 -17.45
CA ASN A 111 -42.97 -20.80 -16.02
C ASN A 111 -43.01 -22.28 -15.65
N ASP A 112 -43.07 -23.18 -16.63
CA ASP A 112 -43.07 -24.62 -16.36
C ASP A 112 -42.52 -25.34 -17.58
N PRO A 113 -41.21 -25.50 -17.66
CA PRO A 113 -40.60 -26.22 -18.79
C PRO A 113 -40.48 -27.71 -18.53
N PHE A 114 -40.54 -28.47 -19.62
CA PHE A 114 -40.46 -29.92 -19.55
C PHE A 114 -40.09 -30.46 -20.93
N LEU A 115 -40.03 -31.78 -21.04
CA LEU A 115 -39.73 -32.46 -22.30
C LEU A 115 -40.94 -33.28 -22.70
N GLY A 116 -41.40 -33.09 -23.93
CA GLY A 116 -42.58 -33.79 -24.41
C GLY A 116 -42.27 -35.12 -25.06
N VAL A 117 -42.78 -36.21 -24.49
CA VAL A 117 -42.60 -37.53 -25.06
C VAL A 117 -43.91 -38.31 -25.03
N MET A 127 -43.57 -39.00 -31.97
CA MET A 127 -43.29 -37.64 -32.40
C MET A 127 -42.44 -36.90 -31.36
N GLU A 128 -42.79 -37.08 -30.09
CA GLU A 128 -42.03 -36.53 -28.96
C GLU A 128 -41.90 -35.01 -29.09
N SER A 129 -43.05 -34.35 -29.04
CA SER A 129 -43.10 -32.90 -29.23
C SER A 129 -42.49 -32.19 -28.03
N GLU A 130 -41.18 -31.99 -28.07
CA GLU A 130 -40.41 -31.40 -26.98
C GLU A 130 -39.77 -30.11 -27.47
N PHE A 131 -38.84 -29.59 -26.66
CA PHE A 131 -38.10 -28.37 -26.98
C PHE A 131 -39.01 -27.14 -26.95
N ARG A 132 -39.95 -27.14 -26.00
CA ARG A 132 -40.80 -25.98 -25.73
C ARG A 132 -40.39 -25.34 -24.41
N VAL A 133 -39.10 -25.31 -24.14
CA VAL A 133 -38.58 -24.83 -22.86
C VAL A 133 -38.19 -23.36 -22.95
N TYR A 134 -37.48 -22.96 -24.00
CA TYR A 134 -37.06 -21.58 -24.17
C TYR A 134 -37.36 -21.13 -25.59
N SER A 135 -37.37 -19.80 -25.76
CA SER A 135 -37.67 -19.18 -27.05
C SER A 135 -36.50 -18.39 -27.61
N SER A 136 -35.97 -17.45 -26.84
CA SER A 136 -34.89 -16.59 -27.33
C SER A 136 -33.61 -17.38 -27.51
N ALA A 137 -32.74 -16.86 -28.38
CA ALA A 137 -31.39 -17.39 -28.55
C ALA A 137 -30.40 -16.26 -28.76
N ASN A 138 -30.57 -15.16 -28.03
CA ASN A 138 -29.78 -13.96 -28.26
C ASN A 138 -28.40 -14.07 -27.62
N ASN A 139 -27.42 -13.50 -28.32
CA ASN A 139 -26.04 -13.38 -27.85
C ASN A 139 -25.52 -14.72 -27.31
N CYS A 140 -25.63 -15.74 -28.15
CA CYS A 140 -25.19 -17.08 -27.76
C CYS A 140 -23.67 -17.08 -27.60
N THR A 141 -23.22 -17.12 -26.35
CA THR A 141 -21.81 -16.93 -26.03
C THR A 141 -21.03 -18.22 -25.93
N PHE A 142 -21.60 -19.28 -25.35
CA PHE A 142 -20.90 -20.55 -25.28
C PHE A 142 -21.82 -21.67 -25.73
N GLU A 143 -21.22 -22.67 -26.36
CA GLU A 143 -21.91 -23.89 -26.74
C GLU A 143 -20.97 -25.06 -26.53
N TYR A 144 -21.55 -26.24 -26.43
CA TYR A 144 -20.76 -27.45 -26.25
C TYR A 144 -21.58 -28.66 -26.65
N VAL A 145 -20.90 -29.67 -27.20
CA VAL A 145 -21.48 -30.97 -27.48
C VAL A 145 -20.49 -32.03 -27.04
N SER A 146 -21.02 -33.11 -26.48
CA SER A 146 -20.19 -34.26 -26.13
C SER A 146 -20.32 -35.35 -27.18
N LYS A 161 -32.58 -50.41 -9.11
CA LYS A 161 -32.60 -49.52 -10.26
C LYS A 161 -31.20 -48.99 -10.56
N ASN A 162 -31.07 -47.67 -10.59
CA ASN A 162 -29.78 -47.02 -10.79
C ASN A 162 -29.71 -45.77 -9.92
N LEU A 163 -28.50 -45.35 -9.62
CA LEU A 163 -28.25 -44.18 -8.79
C LEU A 163 -27.31 -43.23 -9.53
N ARG A 164 -27.67 -41.95 -9.57
CA ARG A 164 -26.88 -40.94 -10.25
C ARG A 164 -26.75 -39.73 -9.32
N GLU A 165 -25.57 -39.55 -8.74
CA GLU A 165 -25.29 -38.43 -7.86
C GLU A 165 -24.48 -37.37 -8.60
N PHE A 166 -24.80 -36.11 -8.32
CA PHE A 166 -24.10 -34.99 -8.94
C PHE A 166 -23.92 -33.89 -7.92
N VAL A 167 -22.78 -33.19 -8.02
CA VAL A 167 -22.51 -32.02 -7.19
C VAL A 167 -22.21 -30.86 -8.13
N PHE A 168 -23.00 -29.80 -8.03
CA PHE A 168 -22.80 -28.60 -8.83
C PHE A 168 -22.29 -27.49 -7.93
N LYS A 169 -21.29 -26.77 -8.39
CA LYS A 169 -20.75 -25.65 -7.63
C LYS A 169 -20.10 -24.67 -8.61
N ASN A 170 -20.33 -23.39 -8.37
CA ASN A 170 -19.80 -22.32 -9.21
C ASN A 170 -18.89 -21.45 -8.36
N ILE A 171 -17.58 -21.63 -8.53
CA ILE A 171 -16.58 -20.87 -7.79
C ILE A 171 -15.66 -20.21 -8.80
N ASP A 172 -15.40 -18.93 -8.60
CA ASP A 172 -14.45 -18.18 -9.42
C ASP A 172 -14.76 -18.34 -10.91
N GLY A 173 -16.05 -18.23 -11.24
CA GLY A 173 -16.46 -18.35 -12.62
C GLY A 173 -16.14 -19.69 -13.23
N TYR A 174 -16.12 -20.73 -12.41
CA TYR A 174 -15.90 -22.09 -12.88
C TYR A 174 -17.06 -22.96 -12.44
N PHE A 175 -17.61 -23.73 -13.37
CA PHE A 175 -18.72 -24.63 -13.08
C PHE A 175 -18.18 -26.05 -13.08
N LYS A 176 -17.85 -26.54 -11.89
CA LYS A 176 -17.31 -27.88 -11.74
C LYS A 176 -18.42 -28.89 -11.52
N ILE A 177 -18.30 -30.05 -12.16
CA ILE A 177 -19.29 -31.11 -12.08
C ILE A 177 -18.60 -32.34 -11.54
N TYR A 178 -19.20 -32.95 -10.51
CA TYR A 178 -18.75 -34.21 -9.96
C TYR A 178 -19.90 -35.21 -10.03
N SER A 179 -19.59 -36.46 -10.37
CA SER A 179 -20.64 -37.45 -10.46
C SER A 179 -20.09 -38.84 -10.29
N LYS A 180 -20.98 -39.77 -9.97
CA LYS A 180 -20.63 -41.18 -9.79
C LYS A 180 -21.90 -42.01 -9.95
N HIS A 181 -21.85 -42.99 -10.85
CA HIS A 181 -23.01 -43.83 -11.15
C HIS A 181 -22.94 -45.10 -10.32
N THR A 182 -24.03 -45.40 -9.62
CA THR A 182 -24.06 -46.53 -8.69
C THR A 182 -25.22 -47.46 -9.07
N PRO A 183 -24.97 -48.76 -9.23
CA PRO A 183 -26.07 -49.69 -9.46
C PRO A 183 -26.73 -50.12 -8.16
N ILE A 184 -28.02 -49.82 -8.00
CA ILE A 184 -28.74 -50.10 -6.78
C ILE A 184 -30.01 -50.86 -7.11
N ASN A 185 -30.57 -51.51 -6.09
CA ASN A 185 -31.82 -52.26 -6.23
C ASN A 185 -32.80 -51.90 -5.12
N LEU A 186 -32.69 -50.68 -4.59
CA LEU A 186 -33.54 -50.23 -3.50
C LEU A 186 -34.96 -50.02 -4.00
N VAL A 187 -35.86 -49.72 -3.08
CA VAL A 187 -37.30 -49.62 -3.37
C VAL A 187 -37.78 -48.17 -3.28
N ARG A 188 -37.72 -47.58 -2.09
CA ARG A 188 -38.32 -46.27 -1.89
C ARG A 188 -37.46 -45.28 -1.13
N ASP A 189 -36.49 -45.72 -0.33
CA ASP A 189 -35.71 -44.84 0.52
C ASP A 189 -34.35 -44.56 -0.10
N LEU A 190 -33.49 -43.88 0.66
CA LEU A 190 -32.12 -43.53 0.27
C LEU A 190 -31.15 -44.67 0.64
N PRO A 191 -30.22 -44.98 -0.24
CA PRO A 191 -29.27 -46.07 0.04
C PRO A 191 -28.34 -45.73 1.19
N GLN A 192 -27.85 -46.80 1.82
CA GLN A 192 -26.83 -46.71 2.85
C GLN A 192 -25.52 -47.22 2.30
N GLY A 193 -24.45 -46.45 2.47
CA GLY A 193 -23.15 -46.85 1.96
C GLY A 193 -22.20 -45.69 1.88
N PHE A 194 -21.25 -45.79 0.95
CA PHE A 194 -20.26 -44.74 0.77
C PHE A 194 -19.81 -44.73 -0.69
N SER A 195 -19.79 -43.54 -1.28
CA SER A 195 -19.37 -43.38 -2.67
C SER A 195 -18.81 -41.98 -2.85
N ALA A 196 -17.77 -41.87 -3.66
CA ALA A 196 -17.10 -40.60 -3.92
C ALA A 196 -17.34 -40.18 -5.37
N LEU A 197 -17.51 -38.88 -5.58
CA LEU A 197 -17.92 -38.34 -6.87
C LEU A 197 -16.71 -37.80 -7.61
N GLU A 198 -16.28 -38.53 -8.64
CA GLU A 198 -15.19 -38.08 -9.49
C GLU A 198 -15.60 -36.86 -10.29
N PRO A 199 -14.66 -35.99 -10.63
CA PRO A 199 -14.99 -34.88 -11.53
C PRO A 199 -15.30 -35.36 -12.94
N LEU A 200 -16.14 -34.58 -13.62
CA LEU A 200 -16.50 -34.84 -15.02
C LEU A 200 -15.99 -33.76 -15.94
N VAL A 201 -16.34 -32.50 -15.71
CA VAL A 201 -16.06 -31.42 -16.62
C VAL A 201 -15.87 -30.13 -15.81
N ASP A 202 -15.10 -29.20 -16.37
CA ASP A 202 -14.97 -27.86 -15.84
C ASP A 202 -15.29 -26.89 -16.96
N LEU A 203 -15.82 -25.73 -16.58
CA LEU A 203 -16.22 -24.79 -17.61
C LEU A 203 -16.10 -23.36 -17.12
N PRO A 204 -15.48 -22.48 -17.91
CA PRO A 204 -15.41 -21.06 -17.55
C PRO A 204 -16.68 -20.34 -17.96
N ILE A 205 -17.34 -19.70 -16.99
CA ILE A 205 -18.58 -18.98 -17.22
C ILE A 205 -18.48 -17.54 -16.73
N GLY A 206 -18.07 -17.35 -15.48
CA GLY A 206 -17.95 -16.01 -14.95
C GLY A 206 -19.26 -15.29 -14.79
N ILE A 207 -20.28 -15.96 -14.26
CA ILE A 207 -21.57 -15.35 -13.99
C ILE A 207 -21.98 -15.67 -12.56
N ASN A 208 -22.83 -14.82 -12.00
CA ASN A 208 -23.44 -15.12 -10.72
C ASN A 208 -24.63 -16.06 -10.92
N ILE A 209 -24.76 -17.04 -10.04
CA ILE A 209 -25.85 -18.02 -10.10
C ILE A 209 -26.44 -18.18 -8.71
N THR A 210 -27.76 -18.01 -8.61
CA THR A 210 -28.48 -18.20 -7.36
C THR A 210 -29.74 -19.05 -7.51
N ARG A 211 -30.31 -19.16 -8.71
CA ARG A 211 -31.58 -19.83 -8.93
C ARG A 211 -31.35 -20.95 -9.92
N PHE A 212 -31.97 -22.10 -9.70
CA PHE A 212 -31.90 -23.15 -10.71
C PHE A 212 -33.23 -23.90 -10.71
N GLN A 213 -33.48 -24.59 -11.81
CA GLN A 213 -34.68 -25.40 -11.95
C GLN A 213 -34.31 -26.69 -12.66
N THR A 214 -35.02 -27.77 -12.33
CA THR A 214 -34.81 -29.06 -12.94
C THR A 214 -35.90 -29.36 -13.96
N LEU A 215 -35.54 -30.10 -14.99
CA LEU A 215 -36.45 -30.45 -16.07
C LEU A 215 -36.37 -31.95 -16.34
N LEU A 216 -37.49 -32.50 -16.79
CA LEU A 216 -37.63 -33.93 -17.02
C LEU A 216 -38.61 -34.16 -18.17
N ALA A 217 -38.77 -35.42 -18.54
CA ALA A 217 -39.63 -35.79 -19.66
C ALA A 217 -41.10 -35.75 -19.24
N LEU A 218 -41.97 -36.27 -20.09
CA LEU A 218 -43.39 -36.32 -19.78
C LEU A 218 -44.02 -37.51 -20.50
N HIS A 219 -45.09 -38.05 -19.91
CA HIS A 219 -45.84 -39.14 -20.51
C HIS A 219 -46.88 -38.54 -21.44
N ARG A 220 -46.62 -38.61 -22.75
CA ARG A 220 -47.55 -38.05 -23.74
C ARG A 220 -47.84 -38.97 -24.91
N SER A 221 -46.96 -39.91 -25.25
CA SER A 221 -47.22 -40.84 -26.34
C SER A 221 -47.88 -42.11 -25.79
N ALA A 238 -38.33 -39.08 -8.94
CA ALA A 238 -37.78 -39.34 -7.61
C ALA A 238 -36.35 -38.83 -7.51
N TYR A 239 -36.18 -37.57 -7.11
CA TYR A 239 -34.86 -36.98 -6.96
C TYR A 239 -34.78 -36.23 -5.64
N TYR A 240 -33.56 -36.09 -5.14
CA TYR A 240 -33.28 -35.44 -3.87
C TYR A 240 -32.34 -34.27 -4.08
N VAL A 241 -32.44 -33.28 -3.19
CA VAL A 241 -31.64 -32.06 -3.29
C VAL A 241 -31.06 -31.76 -1.91
N GLY A 242 -29.74 -31.89 -1.78
CA GLY A 242 -29.04 -31.44 -0.60
C GLY A 242 -28.34 -30.12 -0.85
N TYR A 243 -27.81 -29.54 0.23
CA TYR A 243 -27.09 -28.28 0.16
C TYR A 243 -25.74 -28.42 0.83
N LEU A 244 -24.77 -27.63 0.37
CA LEU A 244 -23.40 -27.70 0.84
C LEU A 244 -23.06 -26.47 1.66
N GLN A 245 -22.41 -26.68 2.80
CA GLN A 245 -21.87 -25.61 3.62
C GLN A 245 -20.42 -25.93 3.95
N PRO A 246 -19.59 -24.91 4.14
CA PRO A 246 -18.16 -25.17 4.37
C PRO A 246 -17.90 -25.77 5.73
N ARG A 247 -17.18 -26.90 5.75
CA ARG A 247 -16.82 -27.55 6.99
C ARG A 247 -15.65 -28.50 6.73
N THR A 248 -14.96 -28.84 7.81
CA THR A 248 -13.74 -29.64 7.74
C THR A 248 -14.07 -31.12 7.72
N PHE A 249 -13.42 -31.86 6.81
CA PHE A 249 -13.61 -33.29 6.67
C PHE A 249 -12.28 -34.00 6.81
N LEU A 250 -12.34 -35.28 7.18
CA LEU A 250 -11.16 -36.13 7.30
C LEU A 250 -11.29 -37.27 6.31
N LEU A 251 -10.50 -37.22 5.24
CA LEU A 251 -10.61 -38.17 4.14
C LEU A 251 -9.56 -39.26 4.27
N LYS A 252 -9.98 -40.51 4.12
CA LYS A 252 -9.07 -41.63 4.14
C LYS A 252 -8.82 -42.12 2.72
N TYR A 253 -7.57 -42.22 2.34
CA TYR A 253 -7.18 -42.66 1.01
C TYR A 253 -6.66 -44.09 1.08
N ASN A 254 -6.95 -44.86 0.04
CA ASN A 254 -6.50 -46.25 -0.04
C ASN A 254 -5.10 -46.28 -0.64
N GLU A 255 -4.55 -47.48 -0.84
CA GLU A 255 -3.27 -47.58 -1.53
C GLU A 255 -3.35 -47.08 -2.95
N ASN A 256 -4.49 -47.32 -3.62
CA ASN A 256 -4.71 -46.86 -4.99
C ASN A 256 -4.97 -45.37 -5.08
N GLY A 257 -5.19 -44.69 -3.96
CA GLY A 257 -5.57 -43.30 -3.99
C GLY A 257 -7.06 -43.05 -4.06
N THR A 258 -7.89 -44.02 -3.72
CA THR A 258 -9.34 -43.87 -3.73
C THR A 258 -9.86 -43.66 -2.31
N ILE A 259 -10.86 -42.80 -2.19
CA ILE A 259 -11.46 -42.51 -0.89
C ILE A 259 -12.43 -43.63 -0.53
N THR A 260 -12.24 -44.21 0.65
CA THR A 260 -13.10 -45.28 1.12
C THR A 260 -13.92 -44.93 2.35
N ASP A 261 -13.50 -43.93 3.14
CA ASP A 261 -14.27 -43.51 4.30
C ASP A 261 -13.90 -42.09 4.64
N ALA A 262 -14.80 -41.42 5.37
CA ALA A 262 -14.59 -40.04 5.78
C ALA A 262 -15.28 -39.80 7.12
N VAL A 263 -14.84 -38.75 7.80
CA VAL A 263 -15.37 -38.38 9.11
C VAL A 263 -15.64 -36.88 9.10
N ASP A 264 -16.79 -36.49 9.63
CA ASP A 264 -17.17 -35.08 9.72
C ASP A 264 -16.71 -34.52 11.06
N CYS A 265 -15.84 -33.50 11.00
CA CYS A 265 -15.22 -32.95 12.20
C CYS A 265 -16.14 -32.06 13.01
N ALA A 266 -17.45 -32.09 12.78
CA ALA A 266 -18.36 -31.23 13.52
C ALA A 266 -19.65 -31.91 13.93
N LEU A 267 -19.80 -33.21 13.66
CA LEU A 267 -21.07 -33.87 13.95
C LEU A 267 -21.26 -34.10 15.43
N ASP A 268 -20.41 -34.92 16.04
CA ASP A 268 -20.52 -35.34 17.42
C ASP A 268 -19.14 -35.30 18.05
N PRO A 269 -19.06 -35.28 19.39
CA PRO A 269 -17.74 -35.19 20.03
C PRO A 269 -16.79 -36.31 19.66
N LEU A 270 -17.30 -37.52 19.40
CA LEU A 270 -16.43 -38.61 18.99
C LEU A 270 -15.74 -38.30 17.68
N SER A 271 -16.48 -37.75 16.71
CA SER A 271 -15.88 -37.37 15.45
C SER A 271 -14.89 -36.22 15.64
N GLU A 272 -15.17 -35.31 16.57
CA GLU A 272 -14.22 -34.25 16.87
C GLU A 272 -12.92 -34.84 17.41
N THR A 273 -13.01 -35.84 18.29
CA THR A 273 -11.81 -36.51 18.79
C THR A 273 -11.05 -37.19 17.66
N LYS A 274 -11.76 -37.92 16.81
CA LYS A 274 -11.11 -38.58 15.67
C LYS A 274 -10.38 -37.57 14.80
N CYS A 275 -11.02 -36.43 14.53
CA CYS A 275 -10.45 -35.43 13.66
C CYS A 275 -9.23 -34.77 14.31
N THR A 276 -9.27 -34.58 15.63
CA THR A 276 -8.13 -34.00 16.33
C THR A 276 -6.94 -34.96 16.34
N LEU A 277 -7.19 -36.24 16.58
CA LEU A 277 -6.11 -37.22 16.64
C LEU A 277 -5.60 -37.63 15.27
N LYS A 278 -6.27 -37.22 14.19
CA LYS A 278 -5.94 -37.65 12.82
C LYS A 278 -5.89 -39.18 12.74
N SER A 279 -6.93 -39.82 13.24
CA SER A 279 -7.01 -41.27 13.20
C SER A 279 -8.46 -41.69 13.23
N PHE A 280 -8.70 -42.95 12.86
CA PHE A 280 -10.04 -43.52 12.88
C PHE A 280 -10.30 -44.37 14.11
N THR A 281 -9.26 -44.88 14.76
CA THR A 281 -9.40 -45.71 15.95
C THR A 281 -8.88 -44.90 17.14
N VAL A 282 -9.78 -44.57 18.06
CA VAL A 282 -9.45 -43.82 19.26
C VAL A 282 -9.50 -44.79 20.43
N GLU A 283 -8.34 -45.02 21.05
CA GLU A 283 -8.27 -45.96 22.15
C GLU A 283 -8.65 -45.27 23.46
N LYS A 284 -8.81 -46.09 24.50
CA LYS A 284 -9.31 -45.61 25.78
C LYS A 284 -8.44 -44.49 26.33
N GLY A 285 -9.07 -43.44 26.80
CA GLY A 285 -8.35 -42.31 27.36
C GLY A 285 -9.25 -41.09 27.44
N ILE A 286 -8.62 -39.95 27.73
CA ILE A 286 -9.29 -38.66 27.74
C ILE A 286 -8.47 -37.70 26.89
N TYR A 287 -9.15 -36.96 26.01
CA TYR A 287 -8.48 -36.07 25.07
C TYR A 287 -9.15 -34.71 25.12
N GLN A 288 -8.36 -33.66 24.98
CA GLN A 288 -8.88 -32.30 24.91
C GLN A 288 -8.97 -31.90 23.46
N THR A 289 -10.18 -31.54 23.01
CA THR A 289 -10.44 -31.27 21.62
C THR A 289 -10.57 -29.78 21.31
N SER A 290 -11.46 -29.09 22.03
CA SER A 290 -11.70 -27.68 21.78
C SER A 290 -11.91 -27.01 23.13
N ASN A 291 -12.44 -25.80 23.13
CA ASN A 291 -12.66 -25.07 24.38
C ASN A 291 -13.94 -24.25 24.31
N PHE A 292 -14.65 -24.25 25.43
CA PHE A 292 -15.93 -23.57 25.61
C PHE A 292 -15.72 -22.17 26.16
N ARG A 293 -16.55 -21.23 25.72
CA ARG A 293 -16.54 -19.89 26.30
C ARG A 293 -17.88 -19.21 26.03
N VAL A 294 -18.44 -18.60 27.07
CA VAL A 294 -19.67 -17.86 26.91
C VAL A 294 -19.40 -16.57 26.13
N GLN A 295 -20.45 -16.03 25.55
CA GLN A 295 -20.28 -14.87 24.69
C GLN A 295 -20.99 -13.65 25.27
N PRO A 296 -20.52 -12.45 24.95
CA PRO A 296 -21.17 -11.24 25.48
C PRO A 296 -22.57 -11.10 24.93
N THR A 297 -23.55 -11.04 25.84
CA THR A 297 -24.94 -10.92 25.43
C THR A 297 -25.16 -9.66 24.61
N GLU A 298 -24.72 -8.52 25.13
CA GLU A 298 -24.83 -7.26 24.42
C GLU A 298 -23.83 -6.28 25.02
N SER A 299 -23.57 -5.20 24.27
CA SER A 299 -22.62 -4.18 24.69
C SER A 299 -23.37 -3.03 25.35
N ILE A 300 -22.82 -2.52 26.45
CA ILE A 300 -23.43 -1.44 27.20
C ILE A 300 -22.41 -0.33 27.42
N VAL A 301 -22.88 0.91 27.37
CA VAL A 301 -22.07 2.09 27.66
C VAL A 301 -22.81 2.91 28.70
N ARG A 302 -22.07 3.51 29.62
CA ARG A 302 -22.67 4.25 30.70
C ARG A 302 -21.78 5.43 31.08
N PHE A 303 -22.38 6.62 31.10
CA PHE A 303 -21.67 7.87 31.27
C PHE A 303 -22.38 8.74 32.29
N PRO A 304 -21.66 9.69 32.91
CA PRO A 304 -22.26 10.50 33.97
C PRO A 304 -23.40 11.37 33.46
N ASN A 305 -24.07 12.01 34.42
CA ASN A 305 -25.23 12.83 34.11
C ASN A 305 -24.86 13.99 33.20
N ILE A 306 -25.88 14.62 32.61
CA ILE A 306 -25.66 15.74 31.70
C ILE A 306 -25.51 17.02 32.51
N THR A 307 -24.41 17.73 32.30
CA THR A 307 -24.11 18.96 33.02
C THR A 307 -24.67 20.15 32.23
N ASN A 308 -24.23 21.36 32.58
CA ASN A 308 -24.65 22.59 31.92
C ASN A 308 -24.67 22.45 30.39
N LEU A 309 -25.77 22.90 29.78
CA LEU A 309 -26.13 22.51 28.42
C LEU A 309 -25.70 23.55 27.37
N CYS A 310 -24.64 24.32 27.64
CA CYS A 310 -24.12 25.29 26.67
C CYS A 310 -25.25 26.18 26.17
N PRO A 311 -25.72 27.13 26.97
CA PRO A 311 -26.96 27.84 26.63
C PRO A 311 -26.95 28.47 25.25
N PHE A 312 -27.81 27.97 24.38
CA PHE A 312 -28.02 28.52 23.05
C PHE A 312 -29.31 29.32 22.93
N GLY A 313 -30.14 29.32 23.98
CA GLY A 313 -31.41 30.02 23.91
C GLY A 313 -31.28 31.52 23.82
N GLU A 314 -30.18 32.07 24.31
CA GLU A 314 -29.92 33.51 24.21
C GLU A 314 -29.15 33.85 22.94
N VAL A 315 -28.87 32.87 22.10
CA VAL A 315 -28.22 33.09 20.82
C VAL A 315 -29.18 32.86 19.66
N PHE A 316 -29.99 31.81 19.73
CA PHE A 316 -30.97 31.53 18.69
C PHE A 316 -32.33 32.14 19.00
N ASN A 317 -32.86 31.89 20.19
CA ASN A 317 -34.15 32.43 20.59
C ASN A 317 -34.03 33.83 21.21
N ALA A 318 -32.96 34.55 20.88
CA ALA A 318 -32.75 35.88 21.45
C ALA A 318 -33.79 36.86 20.93
N THR A 319 -33.89 38.01 21.61
CA THR A 319 -34.88 39.01 21.26
C THR A 319 -34.40 39.87 20.10
N ARG A 320 -33.32 40.61 20.30
CA ARG A 320 -32.81 41.55 19.32
C ARG A 320 -31.43 41.12 18.84
N PHE A 321 -31.27 41.02 17.53
CA PHE A 321 -30.00 40.67 16.93
C PHE A 321 -29.19 41.94 16.64
N ALA A 322 -28.11 41.80 15.89
CA ALA A 322 -27.23 42.92 15.56
C ALA A 322 -27.28 43.18 14.06
N SER A 323 -26.68 44.30 13.67
CA SER A 323 -26.55 44.60 12.25
C SER A 323 -25.26 44.00 11.71
N VAL A 324 -25.19 43.90 10.37
CA VAL A 324 -24.11 43.15 9.73
C VAL A 324 -22.76 43.81 9.99
N TYR A 325 -22.70 45.13 9.89
CA TYR A 325 -21.41 45.79 10.02
C TYR A 325 -20.87 45.77 11.44
N ALA A 326 -21.67 45.33 12.42
CA ALA A 326 -21.23 45.18 13.81
C ALA A 326 -21.89 43.91 14.35
N TRP A 327 -21.19 42.79 14.24
CA TRP A 327 -21.73 41.50 14.61
C TRP A 327 -21.14 41.02 15.93
N ASN A 328 -21.95 40.29 16.70
CA ASN A 328 -21.51 39.75 17.97
C ASN A 328 -20.52 38.62 17.76
N ARG A 329 -19.81 38.27 18.84
CA ARG A 329 -18.86 37.17 18.81
C ARG A 329 -18.92 36.38 20.11
N LYS A 330 -20.13 36.06 20.57
CA LYS A 330 -20.25 35.32 21.81
C LYS A 330 -19.67 33.92 21.64
N ARG A 331 -18.72 33.57 22.50
CA ARG A 331 -18.02 32.29 22.42
C ARG A 331 -18.46 31.38 23.56
N ILE A 332 -18.74 30.13 23.22
CA ILE A 332 -19.14 29.11 24.19
C ILE A 332 -17.89 28.58 24.87
N SER A 333 -18.08 27.80 25.92
CA SER A 333 -17.00 27.37 26.79
C SER A 333 -17.31 25.96 27.28
N ASN A 334 -16.67 25.55 28.37
CA ASN A 334 -16.73 24.17 28.83
C ASN A 334 -18.14 23.77 29.26
N CYS A 335 -18.86 23.10 28.36
CA CYS A 335 -20.18 22.56 28.62
C CYS A 335 -20.51 21.57 27.51
N VAL A 336 -21.71 21.00 27.57
CA VAL A 336 -22.15 20.01 26.60
C VAL A 336 -23.00 20.71 25.55
N ALA A 337 -22.70 20.45 24.28
CA ALA A 337 -23.41 21.05 23.16
C ALA A 337 -24.38 20.04 22.57
N ASP A 338 -25.66 20.40 22.51
CA ASP A 338 -26.71 19.49 22.03
C ASP A 338 -27.04 19.86 20.58
N TYR A 339 -26.15 19.45 19.67
CA TYR A 339 -26.35 19.73 18.25
C TYR A 339 -27.50 18.95 17.66
N SER A 340 -28.01 17.93 18.35
CA SER A 340 -29.13 17.17 17.81
C SER A 340 -30.36 18.05 17.67
N VAL A 341 -30.63 18.89 18.68
CA VAL A 341 -31.80 19.77 18.63
C VAL A 341 -31.68 20.75 17.48
N LEU A 342 -30.49 21.29 17.25
CA LEU A 342 -30.29 22.23 16.15
C LEU A 342 -30.60 21.58 14.81
N TYR A 343 -30.08 20.38 14.57
CA TYR A 343 -30.25 19.76 13.26
C TYR A 343 -31.71 19.41 12.97
N ASN A 344 -32.36 18.70 13.89
CA ASN A 344 -33.72 18.26 13.66
C ASN A 344 -34.75 19.24 14.22
N SER A 345 -34.39 20.52 14.29
CA SER A 345 -35.35 21.52 14.75
C SER A 345 -36.51 21.67 13.77
N ALA A 346 -36.26 21.46 12.48
CA ALA A 346 -37.28 21.56 11.44
C ALA A 346 -37.96 22.93 11.43
N SER A 347 -37.24 23.94 11.90
CA SER A 347 -37.75 25.31 11.91
C SER A 347 -36.78 26.29 11.25
N PHE A 348 -35.69 25.80 10.68
CA PHE A 348 -34.71 26.66 10.02
C PHE A 348 -34.89 26.57 8.51
N SER A 349 -34.01 27.27 7.80
CA SER A 349 -34.01 27.24 6.35
C SER A 349 -32.68 26.80 5.76
N THR A 350 -31.57 27.10 6.42
CA THR A 350 -30.25 26.72 5.96
C THR A 350 -29.46 26.17 7.14
N PHE A 351 -28.81 25.02 6.95
CA PHE A 351 -28.03 24.41 8.00
C PHE A 351 -26.76 23.75 7.47
N LYS A 352 -26.50 23.93 6.19
CA LYS A 352 -25.33 23.34 5.55
C LYS A 352 -24.03 23.69 6.28
N CYS A 353 -23.16 22.69 6.43
CA CYS A 353 -21.87 22.88 7.09
C CYS A 353 -20.74 22.79 6.08
N TYR A 354 -19.51 22.96 6.54
CA TYR A 354 -18.33 22.91 5.68
C TYR A 354 -17.23 22.13 6.36
N GLY A 355 -17.34 22.04 7.68
CA GLY A 355 -16.38 21.33 8.50
C GLY A 355 -16.57 19.83 8.48
N VAL A 356 -17.66 19.36 9.06
CA VAL A 356 -17.93 17.94 9.21
C VAL A 356 -19.43 17.69 9.03
N SER A 357 -19.80 16.43 9.10
CA SER A 357 -21.21 16.06 8.93
C SER A 357 -22.04 16.59 10.09
N PRO A 358 -23.27 17.02 9.83
CA PRO A 358 -24.16 17.41 10.94
C PRO A 358 -24.44 16.26 11.89
N THR A 359 -24.49 15.03 11.39
CA THR A 359 -24.77 13.88 12.26
C THR A 359 -23.56 13.52 13.11
N LYS A 360 -22.35 13.80 12.62
CA LYS A 360 -21.12 13.46 13.33
C LYS A 360 -20.62 14.62 14.18
N LEU A 361 -21.53 15.45 14.69
CA LEU A 361 -21.17 16.56 15.56
C LEU A 361 -21.11 16.16 17.03
N ASN A 362 -22.10 15.38 17.49
CA ASN A 362 -22.15 15.01 18.90
C ASN A 362 -20.95 14.18 19.31
N ASP A 363 -20.52 13.26 18.45
CA ASP A 363 -19.41 12.38 18.79
C ASP A 363 -18.05 13.03 18.60
N LEU A 364 -18.01 14.29 18.14
CA LEU A 364 -16.77 15.01 17.98
C LEU A 364 -16.58 16.00 19.12
N CYS A 365 -15.33 16.15 19.55
CA CYS A 365 -14.98 16.88 20.76
C CYS A 365 -14.14 18.08 20.38
N PHE A 366 -14.52 19.26 20.86
CA PHE A 366 -13.99 20.52 20.35
C PHE A 366 -13.49 21.43 21.46
N THR A 367 -12.66 22.39 21.09
CA THR A 367 -12.05 23.28 22.07
C THR A 367 -12.99 24.39 22.49
N ASN A 368 -13.35 25.27 21.56
CA ASN A 368 -14.28 26.36 21.82
C ASN A 368 -15.05 26.66 20.55
N VAL A 369 -16.22 27.26 20.72
CA VAL A 369 -17.14 27.50 19.61
C VAL A 369 -17.58 28.95 19.66
N TYR A 370 -17.12 29.74 18.70
CA TYR A 370 -17.63 31.09 18.56
C TYR A 370 -19.04 31.05 17.97
N ALA A 371 -19.75 32.17 18.09
CA ALA A 371 -21.11 32.24 17.57
C ALA A 371 -21.36 33.68 17.12
N ASP A 372 -21.16 33.93 15.85
CA ASP A 372 -21.48 35.22 15.26
C ASP A 372 -22.97 35.29 14.95
N SER A 373 -23.52 36.50 14.94
CA SER A 373 -24.93 36.66 14.68
C SER A 373 -25.18 38.02 14.05
N PHE A 374 -26.12 38.05 13.10
CA PHE A 374 -26.53 39.27 12.42
C PHE A 374 -27.77 38.95 11.60
N VAL A 375 -28.31 39.98 10.95
CA VAL A 375 -29.50 39.84 10.12
C VAL A 375 -29.24 40.50 8.77
N ILE A 376 -29.63 39.80 7.70
CA ILE A 376 -29.37 40.24 6.34
C ILE A 376 -30.62 40.00 5.51
N ARG A 377 -30.56 40.35 4.22
CA ARG A 377 -31.69 40.11 3.34
C ARG A 377 -31.74 38.65 2.91
N GLY A 378 -32.85 38.27 2.29
CA GLY A 378 -32.98 36.93 1.77
C GLY A 378 -32.01 36.63 0.65
N ASP A 379 -31.87 37.56 -0.29
CA ASP A 379 -31.05 37.32 -1.48
C ASP A 379 -29.56 37.47 -1.22
N GLU A 380 -29.13 37.46 0.04
CA GLU A 380 -27.73 37.63 0.36
C GLU A 380 -27.19 36.53 1.27
N VAL A 381 -28.03 35.60 1.72
CA VAL A 381 -27.57 34.52 2.57
C VAL A 381 -26.57 33.64 1.83
N ARG A 382 -26.78 33.46 0.53
CA ARG A 382 -25.84 32.68 -0.27
C ARG A 382 -24.44 33.26 -0.25
N GLN A 383 -24.30 34.55 0.06
CA GLN A 383 -22.97 35.16 0.14
C GLN A 383 -22.22 34.76 1.40
N ILE A 384 -22.89 34.14 2.38
CA ILE A 384 -22.23 33.72 3.62
C ILE A 384 -21.71 32.31 3.35
N ALA A 385 -20.55 32.24 2.71
CA ALA A 385 -19.95 30.98 2.31
C ALA A 385 -18.51 31.21 1.91
N PRO A 386 -17.62 30.24 2.12
CA PRO A 386 -16.21 30.45 1.75
C PRO A 386 -16.07 30.66 0.24
N GLY A 387 -15.13 31.52 -0.12
CA GLY A 387 -14.90 31.82 -1.52
C GLY A 387 -16.07 32.49 -2.20
N GLN A 388 -16.70 33.47 -1.55
CA GLN A 388 -17.82 34.20 -2.12
C GLN A 388 -17.51 35.69 -2.11
N THR A 389 -17.99 36.38 -3.13
CA THR A 389 -17.80 37.81 -3.28
C THR A 389 -19.15 38.49 -3.46
N GLY A 390 -19.18 39.77 -3.18
CA GLY A 390 -20.40 40.55 -3.28
C GLY A 390 -20.37 41.70 -2.31
N LYS A 391 -21.50 42.40 -2.23
CA LYS A 391 -21.60 43.60 -1.41
C LYS A 391 -21.43 43.32 0.07
N ILE A 392 -21.99 42.21 0.57
CA ILE A 392 -22.07 41.94 1.99
C ILE A 392 -21.07 40.87 2.41
N ALA A 393 -20.25 40.40 1.49
CA ALA A 393 -19.20 39.46 1.82
C ALA A 393 -17.80 40.03 1.66
N ASP A 394 -17.59 40.94 0.72
CA ASP A 394 -16.26 41.48 0.50
C ASP A 394 -15.79 42.30 1.69
N TYR A 395 -16.65 43.18 2.21
CA TYR A 395 -16.27 44.06 3.31
C TYR A 395 -17.40 44.25 4.30
N ASN A 396 -18.17 43.19 4.56
CA ASN A 396 -19.06 43.17 5.71
C ASN A 396 -18.79 41.99 6.64
N TYR A 397 -18.68 40.78 6.09
CA TYR A 397 -18.45 39.61 6.92
C TYR A 397 -17.79 38.55 6.03
N LYS A 398 -16.47 38.42 6.15
CA LYS A 398 -15.69 37.56 5.26
C LYS A 398 -15.36 36.25 5.96
N LEU A 399 -15.70 35.14 5.31
CA LEU A 399 -15.39 33.82 5.85
C LEU A 399 -14.14 33.25 5.18
N PRO A 400 -13.26 32.63 5.95
CA PRO A 400 -12.05 32.05 5.37
C PRO A 400 -12.38 30.83 4.52
N ASP A 401 -11.47 30.55 3.58
CA ASP A 401 -11.65 29.39 2.71
C ASP A 401 -11.62 28.08 3.50
N ASP A 402 -10.66 27.96 4.41
CA ASP A 402 -10.51 26.74 5.21
C ASP A 402 -11.41 26.80 6.45
N PHE A 403 -12.70 26.91 6.18
CA PHE A 403 -13.69 27.13 7.23
C PHE A 403 -14.26 25.81 7.72
N THR A 404 -14.39 25.67 9.04
CA THR A 404 -14.89 24.45 9.67
C THR A 404 -15.97 24.80 10.69
N GLY A 405 -17.19 25.00 10.20
CA GLY A 405 -18.30 25.35 11.06
C GLY A 405 -19.56 25.48 10.24
N CYS A 406 -20.68 25.67 10.93
CA CYS A 406 -21.98 25.68 10.28
C CYS A 406 -22.68 27.01 10.34
N VAL A 407 -23.37 27.32 9.24
CA VAL A 407 -24.05 28.59 9.00
C VAL A 407 -25.54 28.29 9.04
N ILE A 408 -26.21 28.78 10.08
CA ILE A 408 -27.65 28.61 10.21
C ILE A 408 -28.33 29.91 9.86
N ALA A 409 -29.44 29.84 9.13
CA ALA A 409 -30.18 31.03 8.73
C ALA A 409 -31.63 30.66 8.55
N TRP A 410 -32.53 31.41 9.21
CA TRP A 410 -33.95 31.16 9.10
C TRP A 410 -34.69 32.48 8.94
N ASN A 411 -35.86 32.41 8.30
CA ASN A 411 -36.65 33.61 8.05
C ASN A 411 -37.19 34.18 9.36
N SER A 412 -37.21 35.51 9.43
CA SER A 412 -37.73 36.21 10.59
C SER A 412 -38.57 37.39 10.16
N ASN A 413 -39.43 37.20 9.16
CA ASN A 413 -40.30 38.28 8.71
C ASN A 413 -41.56 38.37 9.55
N ASN A 414 -41.38 38.35 10.86
CA ASN A 414 -42.46 38.66 11.78
C ASN A 414 -41.99 39.37 13.03
N LEU A 415 -40.71 39.65 13.17
CA LEU A 415 -40.19 40.27 14.37
C LEU A 415 -39.34 41.50 14.07
N ASP A 416 -38.57 41.48 12.99
CA ASP A 416 -37.67 42.57 12.63
C ASP A 416 -38.25 43.44 11.52
N SER A 417 -39.52 43.24 11.17
CA SER A 417 -40.13 43.96 10.05
C SER A 417 -41.44 44.57 10.52
N LYS A 418 -41.43 45.89 10.73
CA LYS A 418 -42.61 46.62 11.17
C LYS A 418 -43.06 47.58 10.06
N VAL A 419 -44.34 47.94 10.12
CA VAL A 419 -44.91 48.78 9.07
C VAL A 419 -44.24 50.14 9.07
N GLY A 420 -44.01 50.68 7.88
CA GLY A 420 -43.25 51.89 7.72
C GLY A 420 -41.76 51.70 7.65
N GLY A 421 -41.27 50.47 7.79
CA GLY A 421 -39.85 50.20 7.69
C GLY A 421 -39.17 50.08 9.03
N ASN A 422 -38.24 49.14 9.14
CA ASN A 422 -37.42 48.98 10.34
C ASN A 422 -36.04 49.53 10.03
N TYR A 423 -35.82 50.80 10.37
CA TYR A 423 -34.57 51.47 10.06
C TYR A 423 -33.57 51.32 11.21
N ASN A 424 -33.39 50.08 11.65
CA ASN A 424 -32.49 49.78 12.75
C ASN A 424 -31.34 48.86 12.37
N TYR A 425 -31.44 48.16 11.26
CA TYR A 425 -30.39 47.27 10.79
C TYR A 425 -29.65 47.92 9.64
N LEU A 426 -28.33 48.01 9.77
CA LEU A 426 -27.50 48.75 8.85
C LEU A 426 -26.48 47.81 8.23
N TYR A 427 -25.84 48.27 7.16
CA TYR A 427 -24.79 47.48 6.52
C TYR A 427 -23.90 48.38 5.70
N ARG A 428 -22.60 48.17 5.82
CA ARG A 428 -21.64 48.95 5.05
C ARG A 428 -21.69 48.54 3.59
N LEU A 429 -21.56 49.52 2.69
CA LEU A 429 -21.50 49.23 1.26
C LEU A 429 -20.34 49.94 0.58
N PHE A 430 -19.40 50.48 1.33
CA PHE A 430 -18.28 51.20 0.75
C PHE A 430 -17.07 50.98 1.64
N ARG A 431 -15.95 50.60 1.03
CA ARG A 431 -14.72 50.42 1.80
C ARG A 431 -13.54 50.50 0.85
N LYS A 432 -12.40 50.90 1.39
CA LYS A 432 -11.19 51.01 0.57
C LYS A 432 -10.68 49.63 0.16
N SER A 433 -10.66 48.70 1.10
CA SER A 433 -10.10 47.37 0.86
C SER A 433 -11.02 46.31 1.43
N ASN A 434 -10.98 45.13 0.82
CA ASN A 434 -11.79 44.02 1.29
C ASN A 434 -11.33 43.54 2.65
N LEU A 435 -12.24 42.92 3.38
CA LEU A 435 -11.94 42.44 4.72
C LEU A 435 -11.16 41.14 4.67
N LYS A 436 -10.30 40.95 5.66
CA LYS A 436 -9.71 39.66 5.94
C LYS A 436 -10.71 38.79 6.67
N PRO A 437 -10.56 37.47 6.63
CA PRO A 437 -11.53 36.59 7.28
C PRO A 437 -11.67 36.91 8.76
N PHE A 438 -12.93 36.91 9.22
CA PHE A 438 -13.27 37.23 10.60
C PHE A 438 -12.63 38.54 11.05
N GLU A 439 -13.01 39.61 10.37
CA GLU A 439 -12.55 40.95 10.69
C GLU A 439 -13.75 41.85 10.95
N ARG A 440 -13.61 42.76 11.90
CA ARG A 440 -14.68 43.64 12.31
C ARG A 440 -14.31 45.07 11.99
N ASP A 441 -15.30 45.85 11.55
CA ASP A 441 -15.08 47.25 11.21
C ASP A 441 -16.37 48.00 11.50
N ILE A 442 -16.34 48.89 12.49
CA ILE A 442 -17.49 49.68 12.88
C ILE A 442 -17.23 51.17 12.73
N SER A 443 -16.16 51.53 12.03
CA SER A 443 -15.86 52.94 11.79
C SER A 443 -16.92 53.57 10.92
N THR A 444 -17.10 54.89 11.09
CA THR A 444 -18.13 55.62 10.37
C THR A 444 -17.57 56.87 9.69
N GLU A 445 -16.25 56.94 9.55
CA GLU A 445 -15.65 58.07 8.84
C GLU A 445 -16.08 58.05 7.38
N ILE A 446 -16.39 59.24 6.85
CA ILE A 446 -16.95 59.33 5.50
C ILE A 446 -15.92 58.87 4.48
N TYR A 447 -16.36 58.02 3.55
CA TYR A 447 -15.52 57.43 2.54
C TYR A 447 -15.53 58.27 1.28
N GLN A 448 -14.35 58.59 0.76
CA GLN A 448 -14.22 59.37 -0.46
C GLN A 448 -13.84 58.44 -1.61
N ALA A 449 -14.50 58.63 -2.75
CA ALA A 449 -14.25 57.79 -3.92
C ALA A 449 -13.38 58.48 -4.96
N GLY A 450 -13.13 59.77 -4.83
CA GLY A 450 -12.33 60.52 -5.77
C GLY A 450 -10.92 60.76 -5.27
N SER A 451 -10.34 61.86 -5.71
CA SER A 451 -9.00 62.27 -5.31
C SER A 451 -9.03 63.66 -4.68
N THR A 452 -10.00 63.91 -3.83
CA THR A 452 -10.21 65.22 -3.23
C THR A 452 -10.34 65.09 -1.72
N PRO A 453 -9.96 66.13 -0.98
CA PRO A 453 -10.25 66.13 0.45
C PRO A 453 -11.75 66.15 0.70
N CYS A 454 -12.16 65.56 1.82
CA CYS A 454 -13.57 65.46 2.15
C CYS A 454 -13.96 66.22 3.41
N ASN A 455 -13.05 66.38 4.36
CA ASN A 455 -13.27 67.19 5.55
C ASN A 455 -14.46 66.71 6.38
N GLY A 456 -14.68 65.40 6.39
CA GLY A 456 -15.69 64.82 7.26
C GLY A 456 -17.11 65.29 6.99
N VAL A 457 -17.44 65.59 5.75
CA VAL A 457 -18.77 66.04 5.37
C VAL A 457 -19.09 65.47 4.00
N GLU A 458 -20.35 65.08 3.80
CA GLU A 458 -20.75 64.52 2.52
C GLU A 458 -20.56 65.53 1.41
N GLY A 459 -20.32 65.03 0.21
CA GLY A 459 -20.11 65.91 -0.92
C GLY A 459 -19.81 65.11 -2.17
N PHE A 460 -19.27 65.81 -3.17
CA PHE A 460 -18.91 65.17 -4.43
C PHE A 460 -17.92 64.04 -4.19
N ASN A 461 -18.34 62.81 -4.48
CA ASN A 461 -17.51 61.62 -4.27
C ASN A 461 -17.08 61.51 -2.80
N CYS A 462 -18.02 61.75 -1.91
CA CYS A 462 -17.88 61.59 -0.46
C CYS A 462 -19.02 60.77 0.10
N TYR A 463 -19.24 59.60 -0.49
CA TYR A 463 -20.36 58.76 -0.12
C TYR A 463 -20.29 58.41 1.37
N PHE A 464 -21.44 58.43 2.03
CA PHE A 464 -21.51 57.97 3.40
C PHE A 464 -21.35 56.46 3.44
N PRO A 465 -20.54 55.91 4.33
CA PRO A 465 -20.23 54.47 4.27
C PRO A 465 -21.44 53.55 4.42
N LEU A 466 -22.42 53.91 5.22
CA LEU A 466 -23.43 52.94 5.64
C LEU A 466 -24.72 53.08 4.85
N GLN A 467 -25.60 52.10 5.05
CA GLN A 467 -26.90 52.06 4.40
C GLN A 467 -27.85 51.31 5.32
N SER A 468 -29.14 51.57 5.18
CA SER A 468 -30.14 50.94 6.01
C SER A 468 -31.03 50.04 5.15
N TYR A 469 -31.49 48.95 5.76
CA TYR A 469 -32.44 48.06 5.12
C TYR A 469 -33.84 48.59 5.35
N GLY A 470 -34.62 48.68 4.28
CA GLY A 470 -36.01 49.03 4.41
C GLY A 470 -36.87 47.80 4.63
N PHE A 471 -36.83 47.24 5.83
CA PHE A 471 -37.55 46.01 6.08
C PHE A 471 -39.05 46.27 6.21
N GLN A 472 -39.78 46.06 5.11
CA GLN A 472 -41.21 46.27 5.04
C GLN A 472 -41.94 44.96 5.23
N PRO A 473 -42.97 44.91 6.08
CA PRO A 473 -43.73 43.66 6.24
C PRO A 473 -44.36 43.18 4.94
N THR A 474 -44.81 44.10 4.10
CA THR A 474 -45.44 43.74 2.83
C THR A 474 -44.38 43.71 1.72
N ASN A 475 -43.47 42.75 1.85
CA ASN A 475 -42.36 42.60 0.93
C ASN A 475 -42.23 41.15 0.49
N GLY A 476 -41.75 40.95 -0.72
CA GLY A 476 -41.60 39.61 -1.25
C GLY A 476 -40.42 38.90 -0.64
N VAL A 477 -40.48 37.56 -0.70
CA VAL A 477 -39.38 36.74 -0.21
C VAL A 477 -38.14 37.02 -1.05
N GLY A 478 -37.01 37.13 -0.38
CA GLY A 478 -35.77 37.58 -0.99
C GLY A 478 -35.37 38.97 -0.56
N TYR A 479 -36.31 39.76 -0.06
CA TYR A 479 -36.02 40.99 0.62
C TYR A 479 -36.36 40.94 2.11
N GLN A 480 -37.07 39.90 2.56
CA GLN A 480 -37.38 39.77 3.97
C GLN A 480 -36.12 39.42 4.75
N PRO A 481 -36.05 39.82 6.02
CA PRO A 481 -34.82 39.62 6.78
C PRO A 481 -34.63 38.17 7.20
N TYR A 482 -33.41 37.66 7.07
CA TYR A 482 -33.04 36.37 7.61
C TYR A 482 -32.02 36.58 8.71
N ARG A 483 -32.33 36.06 9.90
CA ARG A 483 -31.35 36.02 10.97
C ARG A 483 -30.32 34.93 10.69
N VAL A 484 -29.05 35.23 10.89
CA VAL A 484 -27.97 34.34 10.53
C VAL A 484 -27.09 34.11 11.74
N VAL A 485 -26.72 32.86 11.99
CA VAL A 485 -25.76 32.50 13.02
C VAL A 485 -24.67 31.67 12.34
N VAL A 486 -23.41 32.01 12.62
CA VAL A 486 -22.27 31.37 11.96
C VAL A 486 -21.41 30.76 13.04
N LEU A 487 -21.64 29.49 13.34
CA LEU A 487 -20.79 28.77 14.28
C LEU A 487 -19.44 28.49 13.66
N SER A 488 -18.39 28.51 14.48
CA SER A 488 -17.02 28.30 13.99
C SER A 488 -16.23 27.55 15.06
N PHE A 489 -16.15 26.24 14.91
CA PHE A 489 -15.38 25.42 15.82
C PHE A 489 -13.89 25.67 15.64
N GLU A 490 -13.14 25.54 16.74
CA GLU A 490 -11.71 25.80 16.69
C GLU A 490 -10.98 24.71 17.45
N LEU A 491 -9.75 24.42 17.01
CA LEU A 491 -8.91 23.36 17.56
C LEU A 491 -7.63 23.98 18.10
N LEU A 492 -7.44 23.91 19.42
CA LEU A 492 -6.27 24.46 20.06
C LEU A 492 -5.51 23.39 20.84
N HIS A 493 -4.23 23.68 21.11
CA HIS A 493 -3.41 22.80 21.93
C HIS A 493 -3.99 22.60 23.32
N ALA A 494 -4.75 23.57 23.82
CA ALA A 494 -5.45 23.40 25.07
C ALA A 494 -6.44 22.24 24.95
N PRO A 495 -6.67 21.53 26.06
CA PRO A 495 -7.58 20.39 25.99
C PRO A 495 -8.99 20.81 25.61
N ALA A 496 -9.66 19.94 24.86
CA ALA A 496 -11.02 20.23 24.42
C ALA A 496 -11.95 20.34 25.62
N THR A 497 -12.86 21.30 25.57
CA THR A 497 -13.74 21.56 26.70
C THR A 497 -15.21 21.43 26.32
N VAL A 498 -15.59 21.93 25.15
CA VAL A 498 -16.96 21.87 24.67
C VAL A 498 -17.09 20.67 23.74
N CYS A 499 -17.76 19.64 24.22
CA CYS A 499 -17.89 18.40 23.47
C CYS A 499 -19.28 17.82 23.73
N GLY A 500 -19.75 17.03 22.77
CA GLY A 500 -21.13 16.59 22.75
C GLY A 500 -21.43 15.60 23.85
N PRO A 501 -22.73 15.33 24.02
CA PRO A 501 -23.16 14.37 25.04
C PRO A 501 -22.99 12.94 24.58
N LYS A 502 -22.88 12.04 25.55
CA LYS A 502 -22.77 10.62 25.30
C LYS A 502 -24.02 9.91 25.78
N LYS A 503 -24.58 9.06 24.93
CA LYS A 503 -25.80 8.34 25.26
C LYS A 503 -25.46 7.12 26.10
N SER A 504 -25.98 7.07 27.32
CA SER A 504 -25.75 5.96 28.22
C SER A 504 -26.82 4.89 28.00
N THR A 505 -26.81 3.85 28.83
CA THR A 505 -27.81 2.80 28.76
C THR A 505 -27.99 2.18 30.14
N ASN A 506 -29.11 1.50 30.32
CA ASN A 506 -29.41 0.85 31.59
C ASN A 506 -28.52 -0.37 31.75
N LEU A 507 -27.77 -0.42 32.85
CA LEU A 507 -26.84 -1.51 33.06
C LEU A 507 -27.57 -2.81 33.34
N VAL A 508 -26.86 -3.91 33.15
CA VAL A 508 -27.39 -5.25 33.35
C VAL A 508 -26.45 -6.01 34.28
N LYS A 509 -27.02 -6.82 35.16
CA LYS A 509 -26.24 -7.60 36.09
C LYS A 509 -26.34 -9.08 35.75
N ASN A 510 -25.29 -9.81 36.12
CA ASN A 510 -25.31 -11.27 36.12
C ASN A 510 -25.42 -11.84 34.70
N LYS A 511 -24.79 -11.15 33.76
CA LYS A 511 -24.72 -11.62 32.38
C LYS A 511 -23.36 -11.24 31.81
N CYS A 512 -22.96 -11.94 30.76
CA CYS A 512 -21.73 -11.60 30.05
C CYS A 512 -22.04 -10.49 29.05
N VAL A 513 -21.50 -9.30 29.28
CA VAL A 513 -21.78 -8.13 28.47
C VAL A 513 -20.47 -7.43 28.13
N ASN A 514 -20.56 -6.48 27.21
CA ASN A 514 -19.44 -5.60 26.88
C ASN A 514 -19.69 -4.27 27.56
N PHE A 515 -18.90 -3.97 28.58
CA PHE A 515 -19.09 -2.73 29.32
C PHE A 515 -18.21 -1.62 28.75
N ASN A 516 -18.62 -0.37 29.01
CA ASN A 516 -17.81 0.79 28.68
C ASN A 516 -18.16 1.88 29.69
N PHE A 517 -17.29 2.07 30.68
CA PHE A 517 -17.50 3.06 31.72
C PHE A 517 -16.42 4.13 31.58
N ASN A 518 -16.76 5.21 30.87
CA ASN A 518 -15.87 6.36 30.69
C ASN A 518 -14.53 5.92 30.10
N GLY A 519 -14.61 5.09 29.07
CA GLY A 519 -13.45 4.57 28.39
C GLY A 519 -13.04 3.18 28.82
N LEU A 520 -13.25 2.85 30.10
CA LEU A 520 -12.92 1.52 30.60
C LEU A 520 -13.83 0.48 29.96
N THR A 521 -13.25 -0.42 29.16
CA THR A 521 -14.01 -1.38 28.39
C THR A 521 -13.51 -2.78 28.68
N GLY A 522 -14.14 -3.74 28.03
CA GLY A 522 -13.82 -5.14 28.23
C GLY A 522 -15.07 -5.97 28.25
N THR A 523 -15.06 -7.06 29.02
CA THR A 523 -16.25 -7.86 29.19
C THR A 523 -16.19 -8.52 30.55
N GLY A 524 -17.33 -9.03 30.99
CA GLY A 524 -17.39 -9.72 32.26
C GLY A 524 -18.79 -9.66 32.84
N VAL A 525 -18.98 -10.41 33.92
CA VAL A 525 -20.24 -10.40 34.62
C VAL A 525 -20.25 -9.24 35.62
N LEU A 526 -21.31 -8.47 35.60
CA LEU A 526 -21.45 -7.32 36.50
C LEU A 526 -22.16 -7.76 37.76
N THR A 527 -21.59 -7.43 38.91
CA THR A 527 -22.18 -7.78 40.20
C THR A 527 -21.89 -6.69 41.21
N GLU A 528 -22.87 -6.45 42.08
CA GLU A 528 -22.70 -5.48 43.14
C GLU A 528 -21.62 -5.91 44.10
N SER A 529 -20.90 -4.93 44.65
CA SER A 529 -19.76 -5.20 45.49
C SER A 529 -20.14 -5.26 46.96
N ASN A 530 -19.25 -5.89 47.74
CA ASN A 530 -19.30 -5.87 49.19
C ASN A 530 -18.27 -4.92 49.77
N LYS A 531 -17.64 -4.10 48.94
CA LYS A 531 -16.57 -3.21 49.39
C LYS A 531 -16.90 -1.78 49.01
N LYS A 532 -16.34 -0.85 49.79
CA LYS A 532 -16.53 0.58 49.60
C LYS A 532 -15.19 1.23 49.30
N PHE A 533 -15.16 2.09 48.28
CA PHE A 533 -13.90 2.68 47.86
C PHE A 533 -13.47 3.82 48.77
N LEU A 534 -14.18 4.93 48.69
CA LEU A 534 -13.79 6.20 49.27
C LEU A 534 -14.96 7.16 49.06
N PRO A 535 -14.92 8.38 49.59
CA PRO A 535 -15.88 9.39 49.10
C PRO A 535 -15.75 9.65 47.61
N PHE A 536 -14.65 9.24 46.98
CA PHE A 536 -14.62 9.17 45.52
C PHE A 536 -13.43 8.32 45.08
N GLN A 537 -13.71 7.34 44.22
CA GLN A 537 -12.75 6.53 43.51
C GLN A 537 -13.44 6.03 42.26
N GLN A 538 -12.70 5.86 41.18
CA GLN A 538 -13.35 5.50 39.93
C GLN A 538 -13.40 4.00 39.74
N PHE A 539 -12.24 3.34 39.72
CA PHE A 539 -12.22 1.92 39.43
C PHE A 539 -11.08 1.26 40.19
N GLY A 540 -11.40 0.17 40.85
CA GLY A 540 -10.40 -0.56 41.59
C GLY A 540 -9.67 -1.58 40.75
N ARG A 541 -8.38 -1.73 41.02
CA ARG A 541 -7.57 -2.74 40.39
C ARG A 541 -7.12 -3.70 41.46
N ASP A 542 -6.18 -4.57 41.11
CA ASP A 542 -5.64 -5.53 42.05
C ASP A 542 -4.19 -5.80 41.67
N ILE A 543 -3.61 -6.82 42.30
CA ILE A 543 -2.34 -7.32 41.82
C ILE A 543 -2.53 -7.79 40.38
N ALA A 544 -1.45 -7.72 39.61
CA ALA A 544 -1.50 -7.97 38.16
C ALA A 544 -2.38 -6.95 37.46
N ASP A 545 -2.49 -5.76 38.05
CA ASP A 545 -3.11 -4.55 37.48
C ASP A 545 -4.30 -4.83 36.57
N THR A 546 -5.21 -5.69 37.02
CA THR A 546 -6.44 -5.96 36.29
C THR A 546 -7.57 -5.16 36.92
N THR A 547 -8.42 -4.61 36.07
CA THR A 547 -9.58 -3.88 36.56
C THR A 547 -10.65 -4.87 36.99
N ASP A 548 -11.06 -4.79 38.25
CA ASP A 548 -12.03 -5.73 38.79
C ASP A 548 -13.12 -5.08 39.61
N ALA A 549 -13.10 -3.76 39.77
CA ALA A 549 -14.13 -3.08 40.54
C ALA A 549 -14.27 -1.65 40.05
N VAL A 550 -15.49 -1.28 39.66
CA VAL A 550 -15.79 0.07 39.18
C VAL A 550 -17.09 0.53 39.84
N ARG A 551 -17.33 1.83 39.77
CA ARG A 551 -18.58 2.39 40.26
C ARG A 551 -19.31 3.08 39.11
N ASP A 552 -20.63 2.89 39.07
CA ASP A 552 -21.42 3.47 38.00
C ASP A 552 -21.60 4.97 38.24
N PRO A 553 -21.25 5.82 37.29
CA PRO A 553 -21.34 7.27 37.51
C PRO A 553 -22.74 7.83 37.29
N GLN A 554 -23.74 7.14 37.81
CA GLN A 554 -25.07 7.69 37.99
C GLN A 554 -25.59 7.47 39.39
N THR A 555 -25.31 6.32 39.99
CA THR A 555 -25.72 6.01 41.35
C THR A 555 -24.55 5.86 42.30
N LEU A 556 -23.32 5.97 41.81
CA LEU A 556 -22.11 5.97 42.66
C LEU A 556 -21.98 4.66 43.41
N GLU A 557 -22.41 3.57 42.78
CA GLU A 557 -22.43 2.25 43.41
C GLU A 557 -21.32 1.39 42.82
N ILE A 558 -20.56 0.75 43.68
CA ILE A 558 -19.40 -0.01 43.26
C ILE A 558 -19.83 -1.39 42.79
N LEU A 559 -19.34 -1.78 41.62
CA LEU A 559 -19.69 -3.04 40.97
C LEU A 559 -18.45 -3.92 40.82
N ASP A 560 -18.67 -5.19 40.52
CA ASP A 560 -17.61 -6.17 40.45
C ASP A 560 -17.54 -6.79 39.07
N ILE A 561 -16.32 -7.00 38.58
CA ILE A 561 -16.08 -7.54 37.24
C ILE A 561 -15.46 -8.91 37.38
N THR A 562 -16.13 -9.92 36.84
CA THR A 562 -15.61 -11.27 36.84
C THR A 562 -15.53 -11.78 35.41
N PRO A 563 -14.44 -12.43 35.03
CA PRO A 563 -14.28 -12.83 33.63
C PRO A 563 -15.38 -13.77 33.17
N CYS A 564 -15.78 -13.62 31.92
CA CYS A 564 -16.79 -14.50 31.35
C CYS A 564 -16.24 -15.92 31.27
N SER A 565 -17.11 -16.89 31.51
CA SER A 565 -16.66 -18.27 31.70
C SER A 565 -15.96 -18.81 30.45
N PHE A 566 -14.80 -19.41 30.67
CA PHE A 566 -14.02 -20.04 29.61
C PHE A 566 -13.39 -21.30 30.16
N GLY A 567 -12.97 -22.18 29.26
CA GLY A 567 -12.33 -23.41 29.65
C GLY A 567 -12.33 -24.39 28.50
N GLY A 568 -11.47 -25.39 28.60
CA GLY A 568 -11.39 -26.41 27.60
C GLY A 568 -12.44 -27.49 27.78
N VAL A 569 -12.68 -28.24 26.71
CA VAL A 569 -13.58 -29.39 26.75
C VAL A 569 -12.75 -30.64 26.48
N SER A 570 -13.06 -31.69 27.23
CA SER A 570 -12.35 -32.95 27.10
C SER A 570 -13.35 -34.06 26.80
N VAL A 571 -12.90 -35.03 26.03
CA VAL A 571 -13.74 -36.13 25.58
C VAL A 571 -13.27 -37.41 26.24
N ILE A 572 -14.18 -38.07 26.93
CA ILE A 572 -13.91 -39.33 27.63
C ILE A 572 -14.48 -40.46 26.80
N THR A 573 -13.63 -41.36 26.34
CA THR A 573 -14.09 -42.47 25.53
C THR A 573 -13.49 -43.78 26.01
N PRO A 574 -14.25 -44.86 25.97
CA PRO A 574 -13.73 -46.17 26.36
C PRO A 574 -13.00 -46.91 25.24
N GLY A 575 -12.91 -46.32 24.06
CA GLY A 575 -12.26 -46.97 22.92
C GLY A 575 -13.30 -47.16 21.83
N THR A 576 -12.91 -46.82 20.61
CA THR A 576 -13.82 -46.95 19.48
C THR A 576 -14.23 -48.39 19.23
N ASN A 577 -13.29 -49.33 19.37
CA ASN A 577 -13.66 -50.73 19.20
C ASN A 577 -14.60 -51.21 20.30
N THR A 578 -14.41 -50.74 21.53
CA THR A 578 -15.25 -51.19 22.63
C THR A 578 -16.69 -50.71 22.45
N SER A 579 -16.88 -49.43 22.16
CA SER A 579 -18.22 -48.87 21.99
C SER A 579 -18.08 -47.52 21.29
N ASN A 580 -19.18 -46.78 21.23
CA ASN A 580 -19.20 -45.43 20.68
C ASN A 580 -19.82 -44.43 21.64
N GLN A 581 -20.18 -44.83 22.84
CA GLN A 581 -20.67 -43.88 23.83
C GLN A 581 -19.54 -42.95 24.27
N VAL A 582 -19.91 -41.69 24.51
CA VAL A 582 -18.94 -40.65 24.82
C VAL A 582 -19.47 -39.79 25.95
N ALA A 583 -18.62 -39.49 26.92
CA ALA A 583 -18.90 -38.49 27.94
C ALA A 583 -17.94 -37.32 27.74
N VAL A 584 -18.45 -36.11 27.92
CA VAL A 584 -17.67 -34.90 27.68
C VAL A 584 -17.53 -34.15 28.99
N LEU A 585 -16.36 -33.57 29.22
CA LEU A 585 -16.05 -32.85 30.44
C LEU A 585 -15.81 -31.38 30.11
N TYR A 586 -16.57 -30.51 30.77
CA TYR A 586 -16.39 -29.06 30.65
C TYR A 586 -15.63 -28.59 31.88
N GLN A 587 -14.35 -28.27 31.69
CA GLN A 587 -13.47 -28.02 32.82
C GLN A 587 -13.87 -26.73 33.53
N ASP A 588 -13.80 -26.78 34.86
CA ASP A 588 -14.04 -25.68 35.80
C ASP A 588 -15.15 -24.72 35.33
N VAL A 589 -16.35 -25.27 35.18
CA VAL A 589 -17.51 -24.50 34.75
C VAL A 589 -18.67 -24.74 35.71
N ASN A 590 -19.31 -23.64 36.14
CA ASN A 590 -20.65 -23.66 36.73
C ASN A 590 -21.63 -24.00 35.62
N CYS A 591 -21.72 -25.30 35.32
CA CYS A 591 -22.39 -25.73 34.10
C CYS A 591 -23.88 -25.95 34.27
N THR A 592 -24.51 -25.23 35.20
CA THR A 592 -25.94 -24.99 35.03
C THR A 592 -26.20 -24.12 33.80
N GLU A 593 -25.15 -23.52 33.23
CA GLU A 593 -25.22 -22.72 32.02
C GLU A 593 -24.21 -23.20 30.98
N VAL A 594 -24.03 -24.51 30.85
CA VAL A 594 -23.11 -25.07 29.86
C VAL A 594 -23.64 -24.94 28.42
N PRO A 595 -24.97 -24.85 28.17
CA PRO A 595 -25.25 -24.61 26.74
C PRO A 595 -24.75 -23.25 26.26
N SER A 614 -31.28 -34.91 31.08
CA SER A 614 -30.21 -35.89 30.95
C SER A 614 -29.52 -36.14 32.29
N ASN A 615 -28.30 -36.67 32.23
CA ASN A 615 -27.53 -36.98 33.42
C ASN A 615 -26.30 -36.07 33.47
N VAL A 616 -26.36 -35.07 34.34
CA VAL A 616 -25.28 -34.11 34.51
C VAL A 616 -24.75 -34.26 35.93
N PHE A 617 -23.42 -34.22 36.06
CA PHE A 617 -22.76 -34.44 37.34
C PHE A 617 -21.67 -33.39 37.49
N GLN A 618 -21.81 -32.54 38.49
CA GLN A 618 -20.83 -31.48 38.74
C GLN A 618 -19.74 -31.99 39.66
N THR A 619 -18.50 -31.82 39.26
CA THR A 619 -17.35 -32.33 39.98
C THR A 619 -16.42 -31.19 40.35
N ARG A 620 -15.28 -31.54 40.96
CA ARG A 620 -14.28 -30.56 41.34
C ARG A 620 -13.41 -30.12 40.18
N ALA A 621 -13.44 -30.84 39.06
CA ALA A 621 -12.67 -30.49 37.88
C ALA A 621 -13.53 -29.92 36.77
N GLY A 622 -14.78 -29.57 37.07
CA GLY A 622 -15.73 -29.15 36.05
C GLY A 622 -17.01 -29.92 36.24
N CYS A 623 -17.73 -30.23 35.16
CA CYS A 623 -18.85 -31.14 35.29
C CYS A 623 -18.83 -32.16 34.15
N LEU A 624 -19.19 -33.37 34.50
CA LEU A 624 -19.23 -34.48 33.56
C LEU A 624 -20.68 -34.71 33.15
N ILE A 625 -20.95 -34.67 31.86
CA ILE A 625 -22.28 -34.91 31.33
C ILE A 625 -22.21 -36.08 30.36
N GLY A 626 -23.14 -37.01 30.49
CA GLY A 626 -23.11 -38.24 29.74
C GLY A 626 -22.64 -39.44 30.53
N ALA A 627 -22.30 -39.26 31.81
CA ALA A 627 -21.91 -40.36 32.69
C ALA A 627 -22.61 -40.20 34.02
N GLU A 628 -23.04 -41.31 34.61
CA GLU A 628 -23.76 -41.28 35.87
C GLU A 628 -22.83 -41.65 37.01
N HIS A 629 -23.06 -41.03 38.17
CA HIS A 629 -22.23 -41.22 39.35
C HIS A 629 -22.72 -42.41 40.15
N VAL A 630 -21.78 -43.16 40.74
CA VAL A 630 -22.10 -44.35 41.51
C VAL A 630 -21.46 -44.25 42.88
N ASN A 631 -22.04 -44.97 43.85
CA ASN A 631 -21.52 -44.95 45.22
C ASN A 631 -20.23 -45.74 45.34
N ASN A 632 -20.18 -46.94 44.76
CA ASN A 632 -19.04 -47.80 44.98
C ASN A 632 -17.79 -47.26 44.27
N SER A 633 -16.63 -47.67 44.76
CA SER A 633 -15.35 -47.17 44.29
C SER A 633 -14.58 -48.31 43.64
N TYR A 634 -14.03 -48.05 42.46
CA TYR A 634 -13.27 -49.05 41.72
C TYR A 634 -11.83 -48.59 41.61
N GLU A 635 -10.97 -49.42 41.04
CA GLU A 635 -9.64 -48.97 40.69
C GLU A 635 -9.72 -47.95 39.57
N CYS A 636 -8.92 -46.89 39.65
CA CYS A 636 -9.01 -45.81 38.67
C CYS A 636 -8.65 -46.33 37.29
N ASP A 637 -9.47 -45.96 36.30
CA ASP A 637 -9.27 -46.37 34.92
C ASP A 637 -8.98 -45.18 34.01
N ILE A 638 -9.89 -44.21 33.95
CA ILE A 638 -9.67 -43.00 33.18
C ILE A 638 -9.67 -41.82 34.16
N PRO A 639 -8.50 -41.24 34.45
CA PRO A 639 -8.43 -40.19 35.49
C PRO A 639 -9.05 -38.89 35.01
N ILE A 640 -10.12 -38.47 35.68
CA ILE A 640 -10.78 -37.21 35.37
C ILE A 640 -10.11 -36.06 36.11
N GLY A 641 -9.90 -36.20 37.40
CA GLY A 641 -9.27 -35.19 38.21
C GLY A 641 -9.90 -35.12 39.58
N ALA A 642 -9.12 -34.67 40.57
CA ALA A 642 -9.60 -34.46 41.93
C ALA A 642 -10.19 -35.73 42.53
N GLY A 643 -9.56 -36.87 42.26
CA GLY A 643 -9.97 -38.12 42.86
C GLY A 643 -11.10 -38.85 42.17
N ILE A 644 -11.61 -38.32 41.06
CA ILE A 644 -12.74 -38.90 40.34
C ILE A 644 -12.23 -39.49 39.04
N CYS A 645 -12.63 -40.72 38.77
CA CYS A 645 -12.29 -41.40 37.52
C CYS A 645 -13.57 -41.83 36.83
N ALA A 646 -13.44 -42.25 35.58
CA ALA A 646 -14.57 -42.70 34.79
C ALA A 646 -14.22 -44.02 34.11
N SER A 647 -15.22 -44.87 33.94
CA SER A 647 -15.01 -46.16 33.30
C SER A 647 -16.32 -46.64 32.71
N TYR A 648 -16.21 -47.67 31.86
CA TYR A 648 -17.33 -48.21 31.10
C TYR A 648 -17.58 -49.64 31.56
N GLN A 649 -18.51 -49.83 32.49
CA GLN A 649 -18.82 -51.16 32.99
C GLN A 649 -20.32 -51.45 33.00
N THR A 650 -21.09 -50.56 33.62
CA THR A 650 -22.53 -50.72 33.71
C THR A 650 -23.20 -49.40 34.06
N GLN A 664 -22.15 -51.34 29.70
CA GLN A 664 -23.48 -50.90 29.30
C GLN A 664 -23.55 -49.37 29.18
N SER A 665 -22.91 -48.68 30.11
CA SER A 665 -22.89 -47.23 30.11
C SER A 665 -21.70 -46.68 30.90
N ILE A 666 -21.19 -45.53 30.48
CA ILE A 666 -20.06 -44.90 31.14
C ILE A 666 -20.46 -44.40 32.53
N ILE A 667 -19.63 -44.70 33.51
CA ILE A 667 -19.90 -44.29 34.88
C ILE A 667 -18.73 -43.47 35.41
N ALA A 668 -19.01 -42.70 36.47
CA ALA A 668 -18.01 -41.92 37.15
C ALA A 668 -18.07 -42.21 38.65
N TYR A 669 -16.91 -42.25 39.29
CA TYR A 669 -16.82 -42.63 40.69
C TYR A 669 -15.55 -42.03 41.28
N THR A 670 -15.46 -42.05 42.60
CA THR A 670 -14.24 -41.68 43.29
C THR A 670 -13.31 -42.88 43.33
N MET A 671 -12.05 -42.66 42.96
CA MET A 671 -11.12 -43.79 42.82
C MET A 671 -10.89 -44.47 44.16
N SER A 672 -10.56 -45.74 44.10
CA SER A 672 -10.24 -46.54 45.28
C SER A 672 -8.74 -46.81 45.28
N LEU A 673 -8.11 -46.58 46.43
CA LEU A 673 -6.65 -46.69 46.48
C LEU A 673 -6.18 -48.14 46.44
N GLY A 674 -6.92 -49.05 47.04
CA GLY A 674 -6.53 -50.45 47.04
C GLY A 674 -7.38 -51.24 48.02
N ALA A 675 -6.96 -52.50 48.19
CA ALA A 675 -7.68 -53.43 49.05
C ALA A 675 -7.21 -53.30 50.48
N GLU A 676 -8.14 -52.99 51.39
CA GLU A 676 -7.82 -52.92 52.81
C GLU A 676 -7.45 -54.30 53.34
N ASN A 677 -6.54 -54.33 54.31
CA ASN A 677 -6.27 -55.55 55.07
C ASN A 677 -5.62 -55.16 56.37
N SER A 678 -6.21 -55.59 57.49
CA SER A 678 -5.63 -55.36 58.81
C SER A 678 -4.83 -56.60 59.18
N VAL A 679 -3.52 -56.54 58.87
CA VAL A 679 -2.64 -57.65 59.17
C VAL A 679 -2.57 -57.89 60.67
N ALA A 680 -2.59 -59.17 61.05
CA ALA A 680 -2.71 -59.57 62.46
C ALA A 680 -1.39 -59.37 63.17
N TYR A 681 -1.31 -58.32 63.98
CA TYR A 681 -0.11 -58.00 64.73
C TYR A 681 -0.32 -58.30 66.21
N SER A 682 0.70 -58.86 66.84
CA SER A 682 0.69 -59.10 68.27
C SER A 682 2.12 -59.19 68.76
N ASN A 683 2.30 -59.35 70.07
CA ASN A 683 3.63 -59.28 70.65
C ASN A 683 4.46 -60.52 70.36
N ASN A 684 3.84 -61.65 70.04
CA ASN A 684 4.55 -62.91 69.96
C ASN A 684 4.07 -63.73 68.79
N SER A 685 3.85 -63.08 67.65
CA SER A 685 3.41 -63.77 66.45
C SER A 685 4.29 -63.34 65.29
N ILE A 686 4.74 -64.32 64.51
CA ILE A 686 5.57 -64.08 63.35
C ILE A 686 5.01 -64.87 62.19
N ALA A 687 5.30 -64.42 60.98
CA ALA A 687 4.93 -65.10 59.75
C ALA A 687 6.20 -65.47 59.01
N ILE A 688 6.32 -66.75 58.66
CA ILE A 688 7.53 -67.22 57.98
C ILE A 688 7.13 -67.95 56.71
N PRO A 689 7.68 -67.58 55.56
CA PRO A 689 7.33 -68.27 54.32
C PRO A 689 7.82 -69.71 54.32
N THR A 690 7.06 -70.57 53.63
CA THR A 690 7.44 -71.97 53.48
C THR A 690 7.78 -72.36 52.05
N ASN A 691 7.40 -71.55 51.08
CA ASN A 691 7.71 -71.77 49.68
C ASN A 691 8.21 -70.47 49.08
N PHE A 692 8.45 -70.47 47.77
CA PHE A 692 8.89 -69.27 47.09
C PHE A 692 8.60 -69.41 45.60
N THR A 693 8.64 -68.27 44.91
CA THR A 693 8.44 -68.22 43.47
C THR A 693 9.50 -67.35 42.84
N ILE A 694 10.05 -67.83 41.72
CA ILE A 694 11.01 -67.06 40.93
C ILE A 694 10.22 -66.32 39.86
N SER A 695 10.32 -65.00 39.85
CA SER A 695 9.59 -64.17 38.90
C SER A 695 10.56 -63.33 38.10
N VAL A 696 10.39 -63.31 36.78
CA VAL A 696 11.19 -62.48 35.89
C VAL A 696 10.30 -61.34 35.41
N THR A 697 10.78 -60.12 35.58
CA THR A 697 10.04 -58.93 35.18
C THR A 697 10.93 -58.04 34.33
N THR A 698 10.32 -57.38 33.37
CA THR A 698 11.05 -56.57 32.39
C THR A 698 10.98 -55.10 32.73
N GLU A 699 12.02 -54.37 32.34
CA GLU A 699 12.09 -52.93 32.53
C GLU A 699 12.73 -52.30 31.30
N ILE A 700 12.02 -51.39 30.67
CA ILE A 700 12.43 -50.78 29.41
C ILE A 700 12.84 -49.35 29.68
N LEU A 701 13.91 -48.90 29.03
CA LEU A 701 14.48 -47.64 29.44
C LEU A 701 15.23 -46.98 28.29
N PRO A 702 14.77 -45.83 27.80
CA PRO A 702 15.41 -45.22 26.62
C PRO A 702 16.84 -44.79 26.89
N VAL A 703 17.68 -44.93 25.89
CA VAL A 703 19.10 -44.67 26.03
C VAL A 703 19.63 -43.64 25.04
N SER A 704 18.93 -43.36 23.95
CA SER A 704 19.42 -42.46 22.92
C SER A 704 18.25 -41.91 22.13
N MET A 705 18.56 -40.94 21.26
CA MET A 705 17.57 -40.42 20.33
C MET A 705 18.26 -40.09 19.02
N THR A 706 17.46 -39.97 17.97
CA THR A 706 18.01 -39.84 16.62
C THR A 706 18.79 -38.54 16.48
N LYS A 707 19.94 -38.62 15.81
CA LYS A 707 20.79 -37.47 15.58
C LYS A 707 20.32 -36.72 14.34
N THR A 708 20.22 -35.41 14.46
CA THR A 708 19.74 -34.59 13.36
C THR A 708 20.61 -33.35 13.23
N SER A 709 20.61 -32.78 12.04
CA SER A 709 21.32 -31.53 11.76
C SER A 709 20.49 -30.69 10.81
N VAL A 710 20.70 -29.39 10.85
CA VAL A 710 20.01 -28.46 9.97
C VAL A 710 21.02 -27.52 9.33
N ASP A 711 20.59 -26.89 8.25
CA ASP A 711 21.38 -25.90 7.52
C ASP A 711 20.57 -24.62 7.45
N CYS A 712 21.10 -23.54 8.03
CA CYS A 712 20.39 -22.27 7.98
C CYS A 712 20.19 -21.80 6.55
N THR A 713 21.24 -21.86 5.74
CA THR A 713 21.14 -21.33 4.39
C THR A 713 20.07 -22.06 3.59
N MET A 714 20.01 -23.38 3.70
CA MET A 714 19.03 -24.14 2.97
C MET A 714 17.64 -24.05 3.59
N TYR A 715 17.53 -23.81 4.89
CA TYR A 715 16.22 -23.76 5.53
C TYR A 715 15.57 -22.38 5.36
N ILE A 716 16.26 -21.34 5.82
CA ILE A 716 15.70 -19.99 5.77
C ILE A 716 15.60 -19.49 4.33
N CYS A 717 16.64 -19.69 3.54
CA CYS A 717 16.71 -19.14 2.18
C CYS A 717 16.35 -20.17 1.12
N GLY A 718 17.06 -21.30 1.09
CA GLY A 718 16.76 -22.34 0.12
C GLY A 718 17.05 -21.92 -1.30
N ASP A 719 18.33 -21.72 -1.62
CA ASP A 719 18.77 -21.31 -2.95
C ASP A 719 18.17 -19.96 -3.35
N SER A 720 18.57 -18.93 -2.61
CA SER A 720 18.18 -17.56 -2.92
C SER A 720 19.27 -16.64 -2.40
N THR A 721 19.92 -15.90 -3.30
CA THR A 721 21.07 -15.10 -2.91
C THR A 721 20.66 -13.89 -2.07
N GLU A 722 19.51 -13.29 -2.36
CA GLU A 722 19.08 -12.11 -1.61
C GLU A 722 18.82 -12.44 -0.15
N CYS A 723 18.20 -13.58 0.12
CA CYS A 723 17.98 -13.99 1.51
C CYS A 723 19.31 -14.21 2.22
N SER A 724 20.27 -14.83 1.53
CA SER A 724 21.58 -15.05 2.14
C SER A 724 22.28 -13.73 2.42
N ASN A 725 22.11 -12.74 1.54
CA ASN A 725 22.69 -11.43 1.77
C ASN A 725 22.07 -10.75 2.97
N LEU A 726 20.75 -10.90 3.14
CA LEU A 726 20.09 -10.28 4.28
C LEU A 726 20.37 -11.02 5.58
N LEU A 727 20.65 -12.33 5.50
CA LEU A 727 20.79 -13.12 6.71
C LEU A 727 22.07 -12.78 7.46
N LEU A 728 23.12 -12.37 6.75
CA LEU A 728 24.36 -12.00 7.43
C LEU A 728 24.22 -10.72 8.25
N GLN A 729 23.14 -9.99 8.08
CA GLN A 729 22.87 -8.82 8.91
C GLN A 729 22.59 -9.20 10.36
N TYR A 730 22.28 -10.47 10.64
CA TYR A 730 21.91 -10.92 11.97
C TYR A 730 23.08 -11.51 12.73
N GLY A 731 24.30 -11.29 12.26
CA GLY A 731 25.44 -11.81 13.00
C GLY A 731 25.53 -13.32 12.88
N SER A 732 26.10 -13.93 13.93
CA SER A 732 26.33 -15.37 13.95
C SER A 732 25.22 -16.05 14.76
N PHE A 733 24.00 -15.99 14.23
CA PHE A 733 22.91 -16.80 14.76
C PHE A 733 22.84 -18.18 14.13
N CYS A 734 23.77 -18.54 13.25
CA CYS A 734 23.69 -19.81 12.57
C CYS A 734 24.94 -20.65 12.73
N THR A 735 25.95 -20.14 13.41
CA THR A 735 26.98 -21.01 13.96
C THR A 735 26.52 -21.64 15.27
N GLN A 736 25.76 -20.88 16.07
CA GLN A 736 25.33 -21.39 17.37
C GLN A 736 24.37 -22.56 17.23
N LEU A 737 23.43 -22.50 16.28
CA LEU A 737 22.49 -23.59 16.12
C LEU A 737 23.19 -24.87 15.69
N ASN A 738 24.13 -24.77 14.75
CA ASN A 738 24.90 -25.94 14.35
C ASN A 738 25.72 -26.47 15.50
N ARG A 739 26.31 -25.58 16.32
CA ARG A 739 27.08 -26.03 17.46
C ARG A 739 26.23 -26.78 18.46
N ALA A 740 25.03 -26.26 18.73
CA ALA A 740 24.13 -26.93 19.66
C ALA A 740 23.72 -28.30 19.15
N LEU A 741 23.38 -28.41 17.86
CA LEU A 741 22.97 -29.70 17.32
C LEU A 741 24.12 -30.69 17.31
N THR A 742 25.33 -30.22 17.01
CA THR A 742 26.49 -31.09 17.04
C THR A 742 26.77 -31.60 18.45
N GLY A 743 26.65 -30.73 19.45
CA GLY A 743 26.79 -31.17 20.82
C GLY A 743 25.78 -32.23 21.19
N ILE A 744 24.53 -32.04 20.76
CA ILE A 744 23.50 -33.05 21.04
C ILE A 744 23.88 -34.39 20.40
N ALA A 745 24.36 -34.36 19.15
CA ALA A 745 24.68 -35.62 18.47
C ALA A 745 25.84 -36.35 19.15
N VAL A 746 26.90 -35.63 19.51
CA VAL A 746 28.02 -36.27 20.17
C VAL A 746 27.60 -36.85 21.51
N GLU A 747 26.77 -36.12 22.25
CA GLU A 747 26.20 -36.65 23.49
C GLU A 747 25.41 -37.93 23.23
N GLN A 748 24.66 -37.97 22.14
CA GLN A 748 23.86 -39.15 21.83
C GLN A 748 24.74 -40.37 21.61
N ASP A 749 25.87 -40.20 20.93
CA ASP A 749 26.80 -41.33 20.79
C ASP A 749 27.43 -41.73 22.12
N LYS A 750 27.78 -40.76 22.96
CA LYS A 750 28.40 -41.08 24.24
C LYS A 750 27.45 -41.84 25.16
N ASN A 751 26.15 -41.55 25.06
CA ASN A 751 25.18 -42.27 25.89
C ASN A 751 25.26 -43.78 25.66
N THR A 752 25.17 -44.20 24.39
CA THR A 752 25.26 -45.61 24.07
C THR A 752 26.61 -46.18 24.44
N GLN A 753 27.69 -45.42 24.18
CA GLN A 753 29.01 -45.91 24.53
C GLN A 753 29.13 -46.21 26.01
N GLU A 754 28.59 -45.34 26.86
CA GLU A 754 28.67 -45.57 28.29
C GLU A 754 27.78 -46.71 28.74
N VAL A 755 26.57 -46.82 28.18
CA VAL A 755 25.65 -47.83 28.68
C VAL A 755 26.12 -49.24 28.29
N PHE A 756 26.59 -49.41 27.06
CA PHE A 756 26.81 -50.77 26.54
C PHE A 756 28.25 -51.24 26.64
N ALA A 757 29.22 -50.41 26.28
CA ALA A 757 30.60 -50.85 26.17
C ALA A 757 31.28 -50.85 27.54
N GLN A 758 30.71 -51.64 28.46
CA GLN A 758 31.25 -51.79 29.79
C GLN A 758 32.06 -53.06 29.98
N VAL A 759 32.23 -53.86 28.93
CA VAL A 759 32.99 -55.10 29.01
C VAL A 759 34.17 -54.98 28.05
N LYS A 760 35.37 -55.31 28.55
CA LYS A 760 36.58 -55.09 27.79
C LYS A 760 36.74 -56.12 26.68
N GLN A 761 36.23 -57.32 26.87
CA GLN A 761 36.39 -58.43 25.94
C GLN A 761 35.03 -58.89 25.44
N ILE A 762 35.04 -59.82 24.50
CA ILE A 762 33.81 -60.39 23.96
C ILE A 762 33.81 -61.87 24.31
N TYR A 763 32.95 -62.25 25.24
CA TYR A 763 32.88 -63.61 25.74
C TYR A 763 31.92 -64.44 24.91
N LYS A 764 32.21 -65.72 24.79
CA LYS A 764 31.41 -66.64 24.01
C LYS A 764 30.88 -67.76 24.89
N THR A 765 29.64 -68.14 24.65
CA THR A 765 29.09 -69.29 25.33
C THR A 765 29.65 -70.58 24.72
N PRO A 766 29.78 -71.64 25.52
CA PRO A 766 30.31 -72.89 24.98
C PRO A 766 29.32 -73.52 24.02
N PRO A 767 29.80 -74.33 23.08
CA PRO A 767 28.85 -75.07 22.22
C PRO A 767 27.91 -75.96 22.99
N ILE A 768 28.38 -76.61 24.05
CA ILE A 768 27.54 -77.46 24.89
C ILE A 768 27.06 -76.64 26.08
N LYS A 769 25.76 -76.71 26.35
CA LYS A 769 25.10 -75.83 27.32
C LYS A 769 24.39 -76.69 28.37
N ASP A 770 25.09 -77.04 29.44
CA ASP A 770 24.53 -77.77 30.57
C ASP A 770 24.55 -76.82 31.77
N PHE A 771 23.49 -76.03 31.90
CA PHE A 771 23.41 -75.01 32.95
C PHE A 771 22.57 -75.47 34.13
N GLY A 772 22.67 -76.74 34.51
CA GLY A 772 21.95 -77.21 35.67
C GLY A 772 20.45 -77.26 35.51
N GLY A 773 19.96 -77.37 34.28
CA GLY A 773 18.55 -77.38 34.00
C GLY A 773 18.00 -76.06 33.53
N PHE A 774 18.70 -74.97 33.77
CA PHE A 774 18.26 -73.67 33.30
C PHE A 774 18.41 -73.59 31.79
N ASN A 775 17.46 -72.92 31.15
CA ASN A 775 17.35 -72.90 29.70
C ASN A 775 17.35 -71.45 29.23
N PHE A 776 18.48 -71.00 28.70
CA PHE A 776 18.65 -69.64 28.25
C PHE A 776 18.54 -69.50 26.73
N SER A 777 17.98 -70.51 26.07
CA SER A 777 17.90 -70.49 24.61
C SER A 777 17.06 -69.33 24.09
N GLN A 778 16.17 -68.77 24.90
CA GLN A 778 15.34 -67.67 24.44
C GLN A 778 16.13 -66.36 24.33
N ILE A 779 17.09 -66.14 25.22
CA ILE A 779 17.82 -64.88 25.26
C ILE A 779 19.21 -64.98 24.64
N LEU A 780 19.78 -66.18 24.60
CA LEU A 780 21.09 -66.38 24.02
C LEU A 780 21.03 -66.15 22.51
N PRO A 781 22.00 -65.41 21.97
CA PRO A 781 22.06 -65.12 20.54
C PRO A 781 22.30 -66.37 19.72
N ASP A 782 21.63 -66.48 18.57
CA ASP A 782 21.78 -67.64 17.70
C ASP A 782 22.27 -67.19 16.32
N PRO A 783 23.30 -67.87 15.80
CA PRO A 783 23.89 -67.57 14.50
C PRO A 783 23.23 -68.35 13.36
N SER A 784 21.90 -68.29 13.29
CA SER A 784 21.16 -68.99 12.25
C SER A 784 20.24 -68.03 11.51
N LYS A 785 20.09 -66.82 12.06
CA LYS A 785 19.24 -65.80 11.46
C LYS A 785 20.05 -64.58 11.05
N PRO A 786 19.37 -63.43 10.90
CA PRO A 786 20.01 -62.18 10.50
C PRO A 786 20.47 -61.36 11.69
N SER A 787 21.67 -60.78 11.58
CA SER A 787 22.29 -59.92 12.60
C SER A 787 22.59 -60.55 13.97
N LYS A 788 22.66 -61.88 14.03
CA LYS A 788 22.94 -62.60 15.26
C LYS A 788 22.14 -62.13 16.48
N ARG A 789 20.83 -61.98 16.30
CA ARG A 789 19.96 -61.53 17.39
C ARG A 789 19.32 -62.71 18.09
N SER A 790 18.56 -62.43 19.15
CA SER A 790 17.89 -63.47 19.90
C SER A 790 16.40 -63.43 19.62
N PHE A 791 15.67 -64.39 20.17
CA PHE A 791 14.24 -64.42 19.97
C PHE A 791 13.57 -63.18 20.54
N ILE A 792 13.90 -62.85 21.80
CA ILE A 792 13.24 -61.73 22.45
C ILE A 792 13.66 -60.42 21.82
N GLU A 793 14.93 -60.30 21.42
CA GLU A 793 15.36 -59.10 20.71
C GLU A 793 14.65 -58.97 19.37
N ASP A 794 14.40 -60.08 18.69
CA ASP A 794 13.69 -60.03 17.43
C ASP A 794 12.25 -59.56 17.62
N LEU A 795 11.55 -60.12 18.62
CA LEU A 795 10.22 -59.64 18.94
C LEU A 795 10.24 -58.16 19.29
N LEU A 796 11.25 -57.75 20.04
CA LEU A 796 11.32 -56.40 20.56
C LEU A 796 11.58 -55.39 19.44
N PHE A 797 12.34 -55.79 18.43
CA PHE A 797 12.53 -54.93 17.26
C PHE A 797 11.33 -54.94 16.33
N ASN A 798 10.60 -56.06 16.24
CA ASN A 798 9.39 -56.06 15.43
C ASN A 798 8.30 -55.21 16.08
N LYS A 799 8.29 -55.14 17.41
CA LYS A 799 7.22 -54.45 18.13
C LYS A 799 7.26 -52.94 17.93
N VAL A 800 8.38 -52.39 17.46
CA VAL A 800 8.49 -50.97 17.21
C VAL A 800 9.09 -50.70 15.84
N PHE A 829 15.50 -34.07 2.98
CA PHE A 829 14.25 -33.41 2.60
C PHE A 829 14.53 -31.99 2.13
N ASN A 830 14.69 -31.06 3.06
CA ASN A 830 15.04 -29.68 2.69
C ASN A 830 15.84 -29.01 3.81
N GLY A 831 17.14 -29.30 3.82
CA GLY A 831 18.03 -28.80 4.85
C GLY A 831 18.13 -29.65 6.10
N LEU A 832 17.58 -30.86 6.09
CA LEU A 832 17.57 -31.74 7.25
C LEU A 832 18.32 -33.02 6.95
N THR A 833 19.12 -33.47 7.91
CA THR A 833 19.86 -34.72 7.79
C THR A 833 19.71 -35.52 9.07
N VAL A 834 19.75 -36.83 8.94
CA VAL A 834 19.69 -37.76 10.07
C VAL A 834 20.99 -38.55 10.04
N LEU A 835 21.93 -38.17 10.88
CA LEU A 835 23.24 -38.80 10.88
C LEU A 835 23.13 -40.22 11.44
N PRO A 836 23.80 -41.20 10.84
CA PRO A 836 23.68 -42.57 11.35
C PRO A 836 24.37 -42.69 12.70
N PRO A 837 23.87 -43.56 13.57
CA PRO A 837 24.55 -43.78 14.85
C PRO A 837 25.90 -44.46 14.65
N LEU A 838 26.80 -44.18 15.58
CA LEU A 838 28.15 -44.73 15.49
C LEU A 838 28.17 -46.25 15.60
N LEU A 839 27.41 -46.78 16.54
CA LEU A 839 27.34 -48.23 16.75
C LEU A 839 26.10 -48.78 16.04
N THR A 840 26.32 -49.71 15.13
CA THR A 840 25.22 -50.35 14.45
C THR A 840 24.50 -51.31 15.40
N ASP A 841 23.36 -51.83 14.95
CA ASP A 841 22.60 -52.76 15.78
C ASP A 841 23.37 -54.04 16.02
N GLU A 842 24.18 -54.47 15.05
CA GLU A 842 24.94 -55.70 15.23
C GLU A 842 25.97 -55.57 16.35
N MET A 843 26.63 -54.42 16.44
CA MET A 843 27.63 -54.24 17.50
C MET A 843 26.97 -54.16 18.87
N ILE A 844 25.83 -53.50 18.98
CA ILE A 844 25.11 -53.50 20.24
C ILE A 844 24.64 -54.90 20.58
N ALA A 845 24.25 -55.67 19.56
CA ALA A 845 23.85 -57.05 19.79
C ALA A 845 25.00 -57.87 20.35
N GLN A 846 26.21 -57.69 19.84
CA GLN A 846 27.30 -58.50 20.38
C GLN A 846 27.83 -57.99 21.72
N TYR A 847 27.73 -56.69 22.01
CA TYR A 847 27.85 -56.24 23.40
C TYR A 847 26.88 -56.95 24.34
N THR A 848 25.60 -56.98 24.00
CA THR A 848 24.64 -57.63 24.89
C THR A 848 24.93 -59.13 25.01
N SER A 849 25.29 -59.76 23.90
CA SER A 849 25.60 -61.19 23.95
C SER A 849 26.84 -61.45 24.80
N ALA A 850 27.84 -60.59 24.72
CA ALA A 850 29.02 -60.73 25.57
C ALA A 850 28.64 -60.58 27.04
N LEU A 851 27.76 -59.63 27.36
CA LEU A 851 27.35 -59.44 28.74
C LEU A 851 26.63 -60.67 29.27
N LEU A 852 25.71 -61.23 28.48
CA LEU A 852 25.03 -62.45 28.91
C LEU A 852 25.99 -63.61 29.06
N ALA A 853 26.91 -63.80 28.12
CA ALA A 853 27.85 -64.90 28.22
C ALA A 853 28.71 -64.77 29.46
N GLY A 854 29.18 -63.55 29.75
CA GLY A 854 29.97 -63.34 30.95
C GLY A 854 29.18 -63.61 32.22
N THR A 855 27.95 -63.09 32.29
CA THR A 855 27.18 -63.29 33.51
C THR A 855 26.71 -64.72 33.68
N ILE A 856 26.68 -65.50 32.60
CA ILE A 856 26.27 -66.89 32.72
C ILE A 856 27.44 -67.77 33.10
N THR A 857 28.60 -67.54 32.49
CA THR A 857 29.74 -68.41 32.75
C THR A 857 30.51 -68.02 34.00
N SER A 858 30.75 -66.73 34.22
CA SER A 858 31.64 -66.28 35.29
C SER A 858 30.92 -65.75 36.52
N GLY A 859 29.65 -65.39 36.41
CA GLY A 859 29.02 -64.69 37.52
C GLY A 859 29.33 -63.21 37.46
N TRP A 860 29.66 -62.63 38.60
CA TRP A 860 30.01 -61.23 38.68
C TRP A 860 31.51 -60.99 38.66
N THR A 861 32.30 -62.04 38.46
CA THR A 861 33.75 -61.91 38.50
C THR A 861 34.32 -61.18 37.28
N PHE A 862 33.61 -61.20 36.16
CA PHE A 862 34.14 -60.56 34.97
C PHE A 862 34.01 -59.06 35.00
N GLY A 863 33.21 -58.50 35.91
CA GLY A 863 33.17 -57.06 36.08
C GLY A 863 34.28 -56.51 36.95
N ALA A 864 34.84 -57.34 37.82
CA ALA A 864 35.90 -56.92 38.73
C ALA A 864 37.30 -57.23 38.19
N GLY A 865 37.41 -57.81 37.01
CA GLY A 865 38.71 -58.15 36.47
C GLY A 865 38.64 -59.28 35.46
N ALA A 866 39.48 -60.30 35.65
CA ALA A 866 39.48 -61.44 34.75
C ALA A 866 38.30 -62.36 35.05
N ALA A 867 37.67 -62.87 34.00
CA ALA A 867 36.53 -63.75 34.18
C ALA A 867 36.98 -65.08 34.76
N LEU A 868 36.26 -65.55 35.78
CA LEU A 868 36.56 -66.81 36.45
C LEU A 868 35.36 -67.73 36.33
N GLN A 869 35.53 -68.83 35.60
CA GLN A 869 34.42 -69.72 35.35
C GLN A 869 33.95 -70.39 36.63
N ILE A 870 32.65 -70.68 36.69
CA ILE A 870 32.05 -71.33 37.84
C ILE A 870 30.78 -72.03 37.36
N PRO A 871 30.45 -73.22 37.86
CA PRO A 871 29.20 -73.86 37.46
C PRO A 871 28.01 -73.00 37.80
N PHE A 872 26.99 -73.06 36.95
CA PHE A 872 25.85 -72.17 37.10
C PHE A 872 25.10 -72.41 38.40
N ALA A 873 24.92 -73.68 38.80
CA ALA A 873 24.20 -73.96 40.04
C ALA A 873 24.93 -73.39 41.24
N MET A 874 26.26 -73.50 41.26
CA MET A 874 27.02 -72.91 42.36
C MET A 874 26.90 -71.40 42.38
N GLN A 875 26.83 -70.77 41.21
CA GLN A 875 26.60 -69.34 41.14
C GLN A 875 25.24 -68.97 41.73
N MET A 876 24.20 -69.74 41.39
CA MET A 876 22.89 -69.42 41.94
C MET A 876 22.86 -69.64 43.44
N ALA A 877 23.66 -70.59 43.94
CA ALA A 877 23.78 -70.77 45.39
C ALA A 877 24.45 -69.56 46.03
N TYR A 878 25.49 -69.03 45.39
CA TYR A 878 26.09 -67.77 45.83
C TYR A 878 25.03 -66.68 45.93
N ARG A 879 24.21 -66.55 44.89
CA ARG A 879 23.20 -65.50 44.87
C ARG A 879 22.17 -65.69 45.99
N PHE A 880 21.72 -66.91 46.20
CA PHE A 880 20.81 -67.19 47.30
C PHE A 880 21.44 -66.83 48.63
N ASN A 881 22.72 -67.17 48.82
CA ASN A 881 23.42 -66.79 50.04
C ASN A 881 23.47 -65.28 50.18
N GLY A 882 23.56 -64.57 49.07
CA GLY A 882 23.53 -63.12 49.11
C GLY A 882 22.20 -62.57 49.59
N ILE A 883 21.10 -63.22 49.17
CA ILE A 883 19.78 -62.78 49.61
C ILE A 883 19.57 -63.03 51.09
N GLY A 884 20.06 -64.14 51.62
CA GLY A 884 19.84 -64.46 53.01
C GLY A 884 19.19 -65.81 53.18
N VAL A 885 19.43 -66.69 52.21
CA VAL A 885 18.91 -68.04 52.20
C VAL A 885 20.10 -68.98 52.00
N THR A 886 20.15 -70.04 52.79
CA THR A 886 21.31 -70.93 52.74
C THR A 886 21.32 -71.73 51.44
N GLN A 887 22.49 -72.31 51.14
CA GLN A 887 22.67 -73.01 49.87
C GLN A 887 21.80 -74.25 49.77
N ASN A 888 21.57 -74.94 50.88
CA ASN A 888 20.80 -76.18 50.82
C ASN A 888 19.41 -75.94 50.29
N VAL A 889 18.88 -74.73 50.44
CA VAL A 889 17.57 -74.42 49.88
C VAL A 889 17.62 -74.48 48.35
N LEU A 890 18.70 -73.97 47.76
CA LEU A 890 18.87 -74.12 46.32
C LEU A 890 19.08 -75.58 45.94
N TYR A 891 20.00 -76.25 46.62
CA TYR A 891 20.45 -77.55 46.14
C TYR A 891 19.40 -78.62 46.34
N GLU A 892 18.56 -78.49 47.35
CA GLU A 892 17.55 -79.52 47.61
C GLU A 892 16.36 -79.44 46.65
N ASN A 893 16.13 -78.30 46.02
CA ASN A 893 15.03 -78.18 45.08
C ASN A 893 15.47 -77.42 43.83
N GLN A 894 16.60 -77.85 43.26
CA GLN A 894 17.11 -77.23 42.04
C GLN A 894 16.14 -77.39 40.87
N LYS A 895 15.53 -78.57 40.74
CA LYS A 895 14.67 -78.84 39.59
C LYS A 895 13.45 -77.92 39.60
N LEU A 896 12.84 -77.73 40.76
CA LEU A 896 11.69 -76.83 40.86
C LEU A 896 12.07 -75.40 40.46
N ILE A 897 13.21 -74.92 40.95
CA ILE A 897 13.63 -73.56 40.66
C ILE A 897 13.89 -73.40 39.17
N ALA A 898 14.57 -74.37 38.56
CA ALA A 898 14.82 -74.30 37.13
C ALA A 898 13.52 -74.33 36.34
N ASN A 899 12.59 -75.18 36.76
CA ASN A 899 11.32 -75.29 36.04
C ASN A 899 10.55 -73.97 36.08
N GLN A 900 10.44 -73.35 37.26
CA GLN A 900 9.66 -72.13 37.29
C GLN A 900 10.40 -70.95 36.67
N PHE A 901 11.74 -70.98 36.67
CA PHE A 901 12.47 -69.97 35.91
C PHE A 901 12.18 -70.10 34.42
N ASN A 902 12.19 -71.33 33.90
CA ASN A 902 11.87 -71.54 32.49
C ASN A 902 10.45 -71.11 32.18
N SER A 903 9.51 -71.46 33.05
CA SER A 903 8.12 -71.07 32.84
C SER A 903 7.97 -69.55 32.79
N ALA A 904 8.63 -68.84 33.70
CA ALA A 904 8.53 -67.38 33.73
C ALA A 904 9.16 -66.76 32.50
N ILE A 905 10.30 -67.30 32.06
CA ILE A 905 10.94 -66.72 30.89
C ILE A 905 10.18 -67.05 29.62
N GLY A 906 9.35 -68.07 29.62
CA GLY A 906 8.44 -68.27 28.50
C GLY A 906 7.21 -67.39 28.57
N LYS A 907 6.74 -67.13 29.79
CA LYS A 907 5.58 -66.26 29.97
C LYS A 907 5.88 -64.82 29.57
N ILE A 908 7.08 -64.33 29.85
CA ILE A 908 7.43 -62.98 29.40
C ILE A 908 7.44 -62.94 27.87
N GLN A 909 7.91 -64.01 27.23
CA GLN A 909 7.85 -64.12 25.78
C GLN A 909 6.42 -64.04 25.28
N ASP A 910 5.51 -64.77 25.91
CA ASP A 910 4.11 -64.72 25.49
C ASP A 910 3.53 -63.32 25.66
N SER A 911 3.78 -62.69 26.81
CA SER A 911 3.22 -61.36 27.05
C SER A 911 3.75 -60.35 26.03
N LEU A 912 5.02 -60.49 25.65
CA LEU A 912 5.58 -59.59 24.66
C LEU A 912 5.06 -59.89 23.26
N SER A 913 4.75 -61.16 22.98
CA SER A 913 4.25 -61.54 21.66
C SER A 913 2.91 -60.88 21.35
N SER A 914 2.02 -60.82 22.34
CA SER A 914 0.69 -60.25 22.17
C SER A 914 0.76 -58.74 21.96
N ALA A 918 2.37 -51.44 25.18
CA ALA A 918 3.31 -52.32 25.88
C ALA A 918 4.68 -51.68 26.00
N LEU A 919 5.35 -51.51 24.86
CA LEU A 919 6.68 -50.90 24.82
C LEU A 919 6.59 -49.41 24.58
N GLY A 920 5.70 -48.74 25.32
CA GLY A 920 5.34 -47.37 25.01
C GLY A 920 6.40 -46.34 25.31
N LYS A 921 7.26 -46.61 26.30
CA LYS A 921 8.26 -45.63 26.68
C LYS A 921 9.23 -45.34 25.54
N LEU A 922 9.62 -46.38 24.80
CA LEU A 922 10.51 -46.21 23.66
C LEU A 922 9.80 -45.54 22.49
N GLN A 923 8.54 -45.91 22.24
CA GLN A 923 7.80 -45.32 21.14
C GLN A 923 7.53 -43.84 21.36
N ASP A 924 7.39 -43.42 22.62
CA ASP A 924 7.08 -42.02 22.89
C ASP A 924 8.19 -41.10 22.40
N VAL A 925 9.45 -41.52 22.60
CA VAL A 925 10.58 -40.69 22.18
C VAL A 925 10.58 -40.54 20.66
N VAL A 926 10.39 -41.64 19.95
CA VAL A 926 10.38 -41.59 18.49
C VAL A 926 9.26 -40.71 17.99
N ASN A 927 8.07 -40.88 18.57
CA ASN A 927 6.92 -40.09 18.14
C ASN A 927 7.15 -38.61 18.40
N GLN A 928 7.73 -38.27 19.55
CA GLN A 928 7.90 -36.88 19.91
C GLN A 928 8.95 -36.21 19.03
N ASN A 929 10.04 -36.91 18.73
CA ASN A 929 11.02 -36.35 17.80
C ASN A 929 10.42 -36.17 16.42
N ALA A 930 9.66 -37.16 15.94
CA ALA A 930 9.07 -37.07 14.61
C ALA A 930 8.11 -35.89 14.52
N GLN A 931 7.27 -35.70 15.54
CA GLN A 931 6.31 -34.61 15.46
C GLN A 931 6.99 -33.26 15.57
N ALA A 932 8.06 -33.15 16.36
CA ALA A 932 8.81 -31.90 16.38
C ALA A 932 9.38 -31.57 15.01
N LEU A 933 9.96 -32.57 14.34
CA LEU A 933 10.54 -32.33 13.02
C LEU A 933 9.46 -31.97 12.01
N ASN A 934 8.30 -32.64 12.08
CA ASN A 934 7.20 -32.31 11.18
C ASN A 934 6.72 -30.89 11.39
N THR A 935 6.63 -30.45 12.64
CA THR A 935 6.26 -29.06 12.91
C THR A 935 7.28 -28.10 12.32
N LEU A 936 8.57 -28.42 12.46
CA LEU A 936 9.60 -27.55 11.89
C LEU A 936 9.45 -27.45 10.38
N VAL A 937 9.21 -28.58 9.70
CA VAL A 937 9.07 -28.55 8.25
C VAL A 937 7.82 -27.77 7.85
N LYS A 938 6.68 -28.09 8.48
CA LYS A 938 5.42 -27.45 8.16
C LYS A 938 5.41 -25.96 8.47
N GLN A 939 6.31 -25.50 9.33
CA GLN A 939 6.41 -24.08 9.61
C GLN A 939 6.99 -23.28 8.45
N LEU A 940 7.50 -23.94 7.41
CA LEU A 940 8.06 -23.22 6.28
C LEU A 940 6.98 -22.56 5.43
N SER A 941 5.78 -23.12 5.39
CA SER A 941 4.70 -22.62 4.57
C SER A 941 3.86 -21.56 5.26
N SER A 942 4.36 -20.97 6.34
CA SER A 942 3.63 -19.94 7.05
C SER A 942 4.03 -18.56 6.55
N ASN A 943 3.05 -17.69 6.41
CA ASN A 943 3.27 -16.39 5.78
C ASN A 943 4.05 -15.43 6.67
N PHE A 944 3.83 -15.49 7.98
CA PHE A 944 4.49 -14.60 8.94
C PHE A 944 4.23 -13.13 8.61
N GLY A 945 3.02 -12.83 8.17
CA GLY A 945 2.66 -11.45 7.87
C GLY A 945 3.42 -10.83 6.71
N ALA A 946 3.53 -11.56 5.62
CA ALA A 946 4.15 -11.05 4.41
C ALA A 946 3.16 -11.19 3.26
N ILE A 947 3.61 -10.91 2.04
CA ILE A 947 2.74 -11.09 0.89
C ILE A 947 2.45 -12.56 0.65
N SER A 948 3.49 -13.39 0.67
CA SER A 948 3.32 -14.80 0.36
C SER A 948 4.47 -15.60 0.96
N SER A 949 4.27 -16.92 1.03
CA SER A 949 5.24 -17.79 1.68
C SER A 949 6.50 -17.99 0.83
N VAL A 950 6.35 -18.04 -0.49
CA VAL A 950 7.47 -18.40 -1.36
C VAL A 950 8.38 -17.19 -1.56
N LEU A 951 9.68 -17.45 -1.63
CA LEU A 951 10.67 -16.40 -1.87
C LEU A 951 10.79 -16.02 -3.34
N ASN A 952 10.26 -16.82 -4.26
CA ASN A 952 10.25 -16.42 -5.66
C ASN A 952 9.07 -15.53 -6.00
N ASP A 953 7.91 -15.80 -5.39
CA ASP A 953 6.72 -15.02 -5.64
C ASP A 953 6.82 -13.61 -5.07
N ILE A 954 7.83 -13.34 -4.26
CA ILE A 954 8.05 -12.02 -3.69
C ILE A 954 9.17 -11.28 -4.39
N LEU A 955 10.23 -11.99 -4.80
CA LEU A 955 11.29 -11.35 -5.56
C LEU A 955 10.89 -11.08 -6.99
N SER A 956 10.17 -12.01 -7.62
CA SER A 956 9.79 -11.89 -9.02
C SER A 956 8.50 -11.12 -9.22
N ARG A 957 8.02 -10.40 -8.21
CA ARG A 957 6.81 -9.60 -8.37
C ARG A 957 6.92 -8.24 -7.70
N LEU A 958 8.00 -7.94 -6.99
CA LEU A 958 8.11 -6.67 -6.28
C LEU A 958 9.50 -6.09 -6.49
N ASP A 959 9.58 -4.78 -6.33
CA ASP A 959 10.85 -4.06 -6.45
C ASP A 959 11.74 -4.44 -5.27
N PRO A 960 12.97 -4.88 -5.51
CA PRO A 960 13.83 -5.39 -4.43
C PRO A 960 13.98 -4.39 -3.28
N PRO A 961 14.15 -3.09 -3.55
CA PRO A 961 14.15 -2.14 -2.41
C PRO A 961 12.86 -2.18 -1.60
N GLU A 962 11.72 -2.42 -2.25
CA GLU A 962 10.46 -2.56 -1.54
C GLU A 962 10.19 -3.98 -1.07
N ALA A 963 10.71 -4.99 -1.77
CA ALA A 963 10.60 -6.37 -1.33
C ALA A 963 11.66 -6.75 -0.32
N GLU A 964 12.63 -5.88 -0.06
CA GLU A 964 13.59 -6.11 1.00
C GLU A 964 12.93 -6.11 2.37
N VAL A 965 12.01 -5.18 2.62
CA VAL A 965 11.32 -5.13 3.90
C VAL A 965 10.43 -6.35 4.07
N GLN A 966 9.82 -6.82 2.99
CA GLN A 966 8.92 -7.96 3.10
C GLN A 966 9.65 -9.28 3.25
N ILE A 967 10.93 -9.35 2.88
CA ILE A 967 11.70 -10.56 3.12
C ILE A 967 11.96 -10.73 4.62
N ASP A 968 12.19 -9.63 5.33
CA ASP A 968 12.60 -9.70 6.73
C ASP A 968 11.58 -10.42 7.59
N ARG A 969 10.30 -10.34 7.26
CA ARG A 969 9.29 -11.06 8.04
C ARG A 969 9.52 -12.56 7.96
N LEU A 970 9.76 -13.06 6.75
CA LEU A 970 10.02 -14.50 6.59
C LEU A 970 11.29 -14.90 7.30
N ILE A 971 12.34 -14.09 7.21
CA ILE A 971 13.60 -14.41 7.87
C ILE A 971 13.40 -14.49 9.37
N THR A 972 12.72 -13.51 9.95
CA THR A 972 12.50 -13.50 11.39
C THR A 972 11.64 -14.68 11.83
N GLY A 973 10.57 -14.98 11.08
CA GLY A 973 9.72 -16.10 11.46
C GLY A 973 10.47 -17.42 11.42
N ARG A 974 11.22 -17.65 10.35
CA ARG A 974 11.95 -18.91 10.23
C ARG A 974 13.07 -19.00 11.25
N LEU A 975 13.70 -17.87 11.58
CA LEU A 975 14.73 -17.87 12.61
C LEU A 975 14.12 -18.22 13.97
N GLN A 976 12.95 -17.67 14.28
CA GLN A 976 12.27 -18.02 15.51
C GLN A 976 11.92 -19.50 15.56
N SER A 977 11.40 -20.03 14.45
CA SER A 977 11.02 -21.44 14.44
C SER A 977 12.23 -22.34 14.65
N LEU A 978 13.35 -22.03 13.98
CA LEU A 978 14.55 -22.83 14.14
C LEU A 978 15.09 -22.75 15.56
N GLN A 979 15.08 -21.54 16.15
CA GLN A 979 15.55 -21.38 17.51
C GLN A 979 14.70 -22.17 18.49
N THR A 980 13.38 -22.13 18.32
CA THR A 980 12.49 -22.91 19.19
C THR A 980 12.78 -24.39 19.08
N TYR A 981 12.97 -24.88 17.85
CA TYR A 981 13.30 -26.29 17.66
C TYR A 981 14.56 -26.67 18.41
N VAL A 982 15.60 -25.83 18.29
CA VAL A 982 16.87 -26.17 18.93
C VAL A 982 16.74 -26.17 20.44
N THR A 983 16.02 -25.20 21.00
CA THR A 983 15.85 -25.17 22.45
C THR A 983 15.11 -26.40 22.97
N GLN A 984 14.03 -26.79 22.29
CA GLN A 984 13.32 -27.99 22.70
C GLN A 984 14.22 -29.21 22.60
N GLN A 985 15.04 -29.28 21.56
CA GLN A 985 15.95 -30.42 21.42
C GLN A 985 16.95 -30.47 22.56
N LEU A 986 17.44 -29.30 22.99
CA LEU A 986 18.40 -29.28 24.10
C LEU A 986 17.77 -29.81 25.39
N ILE A 987 16.54 -29.38 25.68
CA ILE A 987 15.88 -29.85 26.89
C ILE A 987 15.62 -31.36 26.81
N ARG A 988 15.12 -31.82 25.66
CA ARG A 988 14.85 -33.25 25.51
C ARG A 988 16.12 -34.08 25.61
N ALA A 989 17.22 -33.58 25.07
CA ALA A 989 18.49 -34.28 25.18
C ALA A 989 18.94 -34.38 26.63
N ALA A 990 18.72 -33.33 27.42
CA ALA A 990 19.05 -33.41 28.83
C ALA A 990 18.28 -34.53 29.50
N GLU A 991 16.98 -34.62 29.22
CA GLU A 991 16.18 -35.70 29.81
C GLU A 991 16.66 -37.08 29.37
N ILE A 992 16.97 -37.23 28.08
CA ILE A 992 17.38 -38.53 27.58
C ILE A 992 18.74 -38.91 28.17
N ARG A 993 19.60 -37.93 28.44
CA ARG A 993 20.88 -38.21 29.06
C ARG A 993 20.70 -38.69 30.49
N ALA A 994 19.77 -38.08 31.23
CA ALA A 994 19.48 -38.57 32.57
C ALA A 994 19.03 -40.04 32.53
N SER A 995 18.14 -40.36 31.59
CA SER A 995 17.68 -41.74 31.48
C SER A 995 18.81 -42.69 31.11
N ALA A 996 19.72 -42.27 30.23
CA ALA A 996 20.85 -43.12 29.86
C ALA A 996 21.79 -43.33 31.03
N ASN A 997 22.00 -42.31 31.86
CA ASN A 997 22.83 -42.49 33.04
C ASN A 997 22.21 -43.49 34.01
N LEU A 998 20.89 -43.41 34.17
CA LEU A 998 20.21 -44.42 35.00
C LEU A 998 20.38 -45.82 34.42
N ALA A 999 20.28 -45.95 33.10
CA ALA A 999 20.44 -47.27 32.47
C ALA A 999 21.85 -47.80 32.66
N ALA A 1000 22.85 -46.94 32.56
CA ALA A 1000 24.23 -47.38 32.77
C ALA A 1000 24.46 -47.82 34.21
N THR A 1001 23.93 -47.07 35.17
CA THR A 1001 24.02 -47.49 36.56
C THR A 1001 23.34 -48.83 36.77
N LYS A 1002 22.15 -49.01 36.20
CA LYS A 1002 21.43 -50.27 36.35
C LYS A 1002 22.22 -51.42 35.76
N MET A 1003 22.85 -51.20 34.61
CA MET A 1003 23.68 -52.25 34.04
C MET A 1003 24.81 -52.63 34.98
N SER A 1004 25.56 -51.63 35.44
CA SER A 1004 26.72 -51.91 36.28
C SER A 1004 26.34 -52.53 37.61
N GLU A 1005 25.12 -52.30 38.10
CA GLU A 1005 24.78 -52.75 39.44
C GLU A 1005 23.86 -53.95 39.48
N CYS A 1006 23.04 -54.17 38.46
CA CYS A 1006 22.17 -55.34 38.42
C CYS A 1006 22.69 -56.43 37.51
N VAL A 1007 23.52 -56.10 36.52
CA VAL A 1007 24.01 -57.13 35.61
C VAL A 1007 25.40 -57.61 36.01
N LEU A 1008 26.28 -56.72 36.43
CA LEU A 1008 27.62 -57.10 36.83
C LEU A 1008 27.71 -57.44 38.31
N GLY A 1009 26.58 -57.65 38.98
CA GLY A 1009 26.59 -58.06 40.37
C GLY A 1009 25.17 -58.04 40.90
N GLN A 1010 25.04 -58.44 42.16
CA GLN A 1010 23.77 -58.25 42.82
C GLN A 1010 23.64 -56.83 43.34
N SER A 1011 22.44 -56.53 43.85
CA SER A 1011 22.13 -55.23 44.41
C SER A 1011 21.34 -55.44 45.69
N LYS A 1012 21.80 -54.83 46.78
CA LYS A 1012 21.03 -54.81 48.01
C LYS A 1012 19.99 -53.70 48.03
N ARG A 1013 20.07 -52.75 47.10
CA ARG A 1013 19.09 -51.68 47.03
C ARG A 1013 17.74 -52.23 46.64
N VAL A 1014 16.72 -51.89 47.38
CA VAL A 1014 15.40 -52.47 47.20
C VAL A 1014 14.65 -51.70 46.11
N ASP A 1015 13.96 -52.46 45.26
CA ASP A 1015 13.18 -51.93 44.14
C ASP A 1015 14.04 -51.23 43.10
N PHE A 1016 15.34 -51.49 43.09
CA PHE A 1016 16.21 -50.91 42.08
C PHE A 1016 16.38 -51.84 40.89
N CYS A 1017 16.45 -53.14 41.13
CA CYS A 1017 16.55 -54.15 40.08
C CYS A 1017 15.32 -55.05 40.08
N GLY A 1018 14.14 -54.44 40.19
CA GLY A 1018 12.90 -55.17 40.14
C GLY A 1018 12.29 -55.37 41.52
N LYS A 1019 11.03 -55.81 41.50
CA LYS A 1019 10.27 -56.00 42.72
C LYS A 1019 10.61 -57.37 43.32
N GLY A 1020 11.00 -57.38 44.58
CA GLY A 1020 11.43 -58.59 45.24
C GLY A 1020 12.90 -58.54 45.62
N TYR A 1021 13.43 -59.70 45.97
CA TYR A 1021 14.83 -59.83 46.28
C TYR A 1021 15.60 -60.18 45.00
N HIS A 1022 16.48 -59.29 44.60
CA HIS A 1022 17.17 -59.43 43.32
C HIS A 1022 18.10 -60.64 43.33
N LEU A 1023 18.10 -61.38 42.23
CA LEU A 1023 19.08 -62.42 42.01
C LEU A 1023 20.05 -62.08 40.89
N MET A 1024 19.56 -61.81 39.69
CA MET A 1024 20.43 -61.54 38.56
C MET A 1024 19.60 -60.95 37.43
N SER A 1025 20.27 -60.32 36.48
CA SER A 1025 19.58 -59.60 35.42
C SER A 1025 20.22 -59.89 34.08
N PHE A 1026 19.45 -59.68 33.01
CA PHE A 1026 19.91 -59.91 31.65
C PHE A 1026 19.56 -58.70 30.80
N PRO A 1027 20.50 -58.10 30.08
CA PRO A 1027 20.17 -57.00 29.18
C PRO A 1027 19.77 -57.49 27.80
N GLN A 1028 18.88 -56.73 27.16
CA GLN A 1028 18.46 -57.00 25.78
C GLN A 1028 18.42 -55.69 25.02
N SER A 1029 18.99 -55.69 23.82
CA SER A 1029 19.00 -54.48 23.00
C SER A 1029 17.62 -54.21 22.42
N ALA A 1030 17.25 -52.94 22.41
CA ALA A 1030 15.96 -52.50 21.89
C ALA A 1030 16.22 -51.52 20.75
N PRO A 1031 15.20 -51.07 20.03
CA PRO A 1031 15.46 -50.11 18.93
C PRO A 1031 16.25 -48.87 19.34
N HIS A 1032 15.95 -48.28 20.49
CA HIS A 1032 16.74 -47.14 20.95
C HIS A 1032 16.96 -47.20 22.46
N GLY A 1033 17.05 -48.38 23.03
CA GLY A 1033 17.13 -48.50 24.46
C GLY A 1033 17.57 -49.88 24.88
N VAL A 1034 17.40 -50.15 26.16
CA VAL A 1034 17.70 -51.45 26.74
C VAL A 1034 16.44 -52.04 27.32
N VAL A 1035 16.45 -53.35 27.49
CA VAL A 1035 15.40 -54.06 28.21
C VAL A 1035 16.08 -54.98 29.21
N PHE A 1036 15.83 -54.74 30.49
CA PHE A 1036 16.40 -55.55 31.55
C PHE A 1036 15.37 -56.57 31.99
N LEU A 1037 15.78 -57.83 32.06
CA LEU A 1037 14.94 -58.91 32.56
C LEU A 1037 15.43 -59.25 33.96
N HIS A 1038 14.81 -58.63 34.96
CA HIS A 1038 15.19 -58.85 36.35
C HIS A 1038 14.50 -60.11 36.87
N VAL A 1039 15.27 -61.07 37.37
CA VAL A 1039 14.71 -62.24 38.03
C VAL A 1039 14.85 -62.04 39.54
N THR A 1040 13.77 -62.26 40.27
CA THR A 1040 13.70 -61.96 41.68
C THR A 1040 13.13 -63.14 42.44
N TYR A 1041 13.45 -63.20 43.72
CA TYR A 1041 12.99 -64.25 44.62
C TYR A 1041 11.83 -63.71 45.44
N VAL A 1042 10.64 -64.23 45.21
CA VAL A 1042 9.44 -63.75 45.89
C VAL A 1042 8.93 -64.81 46.85
N PRO A 1043 9.05 -64.63 48.16
CA PRO A 1043 8.54 -65.64 49.09
C PRO A 1043 7.03 -65.74 49.06
N ALA A 1044 6.53 -66.94 49.36
CA ALA A 1044 5.11 -67.21 49.30
C ALA A 1044 4.78 -68.32 50.28
N GLN A 1045 3.48 -68.52 50.50
CA GLN A 1045 2.95 -69.59 51.35
C GLN A 1045 3.48 -69.48 52.79
N GLU A 1046 3.08 -68.39 53.44
CA GLU A 1046 3.50 -68.13 54.81
C GLU A 1046 2.48 -68.67 55.81
N LYS A 1047 2.97 -69.15 56.94
CA LYS A 1047 2.13 -69.58 58.04
C LYS A 1047 2.71 -69.02 59.33
N ASN A 1048 1.84 -68.76 60.30
CA ASN A 1048 2.20 -67.95 61.45
C ASN A 1048 2.40 -68.78 62.71
N PHE A 1049 3.50 -68.50 63.41
CA PHE A 1049 3.97 -69.20 64.58
C PHE A 1049 3.97 -68.24 65.78
N THR A 1050 4.59 -68.68 66.86
CA THR A 1050 4.78 -67.89 68.07
C THR A 1050 6.27 -67.77 68.34
N THR A 1051 6.74 -66.57 68.62
CA THR A 1051 8.16 -66.30 68.78
C THR A 1051 8.47 -65.87 70.20
N ALA A 1052 9.75 -65.63 70.45
CA ALA A 1052 10.26 -65.13 71.70
C ALA A 1052 11.63 -64.54 71.46
N PRO A 1053 11.96 -63.40 72.04
CA PRO A 1053 13.29 -62.82 71.81
C PRO A 1053 14.43 -63.69 72.28
N ALA A 1054 14.25 -64.45 73.37
CA ALA A 1054 15.36 -65.15 73.98
C ALA A 1054 14.86 -66.42 74.67
N ILE A 1055 15.82 -67.26 75.04
CA ILE A 1055 15.57 -68.50 75.74
C ILE A 1055 16.35 -68.46 77.05
N CYS A 1056 15.67 -68.75 78.16
CA CYS A 1056 16.33 -68.84 79.46
C CYS A 1056 16.51 -70.29 79.84
N HIS A 1057 17.77 -70.74 79.89
CA HIS A 1057 18.11 -72.11 80.24
C HIS A 1057 19.12 -72.07 81.38
N ASP A 1058 18.78 -72.72 82.49
CA ASP A 1058 19.62 -72.72 83.69
C ASP A 1058 19.91 -71.29 84.15
N GLY A 1059 18.88 -70.44 84.13
CA GLY A 1059 19.02 -69.06 84.55
C GLY A 1059 19.98 -68.26 83.70
N LYS A 1060 20.00 -68.51 82.40
CA LYS A 1060 20.98 -67.93 81.50
C LYS A 1060 20.30 -67.61 80.17
N ALA A 1061 20.57 -66.42 79.64
CA ALA A 1061 19.87 -65.94 78.46
C ALA A 1061 20.56 -66.41 77.18
N HIS A 1062 19.75 -66.85 76.22
CA HIS A 1062 20.23 -67.34 74.94
C HIS A 1062 19.55 -66.59 73.81
N PHE A 1063 20.32 -66.26 72.78
CA PHE A 1063 19.80 -65.55 71.62
C PHE A 1063 20.15 -66.34 70.36
N PRO A 1064 19.30 -66.32 69.35
CA PRO A 1064 19.61 -67.08 68.13
C PRO A 1064 20.80 -66.49 67.41
N ARG A 1065 21.68 -67.38 66.93
CA ARG A 1065 22.89 -66.93 66.28
C ARG A 1065 22.59 -66.21 64.97
N GLU A 1066 21.67 -66.76 64.18
CA GLU A 1066 21.36 -66.19 62.88
C GLU A 1066 19.88 -66.24 62.51
N GLY A 1067 19.03 -66.85 63.31
CA GLY A 1067 17.64 -67.03 62.96
C GLY A 1067 16.72 -66.39 64.00
N VAL A 1068 15.56 -67.01 64.16
CA VAL A 1068 14.60 -66.62 65.19
C VAL A 1068 14.00 -67.86 65.83
N PHE A 1069 13.68 -67.76 67.11
CA PHE A 1069 13.01 -68.83 67.83
C PHE A 1069 11.53 -68.82 67.50
N VAL A 1070 11.02 -69.97 67.06
CA VAL A 1070 9.60 -70.13 66.77
C VAL A 1070 9.10 -71.38 67.46
N SER A 1071 7.78 -71.49 67.56
CA SER A 1071 7.16 -72.64 68.20
C SER A 1071 5.86 -72.97 67.50
N ASN A 1072 5.67 -74.24 67.17
CA ASN A 1072 4.43 -74.69 66.58
C ASN A 1072 3.36 -75.00 67.62
N GLY A 1073 3.60 -74.65 68.88
CA GLY A 1073 2.62 -74.83 69.92
C GLY A 1073 3.16 -75.55 71.13
N THR A 1074 4.05 -76.52 70.89
CA THR A 1074 4.59 -77.32 71.98
C THR A 1074 6.10 -77.21 72.05
N HIS A 1075 6.77 -77.36 70.91
CA HIS A 1075 8.22 -77.39 70.85
C HIS A 1075 8.75 -76.07 70.31
N TRP A 1076 10.05 -75.86 70.47
CA TRP A 1076 10.70 -74.66 69.99
C TRP A 1076 11.82 -75.02 69.02
N PHE A 1077 12.04 -74.15 68.04
CA PHE A 1077 13.01 -74.38 66.99
C PHE A 1077 13.70 -73.07 66.65
N VAL A 1078 14.76 -73.18 65.85
CA VAL A 1078 15.43 -72.02 65.27
C VAL A 1078 15.35 -72.17 63.76
N THR A 1079 14.81 -71.15 63.09
CA THR A 1079 14.71 -71.14 61.65
C THR A 1079 15.36 -69.87 61.12
N GLN A 1080 15.88 -69.95 59.90
CA GLN A 1080 16.34 -68.75 59.23
C GLN A 1080 15.16 -67.83 58.93
N ARG A 1081 15.46 -66.54 58.76
CA ARG A 1081 14.42 -65.54 58.72
C ARG A 1081 13.54 -65.61 57.48
N ASN A 1082 14.04 -66.09 56.35
CA ASN A 1082 13.32 -66.00 55.09
C ASN A 1082 12.74 -67.31 54.59
N PHE A 1083 13.17 -68.45 55.11
CA PHE A 1083 12.66 -69.73 54.69
C PHE A 1083 12.45 -70.59 55.92
N TYR A 1084 11.39 -71.39 55.92
CA TYR A 1084 11.06 -72.19 57.08
C TYR A 1084 11.93 -73.43 57.10
N GLU A 1085 12.87 -73.50 58.05
CA GLU A 1085 13.71 -74.67 58.26
C GLU A 1085 13.90 -74.87 59.75
N PRO A 1086 12.98 -75.58 60.41
CA PRO A 1086 13.13 -75.86 61.84
C PRO A 1086 14.43 -76.58 62.17
N GLN A 1087 15.09 -76.15 63.23
CA GLN A 1087 16.30 -76.79 63.75
C GLN A 1087 16.17 -76.91 65.26
N ILE A 1088 16.85 -77.89 65.83
CA ILE A 1088 16.82 -78.07 67.28
C ILE A 1088 17.73 -77.04 67.93
N ILE A 1089 17.24 -76.37 68.97
CA ILE A 1089 18.00 -75.33 69.63
C ILE A 1089 19.14 -75.98 70.40
N THR A 1090 20.36 -75.81 69.93
CA THR A 1090 21.55 -76.32 70.58
C THR A 1090 22.44 -75.15 70.98
N THR A 1091 23.62 -75.47 71.50
CA THR A 1091 24.61 -74.46 71.79
C THR A 1091 25.42 -74.04 70.58
N ASP A 1092 25.29 -74.76 69.45
CA ASP A 1092 26.06 -74.42 68.26
C ASP A 1092 25.46 -73.23 67.52
N ASN A 1093 24.14 -73.11 67.49
CA ASN A 1093 23.45 -72.04 66.80
C ASN A 1093 22.86 -71.02 67.77
N THR A 1094 23.56 -70.76 68.86
CA THR A 1094 23.04 -69.88 69.90
C THR A 1094 24.20 -69.35 70.72
N PHE A 1095 24.10 -68.11 71.16
CA PHE A 1095 25.11 -67.53 72.04
C PHE A 1095 24.44 -66.96 73.28
N VAL A 1096 25.25 -66.71 74.30
CA VAL A 1096 24.78 -66.36 75.63
C VAL A 1096 25.26 -64.96 75.99
N SER A 1097 24.38 -64.18 76.61
CA SER A 1097 24.78 -62.87 77.13
C SER A 1097 23.82 -62.49 78.25
N GLY A 1098 24.32 -62.47 79.47
CA GLY A 1098 23.52 -62.06 80.61
C GLY A 1098 22.69 -63.18 81.19
N ASN A 1099 21.71 -62.78 82.00
CA ASN A 1099 20.81 -63.70 82.67
C ASN A 1099 19.37 -63.31 82.41
N CYS A 1100 18.47 -64.29 82.53
CA CYS A 1100 17.10 -64.14 82.08
C CYS A 1100 16.24 -63.40 83.10
N ASP A 1101 16.61 -62.14 83.35
CA ASP A 1101 15.84 -61.29 84.24
C ASP A 1101 15.67 -59.87 83.74
N VAL A 1102 16.28 -59.51 82.59
CA VAL A 1102 16.20 -58.17 82.06
C VAL A 1102 15.46 -58.13 80.72
N VAL A 1103 15.68 -59.13 79.87
CA VAL A 1103 14.98 -59.20 78.59
C VAL A 1103 13.51 -59.46 78.84
N ILE A 1104 12.65 -58.71 78.15
CA ILE A 1104 11.20 -58.87 78.28
C ILE A 1104 10.72 -59.78 77.16
N GLY A 1105 9.89 -60.75 77.50
CA GLY A 1105 9.42 -61.73 76.55
C GLY A 1105 10.19 -63.03 76.54
N ILE A 1106 11.06 -63.26 77.52
CA ILE A 1106 11.80 -64.51 77.57
C ILE A 1106 10.84 -65.66 77.82
N VAL A 1107 11.12 -66.81 77.21
CA VAL A 1107 10.41 -68.04 77.54
C VAL A 1107 11.42 -69.04 78.08
N ASN A 1108 10.90 -70.18 78.52
CA ASN A 1108 11.69 -71.22 79.14
C ASN A 1108 11.68 -72.47 78.28
N ASN A 1109 12.85 -73.02 78.01
CA ASN A 1109 12.97 -74.41 77.54
C ASN A 1109 14.44 -74.80 77.63
N THR A 1110 14.75 -75.97 77.08
CA THR A 1110 16.06 -76.57 77.22
C THR A 1110 16.92 -76.33 75.98
N VAL A 1111 18.23 -76.27 76.20
CA VAL A 1111 19.21 -76.08 75.15
C VAL A 1111 20.14 -77.29 75.16
N TYR A 1112 20.32 -77.92 74.01
CA TYR A 1112 21.03 -79.18 73.93
C TYR A 1112 22.53 -78.95 73.75
N ASP A 1113 23.33 -79.57 74.62
CA ASP A 1113 24.77 -79.56 74.49
C ASP A 1113 25.22 -80.88 73.89
N PRO A 1114 25.83 -80.89 72.70
CA PRO A 1114 26.12 -82.17 72.04
C PRO A 1114 27.05 -83.10 72.80
N LEU A 1115 27.95 -82.58 73.62
CA LEU A 1115 28.98 -83.43 74.22
C LEU A 1115 28.40 -84.39 75.25
N GLN A 1116 27.45 -83.92 76.06
CA GLN A 1116 26.96 -84.75 77.17
C GLN A 1116 26.33 -86.05 76.71
N PRO A 1117 25.40 -86.08 75.74
CA PRO A 1117 24.82 -87.38 75.37
C PRO A 1117 25.84 -88.38 74.85
N GLU A 1118 26.84 -87.93 74.10
CA GLU A 1118 27.80 -88.86 73.54
C GLU A 1118 28.86 -89.28 74.55
N LEU A 1119 29.20 -88.42 75.51
CA LEU A 1119 30.24 -88.77 76.47
C LEU A 1119 29.85 -89.99 77.31
N ASP A 1120 28.61 -90.03 77.77
CA ASP A 1120 28.15 -91.16 78.57
C ASP A 1120 27.14 -92.00 77.80
N ALA B 1 14.74 31.68 56.66
CA ALA B 1 14.53 30.52 57.53
C ALA B 1 14.42 29.24 56.72
N TYR B 2 14.81 28.12 57.33
CA TYR B 2 14.73 26.82 56.69
C TYR B 2 14.30 25.79 57.72
N THR B 3 13.61 24.74 57.24
CA THR B 3 13.21 23.62 58.07
C THR B 3 13.26 22.36 57.22
N ASN B 4 12.95 21.22 57.83
CA ASN B 4 13.04 19.94 57.16
C ASN B 4 11.66 19.34 57.00
N SER B 5 11.32 18.98 55.76
CA SER B 5 10.05 18.33 55.44
C SER B 5 10.27 16.83 55.59
N PHE B 6 9.88 16.28 56.73
CA PHE B 6 10.26 14.91 57.04
C PHE B 6 9.64 13.91 56.09
N THR B 7 8.32 13.70 56.19
CA THR B 7 7.65 12.68 55.38
C THR B 7 6.31 13.21 54.88
N ARG B 8 6.27 14.49 54.49
CA ARG B 8 5.06 15.14 54.05
C ARG B 8 5.04 15.28 52.53
N GLY B 9 3.86 15.60 52.00
CA GLY B 9 3.71 15.90 50.59
C GLY B 9 3.51 14.69 49.70
N VAL B 10 2.57 13.82 50.07
CA VAL B 10 2.29 12.61 49.32
C VAL B 10 0.82 12.63 48.91
N TYR B 11 0.58 12.58 47.61
CA TYR B 11 -0.76 12.57 47.04
C TYR B 11 -0.98 11.27 46.28
N TYR B 12 -2.15 11.15 45.68
CA TYR B 12 -2.51 9.94 44.94
C TYR B 12 -2.17 10.12 43.48
N PRO B 13 -1.34 9.26 42.90
CA PRO B 13 -1.00 9.41 41.48
C PRO B 13 -2.21 9.35 40.57
N ASP B 14 -3.22 8.57 40.93
CA ASP B 14 -4.40 8.43 40.11
C ASP B 14 -5.57 8.03 41.01
N LYS B 15 -6.70 7.74 40.39
CA LYS B 15 -7.93 7.51 41.12
C LYS B 15 -8.17 6.04 41.42
N VAL B 16 -7.23 5.17 41.03
CA VAL B 16 -7.41 3.73 41.18
C VAL B 16 -7.52 3.37 42.65
N PHE B 17 -8.40 2.42 42.96
CA PHE B 17 -8.48 1.83 44.29
C PHE B 17 -7.67 0.54 44.31
N ARG B 18 -6.87 0.36 45.34
CA ARG B 18 -6.06 -0.84 45.48
C ARG B 18 -6.24 -1.42 46.87
N SER B 19 -6.61 -2.68 46.95
CA SER B 19 -6.95 -3.29 48.23
C SER B 19 -5.77 -3.31 49.19
N SER B 20 -4.78 -4.15 48.92
CA SER B 20 -3.66 -4.25 49.84
C SER B 20 -2.33 -4.37 49.13
N VAL B 21 -2.30 -4.37 47.80
CA VAL B 21 -1.05 -4.45 47.09
C VAL B 21 -0.18 -3.26 47.47
N LEU B 22 1.10 -3.52 47.67
CA LEU B 22 2.05 -2.47 48.04
C LEU B 22 2.63 -1.93 46.73
N HIS B 23 1.98 -0.90 46.19
CA HIS B 23 2.18 -0.48 44.81
C HIS B 23 3.32 0.52 44.69
N SER B 24 4.08 0.41 43.61
CA SER B 24 5.21 1.30 43.35
C SER B 24 4.90 2.16 42.13
N THR B 25 5.00 3.47 42.29
CA THR B 25 4.70 4.41 41.23
C THR B 25 5.95 5.19 40.82
N GLN B 26 5.76 6.14 39.91
CA GLN B 26 6.87 6.97 39.43
C GLN B 26 6.26 8.27 38.93
N ASP B 27 6.43 9.34 39.69
CA ASP B 27 5.78 10.60 39.38
C ASP B 27 6.53 11.72 40.09
N LEU B 28 5.93 12.91 40.12
CA LEU B 28 6.55 14.09 40.71
C LEU B 28 6.14 14.18 42.17
N PHE B 29 7.10 13.96 43.07
CA PHE B 29 6.86 13.94 44.50
C PHE B 29 7.82 14.87 45.21
N LEU B 30 7.42 15.28 46.42
CA LEU B 30 8.31 16.05 47.27
C LEU B 30 9.29 15.11 47.95
N PRO B 31 10.60 15.27 47.74
CA PRO B 31 11.55 14.33 48.32
C PRO B 31 11.50 14.35 49.85
N PHE B 32 11.71 13.18 50.45
CA PHE B 32 11.73 13.10 51.89
C PHE B 32 12.95 13.81 52.45
N PHE B 33 12.76 14.52 53.55
CA PHE B 33 13.85 15.18 54.28
C PHE B 33 14.58 16.19 53.41
N SER B 34 13.87 17.26 53.03
CA SER B 34 14.42 18.38 52.29
C SER B 34 14.08 19.68 52.98
N ASN B 35 14.81 20.75 52.64
CA ASN B 35 14.46 22.07 53.13
C ASN B 35 13.14 22.57 52.57
N VAL B 36 12.32 23.12 53.44
CA VAL B 36 11.22 24.01 53.10
C VAL B 36 11.68 25.42 53.47
N THR B 37 11.11 26.41 52.81
CA THR B 37 11.64 27.77 52.86
C THR B 37 10.67 28.63 53.67
N TRP B 38 10.32 28.14 54.86
CA TRP B 38 9.16 28.65 55.58
C TRP B 38 9.32 30.10 55.98
N PHE B 39 8.20 30.81 55.97
CA PHE B 39 8.13 32.26 56.14
C PHE B 39 7.37 32.60 57.41
N HIS B 40 7.16 33.90 57.62
CA HIS B 40 6.51 34.40 58.82
C HIS B 40 5.36 35.33 58.44
N ALA B 41 4.38 35.41 59.32
CA ALA B 41 3.25 36.32 59.15
C ALA B 41 3.14 37.27 60.34
N ASN B 55 6.71 38.85 51.47
CA ASN B 55 6.50 37.51 50.95
C ASN B 55 6.65 37.52 49.43
N PRO B 56 7.90 37.41 48.97
CA PRO B 56 8.18 37.67 47.55
C PRO B 56 7.58 36.64 46.60
N VAL B 57 7.89 36.79 45.32
CA VAL B 57 7.43 35.87 44.29
C VAL B 57 8.35 34.66 44.26
N LEU B 58 7.78 33.48 44.00
CA LEU B 58 8.51 32.23 43.98
C LEU B 58 8.34 31.52 42.65
N PRO B 59 9.41 30.95 42.09
CA PRO B 59 9.31 30.31 40.77
C PRO B 59 8.60 28.96 40.84
N PHE B 60 7.71 28.72 39.90
CA PHE B 60 6.91 27.50 39.81
C PHE B 60 7.52 26.64 38.72
N ASN B 61 8.44 25.74 39.08
CA ASN B 61 9.20 25.01 38.07
C ASN B 61 8.41 23.84 37.51
N ASP B 62 8.11 22.85 38.34
CA ASP B 62 7.34 21.69 37.91
C ASP B 62 6.25 21.33 38.91
N GLY B 63 5.87 22.24 39.78
CA GLY B 63 4.93 21.95 40.84
C GLY B 63 5.51 22.29 42.18
N VAL B 64 4.67 22.71 43.13
CA VAL B 64 5.14 23.13 44.43
C VAL B 64 4.30 22.44 45.50
N TYR B 65 4.85 22.37 46.70
CA TYR B 65 4.13 21.93 47.89
C TYR B 65 3.92 23.13 48.78
N PHE B 66 2.66 23.46 49.05
CA PHE B 66 2.31 24.59 49.87
C PHE B 66 1.64 24.07 51.14
N ALA B 67 2.12 24.51 52.29
CA ALA B 67 1.54 24.13 53.56
C ALA B 67 1.40 25.37 54.44
N SER B 68 0.44 25.31 55.37
CA SER B 68 0.16 26.45 56.24
C SER B 68 -0.17 25.96 57.63
N THR B 69 0.34 26.67 58.63
CA THR B 69 0.01 26.41 60.02
C THR B 69 -0.45 27.72 60.66
N GLU B 70 -1.69 27.72 61.15
CA GLU B 70 -2.28 28.89 61.80
C GLU B 70 -3.33 28.43 62.80
N LYS B 71 -3.77 29.37 63.63
CA LYS B 71 -4.94 29.18 64.48
C LYS B 71 -6.11 30.06 64.07
N SER B 72 -5.88 31.07 63.25
CA SER B 72 -6.92 31.98 62.79
C SER B 72 -6.92 32.02 61.26
N ASN B 73 -8.09 32.27 60.69
CA ASN B 73 -8.25 32.25 59.24
C ASN B 73 -7.63 33.49 58.62
N ILE B 74 -6.30 33.57 58.65
CA ILE B 74 -5.58 34.72 58.09
C ILE B 74 -4.94 34.40 56.75
N ILE B 75 -4.62 33.14 56.47
CA ILE B 75 -4.02 32.75 55.20
C ILE B 75 -5.13 32.62 54.15
N ARG B 76 -4.87 33.18 52.96
CA ARG B 76 -5.89 33.24 51.92
C ARG B 76 -5.32 32.68 50.61
N GLY B 77 -6.02 32.92 49.51
CA GLY B 77 -5.71 32.29 48.25
C GLY B 77 -4.38 32.63 47.58
N TRP B 78 -4.27 32.31 46.30
CA TRP B 78 -3.01 32.37 45.57
C TRP B 78 -3.24 33.05 44.22
N ILE B 79 -2.15 33.52 43.63
CA ILE B 79 -2.15 34.05 42.27
C ILE B 79 -1.02 33.40 41.50
N PHE B 80 -1.32 32.87 40.32
CA PHE B 80 -0.34 32.21 39.47
C PHE B 80 -0.23 32.95 38.15
N GLY B 81 0.83 32.66 37.39
CA GLY B 81 1.00 33.28 36.09
C GLY B 81 2.31 32.87 35.47
N THR B 82 2.60 33.48 34.32
CA THR B 82 3.83 33.21 33.59
C THR B 82 4.74 34.43 33.43
N THR B 83 4.19 35.64 33.48
CA THR B 83 5.00 36.85 33.41
C THR B 83 4.75 37.71 34.63
N LEU B 84 3.52 37.67 35.14
CA LEU B 84 3.12 38.41 36.32
C LEU B 84 3.28 39.92 36.13
N ASP B 85 3.19 40.37 34.89
CA ASP B 85 3.27 41.80 34.60
C ASP B 85 2.00 42.36 33.95
N SER B 86 1.56 41.80 32.82
CA SER B 86 0.42 42.37 32.11
C SER B 86 -0.03 41.52 30.93
N LYS B 87 -1.35 41.40 30.74
CA LYS B 87 -1.93 40.82 29.54
C LYS B 87 -1.44 39.41 29.27
N THR B 88 -1.74 38.49 30.19
CA THR B 88 -1.42 37.09 29.99
C THR B 88 -2.34 36.22 30.83
N GLN B 89 -2.39 34.93 30.51
CA GLN B 89 -3.18 33.99 31.29
C GLN B 89 -2.65 33.92 32.71
N SER B 90 -3.54 33.90 33.69
CA SER B 90 -3.12 33.93 35.08
C SER B 90 -4.21 33.37 35.97
N LEU B 91 -3.88 32.30 36.69
CA LEU B 91 -4.78 31.74 37.69
C LEU B 91 -4.96 32.74 38.83
N LEU B 92 -6.13 32.67 39.48
CA LEU B 92 -6.38 33.52 40.64
C LEU B 92 -7.43 32.81 41.51
N ILE B 93 -6.96 32.23 42.60
CA ILE B 93 -7.83 31.57 43.57
C ILE B 93 -7.79 32.39 44.85
N VAL B 94 -8.97 32.77 45.35
CA VAL B 94 -9.06 33.56 46.57
C VAL B 94 -10.16 33.02 47.47
N ASN B 95 -10.37 33.67 48.61
CA ASN B 95 -11.40 33.25 49.56
C ASN B 95 -11.80 34.37 50.52
N ASN B 96 -13.11 34.58 50.64
CA ASN B 96 -13.65 35.60 51.53
C ASN B 96 -14.03 35.01 52.88
N ALA B 97 -15.12 35.50 53.46
CA ALA B 97 -15.59 35.00 54.74
C ALA B 97 -16.16 33.60 54.55
N THR B 98 -16.79 33.39 53.40
CA THR B 98 -17.39 32.11 53.05
C THR B 98 -17.42 31.98 51.53
N ASN B 99 -18.10 30.94 51.04
CA ASN B 99 -18.24 30.65 49.60
C ASN B 99 -17.00 30.91 48.73
N VAL B 100 -16.01 30.03 48.87
CA VAL B 100 -14.74 30.12 48.13
C VAL B 100 -14.96 30.35 46.63
N VAL B 101 -14.41 31.47 46.14
CA VAL B 101 -14.55 31.81 44.73
C VAL B 101 -13.24 31.66 43.95
N ILE B 102 -13.34 31.06 42.77
CA ILE B 102 -12.18 30.85 41.90
C ILE B 102 -12.39 31.62 40.61
N LYS B 103 -11.41 32.44 40.25
CA LYS B 103 -11.53 33.36 39.12
C LYS B 103 -10.27 33.17 38.28
N VAL B 104 -10.39 32.45 37.18
CA VAL B 104 -9.22 32.01 36.45
C VAL B 104 -9.30 32.42 34.99
N CYS B 105 -8.61 33.51 34.65
CA CYS B 105 -8.74 34.10 33.33
C CYS B 105 -7.48 34.88 32.99
N GLU B 106 -7.36 35.25 31.71
CA GLU B 106 -6.27 36.13 31.29
C GLU B 106 -6.76 37.56 31.45
N PHE B 107 -6.08 38.34 32.29
CA PHE B 107 -6.54 39.70 32.53
C PHE B 107 -5.38 40.53 33.08
N GLN B 108 -5.63 41.81 33.35
CA GLN B 108 -4.67 42.68 34.00
C GLN B 108 -4.91 42.60 35.51
N PHE B 109 -4.40 41.54 36.11
CA PHE B 109 -4.27 41.49 37.56
C PHE B 109 -3.41 42.65 38.05
N CYS B 110 -3.85 43.26 39.15
CA CYS B 110 -3.29 44.53 39.57
C CYS B 110 -1.98 44.38 40.33
N ASN B 111 -2.04 43.71 41.49
CA ASN B 111 -0.96 43.76 42.46
C ASN B 111 -1.03 42.55 43.38
N ASP B 112 -0.48 42.67 44.60
CA ASP B 112 -0.64 41.69 45.67
C ASP B 112 -1.63 42.22 46.71
N PRO B 113 -2.93 41.89 46.56
CA PRO B 113 -3.96 42.40 47.50
C PRO B 113 -3.97 41.71 48.86
N PHE B 114 -3.13 42.17 49.78
CA PHE B 114 -3.22 41.64 51.13
C PHE B 114 -4.58 42.00 51.69
N LEU B 115 -5.20 41.04 52.39
CA LEU B 115 -6.52 41.29 52.93
C LEU B 115 -6.44 42.11 54.21
N GLY B 116 -7.38 43.04 54.36
CA GLY B 116 -7.45 43.84 55.57
C GLY B 116 -8.74 43.59 56.30
N VAL B 117 -8.64 43.06 57.53
CA VAL B 117 -9.80 42.69 58.34
C VAL B 117 -10.75 43.88 58.51
N MET B 127 -13.67 42.30 62.96
CA MET B 127 -14.82 42.75 62.19
C MET B 127 -14.65 42.38 60.72
N GLU B 128 -15.76 42.33 59.99
CA GLU B 128 -15.77 41.86 58.60
C GLU B 128 -15.92 43.06 57.67
N SER B 129 -14.78 43.57 57.18
CA SER B 129 -14.79 44.61 56.15
C SER B 129 -13.52 44.43 55.33
N GLU B 130 -13.63 43.68 54.23
CA GLU B 130 -12.46 43.22 53.48
C GLU B 130 -12.77 43.33 52.00
N PHE B 131 -12.33 44.42 51.35
CA PHE B 131 -12.54 44.57 49.91
C PHE B 131 -11.38 45.39 49.32
N ARG B 132 -10.32 44.70 48.93
CA ARG B 132 -9.23 45.25 48.12
C ARG B 132 -8.69 44.08 47.30
N VAL B 133 -9.19 43.92 46.08
CA VAL B 133 -8.85 42.74 45.29
C VAL B 133 -8.24 43.12 43.94
N TYR B 134 -9.02 43.82 43.12
CA TYR B 134 -8.62 44.09 41.74
C TYR B 134 -9.23 45.40 41.26
N SER B 135 -8.74 45.85 40.10
CA SER B 135 -9.24 47.07 39.48
C SER B 135 -9.39 46.97 37.97
N SER B 136 -9.29 45.78 37.37
CA SER B 136 -9.32 45.65 35.92
C SER B 136 -10.18 44.46 35.52
N ALA B 137 -10.86 44.59 34.38
CA ALA B 137 -11.65 43.52 33.81
C ALA B 137 -11.57 43.53 32.29
N ASN B 138 -11.39 42.35 31.72
CA ASN B 138 -11.28 42.18 30.26
C ASN B 138 -11.79 40.78 29.92
N ASN B 139 -11.31 40.24 28.79
CA ASN B 139 -11.90 39.04 28.20
C ASN B 139 -11.62 37.80 29.04
N CYS B 140 -12.31 37.69 30.16
CA CYS B 140 -12.22 36.52 31.02
C CYS B 140 -12.80 35.30 30.31
N THR B 141 -12.29 34.12 30.68
CA THR B 141 -12.67 32.88 30.04
C THR B 141 -13.25 31.84 30.99
N PHE B 142 -13.16 32.02 32.30
CA PHE B 142 -13.66 31.01 33.23
C PHE B 142 -14.11 31.67 34.52
N GLU B 143 -15.05 31.01 35.20
CA GLU B 143 -15.58 31.52 36.46
C GLU B 143 -15.94 30.35 37.35
N TYR B 144 -15.99 30.63 38.66
CA TYR B 144 -16.38 29.63 39.65
C TYR B 144 -16.84 30.35 40.91
N VAL B 145 -17.98 29.93 41.44
CA VAL B 145 -18.48 30.41 42.73
C VAL B 145 -19.00 29.22 43.51
N SER B 146 -18.60 29.10 44.77
CA SER B 146 -19.07 28.02 45.63
C SER B 146 -20.20 28.50 46.52
N LYS B 161 -3.85 25.98 65.16
CA LYS B 161 -4.16 24.66 65.68
C LYS B 161 -4.67 23.74 64.57
N ASN B 162 -4.40 24.15 63.33
CA ASN B 162 -4.77 23.37 62.15
C ASN B 162 -3.63 23.40 61.15
N LEU B 163 -3.61 22.41 60.27
CA LEU B 163 -2.60 22.29 59.23
C LEU B 163 -3.28 22.01 57.90
N ARG B 164 -3.12 22.92 56.94
CA ARG B 164 -3.65 22.75 55.60
C ARG B 164 -2.50 22.77 54.61
N GLU B 165 -2.48 21.79 53.71
CA GLU B 165 -1.41 21.68 52.74
C GLU B 165 -1.99 21.39 51.35
N PHE B 166 -1.31 21.89 50.34
CA PHE B 166 -1.77 21.80 48.96
C PHE B 166 -0.62 21.42 48.06
N VAL B 167 -0.94 20.79 46.93
CA VAL B 167 0.02 20.50 45.89
C VAL B 167 -0.58 20.96 44.56
N PHE B 168 0.19 21.73 43.81
CA PHE B 168 -0.24 22.27 42.53
C PHE B 168 0.65 21.72 41.44
N LYS B 169 0.05 21.21 40.37
CA LYS B 169 0.78 20.68 39.23
C LYS B 169 0.17 21.22 37.94
N ASN B 170 1.02 21.53 36.98
CA ASN B 170 0.59 22.05 35.68
C ASN B 170 1.03 21.06 34.61
N ILE B 171 0.12 20.17 34.24
CA ILE B 171 0.40 19.09 33.30
C ILE B 171 -0.61 19.19 32.16
N ASP B 172 -0.10 19.33 30.93
CA ASP B 172 -0.91 19.32 29.72
C ASP B 172 -2.14 20.20 29.87
N GLY B 173 -1.90 21.44 30.24
CA GLY B 173 -2.99 22.39 30.37
C GLY B 173 -3.98 22.03 31.43
N TYR B 174 -3.65 21.11 32.32
CA TYR B 174 -4.50 20.74 33.44
C TYR B 174 -3.85 21.21 34.73
N PHE B 175 -4.66 21.80 35.60
CA PHE B 175 -4.20 22.29 36.89
C PHE B 175 -4.87 21.44 37.96
N LYS B 176 -4.10 20.56 38.60
CA LYS B 176 -4.64 19.66 39.61
C LYS B 176 -4.28 20.18 41.00
N ILE B 177 -5.22 20.03 41.93
CA ILE B 177 -5.05 20.48 43.30
C ILE B 177 -5.40 19.33 44.23
N TYR B 178 -4.53 19.10 45.22
CA TYR B 178 -4.76 18.10 46.25
C TYR B 178 -4.74 18.80 47.60
N SER B 179 -5.64 18.41 48.50
CA SER B 179 -5.76 19.12 49.76
C SER B 179 -6.02 18.12 50.89
N LYS B 180 -5.65 18.53 52.10
CA LYS B 180 -5.90 17.72 53.28
C LYS B 180 -5.91 18.62 54.51
N HIS B 181 -6.78 18.28 55.46
CA HIS B 181 -6.88 18.99 56.74
C HIS B 181 -6.27 18.14 57.84
N THR B 182 -5.56 18.79 58.77
CA THR B 182 -4.95 18.07 59.87
C THR B 182 -4.96 18.92 61.14
N PRO B 183 -5.61 18.49 62.21
CA PRO B 183 -5.57 19.24 63.45
C PRO B 183 -4.23 19.07 64.17
N ILE B 184 -3.71 20.17 64.70
CA ILE B 184 -2.43 20.19 65.39
C ILE B 184 -2.57 20.99 66.67
N ASN B 185 -1.61 20.81 67.57
CA ASN B 185 -1.56 21.57 68.82
C ASN B 185 -0.39 22.53 68.88
N LEU B 186 0.78 22.14 68.40
CA LEU B 186 1.90 23.05 68.28
C LEU B 186 1.89 23.70 66.90
N VAL B 187 2.18 25.00 66.86
CA VAL B 187 2.09 25.77 65.62
C VAL B 187 3.41 26.38 65.20
N ARG B 188 4.48 26.25 65.98
CA ARG B 188 5.76 26.83 65.61
C ARG B 188 6.66 25.86 64.86
N ASP B 189 6.24 24.61 64.68
CA ASP B 189 7.04 23.61 64.00
C ASP B 189 6.13 22.81 63.07
N LEU B 190 6.75 22.19 62.07
CA LEU B 190 6.01 21.32 61.16
C LEU B 190 5.86 19.94 61.80
N PRO B 191 4.65 19.45 62.01
CA PRO B 191 4.47 18.22 62.77
C PRO B 191 5.01 16.99 62.04
N GLN B 192 5.29 15.97 62.84
CA GLN B 192 5.76 14.68 62.33
C GLN B 192 4.58 13.76 62.13
N GLY B 193 4.52 13.12 60.96
CA GLY B 193 3.46 12.18 60.67
C GLY B 193 3.22 12.08 59.19
N PHE B 194 2.34 11.14 58.84
CA PHE B 194 2.01 10.86 57.45
C PHE B 194 0.53 11.03 57.22
N SER B 195 0.20 11.62 56.08
CA SER B 195 -1.19 11.77 55.65
C SER B 195 -1.21 11.92 54.14
N ALA B 196 -2.08 11.15 53.49
CA ALA B 196 -2.24 11.25 52.05
C ALA B 196 -3.03 12.51 51.69
N LEU B 197 -2.87 12.94 50.44
CA LEU B 197 -3.33 14.24 49.98
C LEU B 197 -4.42 14.03 48.94
N GLU B 198 -5.66 13.87 49.40
CA GLU B 198 -6.76 13.47 48.54
C GLU B 198 -7.00 14.52 47.46
N PRO B 199 -7.21 14.11 46.19
CA PRO B 199 -7.38 15.09 45.12
C PRO B 199 -8.60 15.96 45.33
N LEU B 200 -8.47 17.24 45.01
CA LEU B 200 -9.53 18.20 45.23
C LEU B 200 -10.27 18.56 43.94
N VAL B 201 -9.56 19.12 42.95
CA VAL B 201 -10.18 19.62 41.74
C VAL B 201 -9.24 19.45 40.56
N ASP B 202 -9.72 19.81 39.36
CA ASP B 202 -8.90 19.87 38.17
C ASP B 202 -9.51 20.89 37.21
N LEU B 203 -8.65 21.61 36.49
CA LEU B 203 -9.09 22.65 35.57
C LEU B 203 -8.41 22.49 34.23
N PRO B 204 -9.14 22.66 33.12
CA PRO B 204 -8.57 22.39 31.80
C PRO B 204 -7.88 23.57 31.16
N ILE B 205 -7.60 24.62 31.91
CA ILE B 205 -7.09 25.85 31.32
C ILE B 205 -5.65 25.64 30.87
N GLY B 206 -5.41 25.81 29.57
CA GLY B 206 -4.06 25.72 29.05
C GLY B 206 -3.24 26.93 29.42
N ILE B 207 -2.14 26.72 30.16
CA ILE B 207 -1.32 27.80 30.66
C ILE B 207 0.05 27.22 31.01
N ASN B 208 1.06 28.07 31.00
CA ASN B 208 2.42 27.68 31.37
C ASN B 208 2.86 28.54 32.54
N ILE B 209 2.46 28.15 33.74
CA ILE B 209 2.75 28.92 34.94
C ILE B 209 4.23 28.84 35.26
N THR B 210 4.80 29.93 35.75
CA THR B 210 6.22 29.95 36.08
C THR B 210 6.49 30.53 37.47
N ARG B 211 5.60 31.39 37.96
CA ARG B 211 5.74 31.95 39.30
C ARG B 211 4.36 32.11 39.92
N PHE B 212 4.34 32.45 41.20
CA PHE B 212 3.07 32.61 41.90
C PHE B 212 3.26 33.53 43.11
N GLN B 213 2.13 33.83 43.76
CA GLN B 213 2.08 34.73 44.90
C GLN B 213 1.12 34.16 45.94
N THR B 214 1.22 34.66 47.16
CA THR B 214 0.34 34.26 48.25
C THR B 214 -0.33 35.47 48.86
N LEU B 215 -1.47 35.24 49.51
CA LEU B 215 -2.29 36.30 50.07
C LEU B 215 -2.54 36.06 51.55
N LEU B 216 -2.41 37.11 52.35
CA LEU B 216 -2.68 37.08 53.78
C LEU B 216 -3.84 38.00 54.12
N ALA B 217 -4.13 38.10 55.41
CA ALA B 217 -5.24 38.89 55.94
C ALA B 217 -4.79 39.73 57.12
N LEU B 218 -3.70 40.48 56.93
CA LEU B 218 -3.17 41.31 58.01
C LEU B 218 -4.19 42.33 58.46
N HIS B 219 -4.20 42.60 59.76
CA HIS B 219 -5.19 43.46 60.37
C HIS B 219 -4.90 44.93 60.06
N ARG B 220 -5.92 45.77 60.28
CA ARG B 220 -5.84 47.20 60.01
C ARG B 220 -6.26 47.97 61.25
N SER B 221 -5.45 48.94 61.64
CA SER B 221 -5.75 49.77 62.81
C SER B 221 -4.94 51.06 62.79
N ALA B 238 2.51 32.36 58.55
CA ALA B 238 3.43 31.23 58.63
C ALA B 238 3.05 30.15 57.64
N TYR B 239 3.57 30.25 56.41
CA TYR B 239 3.27 29.27 55.39
C TYR B 239 4.55 28.64 54.85
N TYR B 240 4.46 27.36 54.54
CA TYR B 240 5.57 26.51 54.14
C TYR B 240 5.57 26.36 52.62
N VAL B 241 6.76 26.29 52.03
CA VAL B 241 6.85 26.15 50.58
C VAL B 241 7.96 25.16 50.24
N GLY B 242 7.66 24.23 49.35
CA GLY B 242 8.62 23.23 48.94
C GLY B 242 8.38 22.83 47.49
N TYR B 243 9.45 22.39 46.85
CA TYR B 243 9.41 22.00 45.45
C TYR B 243 9.44 20.47 45.33
N LEU B 244 9.01 19.98 44.19
CA LEU B 244 8.87 18.55 43.98
C LEU B 244 9.45 18.12 42.64
N GLN B 245 9.97 16.90 42.61
CA GLN B 245 10.82 16.39 41.56
C GLN B 245 10.38 14.97 41.21
N PRO B 246 10.76 14.46 40.03
CA PRO B 246 10.35 13.10 39.66
C PRO B 246 11.07 12.05 40.49
N ARG B 247 10.30 11.29 41.26
CA ARG B 247 10.84 10.29 42.17
C ARG B 247 10.12 8.96 42.02
N THR B 248 10.44 7.99 42.87
CA THR B 248 9.79 6.68 42.88
C THR B 248 9.48 6.29 44.33
N PHE B 249 8.27 5.81 44.57
CA PHE B 249 7.78 5.59 45.93
C PHE B 249 7.12 4.22 46.03
N LEU B 250 6.85 3.80 47.26
CA LEU B 250 6.22 2.51 47.56
C LEU B 250 4.97 2.67 48.39
N LEU B 251 4.04 3.49 47.93
CA LEU B 251 2.78 3.72 48.61
C LEU B 251 2.16 2.42 49.10
N LYS B 252 1.72 2.42 50.36
CA LYS B 252 0.94 1.34 50.92
C LYS B 252 -0.55 1.58 50.75
N TYR B 253 -1.33 0.54 51.00
CA TYR B 253 -2.79 0.61 51.01
C TYR B 253 -3.29 -0.43 52.00
N ASN B 254 -4.55 -0.30 52.42
CA ASN B 254 -5.04 -1.15 53.49
C ASN B 254 -6.47 -1.67 53.30
N GLU B 255 -6.99 -1.70 52.07
CA GLU B 255 -8.21 -2.41 51.68
C GLU B 255 -9.43 -1.97 52.49
N ASN B 256 -9.22 -1.02 53.38
CA ASN B 256 -10.29 -0.46 54.20
C ASN B 256 -10.26 1.05 54.09
N GLY B 257 -9.59 1.56 53.06
CA GLY B 257 -9.30 2.97 52.94
C GLY B 257 -8.09 3.27 52.08
N THR B 258 -7.17 4.06 52.63
CA THR B 258 -6.22 4.83 51.85
C THR B 258 -4.78 4.49 52.21
N ILE B 259 -3.86 5.29 51.65
CA ILE B 259 -2.43 5.13 51.92
C ILE B 259 -2.16 5.31 53.40
N THR B 260 -1.30 4.44 53.94
CA THR B 260 -0.88 4.52 55.33
C THR B 260 0.60 4.79 55.50
N ASP B 261 1.44 4.40 54.56
CA ASP B 261 2.86 4.66 54.67
C ASP B 261 3.49 4.60 53.28
N ALA B 262 4.67 5.20 53.15
CA ALA B 262 5.39 5.21 51.90
C ALA B 262 6.88 5.27 52.19
N VAL B 263 7.68 4.85 51.22
CA VAL B 263 9.13 4.95 51.30
C VAL B 263 9.66 5.49 49.98
N ASP B 264 10.56 6.47 50.06
CA ASP B 264 11.17 7.07 48.87
C ASP B 264 12.41 6.25 48.54
N CYS B 265 12.32 5.41 47.53
CA CYS B 265 13.42 4.49 47.26
C CYS B 265 14.50 5.13 46.41
N ALA B 266 14.95 6.30 46.84
CA ALA B 266 16.16 6.92 46.33
C ALA B 266 16.95 7.65 47.41
N LEU B 267 16.53 7.56 48.66
CA LEU B 267 17.14 8.34 49.73
C LEU B 267 18.40 7.67 50.28
N ASP B 268 18.25 6.48 50.85
CA ASP B 268 19.36 5.78 51.47
C ASP B 268 19.37 4.32 51.01
N PRO B 269 20.41 3.54 51.30
CA PRO B 269 20.44 2.15 50.81
C PRO B 269 19.25 1.30 51.20
N LEU B 270 18.72 1.42 52.42
CA LEU B 270 17.55 0.64 52.77
C LEU B 270 16.36 0.98 51.89
N SER B 271 16.21 2.25 51.53
CA SER B 271 15.11 2.60 50.65
C SER B 271 15.24 1.86 49.33
N GLU B 272 16.45 1.82 48.78
CA GLU B 272 16.67 1.11 47.53
C GLU B 272 16.41 -0.39 47.68
N THR B 273 16.85 -0.97 48.81
CA THR B 273 16.65 -2.39 49.02
C THR B 273 15.17 -2.74 49.18
N LYS B 274 14.43 -1.94 49.95
CA LYS B 274 13.00 -2.17 50.10
C LYS B 274 12.30 -2.01 48.76
N CYS B 275 12.69 -1.01 47.99
CA CYS B 275 12.05 -0.74 46.71
C CYS B 275 12.29 -1.89 45.74
N THR B 276 13.48 -2.50 45.80
CA THR B 276 13.76 -3.67 44.98
C THR B 276 12.89 -4.85 45.37
N LEU B 277 12.82 -5.16 46.67
CA LEU B 277 12.03 -6.30 47.13
C LEU B 277 10.54 -6.04 47.12
N LYS B 278 10.11 -4.79 46.95
CA LYS B 278 8.70 -4.41 46.94
C LYS B 278 8.02 -4.81 48.25
N SER B 279 8.71 -4.61 49.37
CA SER B 279 8.14 -4.90 50.67
C SER B 279 8.83 -4.03 51.71
N PHE B 280 8.12 -3.74 52.79
CA PHE B 280 8.64 -2.86 53.82
C PHE B 280 9.55 -3.57 54.82
N THR B 281 9.64 -4.90 54.75
CA THR B 281 10.46 -5.68 55.65
C THR B 281 11.59 -6.35 54.87
N VAL B 282 12.79 -6.28 55.41
CA VAL B 282 13.99 -6.83 54.76
C VAL B 282 14.60 -7.84 55.71
N GLU B 283 14.86 -9.04 55.19
CA GLU B 283 15.46 -10.10 55.99
C GLU B 283 16.97 -10.06 55.87
N LYS B 284 17.64 -10.73 56.81
CA LYS B 284 19.09 -10.72 56.84
C LYS B 284 19.65 -11.33 55.56
N GLY B 285 20.62 -10.66 54.96
CA GLY B 285 21.22 -11.14 53.74
C GLY B 285 21.85 -9.99 52.98
N ILE B 286 22.29 -10.32 51.77
CA ILE B 286 22.91 -9.36 50.86
C ILE B 286 22.05 -9.26 49.61
N TYR B 287 21.71 -8.03 49.23
CA TYR B 287 20.81 -7.77 48.11
C TYR B 287 21.49 -6.86 47.11
N GLN B 288 21.36 -7.20 45.83
CA GLN B 288 21.95 -6.42 44.76
C GLN B 288 20.91 -5.41 44.27
N THR B 289 21.18 -4.13 44.48
CA THR B 289 20.17 -3.09 44.23
C THR B 289 20.29 -2.47 42.84
N SER B 290 21.42 -1.83 42.56
CA SER B 290 21.53 -1.05 41.33
C SER B 290 22.96 -1.14 40.83
N ASN B 291 23.33 -0.22 39.95
CA ASN B 291 24.67 -0.18 39.38
C ASN B 291 25.33 1.16 39.68
N PHE B 292 26.65 1.15 39.71
CA PHE B 292 27.44 2.33 40.00
C PHE B 292 28.20 2.73 38.74
N ARG B 293 27.90 3.92 38.24
CA ARG B 293 28.51 4.41 37.01
C ARG B 293 29.13 5.77 37.27
N VAL B 294 30.39 5.92 36.89
CA VAL B 294 31.10 7.18 37.09
C VAL B 294 30.66 8.17 36.02
N GLN B 295 30.24 9.36 36.45
CA GLN B 295 29.81 10.27 35.41
C GLN B 295 31.00 10.97 34.77
N PRO B 296 30.94 11.23 33.47
CA PRO B 296 32.03 11.94 32.81
C PRO B 296 32.00 13.42 33.14
N THR B 297 33.13 14.08 32.88
CA THR B 297 33.30 15.48 33.20
C THR B 297 34.27 16.11 32.21
N GLU B 298 34.23 17.44 32.13
CA GLU B 298 34.99 18.25 31.18
C GLU B 298 35.05 17.62 29.79
N SER B 299 33.89 17.52 29.15
CA SER B 299 33.81 17.03 27.77
C SER B 299 34.67 17.93 26.88
N ILE B 300 35.74 17.36 26.32
CA ILE B 300 36.70 18.13 25.54
C ILE B 300 36.90 17.46 24.18
N VAL B 301 37.20 18.27 23.17
CA VAL B 301 37.16 17.85 21.78
C VAL B 301 38.48 18.14 21.09
N ARG B 302 38.90 17.22 20.22
CA ARG B 302 40.04 17.39 19.35
C ARG B 302 39.60 17.28 17.89
N PHE B 303 40.09 18.20 17.06
CA PHE B 303 39.95 18.12 15.61
C PHE B 303 41.31 18.17 14.94
N PRO B 304 41.40 17.93 13.62
CA PRO B 304 42.68 18.08 12.93
C PRO B 304 43.22 19.49 13.04
N ASN B 305 44.48 19.65 12.67
CA ASN B 305 45.16 20.93 12.79
C ASN B 305 44.44 22.00 12.00
N ILE B 306 44.83 23.26 12.26
CA ILE B 306 44.20 24.42 11.66
C ILE B 306 44.11 24.23 10.16
N THR B 307 42.88 24.20 9.64
CA THR B 307 42.65 23.87 8.24
C THR B 307 41.74 24.92 7.63
N ASN B 308 41.77 24.99 6.30
CA ASN B 308 40.96 25.96 5.57
C ASN B 308 39.49 25.60 5.64
N LEU B 309 38.67 26.46 5.04
CA LEU B 309 37.22 26.27 5.04
C LEU B 309 36.63 26.01 3.66
N CYS B 310 37.18 26.62 2.61
CA CYS B 310 36.72 26.53 1.22
C CYS B 310 35.19 26.51 1.15
N PRO B 311 34.54 27.64 1.40
CA PRO B 311 33.08 27.64 1.54
C PRO B 311 32.34 27.34 0.25
N PHE B 312 31.01 27.43 0.30
CA PHE B 312 30.16 27.13 -0.84
C PHE B 312 29.79 28.37 -1.65
N GLY B 313 30.44 29.51 -1.38
CA GLY B 313 30.10 30.72 -2.12
C GLY B 313 30.29 30.57 -3.61
N GLU B 314 31.35 29.85 -4.02
CA GLU B 314 31.61 29.67 -5.44
C GLU B 314 30.59 28.74 -6.09
N VAL B 315 29.94 27.88 -5.31
CA VAL B 315 28.97 26.94 -5.87
C VAL B 315 27.56 27.46 -5.61
N PHE B 316 27.40 28.30 -4.59
CA PHE B 316 26.09 28.88 -4.32
C PHE B 316 25.89 30.20 -5.04
N ASN B 317 26.84 31.12 -4.93
CA ASN B 317 26.75 32.43 -5.56
C ASN B 317 27.29 32.43 -6.98
N ALA B 318 27.33 31.27 -7.64
CA ALA B 318 27.81 31.21 -9.00
C ALA B 318 26.88 31.99 -9.93
N THR B 319 27.47 32.73 -10.87
CA THR B 319 26.66 33.54 -11.77
C THR B 319 25.88 32.69 -12.75
N ARG B 320 26.44 31.56 -13.19
CA ARG B 320 25.81 30.70 -14.18
C ARG B 320 25.86 29.26 -13.71
N PHE B 321 24.72 28.59 -13.74
CA PHE B 321 24.64 27.18 -13.39
C PHE B 321 24.78 26.34 -14.65
N ALA B 322 24.45 25.06 -14.56
CA ALA B 322 24.53 24.14 -15.69
C ALA B 322 23.18 23.48 -15.93
N SER B 323 22.97 23.04 -17.17
CA SER B 323 21.75 22.33 -17.51
C SER B 323 21.69 21.00 -16.77
N VAL B 324 20.47 20.54 -16.51
CA VAL B 324 20.29 19.36 -15.65
C VAL B 324 20.89 18.11 -16.31
N TYR B 325 20.80 18.01 -17.63
CA TYR B 325 21.37 16.84 -18.29
C TYR B 325 22.90 16.87 -18.28
N ALA B 326 23.50 18.03 -18.04
CA ALA B 326 24.95 18.15 -17.95
C ALA B 326 25.36 18.71 -16.59
N TRP B 327 24.78 18.16 -15.52
CA TRP B 327 25.03 18.66 -14.18
C TRP B 327 26.50 18.53 -13.80
N ASN B 328 26.98 19.48 -13.01
CA ASN B 328 28.36 19.48 -12.58
C ASN B 328 28.56 18.59 -11.36
N ARG B 329 29.81 18.18 -11.15
CA ARG B 329 30.15 17.31 -10.03
C ARG B 329 31.31 17.95 -9.25
N LYS B 330 31.18 19.21 -8.90
CA LYS B 330 32.22 19.89 -8.14
C LYS B 330 32.39 19.25 -6.77
N ARG B 331 33.49 18.53 -6.57
CA ARG B 331 33.76 17.85 -5.31
C ARG B 331 34.67 18.70 -4.44
N ILE B 332 34.57 18.49 -3.13
CA ILE B 332 35.27 19.29 -2.16
C ILE B 332 36.41 18.47 -1.58
N SER B 333 37.37 19.17 -0.98
CA SER B 333 38.54 18.56 -0.36
C SER B 333 38.53 18.85 1.15
N ASN B 334 39.62 18.51 1.81
CA ASN B 334 39.74 18.70 3.25
C ASN B 334 39.56 20.16 3.67
N CYS B 335 38.50 20.43 4.41
CA CYS B 335 38.19 21.77 4.90
C CYS B 335 37.35 21.64 6.17
N VAL B 336 36.78 22.77 6.59
CA VAL B 336 35.72 22.79 7.60
C VAL B 336 34.61 23.69 7.04
N ALA B 337 33.42 23.11 6.89
CA ALA B 337 32.30 23.79 6.25
C ALA B 337 31.16 23.94 7.24
N ASP B 338 30.71 25.17 7.44
CA ASP B 338 29.66 25.47 8.42
C ASP B 338 28.30 25.34 7.74
N TYR B 339 27.54 24.33 8.15
CA TYR B 339 26.19 24.12 7.63
C TYR B 339 25.14 24.87 8.42
N SER B 340 25.52 25.48 9.55
CA SER B 340 24.55 26.27 10.32
C SER B 340 24.07 27.47 9.52
N VAL B 341 24.98 28.17 8.85
CA VAL B 341 24.60 29.35 8.10
C VAL B 341 23.63 28.99 6.98
N LEU B 342 23.89 27.87 6.29
CA LEU B 342 22.97 27.43 5.25
C LEU B 342 21.60 27.09 5.84
N TYR B 343 21.59 26.43 7.00
CA TYR B 343 20.32 26.09 7.63
C TYR B 343 19.53 27.32 8.03
N ASN B 344 20.21 28.34 8.56
CA ASN B 344 19.56 29.56 8.99
C ASN B 344 19.51 30.62 7.90
N SER B 345 19.73 30.23 6.63
CA SER B 345 19.69 31.21 5.56
C SER B 345 18.29 31.77 5.35
N ALA B 346 17.26 30.98 5.65
CA ALA B 346 15.87 31.42 5.57
C ALA B 346 15.50 31.90 4.17
N SER B 347 16.15 31.32 3.16
CA SER B 347 15.87 31.68 1.78
C SER B 347 15.79 30.47 0.86
N PHE B 348 15.86 29.25 1.39
CA PHE B 348 15.88 28.05 0.58
C PHE B 348 14.53 27.35 0.70
N SER B 349 13.89 27.11 -0.45
CA SER B 349 12.54 26.56 -0.43
C SER B 349 12.51 25.16 0.18
N THR B 350 13.46 24.30 -0.18
CA THR B 350 13.55 22.95 0.36
C THR B 350 14.95 22.69 0.85
N PHE B 351 15.07 22.00 1.98
CA PHE B 351 16.37 21.73 2.58
C PHE B 351 16.43 20.32 3.15
N LYS B 352 15.49 19.45 2.84
CA LYS B 352 15.39 18.18 3.54
C LYS B 352 16.65 17.35 3.38
N CYS B 353 17.11 16.79 4.48
CA CYS B 353 18.21 15.84 4.48
C CYS B 353 17.66 14.43 4.65
N TYR B 354 18.46 13.45 4.24
CA TYR B 354 18.03 12.06 4.34
C TYR B 354 18.88 11.25 5.29
N GLY B 355 20.20 11.23 5.09
CA GLY B 355 21.04 10.46 5.98
C GLY B 355 21.10 11.04 7.38
N VAL B 356 21.14 12.36 7.49
CA VAL B 356 21.44 13.00 8.76
C VAL B 356 20.30 13.92 9.17
N SER B 357 20.49 14.60 10.27
CA SER B 357 19.60 15.66 10.71
C SER B 357 20.23 17.00 10.42
N PRO B 358 19.53 17.93 9.77
CA PRO B 358 20.17 19.20 9.40
C PRO B 358 20.67 19.98 10.60
N THR B 359 19.98 19.91 11.74
CA THR B 359 20.43 20.63 12.92
C THR B 359 21.70 20.04 13.51
N LYS B 360 21.85 18.72 13.46
CA LYS B 360 23.05 18.06 13.96
C LYS B 360 24.16 18.07 12.93
N LEU B 361 23.87 18.54 11.72
CA LEU B 361 24.81 18.39 10.61
C LEU B 361 26.11 19.14 10.87
N ASN B 362 26.05 20.26 11.59
CA ASN B 362 27.25 21.04 11.84
C ASN B 362 28.25 20.30 12.72
N ASP B 363 27.80 19.31 13.49
CA ASP B 363 28.65 18.62 14.44
C ASP B 363 29.27 17.35 13.89
N LEU B 364 28.87 16.91 12.71
CA LEU B 364 29.41 15.68 12.15
C LEU B 364 30.80 15.91 11.60
N CYS B 365 31.34 14.90 10.92
CA CYS B 365 32.71 14.96 10.42
C CYS B 365 32.82 13.91 9.34
N PHE B 366 33.07 14.35 8.09
CA PHE B 366 32.85 13.50 6.94
C PHE B 366 34.15 13.25 6.17
N THR B 367 34.19 12.09 5.51
CA THR B 367 35.36 11.74 4.70
C THR B 367 35.47 12.64 3.47
N ASN B 368 34.38 12.80 2.74
CA ASN B 368 34.37 13.64 1.54
C ASN B 368 32.93 13.99 1.21
N VAL B 369 32.77 15.07 0.46
CA VAL B 369 31.44 15.59 0.13
C VAL B 369 31.42 16.02 -1.33
N TYR B 370 30.34 15.69 -2.02
CA TYR B 370 30.13 16.09 -3.40
C TYR B 370 29.17 17.27 -3.44
N ALA B 371 29.06 17.87 -4.63
CA ALA B 371 28.18 19.03 -4.81
C ALA B 371 27.79 19.12 -6.28
N ASP B 372 26.53 18.83 -6.58
CA ASP B 372 25.99 18.97 -7.92
C ASP B 372 25.07 20.18 -7.99
N SER B 373 25.00 20.78 -9.18
CA SER B 373 24.21 21.99 -9.37
C SER B 373 23.54 21.96 -10.73
N PHE B 374 22.26 22.29 -10.76
CA PHE B 374 21.52 22.35 -12.01
C PHE B 374 20.22 23.12 -11.77
N VAL B 375 19.55 23.45 -12.86
CA VAL B 375 18.33 24.24 -12.83
C VAL B 375 17.18 23.39 -13.33
N ILE B 376 16.09 23.34 -12.58
CA ILE B 376 14.89 22.64 -12.98
C ILE B 376 13.69 23.52 -12.71
N ARG B 377 12.53 23.08 -13.18
CA ARG B 377 11.28 23.80 -13.01
C ARG B 377 10.74 23.56 -11.60
N GLY B 378 9.49 23.95 -11.37
CA GLY B 378 8.95 23.91 -10.03
C GLY B 378 8.21 22.64 -9.66
N ASP B 379 7.54 22.02 -10.63
CA ASP B 379 6.66 20.90 -10.35
C ASP B 379 7.38 19.56 -10.41
N GLU B 380 8.71 19.55 -10.52
CA GLU B 380 9.46 18.30 -10.46
C GLU B 380 10.59 18.35 -9.44
N VAL B 381 10.59 19.34 -8.54
CA VAL B 381 11.55 19.32 -7.44
C VAL B 381 11.30 18.09 -6.57
N ARG B 382 10.04 17.72 -6.40
CA ARG B 382 9.71 16.52 -5.66
C ARG B 382 10.28 15.26 -6.30
N GLN B 383 10.61 15.32 -7.59
CA GLN B 383 11.25 14.17 -8.23
C GLN B 383 12.69 13.99 -7.80
N ILE B 384 13.29 14.96 -7.12
CA ILE B 384 14.66 14.82 -6.63
C ILE B 384 14.55 14.20 -5.25
N ALA B 385 14.46 12.87 -5.24
CA ALA B 385 14.32 12.09 -4.02
C ALA B 385 14.55 10.62 -4.32
N PRO B 386 15.11 9.85 -3.38
CA PRO B 386 15.27 8.41 -3.63
C PRO B 386 13.93 7.72 -3.75
N GLY B 387 13.91 6.67 -4.56
CA GLY B 387 12.69 5.90 -4.77
C GLY B 387 11.57 6.72 -5.37
N GLN B 388 11.90 7.52 -6.39
CA GLN B 388 10.93 8.39 -7.04
C GLN B 388 10.99 8.17 -8.55
N THR B 389 9.83 8.21 -9.19
CA THR B 389 9.72 8.02 -10.62
C THR B 389 9.07 9.24 -11.26
N GLY B 390 9.65 9.70 -12.36
CA GLY B 390 9.10 10.85 -13.07
C GLY B 390 9.74 11.05 -14.43
N LYS B 391 9.96 12.30 -14.80
CA LYS B 391 10.58 12.64 -16.07
C LYS B 391 12.02 13.13 -15.92
N ILE B 392 12.33 13.83 -14.83
CA ILE B 392 13.66 14.37 -14.60
C ILE B 392 14.53 13.41 -13.80
N ALA B 393 13.94 12.37 -13.23
CA ALA B 393 14.68 11.47 -12.35
C ALA B 393 14.86 10.08 -12.91
N ASP B 394 13.92 9.59 -13.74
CA ASP B 394 14.06 8.25 -14.32
C ASP B 394 15.32 8.15 -15.15
N TYR B 395 15.55 9.12 -16.02
CA TYR B 395 16.62 9.08 -16.99
C TYR B 395 17.21 10.45 -17.27
N ASN B 396 17.20 11.33 -16.27
CA ASN B 396 17.97 12.56 -16.34
C ASN B 396 18.83 12.78 -15.10
N TYR B 397 18.33 12.41 -13.91
CA TYR B 397 19.13 12.50 -12.69
C TYR B 397 18.58 11.51 -11.67
N LYS B 398 19.28 10.40 -11.50
CA LYS B 398 18.86 9.33 -10.60
C LYS B 398 19.57 9.42 -9.27
N LEU B 399 18.83 9.17 -8.19
CA LEU B 399 19.35 9.15 -6.84
C LEU B 399 19.18 7.76 -6.26
N PRO B 400 20.24 7.17 -5.68
CA PRO B 400 20.13 5.83 -5.13
C PRO B 400 19.24 5.81 -3.89
N ASP B 401 18.73 4.61 -3.59
CA ASP B 401 17.82 4.46 -2.46
C ASP B 401 18.52 4.83 -1.15
N ASP B 402 19.74 4.34 -0.95
CA ASP B 402 20.46 4.60 0.29
C ASP B 402 21.23 5.92 0.21
N PHE B 403 20.52 6.97 -0.18
CA PHE B 403 21.11 8.30 -0.22
C PHE B 403 21.38 8.77 1.21
N THR B 404 22.52 9.43 1.39
CA THR B 404 22.94 9.89 2.71
C THR B 404 23.45 11.32 2.66
N GLY B 405 22.83 12.14 1.83
CA GLY B 405 23.22 13.52 1.74
C GLY B 405 22.07 14.46 2.05
N CYS B 406 22.09 15.65 1.45
CA CYS B 406 21.04 16.62 1.67
C CYS B 406 20.83 17.42 0.41
N VAL B 407 19.59 17.91 0.23
CA VAL B 407 19.17 18.59 -0.99
C VAL B 407 18.81 20.03 -0.66
N ILE B 408 19.30 20.95 -1.48
CA ILE B 408 19.06 22.38 -1.30
C ILE B 408 18.53 22.95 -2.61
N ALA B 409 17.41 23.67 -2.54
CA ALA B 409 16.87 24.30 -3.73
C ALA B 409 16.11 25.56 -3.33
N TRP B 410 16.15 26.56 -4.19
CA TRP B 410 15.51 27.83 -3.90
C TRP B 410 15.15 28.51 -5.21
N ASN B 411 14.18 29.42 -5.14
CA ASN B 411 13.73 30.13 -6.33
C ASN B 411 14.80 31.07 -6.83
N SER B 412 14.93 31.15 -8.15
CA SER B 412 15.88 32.07 -8.79
C SER B 412 15.23 32.73 -9.99
N ASN B 413 13.95 33.08 -9.87
CA ASN B 413 13.23 33.72 -10.98
C ASN B 413 13.53 35.21 -11.03
N ASN B 414 14.82 35.54 -10.97
CA ASN B 414 15.26 36.92 -11.01
C ASN B 414 16.49 37.16 -11.86
N LEU B 415 17.33 36.16 -12.10
CA LEU B 415 18.48 36.30 -12.98
C LEU B 415 18.50 35.17 -14.02
N ASP B 416 17.95 34.03 -13.65
CA ASP B 416 17.96 32.87 -14.55
C ASP B 416 16.88 32.95 -15.61
N SER B 417 15.91 33.85 -15.46
CA SER B 417 14.87 34.05 -16.45
C SER B 417 15.01 35.43 -17.08
N LYS B 418 14.38 35.60 -18.24
CA LYS B 418 14.35 36.88 -18.92
C LYS B 418 13.16 36.90 -19.85
N VAL B 419 12.79 38.12 -20.28
CA VAL B 419 11.67 38.27 -21.19
C VAL B 419 11.97 37.56 -22.49
N GLY B 420 10.98 36.87 -23.03
CA GLY B 420 11.19 36.04 -24.20
C GLY B 420 11.78 34.69 -23.91
N GLY B 421 11.85 34.29 -22.64
CA GLY B 421 12.39 33.00 -22.28
C GLY B 421 13.90 33.00 -22.23
N ASN B 422 14.45 31.95 -21.62
CA ASN B 422 15.89 31.76 -21.52
C ASN B 422 16.18 30.37 -22.08
N TYR B 423 16.50 30.30 -23.38
CA TYR B 423 16.80 29.04 -24.05
C TYR B 423 18.28 28.69 -23.79
N ASN B 424 18.56 28.37 -22.53
CA ASN B 424 19.91 28.05 -22.13
C ASN B 424 19.98 26.91 -21.13
N TYR B 425 18.86 26.26 -20.81
CA TYR B 425 18.81 25.17 -19.84
C TYR B 425 17.96 24.05 -20.40
N LEU B 426 18.61 23.11 -21.08
CA LEU B 426 17.93 21.99 -21.70
C LEU B 426 17.75 20.85 -20.71
N TYR B 427 16.94 19.87 -21.10
CA TYR B 427 16.78 18.67 -20.29
C TYR B 427 16.37 17.52 -21.19
N ARG B 428 16.97 16.36 -20.96
CA ARG B 428 16.66 15.18 -21.77
C ARG B 428 15.28 14.66 -21.42
N LEU B 429 14.49 14.34 -22.45
CA LEU B 429 13.18 13.75 -22.24
C LEU B 429 12.98 12.43 -22.94
N PHE B 430 13.98 11.91 -23.64
CA PHE B 430 13.89 10.61 -24.28
C PHE B 430 15.17 9.84 -24.02
N ARG B 431 15.04 8.56 -23.69
CA ARG B 431 16.20 7.69 -23.53
C ARG B 431 15.75 6.26 -23.74
N LYS B 432 16.73 5.40 -23.99
CA LYS B 432 16.43 3.99 -24.25
C LYS B 432 15.80 3.33 -23.03
N SER B 433 16.32 3.61 -21.85
CA SER B 433 15.81 3.02 -20.61
C SER B 433 16.09 3.97 -19.46
N ASN B 434 15.80 3.52 -18.24
CA ASN B 434 16.05 4.33 -17.06
C ASN B 434 17.55 4.48 -16.83
N LEU B 435 17.89 5.39 -15.94
CA LEU B 435 19.28 5.76 -15.70
C LEU B 435 19.73 5.25 -14.34
N LYS B 436 20.95 4.73 -14.29
CA LYS B 436 21.52 4.29 -13.02
C LYS B 436 21.89 5.50 -12.16
N PRO B 437 21.89 5.34 -10.84
CA PRO B 437 22.17 6.49 -9.96
C PRO B 437 23.54 7.08 -10.24
N PHE B 438 23.59 8.41 -10.28
CA PHE B 438 24.82 9.18 -10.53
C PHE B 438 25.49 8.73 -11.81
N GLU B 439 24.80 8.91 -12.92
CA GLU B 439 25.33 8.60 -14.24
C GLU B 439 25.08 9.77 -15.17
N ARG B 440 26.14 10.21 -15.85
CA ARG B 440 26.05 11.33 -16.78
C ARG B 440 25.66 10.83 -18.17
N ASP B 441 24.99 11.69 -18.93
CA ASP B 441 24.58 11.34 -20.29
C ASP B 441 24.58 12.62 -21.12
N ILE B 442 25.66 12.87 -21.85
CA ILE B 442 25.77 14.04 -22.71
C ILE B 442 25.58 13.69 -24.18
N SER B 443 25.52 12.40 -24.52
CA SER B 443 25.32 12.00 -25.91
C SER B 443 24.01 12.55 -26.43
N THR B 444 24.05 13.04 -27.67
CA THR B 444 22.90 13.70 -28.30
C THR B 444 22.54 12.97 -29.59
N GLU B 445 22.54 11.64 -29.52
CA GLU B 445 22.12 10.85 -30.66
C GLU B 445 20.60 10.91 -30.81
N ILE B 446 20.14 10.83 -32.06
CA ILE B 446 18.73 11.02 -32.34
C ILE B 446 17.99 9.77 -31.87
N TYR B 447 17.15 9.93 -30.84
CA TYR B 447 16.41 8.79 -30.32
C TYR B 447 15.39 8.29 -31.33
N GLN B 448 15.28 6.97 -31.45
CA GLN B 448 14.32 6.35 -32.34
C GLN B 448 13.37 5.50 -31.52
N ALA B 449 12.07 5.63 -31.78
CA ALA B 449 11.05 4.86 -31.11
C ALA B 449 10.48 3.73 -31.96
N GLY B 450 10.97 3.58 -33.19
CA GLY B 450 10.48 2.57 -34.10
C GLY B 450 11.49 1.48 -34.39
N SER B 451 11.12 0.61 -35.31
CA SER B 451 11.94 -0.53 -35.70
C SER B 451 12.79 -0.25 -36.94
N THR B 452 12.74 0.96 -37.47
CA THR B 452 13.47 1.33 -38.67
C THR B 452 14.58 2.33 -38.35
N PRO B 453 15.71 2.22 -39.04
CA PRO B 453 16.80 3.17 -38.80
C PRO B 453 16.51 4.51 -39.47
N CYS B 454 16.36 5.56 -38.66
CA CYS B 454 16.05 6.88 -39.17
C CYS B 454 17.30 7.71 -39.49
N ASN B 455 18.48 7.10 -39.38
CA ASN B 455 19.70 7.59 -40.01
C ASN B 455 20.20 8.91 -39.45
N GLY B 456 20.00 9.16 -38.15
CA GLY B 456 20.63 10.29 -37.52
C GLY B 456 20.00 11.63 -37.76
N VAL B 457 18.85 11.69 -38.42
CA VAL B 457 18.09 12.92 -38.57
C VAL B 457 16.63 12.63 -38.24
N GLU B 458 15.91 13.69 -37.87
CA GLU B 458 14.55 13.55 -37.39
C GLU B 458 13.66 12.92 -38.45
N GLY B 459 12.54 12.36 -38.00
CA GLY B 459 11.62 11.70 -38.91
C GLY B 459 10.50 11.03 -38.14
N PHE B 460 9.77 10.18 -38.86
CA PHE B 460 8.67 9.45 -38.27
C PHE B 460 9.18 8.57 -37.13
N ASN B 461 8.71 8.85 -35.91
CA ASN B 461 9.14 8.12 -34.72
C ASN B 461 10.66 8.16 -34.58
N CYS B 462 11.24 9.32 -34.86
CA CYS B 462 12.66 9.58 -34.74
C CYS B 462 12.89 10.88 -33.99
N TYR B 463 12.25 11.00 -32.84
CA TYR B 463 12.26 12.23 -32.07
C TYR B 463 13.68 12.63 -31.68
N PHE B 464 13.80 13.85 -31.17
CA PHE B 464 15.01 14.40 -30.57
C PHE B 464 14.96 14.23 -29.06
N PRO B 465 16.08 13.95 -28.39
CA PRO B 465 16.02 13.64 -26.95
C PRO B 465 16.06 14.86 -26.04
N LEU B 466 16.28 16.06 -26.54
CA LEU B 466 16.42 17.22 -25.68
C LEU B 466 15.21 18.14 -25.80
N GLN B 467 15.09 19.05 -24.84
CA GLN B 467 13.99 20.00 -24.79
C GLN B 467 14.39 21.16 -23.91
N SER B 468 14.11 22.37 -24.37
CA SER B 468 14.54 23.57 -23.66
C SER B 468 13.48 24.03 -22.67
N TYR B 469 13.88 25.00 -21.85
CA TYR B 469 12.99 25.72 -20.94
C TYR B 469 12.71 27.11 -21.47
N GLY B 470 11.44 27.41 -21.70
CA GLY B 470 11.03 28.76 -21.98
C GLY B 470 10.73 29.51 -20.71
N PHE B 471 11.79 29.86 -19.96
CA PHE B 471 11.61 30.53 -18.68
C PHE B 471 11.12 31.96 -18.84
N GLN B 472 9.84 32.13 -18.86
CA GLN B 472 9.31 33.47 -18.94
C GLN B 472 9.29 34.11 -17.55
N PRO B 473 9.52 35.42 -17.48
CA PRO B 473 9.38 36.11 -16.18
C PRO B 473 7.98 36.03 -15.62
N THR B 474 6.96 35.97 -16.48
CA THR B 474 5.57 35.85 -16.05
C THR B 474 5.14 34.40 -16.17
N ASN B 475 5.59 33.58 -15.21
CA ASN B 475 5.25 32.17 -15.17
C ASN B 475 4.62 31.84 -13.83
N GLY B 476 3.63 30.95 -13.86
CA GLY B 476 2.92 30.59 -12.65
C GLY B 476 3.76 29.70 -11.75
N VAL B 477 3.21 29.43 -10.56
CA VAL B 477 3.91 28.60 -9.59
C VAL B 477 4.13 27.22 -10.17
N GLY B 478 5.32 26.67 -9.91
CA GLY B 478 5.71 25.40 -10.49
C GLY B 478 6.30 25.49 -11.87
N TYR B 479 6.43 26.70 -12.43
CA TYR B 479 7.01 26.89 -13.75
C TYR B 479 8.22 27.80 -13.72
N GLN B 480 8.70 28.12 -12.54
CA GLN B 480 9.80 29.05 -12.36
C GLN B 480 11.12 28.31 -12.20
N PRO B 481 12.24 28.94 -12.55
CA PRO B 481 13.54 28.27 -12.39
C PRO B 481 13.89 28.10 -10.92
N TYR B 482 14.22 26.86 -10.56
CA TYR B 482 14.65 26.53 -9.20
C TYR B 482 16.09 26.05 -9.25
N ARG B 483 17.02 26.89 -8.85
CA ARG B 483 18.40 26.44 -8.74
C ARG B 483 18.50 25.37 -7.68
N VAL B 484 19.13 24.25 -8.01
CA VAL B 484 19.21 23.09 -7.13
C VAL B 484 20.67 22.77 -6.88
N VAL B 485 21.03 22.59 -5.61
CA VAL B 485 22.36 22.16 -5.22
C VAL B 485 22.19 20.92 -4.35
N VAL B 486 22.80 19.83 -4.77
CA VAL B 486 22.69 18.56 -4.05
C VAL B 486 24.03 18.25 -3.40
N LEU B 487 24.00 17.99 -2.09
CA LEU B 487 25.19 17.62 -1.34
C LEU B 487 25.12 16.15 -0.98
N SER B 488 26.20 15.42 -1.27
CA SER B 488 26.27 14.01 -0.97
C SER B 488 27.48 13.74 -0.07
N PHE B 489 27.23 13.08 1.05
CA PHE B 489 28.27 12.70 1.99
C PHE B 489 28.48 11.19 1.92
N GLU B 490 29.50 10.73 2.65
CA GLU B 490 29.76 9.29 2.73
C GLU B 490 30.54 8.98 4.00
N LEU B 491 30.35 7.74 4.47
CA LEU B 491 31.02 7.22 5.66
C LEU B 491 31.84 6.00 5.24
N LEU B 492 33.14 6.21 5.03
CA LEU B 492 34.03 5.16 4.56
C LEU B 492 35.29 5.15 5.41
N HIS B 493 36.16 4.18 5.14
CA HIS B 493 37.24 3.83 6.05
C HIS B 493 38.38 4.84 6.08
N ALA B 494 38.55 5.66 5.05
CA ALA B 494 39.63 6.61 5.03
C ALA B 494 39.40 7.70 6.07
N PRO B 495 40.47 8.35 6.55
CA PRO B 495 40.30 9.42 7.53
C PRO B 495 39.48 10.56 6.97
N ALA B 496 38.68 11.19 7.85
CA ALA B 496 37.83 12.29 7.43
C ALA B 496 38.67 13.48 6.98
N THR B 497 38.19 14.17 5.94
CA THR B 497 38.87 15.33 5.38
C THR B 497 38.13 16.63 5.63
N VAL B 498 36.87 16.71 5.23
CA VAL B 498 36.03 17.88 5.50
C VAL B 498 35.21 17.57 6.76
N CYS B 499 35.34 18.43 7.77
CA CYS B 499 34.85 18.10 9.09
C CYS B 499 34.11 19.28 9.68
N GLY B 500 33.25 18.99 10.67
CA GLY B 500 32.45 20.00 11.31
C GLY B 500 33.27 21.07 11.99
N PRO B 501 32.99 22.33 11.64
CA PRO B 501 33.78 23.46 12.16
C PRO B 501 33.30 23.88 13.55
N LYS B 502 34.11 23.59 14.56
CA LYS B 502 33.90 24.16 15.89
C LYS B 502 35.22 24.06 16.65
N LYS B 503 35.40 24.97 17.59
CA LYS B 503 36.69 25.12 18.24
C LYS B 503 37.05 23.87 19.03
N SER B 504 38.29 23.43 18.89
CA SER B 504 38.80 22.32 19.66
C SER B 504 39.11 22.78 21.08
N THR B 505 39.74 21.92 21.87
CA THR B 505 40.14 22.24 23.23
C THR B 505 41.51 21.63 23.48
N ASN B 506 41.89 21.58 24.74
CA ASN B 506 43.04 20.80 25.15
C ASN B 506 42.60 19.36 25.40
N LEU B 507 43.54 18.53 25.82
CA LEU B 507 43.24 17.15 26.16
C LEU B 507 43.79 16.85 27.54
N VAL B 508 43.00 16.18 28.36
CA VAL B 508 43.40 15.81 29.72
C VAL B 508 43.49 14.30 29.78
N LYS B 509 44.50 13.81 30.50
CA LYS B 509 44.75 12.38 30.60
C LYS B 509 44.46 11.91 32.02
N ASN B 510 44.33 10.60 32.16
CA ASN B 510 44.15 9.95 33.46
C ASN B 510 42.91 10.48 34.17
N LYS B 511 41.88 10.83 33.42
CA LYS B 511 40.62 11.28 34.00
C LYS B 511 39.47 10.71 33.18
N CYS B 512 38.35 10.52 33.85
CA CYS B 512 37.14 10.07 33.18
C CYS B 512 36.47 11.26 32.52
N VAL B 513 36.62 11.37 31.21
CA VAL B 513 36.12 12.51 30.46
C VAL B 513 35.34 12.01 29.25
N ASN B 514 34.52 12.90 28.71
CA ASN B 514 33.81 12.64 27.46
C ASN B 514 34.57 13.33 26.34
N PHE B 515 34.57 12.70 25.18
CA PHE B 515 35.37 13.18 24.06
C PHE B 515 34.67 12.84 22.76
N ASN B 516 35.02 13.57 21.71
CA ASN B 516 34.72 13.16 20.34
C ASN B 516 35.87 13.58 19.42
N PHE B 517 36.79 12.65 19.19
CA PHE B 517 37.93 12.87 18.31
C PHE B 517 37.40 12.95 16.88
N ASN B 518 37.35 14.18 16.36
CA ASN B 518 36.94 14.49 14.99
C ASN B 518 35.87 13.56 14.46
N GLY B 519 34.79 13.40 15.22
CA GLY B 519 33.71 12.53 14.81
C GLY B 519 33.60 11.30 15.69
N LEU B 520 34.74 10.72 16.05
CA LEU B 520 34.75 9.50 16.83
C LEU B 520 34.44 9.85 18.29
N THR B 521 33.22 9.57 18.70
CA THR B 521 32.70 9.99 20.00
C THR B 521 32.69 8.82 20.97
N GLY B 522 33.01 9.11 22.23
CA GLY B 522 33.02 8.08 23.25
C GLY B 522 33.21 8.69 24.61
N THR B 523 33.47 7.82 25.60
CA THR B 523 33.74 8.21 26.96
C THR B 523 34.67 7.20 27.61
N GLY B 524 35.69 7.70 28.30
CA GLY B 524 36.66 6.82 28.91
C GLY B 524 37.80 7.61 29.50
N VAL B 525 38.82 6.89 29.92
CA VAL B 525 40.01 7.47 30.53
C VAL B 525 41.12 7.48 29.50
N LEU B 526 41.51 8.67 29.07
CA LEU B 526 42.54 8.81 28.04
C LEU B 526 43.91 8.58 28.64
N THR B 527 44.62 7.58 28.12
CA THR B 527 45.90 7.18 28.65
C THR B 527 46.91 7.06 27.53
N GLU B 528 48.13 7.51 27.79
CA GLU B 528 49.21 7.35 26.82
C GLU B 528 49.46 5.86 26.58
N SER B 529 49.53 5.47 25.31
CA SER B 529 49.65 4.07 24.98
C SER B 529 51.10 3.67 24.74
N ASN B 530 51.31 2.36 24.65
CA ASN B 530 52.62 1.80 24.37
C ASN B 530 52.67 1.04 23.06
N LYS B 531 51.56 0.94 22.35
CA LYS B 531 51.54 0.25 21.07
C LYS B 531 51.97 1.20 19.95
N LYS B 532 52.33 0.62 18.81
CA LYS B 532 52.81 1.37 17.66
C LYS B 532 51.78 1.30 16.55
N PHE B 533 51.65 2.41 15.82
CA PHE B 533 50.72 2.52 14.72
C PHE B 533 51.50 2.72 13.43
N LEU B 534 51.13 1.97 12.39
CA LEU B 534 51.67 2.28 11.08
C LEU B 534 51.22 3.69 10.70
N PRO B 535 52.10 4.50 10.16
CA PRO B 535 51.83 5.93 10.13
C PRO B 535 50.81 6.32 9.07
N PHE B 536 49.75 5.53 8.92
CA PHE B 536 48.70 5.95 8.01
C PHE B 536 47.33 5.75 8.64
N GLN B 537 47.23 4.89 9.65
CA GLN B 537 45.94 4.63 10.27
C GLN B 537 45.73 5.50 11.51
N GLN B 538 44.46 5.70 11.85
CA GLN B 538 44.08 6.57 12.96
C GLN B 538 43.82 5.80 14.25
N PHE B 539 42.90 4.84 14.22
CA PHE B 539 42.44 4.19 15.42
C PHE B 539 42.40 2.69 15.22
N GLY B 540 42.44 1.97 16.34
CA GLY B 540 42.39 0.53 16.30
C GLY B 540 41.26 -0.07 17.10
N ARG B 541 40.63 -1.10 16.56
CA ARG B 541 39.51 -1.76 17.20
C ARG B 541 40.00 -2.98 17.96
N ASP B 542 39.40 -3.24 19.12
CA ASP B 542 39.74 -4.42 19.87
C ASP B 542 38.83 -5.58 19.46
N ILE B 543 39.04 -6.74 20.07
CA ILE B 543 38.16 -7.87 19.83
C ILE B 543 36.72 -7.46 20.16
N ALA B 544 35.77 -8.00 19.40
CA ALA B 544 34.38 -7.58 19.40
C ALA B 544 34.18 -6.18 18.87
N ASP B 545 35.18 -5.66 18.16
CA ASP B 545 35.08 -4.45 17.35
C ASP B 545 34.68 -3.24 18.20
N THR B 546 35.57 -2.90 19.12
CA THR B 546 35.41 -1.72 19.95
C THR B 546 36.67 -0.87 19.87
N THR B 547 36.50 0.44 19.89
CA THR B 547 37.62 1.37 19.75
C THR B 547 38.37 1.46 21.06
N ASP B 548 39.63 1.00 21.07
CA ASP B 548 40.44 1.03 22.27
C ASP B 548 41.73 1.81 22.09
N ALA B 549 41.86 2.56 20.99
CA ALA B 549 43.00 3.44 20.78
C ALA B 549 42.60 4.48 19.76
N VAL B 550 43.41 5.53 19.69
CA VAL B 550 43.15 6.62 18.75
C VAL B 550 44.43 7.42 18.60
N ARG B 551 44.58 8.07 17.46
CA ARG B 551 45.75 8.90 17.21
C ARG B 551 45.40 10.36 17.48
N ASP B 552 46.34 11.07 18.09
CA ASP B 552 46.17 12.49 18.31
C ASP B 552 46.08 13.21 16.97
N PRO B 553 45.00 13.93 16.68
CA PRO B 553 44.90 14.63 15.40
C PRO B 553 45.75 15.88 15.33
N GLN B 554 46.53 16.12 16.38
CA GLN B 554 47.41 17.28 16.44
C GLN B 554 48.88 16.89 16.47
N THR B 555 49.24 15.90 17.28
CA THR B 555 50.62 15.52 17.49
C THR B 555 50.92 14.09 17.07
N LEU B 556 49.96 13.40 16.46
CA LEU B 556 50.13 11.99 16.07
C LEU B 556 50.55 11.13 17.24
N GLU B 557 50.01 11.39 18.42
CA GLU B 557 50.29 10.57 19.59
C GLU B 557 49.28 9.43 19.67
N ILE B 558 49.71 8.31 20.23
CA ILE B 558 48.89 7.11 20.33
C ILE B 558 48.35 7.03 21.75
N LEU B 559 47.05 7.16 21.91
CA LEU B 559 46.43 7.10 23.22
C LEU B 559 45.61 5.83 23.39
N ASP B 560 45.05 5.65 24.58
CA ASP B 560 44.24 4.48 24.88
C ASP B 560 42.86 4.91 25.34
N ILE B 561 41.91 3.97 25.32
CA ILE B 561 40.54 4.26 25.73
C ILE B 561 40.01 3.20 26.67
N THR B 562 40.08 3.46 27.98
CA THR B 562 39.60 2.53 28.97
C THR B 562 38.24 2.95 29.51
N PRO B 563 37.27 2.04 29.49
CA PRO B 563 35.89 2.33 29.90
C PRO B 563 35.83 2.83 31.34
N CYS B 564 34.96 3.80 31.60
CA CYS B 564 34.82 4.35 32.95
C CYS B 564 34.48 3.24 33.93
N SER B 565 35.21 3.21 35.05
CA SER B 565 35.00 2.19 36.07
C SER B 565 33.54 2.13 36.52
N PHE B 566 32.94 0.96 36.38
CA PHE B 566 31.55 0.76 36.78
C PHE B 566 31.41 -0.58 37.49
N GLY B 567 30.20 -0.92 37.91
CA GLY B 567 29.96 -2.16 38.61
C GLY B 567 28.62 -2.12 39.32
N GLY B 568 28.34 -3.19 40.04
CA GLY B 568 27.12 -3.32 40.77
C GLY B 568 27.26 -2.93 42.23
N VAL B 569 26.13 -2.61 42.85
CA VAL B 569 26.08 -2.22 44.25
C VAL B 569 25.18 -3.21 44.96
N SER B 570 25.70 -3.80 46.03
CA SER B 570 24.93 -4.73 46.86
C SER B 570 24.91 -4.23 48.29
N VAL B 571 23.75 -4.35 48.93
CA VAL B 571 23.52 -3.80 50.26
C VAL B 571 23.46 -4.93 51.27
N ILE B 572 24.32 -4.87 52.28
CA ILE B 572 24.36 -5.85 53.35
C ILE B 572 23.51 -5.35 54.52
N THR B 573 22.48 -6.11 54.87
CA THR B 573 21.64 -5.72 55.99
C THR B 573 21.54 -6.86 57.00
N PRO B 574 21.44 -6.55 58.29
CA PRO B 574 21.16 -7.58 59.29
C PRO B 574 19.68 -7.87 59.49
N GLY B 575 18.80 -7.19 58.76
CA GLY B 575 17.37 -7.38 58.93
C GLY B 575 16.71 -6.18 59.57
N THR B 576 15.61 -5.71 58.99
CA THR B 576 14.96 -4.50 59.51
C THR B 576 14.46 -4.73 60.93
N ASN B 577 14.00 -5.94 61.24
CA ASN B 577 13.56 -6.24 62.59
C ASN B 577 14.70 -6.15 63.59
N THR B 578 15.92 -6.50 63.19
CA THR B 578 17.05 -6.53 64.12
C THR B 578 17.71 -5.17 64.26
N SER B 579 17.96 -4.48 63.15
CA SER B 579 18.64 -3.20 63.22
C SER B 579 18.30 -2.36 62.00
N ASN B 580 18.54 -1.06 62.13
CA ASN B 580 18.46 -0.11 61.02
C ASN B 580 19.87 0.27 60.58
N GLN B 581 20.64 -0.72 60.14
CA GLN B 581 22.05 -0.57 59.85
C GLN B 581 22.35 -1.20 58.50
N VAL B 582 23.32 -0.62 57.78
CA VAL B 582 23.59 -1.04 56.41
C VAL B 582 25.09 -0.95 56.13
N ALA B 583 25.59 -1.95 55.43
CA ALA B 583 26.89 -1.89 54.77
C ALA B 583 26.68 -2.03 53.28
N VAL B 584 27.48 -1.32 52.49
CA VAL B 584 27.32 -1.26 51.05
C VAL B 584 28.60 -1.77 50.40
N LEU B 585 28.46 -2.71 49.48
CA LEU B 585 29.59 -3.30 48.77
C LEU B 585 29.59 -2.83 47.33
N TYR B 586 30.69 -2.23 46.90
CA TYR B 586 30.87 -1.77 45.53
C TYR B 586 31.68 -2.85 44.80
N GLN B 587 31.03 -3.57 43.90
CA GLN B 587 31.64 -4.75 43.31
C GLN B 587 32.70 -4.38 42.29
N ASP B 588 33.88 -4.99 42.43
CA ASP B 588 34.96 -4.92 41.44
C ASP B 588 35.28 -3.48 41.07
N VAL B 589 35.68 -2.71 42.07
CA VAL B 589 36.11 -1.33 41.86
C VAL B 589 36.99 -0.93 43.04
N ASN B 590 38.08 -0.24 42.74
CA ASN B 590 38.83 0.42 43.80
C ASN B 590 37.95 1.48 44.44
N CYS B 591 37.98 1.54 45.77
CA CYS B 591 37.16 2.54 46.44
C CYS B 591 37.90 3.85 46.62
N THR B 592 38.37 4.37 45.48
CA THR B 592 38.82 5.75 45.37
C THR B 592 37.91 6.60 44.49
N GLU B 593 37.03 5.97 43.72
CA GLU B 593 36.04 6.68 42.92
C GLU B 593 34.64 6.64 43.56
N VAL B 594 34.58 6.33 44.84
CA VAL B 594 33.31 6.20 45.52
C VAL B 594 33.05 7.38 46.44
N THR B 612 28.08 7.82 53.58
CA THR B 612 28.90 6.71 53.10
C THR B 612 30.33 7.14 52.82
N GLY B 613 31.07 7.43 53.89
CA GLY B 613 32.46 7.84 53.75
C GLY B 613 33.37 7.42 54.89
N SER B 614 32.92 6.45 55.70
CA SER B 614 33.70 6.00 56.84
C SER B 614 33.79 4.48 56.84
N ASN B 615 34.90 3.97 57.38
CA ASN B 615 35.17 2.54 57.46
C ASN B 615 35.24 1.90 56.08
N VAL B 616 36.17 2.36 55.27
CA VAL B 616 36.40 1.77 53.97
C VAL B 616 37.38 0.61 54.12
N PHE B 617 37.14 -0.45 53.36
CA PHE B 617 37.91 -1.68 53.47
C PHE B 617 37.78 -2.43 52.17
N GLN B 618 38.90 -2.69 51.50
CA GLN B 618 38.87 -3.30 50.18
C GLN B 618 39.19 -4.78 50.26
N THR B 619 38.39 -5.58 49.58
CA THR B 619 38.53 -7.03 49.51
C THR B 619 38.73 -7.44 48.06
N ARG B 620 38.74 -8.76 47.83
CA ARG B 620 38.79 -9.25 46.46
C ARG B 620 37.48 -9.02 45.73
N ALA B 621 36.36 -9.05 46.46
CA ALA B 621 35.05 -8.88 45.85
C ALA B 621 34.73 -7.42 45.54
N GLY B 622 35.54 -6.49 46.01
CA GLY B 622 35.27 -5.08 45.87
C GLY B 622 35.79 -4.36 47.09
N CYS B 623 35.23 -3.17 47.34
CA CYS B 623 35.56 -2.41 48.54
C CYS B 623 34.25 -1.99 49.20
N LEU B 624 34.02 -2.48 50.41
CA LEU B 624 32.76 -2.25 51.11
C LEU B 624 32.93 -1.19 52.18
N ILE B 625 31.91 -0.35 52.32
CA ILE B 625 31.93 0.80 53.22
C ILE B 625 30.85 0.60 54.28
N GLY B 626 31.20 0.89 55.53
CA GLY B 626 30.28 0.76 56.63
C GLY B 626 30.47 -0.49 57.47
N ALA B 627 31.49 -1.28 57.19
CA ALA B 627 31.74 -2.52 57.92
C ALA B 627 33.14 -2.46 58.53
N GLU B 628 33.24 -2.87 59.78
CA GLU B 628 34.48 -2.82 60.53
C GLU B 628 35.19 -4.17 60.43
N HIS B 629 36.43 -4.14 59.97
CA HIS B 629 37.21 -5.36 59.78
C HIS B 629 37.87 -5.76 61.09
N VAL B 630 37.81 -7.06 61.40
CA VAL B 630 38.42 -7.59 62.60
C VAL B 630 39.37 -8.72 62.22
N ASN B 631 39.97 -9.36 63.23
CA ASN B 631 40.86 -10.48 63.01
C ASN B 631 40.29 -11.83 63.42
N ASN B 632 39.21 -11.86 64.18
CA ASN B 632 38.64 -13.11 64.62
C ASN B 632 38.01 -13.85 63.44
N SER B 633 37.62 -15.10 63.69
CA SER B 633 36.99 -15.92 62.67
C SER B 633 35.81 -16.66 63.29
N TYR B 634 34.64 -16.54 62.66
CA TYR B 634 33.44 -17.21 63.11
C TYR B 634 32.79 -17.92 61.92
N GLU B 635 31.69 -18.61 62.19
CA GLU B 635 30.91 -19.22 61.13
C GLU B 635 30.32 -18.14 60.24
N CYS B 636 30.25 -18.42 58.94
CA CYS B 636 29.77 -17.42 58.00
C CYS B 636 28.30 -17.13 58.23
N ASP B 637 27.99 -15.90 58.63
CA ASP B 637 26.58 -15.50 58.76
C ASP B 637 25.98 -15.20 57.40
N ILE B 638 26.52 -14.20 56.71
CA ILE B 638 26.12 -13.92 55.33
C ILE B 638 27.39 -13.71 54.52
N PRO B 639 27.43 -14.19 53.27
CA PRO B 639 28.67 -14.15 52.50
C PRO B 639 28.81 -12.91 51.64
N ILE B 640 30.05 -12.54 51.40
CA ILE B 640 30.40 -11.39 50.57
C ILE B 640 31.19 -11.83 49.35
N GLY B 641 32.16 -12.71 49.53
CA GLY B 641 32.96 -13.24 48.44
C GLY B 641 34.41 -13.39 48.83
N ALA B 642 35.07 -14.37 48.22
CA ALA B 642 36.48 -14.63 48.45
C ALA B 642 36.77 -14.89 49.93
N GLY B 643 35.86 -15.59 50.60
CA GLY B 643 36.08 -15.98 51.98
C GLY B 643 35.76 -14.93 53.02
N ILE B 644 35.15 -13.81 52.63
CA ILE B 644 34.81 -12.74 53.55
C ILE B 644 33.33 -12.82 53.86
N CYS B 645 32.98 -12.79 55.14
CA CYS B 645 31.60 -12.80 55.58
C CYS B 645 31.35 -11.60 56.47
N ALA B 646 30.08 -11.32 56.74
CA ALA B 646 29.70 -10.20 57.58
C ALA B 646 28.63 -10.65 58.56
N SER B 647 28.56 -9.97 59.70
CA SER B 647 27.57 -10.27 60.71
C SER B 647 27.35 -9.02 61.56
N TYR B 648 26.29 -9.05 62.36
CA TYR B 648 25.94 -7.94 63.22
C TYR B 648 26.22 -8.27 64.68
N GLN B 649 27.41 -7.88 65.16
CA GLN B 649 27.80 -8.14 66.53
C GLN B 649 27.46 -6.95 67.43
N THR B 650 27.43 -7.19 68.73
CA THR B 650 27.12 -6.14 69.69
C THR B 650 28.38 -5.58 70.35
N GLN B 664 25.81 -3.76 67.47
CA GLN B 664 25.96 -2.30 67.44
C GLN B 664 26.60 -1.84 66.13
N SER B 665 27.21 -2.78 65.41
CA SER B 665 27.86 -2.47 64.14
C SER B 665 28.02 -3.72 63.28
N ILE B 666 28.48 -3.53 62.05
CA ILE B 666 28.68 -4.64 61.13
C ILE B 666 30.14 -5.08 61.13
N ILE B 667 30.37 -6.37 61.32
CA ILE B 667 31.70 -6.92 61.35
C ILE B 667 31.95 -7.65 60.04
N ALA B 668 33.05 -7.33 59.37
CA ALA B 668 33.50 -8.03 58.18
C ALA B 668 34.78 -8.78 58.51
N TYR B 669 34.76 -10.10 58.37
CA TYR B 669 35.87 -10.94 58.80
C TYR B 669 36.12 -12.02 57.75
N THR B 670 37.11 -12.86 58.03
CA THR B 670 37.40 -14.02 57.20
C THR B 670 36.81 -15.25 57.88
N MET B 671 35.96 -15.97 57.16
CA MET B 671 35.24 -17.09 57.75
C MET B 671 36.18 -18.22 58.10
N SER B 672 35.81 -18.98 59.13
CA SER B 672 36.55 -20.16 59.54
C SER B 672 35.76 -21.40 59.13
N LEU B 673 36.47 -22.45 58.75
CA LEU B 673 35.82 -23.64 58.25
C LEU B 673 35.33 -24.56 59.35
N GLY B 674 35.62 -24.26 60.61
CA GLY B 674 35.15 -25.09 61.70
C GLY B 674 36.19 -25.31 62.77
N ALA B 675 35.81 -25.98 63.85
CA ALA B 675 36.73 -26.26 64.93
C ALA B 675 37.84 -27.19 64.45
N GLU B 676 39.03 -27.02 65.02
CA GLU B 676 40.19 -27.80 64.66
C GLU B 676 40.54 -28.76 65.79
N ASN B 677 40.76 -30.03 65.45
CA ASN B 677 41.21 -30.98 66.44
C ASN B 677 42.10 -32.02 65.79
N SER B 678 42.99 -32.61 66.60
CA SER B 678 43.86 -33.70 66.19
C SER B 678 43.46 -34.93 66.98
N VAL B 679 43.27 -36.04 66.28
CA VAL B 679 42.95 -37.30 66.95
C VAL B 679 44.23 -37.90 67.51
N ALA B 680 44.13 -38.51 68.68
CA ALA B 680 45.29 -39.13 69.33
C ALA B 680 45.61 -40.42 68.60
N TYR B 681 46.25 -40.27 67.43
CA TYR B 681 46.58 -41.42 66.60
C TYR B 681 47.90 -42.01 67.06
N SER B 682 47.89 -43.29 67.39
CA SER B 682 49.10 -44.08 67.56
C SER B 682 48.86 -45.42 66.89
N ASN B 683 49.91 -46.21 66.78
CA ASN B 683 49.78 -47.45 66.02
C ASN B 683 49.21 -48.60 66.84
N ASN B 684 48.85 -48.38 68.11
CA ASN B 684 48.18 -49.40 68.90
C ASN B 684 47.12 -48.78 69.79
N SER B 685 46.39 -47.79 69.29
CA SER B 685 45.31 -47.15 70.04
C SER B 685 44.01 -47.32 69.28
N ILE B 686 42.97 -47.75 69.98
CA ILE B 686 41.63 -47.82 69.43
C ILE B 686 40.67 -47.17 70.42
N ALA B 687 39.57 -46.65 69.90
CA ALA B 687 38.51 -46.06 70.72
C ALA B 687 37.20 -46.74 70.38
N ILE B 688 36.57 -47.36 71.37
CA ILE B 688 35.31 -48.06 71.19
C ILE B 688 34.23 -47.27 71.91
N PRO B 689 33.11 -46.97 71.26
CA PRO B 689 32.00 -46.32 71.95
C PRO B 689 31.42 -47.23 73.03
N THR B 690 30.93 -46.62 74.09
CA THR B 690 30.33 -47.35 75.19
C THR B 690 28.86 -47.04 75.39
N ASN B 691 28.28 -46.20 74.54
CA ASN B 691 26.90 -45.78 74.66
C ASN B 691 26.41 -45.37 73.29
N PHE B 692 25.16 -44.92 73.20
CA PHE B 692 24.63 -44.51 71.92
C PHE B 692 23.48 -43.56 72.11
N THR B 693 23.11 -42.90 71.02
CA THR B 693 22.00 -41.96 71.00
C THR B 693 21.13 -42.24 69.78
N ILE B 694 19.82 -42.25 69.99
CA ILE B 694 18.87 -42.37 68.89
C ILE B 694 18.48 -40.97 68.46
N SER B 695 18.71 -40.65 67.19
CA SER B 695 18.48 -39.31 66.67
C SER B 695 17.51 -39.36 65.50
N VAL B 696 16.65 -38.36 65.42
CA VAL B 696 15.66 -38.25 64.36
C VAL B 696 15.88 -36.93 63.64
N THR B 697 15.97 -36.99 62.31
CA THR B 697 16.16 -35.82 61.48
C THR B 697 15.08 -35.77 60.43
N THR B 698 14.85 -34.57 59.90
CA THR B 698 13.86 -34.35 58.86
C THR B 698 14.54 -34.04 57.55
N GLU B 699 14.00 -34.60 56.47
CA GLU B 699 14.44 -34.31 55.13
C GLU B 699 13.21 -33.97 54.29
N ILE B 700 13.27 -32.85 53.58
CA ILE B 700 12.13 -32.33 52.83
C ILE B 700 12.49 -32.28 51.36
N LEU B 701 11.63 -32.85 50.52
CA LEU B 701 11.85 -32.88 49.08
C LEU B 701 10.56 -32.49 48.35
N PRO B 702 10.64 -31.60 47.37
CA PRO B 702 9.47 -31.34 46.52
C PRO B 702 9.18 -32.52 45.61
N VAL B 703 7.92 -32.67 45.22
CA VAL B 703 7.54 -33.69 44.25
C VAL B 703 6.72 -33.17 43.09
N SER B 704 6.06 -32.02 43.17
CA SER B 704 5.17 -31.60 42.10
C SER B 704 4.97 -30.09 42.16
N MET B 705 4.49 -29.54 41.05
CA MET B 705 4.11 -28.14 40.93
C MET B 705 2.60 -28.05 40.75
N THR B 706 2.13 -26.83 40.47
CA THR B 706 0.74 -26.62 40.08
C THR B 706 0.61 -26.82 38.59
N LYS B 707 -0.49 -27.45 38.18
CA LYS B 707 -0.74 -27.72 36.77
C LYS B 707 -1.47 -26.51 36.18
N THR B 708 -0.70 -25.58 35.62
CA THR B 708 -1.25 -24.37 35.04
C THR B 708 -1.26 -24.47 33.53
N SER B 709 -2.37 -24.06 32.92
CA SER B 709 -2.53 -24.08 31.48
C SER B 709 -2.85 -22.67 30.99
N VAL B 710 -2.34 -22.34 29.80
CA VAL B 710 -2.56 -21.05 29.18
C VAL B 710 -3.08 -21.27 27.78
N ASP B 711 -4.14 -20.56 27.42
CA ASP B 711 -4.68 -20.58 26.07
C ASP B 711 -3.97 -19.50 25.27
N CYS B 712 -3.22 -19.90 24.25
CA CYS B 712 -2.43 -18.94 23.49
C CYS B 712 -3.31 -17.91 22.80
N THR B 713 -4.41 -18.35 22.19
CA THR B 713 -5.25 -17.43 21.43
C THR B 713 -5.87 -16.38 22.34
N MET B 714 -6.36 -16.78 23.51
CA MET B 714 -7.04 -15.83 24.39
C MET B 714 -6.05 -14.88 25.05
N TYR B 715 -4.84 -15.36 25.37
CA TYR B 715 -3.86 -14.49 26.00
C TYR B 715 -3.29 -13.50 24.99
N ILE B 716 -2.94 -13.98 23.79
CA ILE B 716 -2.31 -13.09 22.81
C ILE B 716 -3.29 -12.04 22.33
N CYS B 717 -4.53 -12.45 22.02
CA CYS B 717 -5.47 -11.57 21.33
C CYS B 717 -6.62 -11.08 22.18
N GLY B 718 -6.98 -11.79 23.25
CA GLY B 718 -8.05 -11.31 24.10
C GLY B 718 -9.40 -11.29 23.43
N ASP B 719 -9.68 -12.26 22.56
CA ASP B 719 -11.00 -12.48 21.97
C ASP B 719 -11.47 -11.27 21.16
N SER B 720 -10.67 -10.92 20.16
CA SER B 720 -11.05 -9.98 19.11
C SER B 720 -10.78 -10.65 17.78
N THR B 721 -11.76 -10.61 16.88
CA THR B 721 -11.72 -11.46 15.69
C THR B 721 -10.53 -11.13 14.78
N GLU B 722 -10.32 -9.85 14.51
CA GLU B 722 -9.26 -9.45 13.59
C GLU B 722 -7.87 -9.79 14.13
N CYS B 723 -7.66 -9.62 15.44
CA CYS B 723 -6.40 -10.06 16.02
C CYS B 723 -6.21 -11.56 15.83
N SER B 724 -7.27 -12.34 15.99
CA SER B 724 -7.17 -13.78 15.79
C SER B 724 -6.80 -14.11 14.35
N ASN B 725 -7.44 -13.41 13.40
CA ASN B 725 -7.15 -13.64 12.00
C ASN B 725 -5.70 -13.32 11.67
N LEU B 726 -5.18 -12.23 12.24
CA LEU B 726 -3.79 -11.87 11.99
C LEU B 726 -2.84 -12.84 12.69
N LEU B 727 -3.23 -13.36 13.85
CA LEU B 727 -2.38 -14.30 14.57
C LEU B 727 -2.27 -15.62 13.85
N LEU B 728 -3.35 -16.08 13.24
CA LEU B 728 -3.28 -17.40 12.63
C LEU B 728 -2.43 -17.42 11.36
N GLN B 729 -1.78 -16.30 11.00
CA GLN B 729 -0.75 -16.28 9.98
C GLN B 729 0.60 -16.76 10.50
N TYR B 730 0.73 -17.00 11.80
CA TYR B 730 2.01 -17.28 12.42
C TYR B 730 2.31 -18.77 12.55
N GLY B 731 1.45 -19.64 12.04
CA GLY B 731 1.74 -21.05 11.98
C GLY B 731 1.12 -21.80 13.15
N SER B 732 1.95 -22.51 13.91
CA SER B 732 1.48 -23.34 15.01
C SER B 732 2.33 -23.12 16.25
N PHE B 733 2.64 -21.87 16.55
CA PHE B 733 3.30 -21.56 17.82
C PHE B 733 2.39 -21.89 19.00
N CYS B 734 1.11 -21.51 18.90
CA CYS B 734 0.19 -21.73 20.00
C CYS B 734 0.01 -23.23 20.29
N THR B 735 -0.06 -24.05 19.23
CA THR B 735 -0.19 -25.48 19.44
C THR B 735 1.03 -26.04 20.16
N GLN B 736 2.22 -25.57 19.78
CA GLN B 736 3.44 -26.03 20.43
C GLN B 736 3.45 -25.66 21.91
N LEU B 737 3.09 -24.42 22.23
CA LEU B 737 3.08 -24.00 23.63
C LEU B 737 2.07 -24.81 24.44
N ASN B 738 0.87 -25.02 23.88
CA ASN B 738 -0.14 -25.79 24.58
C ASN B 738 0.34 -27.22 24.83
N ARG B 739 0.98 -27.83 23.83
CA ARG B 739 1.47 -29.19 24.00
C ARG B 739 2.54 -29.26 25.09
N ALA B 740 3.45 -28.28 25.11
CA ALA B 740 4.49 -28.29 26.15
C ALA B 740 3.88 -28.20 27.54
N LEU B 741 2.92 -27.30 27.72
CA LEU B 741 2.31 -27.16 29.04
C LEU B 741 1.55 -28.42 29.43
N THR B 742 0.87 -29.06 28.48
CA THR B 742 0.17 -30.30 28.78
C THR B 742 1.15 -31.39 29.23
N GLY B 743 2.29 -31.51 28.55
CA GLY B 743 3.29 -32.48 28.96
C GLY B 743 3.79 -32.22 30.36
N ILE B 744 4.00 -30.94 30.70
CA ILE B 744 4.42 -30.59 32.05
C ILE B 744 3.40 -31.08 33.07
N ALA B 745 2.11 -30.81 32.81
CA ALA B 745 1.07 -31.22 33.76
C ALA B 745 1.01 -32.74 33.92
N VAL B 746 1.13 -33.47 32.81
CA VAL B 746 1.05 -34.93 32.90
C VAL B 746 2.21 -35.48 33.73
N GLU B 747 3.43 -34.98 33.50
CA GLU B 747 4.50 -35.49 34.35
C GLU B 747 4.36 -35.01 35.79
N GLN B 748 3.69 -33.89 36.03
CA GLN B 748 3.43 -33.49 37.41
C GLN B 748 2.57 -34.52 38.12
N ASP B 749 1.56 -35.06 37.43
CA ASP B 749 0.78 -36.13 38.04
C ASP B 749 1.62 -37.41 38.21
N LYS B 750 2.45 -37.72 37.22
CA LYS B 750 3.25 -38.94 37.28
C LYS B 750 4.24 -38.92 38.43
N ASN B 751 4.78 -37.74 38.76
CA ASN B 751 5.74 -37.63 39.86
C ASN B 751 5.12 -38.09 41.16
N THR B 752 3.95 -37.54 41.51
CA THR B 752 3.27 -37.93 42.72
C THR B 752 2.90 -39.41 42.70
N GLN B 753 2.42 -39.88 41.55
CA GLN B 753 2.02 -41.27 41.47
C GLN B 753 3.19 -42.21 41.74
N GLU B 754 4.37 -41.89 41.20
CA GLU B 754 5.50 -42.80 41.41
C GLU B 754 6.10 -42.64 42.80
N VAL B 755 6.04 -41.46 43.40
CA VAL B 755 6.59 -41.32 44.74
C VAL B 755 5.72 -42.04 45.77
N PHE B 756 4.40 -41.89 45.69
CA PHE B 756 3.55 -42.31 46.79
C PHE B 756 2.88 -43.66 46.59
N ALA B 757 2.64 -44.09 45.37
CA ALA B 757 1.95 -45.36 45.13
C ALA B 757 2.98 -46.48 45.03
N GLN B 758 3.53 -46.86 46.18
CA GLN B 758 4.48 -47.96 46.24
C GLN B 758 3.97 -49.08 47.13
N VAL B 759 2.66 -49.13 47.33
CA VAL B 759 2.01 -50.18 48.10
C VAL B 759 0.78 -50.63 47.34
N LYS B 760 0.51 -51.94 47.39
CA LYS B 760 -0.68 -52.46 46.74
C LYS B 760 -1.89 -52.35 47.66
N GLN B 761 -1.85 -52.99 48.82
CA GLN B 761 -2.95 -52.95 49.76
C GLN B 761 -2.88 -51.66 50.58
N ILE B 762 -3.89 -51.47 51.43
CA ILE B 762 -3.95 -50.33 52.34
C ILE B 762 -3.92 -50.89 53.74
N TYR B 763 -2.73 -50.95 54.34
CA TYR B 763 -2.56 -51.59 55.63
C TYR B 763 -3.13 -50.73 56.74
N LYS B 764 -3.52 -51.38 57.83
CA LYS B 764 -4.13 -50.72 58.97
C LYS B 764 -3.39 -51.12 60.23
N THR B 765 -3.20 -50.16 61.12
CA THR B 765 -2.58 -50.46 62.40
C THR B 765 -3.59 -51.18 63.29
N PRO B 766 -3.18 -52.23 63.99
CA PRO B 766 -4.10 -52.87 64.93
C PRO B 766 -4.49 -51.90 66.02
N PRO B 767 -5.69 -52.04 66.59
CA PRO B 767 -6.12 -51.10 67.63
C PRO B 767 -5.20 -51.08 68.84
N ILE B 768 -4.67 -52.25 69.23
CA ILE B 768 -3.71 -52.30 70.33
C ILE B 768 -2.37 -51.75 69.87
N LYS B 769 -1.80 -50.87 70.68
CA LYS B 769 -0.57 -50.16 70.34
C LYS B 769 0.62 -50.69 71.12
N ASP B 770 0.71 -52.02 71.27
CA ASP B 770 1.82 -52.65 71.98
C ASP B 770 3.02 -52.72 71.04
N PHE B 771 3.88 -51.71 71.10
CA PHE B 771 5.04 -51.62 70.23
C PHE B 771 6.34 -51.64 71.01
N GLY B 772 6.39 -52.40 72.10
CA GLY B 772 7.61 -52.51 72.86
C GLY B 772 8.03 -51.27 73.60
N GLY B 773 7.11 -50.34 73.82
CA GLY B 773 7.41 -49.10 74.48
C GLY B 773 7.57 -47.91 73.56
N PHE B 774 7.76 -48.16 72.27
CA PHE B 774 7.83 -47.07 71.30
C PHE B 774 6.46 -46.48 71.08
N ASN B 775 6.40 -45.16 70.97
CA ASN B 775 5.13 -44.43 70.94
C ASN B 775 5.02 -43.67 69.62
N PHE B 776 4.28 -44.23 68.67
CA PHE B 776 4.11 -43.62 67.36
C PHE B 776 2.86 -42.77 67.26
N SER B 777 2.31 -42.34 68.39
CA SER B 777 1.03 -41.64 68.38
C SER B 777 1.08 -40.29 67.69
N GLN B 778 2.27 -39.72 67.47
CA GLN B 778 2.38 -38.40 66.88
C GLN B 778 2.50 -38.44 65.36
N ILE B 779 2.83 -39.59 64.79
CA ILE B 779 2.91 -39.73 63.34
C ILE B 779 1.81 -40.60 62.77
N LEU B 780 1.15 -41.40 63.58
CA LEU B 780 0.02 -42.19 63.12
C LEU B 780 -1.20 -41.29 62.94
N PRO B 781 -2.12 -41.67 62.05
CA PRO B 781 -3.28 -40.81 61.79
C PRO B 781 -4.19 -40.68 63.00
N ASP B 782 -4.90 -39.57 63.07
CA ASP B 782 -5.90 -39.34 64.10
C ASP B 782 -7.28 -39.52 63.50
N PRO B 783 -8.03 -40.57 63.86
CA PRO B 783 -9.37 -40.74 63.29
C PRO B 783 -10.33 -39.60 63.61
N SER B 784 -10.18 -38.97 64.77
CA SER B 784 -11.10 -37.91 65.19
C SER B 784 -10.76 -36.60 64.49
N LYS B 785 -10.65 -36.64 63.16
CA LYS B 785 -10.27 -35.49 62.37
C LYS B 785 -10.92 -35.63 61.00
N PRO B 786 -11.45 -34.53 60.44
CA PRO B 786 -12.06 -34.64 59.11
C PRO B 786 -11.10 -35.06 58.02
N SER B 787 -9.82 -34.68 58.13
CA SER B 787 -8.84 -34.98 57.11
C SER B 787 -8.09 -36.28 57.36
N LYS B 788 -8.35 -36.97 58.47
CA LYS B 788 -7.77 -38.28 58.75
C LYS B 788 -6.24 -38.23 58.68
N ARG B 789 -5.68 -37.10 59.10
CA ARG B 789 -4.24 -36.90 59.08
C ARG B 789 -3.65 -37.21 60.44
N SER B 790 -2.36 -36.96 60.57
CA SER B 790 -1.65 -37.12 61.82
C SER B 790 -1.35 -35.74 62.42
N PHE B 791 -0.64 -35.74 63.55
CA PHE B 791 -0.30 -34.48 64.18
C PHE B 791 0.73 -33.71 63.37
N ILE B 792 1.82 -34.38 62.97
CA ILE B 792 2.90 -33.71 62.26
C ILE B 792 2.46 -33.29 60.87
N GLU B 793 1.68 -34.13 60.19
CA GLU B 793 1.18 -33.78 58.87
C GLU B 793 0.29 -32.55 58.93
N ASP B 794 -0.60 -32.49 59.93
CA ASP B 794 -1.47 -31.33 60.09
C ASP B 794 -0.66 -30.08 60.40
N LEU B 795 0.35 -30.22 61.25
CA LEU B 795 1.20 -29.09 61.57
C LEU B 795 1.98 -28.62 60.35
N LEU B 796 2.31 -29.54 59.43
CA LEU B 796 3.01 -29.15 58.22
C LEU B 796 2.09 -28.43 57.23
N PHE B 797 0.86 -28.93 57.05
CA PHE B 797 -0.07 -28.21 56.18
C PHE B 797 -0.42 -26.84 56.73
N ASN B 798 -0.50 -26.69 58.05
CA ASN B 798 -0.81 -25.40 58.63
C ASN B 798 0.38 -24.46 58.67
N LYS B 799 1.43 -24.74 57.89
CA LYS B 799 2.65 -23.95 57.91
C LYS B 799 2.98 -23.32 56.56
N VAL B 800 2.69 -24.00 55.46
CA VAL B 800 3.01 -23.48 54.13
C VAL B 800 1.85 -22.66 53.58
N LYS B 828 -8.99 -17.58 37.99
CA LYS B 828 -9.34 -17.25 36.63
C LYS B 828 -8.75 -15.91 36.24
N PHE B 829 -8.17 -15.84 35.05
CA PHE B 829 -7.43 -14.67 34.61
C PHE B 829 -7.61 -14.54 33.10
N ASN B 830 -6.66 -13.87 32.45
CA ASN B 830 -6.69 -13.64 31.02
C ASN B 830 -6.38 -14.93 30.28
N GLY B 831 -7.30 -15.89 30.30
CA GLY B 831 -7.05 -17.16 29.65
C GLY B 831 -6.15 -18.10 30.41
N LEU B 832 -5.81 -17.79 31.65
CA LEU B 832 -4.96 -18.62 32.49
C LEU B 832 -5.82 -19.49 33.39
N THR B 833 -5.52 -20.79 33.43
CA THR B 833 -6.24 -21.70 34.30
C THR B 833 -5.26 -22.61 35.03
N VAL B 834 -5.65 -23.04 36.22
CA VAL B 834 -4.87 -23.98 37.01
C VAL B 834 -5.70 -25.25 37.20
N LEU B 835 -5.15 -26.37 36.79
CA LEU B 835 -5.85 -27.64 36.90
C LEU B 835 -5.74 -28.18 38.33
N PRO B 836 -6.68 -29.02 38.75
CA PRO B 836 -6.57 -29.66 40.05
C PRO B 836 -5.69 -30.89 39.96
N PRO B 837 -4.94 -31.19 41.02
CA PRO B 837 -4.15 -32.43 41.02
C PRO B 837 -5.05 -33.65 40.99
N LEU B 838 -4.56 -34.71 40.35
CA LEU B 838 -5.36 -35.93 40.23
C LEU B 838 -5.61 -36.56 41.60
N LEU B 839 -4.61 -36.57 42.47
CA LEU B 839 -4.73 -37.17 43.78
C LEU B 839 -5.01 -36.09 44.82
N THR B 840 -6.11 -36.23 45.55
CA THR B 840 -6.44 -35.32 46.62
C THR B 840 -5.43 -35.48 47.75
N ASP B 841 -5.29 -34.44 48.57
CA ASP B 841 -4.47 -34.55 49.77
C ASP B 841 -4.95 -35.67 50.68
N GLU B 842 -6.25 -35.98 50.63
CA GLU B 842 -6.78 -37.09 51.43
C GLU B 842 -6.13 -38.41 51.04
N MET B 843 -6.10 -38.70 49.74
CA MET B 843 -5.57 -39.99 49.31
C MET B 843 -4.05 -40.06 49.45
N ILE B 844 -3.37 -38.93 49.34
CA ILE B 844 -1.93 -38.92 49.62
C ILE B 844 -1.68 -39.23 51.08
N ALA B 845 -2.46 -38.63 51.98
CA ALA B 845 -2.35 -38.98 53.38
C ALA B 845 -2.68 -40.44 53.63
N GLN B 846 -3.61 -41.01 52.86
CA GLN B 846 -3.95 -42.41 53.04
C GLN B 846 -2.82 -43.34 52.60
N TYR B 847 -2.17 -43.04 51.46
CA TYR B 847 -0.94 -43.74 51.10
C TYR B 847 0.11 -43.64 52.20
N THR B 848 0.34 -42.44 52.74
CA THR B 848 1.35 -42.32 53.78
C THR B 848 1.00 -43.16 55.00
N SER B 849 -0.29 -43.19 55.37
CA SER B 849 -0.71 -44.00 56.49
C SER B 849 -0.49 -45.48 56.21
N ALA B 850 -0.79 -45.93 54.99
CA ALA B 850 -0.58 -47.33 54.65
C ALA B 850 0.89 -47.71 54.73
N LEU B 851 1.76 -46.84 54.23
CA LEU B 851 3.20 -47.11 54.32
C LEU B 851 3.66 -47.15 55.76
N LEU B 852 3.20 -46.22 56.58
CA LEU B 852 3.56 -46.20 57.99
C LEU B 852 3.13 -47.48 58.69
N ALA B 853 1.88 -47.90 58.47
CA ALA B 853 1.37 -49.09 59.12
C ALA B 853 2.12 -50.33 58.67
N GLY B 854 2.40 -50.43 57.37
CA GLY B 854 3.17 -51.57 56.89
C GLY B 854 4.56 -51.64 57.50
N THR B 855 5.25 -50.50 57.56
CA THR B 855 6.57 -50.48 58.17
C THR B 855 6.52 -50.88 59.64
N ILE B 856 5.54 -50.34 60.37
CA ILE B 856 5.47 -50.60 61.81
C ILE B 856 5.12 -52.05 62.09
N THR B 857 4.25 -52.63 61.29
CA THR B 857 3.77 -53.98 61.60
C THR B 857 4.65 -55.06 60.98
N SER B 858 4.83 -55.03 59.67
CA SER B 858 5.44 -56.13 58.94
C SER B 858 6.93 -55.94 58.69
N GLY B 859 7.53 -54.86 59.17
CA GLY B 859 8.94 -54.66 58.88
C GLY B 859 9.14 -54.27 57.42
N TRP B 860 10.23 -54.76 56.84
CA TRP B 860 10.51 -54.50 55.43
C TRP B 860 10.02 -55.60 54.51
N THR B 861 9.31 -56.60 55.03
CA THR B 861 8.90 -57.70 54.18
C THR B 861 7.80 -57.30 53.21
N PHE B 862 7.03 -56.27 53.53
CA PHE B 862 5.88 -55.92 52.70
C PHE B 862 6.27 -55.22 51.41
N GLY B 863 7.51 -54.76 51.28
CA GLY B 863 7.95 -54.22 50.02
C GLY B 863 8.43 -55.24 49.02
N ALA B 864 8.70 -56.47 49.48
CA ALA B 864 9.20 -57.54 48.64
C ALA B 864 8.18 -58.63 48.38
N GLY B 865 6.92 -58.41 48.73
CA GLY B 865 5.90 -59.42 48.55
C GLY B 865 4.75 -59.24 49.50
N ALA B 866 4.29 -60.33 50.12
CA ALA B 866 3.24 -60.22 51.11
C ALA B 866 3.79 -59.66 52.41
N ALA B 867 2.95 -58.95 53.15
CA ALA B 867 3.34 -58.45 54.45
C ALA B 867 3.34 -59.60 55.46
N LEU B 868 4.44 -59.75 56.19
CA LEU B 868 4.58 -60.76 57.21
C LEU B 868 4.80 -60.05 58.54
N GLN B 869 3.88 -60.25 59.48
CA GLN B 869 3.95 -59.54 60.74
C GLN B 869 5.13 -60.03 61.57
N ILE B 870 5.59 -59.15 62.45
CA ILE B 870 6.70 -59.44 63.37
C ILE B 870 6.60 -58.43 64.49
N PRO B 871 6.80 -58.82 65.76
CA PRO B 871 6.78 -57.84 66.84
C PRO B 871 7.83 -56.76 66.63
N PHE B 872 7.49 -55.54 67.03
CA PHE B 872 8.35 -54.40 66.71
C PHE B 872 9.71 -54.51 67.37
N ALA B 873 9.79 -55.06 68.58
CA ALA B 873 11.07 -55.19 69.24
C ALA B 873 12.00 -56.12 68.45
N MET B 874 11.48 -57.20 67.92
CA MET B 874 12.31 -58.10 67.13
C MET B 874 12.74 -57.46 65.83
N GLN B 875 11.89 -56.62 65.24
CA GLN B 875 12.29 -55.91 64.02
C GLN B 875 13.41 -54.92 64.31
N MET B 876 13.32 -54.20 65.43
CA MET B 876 14.44 -53.37 65.84
C MET B 876 15.68 -54.20 66.14
N ALA B 877 15.53 -55.42 66.62
CA ALA B 877 16.69 -56.28 66.79
C ALA B 877 17.33 -56.61 65.45
N TYR B 878 16.51 -56.92 64.44
CA TYR B 878 17.01 -57.13 63.09
C TYR B 878 17.79 -55.90 62.61
N ARG B 879 17.23 -54.72 62.84
CA ARG B 879 17.82 -53.51 62.31
C ARG B 879 19.10 -53.12 63.04
N PHE B 880 19.19 -53.42 64.33
CA PHE B 880 20.46 -53.28 65.03
C PHE B 880 21.49 -54.27 64.49
N ASN B 881 21.06 -55.50 64.21
CA ASN B 881 21.94 -56.47 63.62
C ASN B 881 22.40 -56.03 62.23
N GLY B 882 21.63 -55.18 61.57
CA GLY B 882 21.99 -54.71 60.24
C GLY B 882 23.11 -53.71 60.21
N ILE B 883 23.33 -52.96 61.29
CA ILE B 883 24.37 -51.96 61.34
C ILE B 883 25.62 -52.47 62.05
N GLY B 884 25.70 -53.76 62.34
CA GLY B 884 26.87 -54.31 62.98
C GLY B 884 26.87 -54.27 64.48
N VAL B 885 25.71 -54.34 65.13
CA VAL B 885 25.58 -54.40 66.58
C VAL B 885 24.81 -55.66 66.93
N THR B 886 25.34 -56.42 67.89
CA THR B 886 24.70 -57.66 68.30
C THR B 886 23.33 -57.38 68.88
N GLN B 887 22.38 -58.29 68.62
CA GLN B 887 20.99 -58.02 68.94
C GLN B 887 20.71 -57.99 70.44
N ASN B 888 21.61 -58.54 71.26
CA ASN B 888 21.37 -58.50 72.70
C ASN B 888 21.37 -57.08 73.23
N VAL B 889 22.09 -56.17 72.57
CA VAL B 889 22.15 -54.79 73.02
C VAL B 889 20.75 -54.18 73.05
N LEU B 890 19.97 -54.42 72.00
CA LEU B 890 18.59 -53.95 71.99
C LEU B 890 17.79 -54.57 73.12
N TYR B 891 17.88 -55.89 73.28
CA TYR B 891 17.00 -56.53 74.24
C TYR B 891 17.34 -56.19 75.68
N GLU B 892 18.55 -55.70 75.95
CA GLU B 892 18.89 -55.27 77.29
C GLU B 892 18.89 -53.76 77.47
N ASN B 893 18.73 -52.99 76.39
CA ASN B 893 18.56 -51.55 76.50
C ASN B 893 17.25 -51.09 75.89
N GLN B 894 16.26 -51.98 75.82
CA GLN B 894 14.99 -51.66 75.18
C GLN B 894 14.34 -50.43 75.80
N LYS B 895 14.28 -50.35 77.12
CA LYS B 895 13.59 -49.25 77.77
C LYS B 895 14.28 -47.92 77.47
N LEU B 896 15.61 -47.89 77.59
CA LEU B 896 16.36 -46.69 77.30
C LEU B 896 16.18 -46.27 75.85
N ILE B 897 16.23 -47.23 74.93
CA ILE B 897 16.11 -46.91 73.51
C ILE B 897 14.72 -46.36 73.21
N ALA B 898 13.69 -46.96 73.79
CA ALA B 898 12.33 -46.46 73.58
C ALA B 898 12.19 -45.04 74.11
N ASN B 899 12.75 -44.76 75.29
CA ASN B 899 12.67 -43.41 75.84
C ASN B 899 13.40 -42.41 74.94
N GLN B 900 14.57 -42.78 74.44
CA GLN B 900 15.30 -41.90 73.54
C GLN B 900 14.52 -41.63 72.27
N PHE B 901 13.89 -42.66 71.70
CA PHE B 901 13.11 -42.48 70.49
C PHE B 901 11.93 -41.55 70.74
N ASN B 902 11.24 -41.73 71.86
CA ASN B 902 10.10 -40.88 72.16
C ASN B 902 10.52 -39.42 72.34
N SER B 903 11.62 -39.19 73.06
CA SER B 903 12.10 -37.82 73.23
C SER B 903 12.49 -37.20 71.90
N ALA B 904 13.19 -37.95 71.05
CA ALA B 904 13.61 -37.43 69.75
C ALA B 904 12.41 -37.12 68.87
N ILE B 905 11.38 -37.95 68.93
CA ILE B 905 10.15 -37.67 68.18
C ILE B 905 9.50 -36.40 68.71
N GLY B 906 9.47 -36.24 70.03
CA GLY B 906 8.89 -35.03 70.61
C GLY B 906 9.61 -33.77 70.19
N LYS B 907 10.93 -33.84 70.04
CA LYS B 907 11.68 -32.64 69.67
C LYS B 907 11.35 -32.15 68.26
N ILE B 908 10.81 -33.02 67.41
CA ILE B 908 10.50 -32.63 66.04
C ILE B 908 9.41 -31.56 66.01
N GLN B 909 8.37 -31.75 66.81
CA GLN B 909 7.29 -30.75 66.86
C GLN B 909 7.84 -29.40 67.30
N ASP B 910 8.69 -29.38 68.32
CA ASP B 910 9.29 -28.13 68.77
C ASP B 910 10.13 -27.50 67.66
N SER B 911 10.92 -28.31 66.95
CA SER B 911 11.68 -27.79 65.83
C SER B 911 10.80 -27.31 64.70
N LEU B 912 9.53 -27.71 64.69
CA LEU B 912 8.59 -27.28 63.67
C LEU B 912 7.57 -26.26 64.16
N SER B 913 7.15 -26.34 65.42
CA SER B 913 6.19 -25.39 65.97
C SER B 913 6.87 -24.15 66.51
N ALA B 918 13.00 -23.71 57.88
CA ALA B 918 12.23 -24.94 58.08
C ALA B 918 11.84 -25.56 56.75
N LEU B 919 10.71 -25.12 56.20
CA LEU B 919 10.18 -25.66 54.95
C LEU B 919 10.48 -24.75 53.77
N GLY B 920 11.62 -24.08 53.79
CA GLY B 920 11.94 -23.14 52.72
C GLY B 920 12.07 -23.80 51.36
N LYS B 921 12.54 -25.05 51.33
CA LYS B 921 12.67 -25.75 50.06
C LYS B 921 11.31 -25.97 49.39
N LEU B 922 10.25 -26.07 50.19
CA LEU B 922 8.91 -26.21 49.61
C LEU B 922 8.30 -24.85 49.28
N GLN B 923 8.57 -23.85 50.11
CA GLN B 923 8.00 -22.53 49.87
C GLN B 923 8.61 -21.87 48.64
N ASP B 924 9.87 -22.16 48.34
CA ASP B 924 10.52 -21.55 47.18
C ASP B 924 9.85 -21.97 45.89
N VAL B 925 9.36 -23.21 45.82
CA VAL B 925 8.69 -23.68 44.62
C VAL B 925 7.44 -22.86 44.33
N VAL B 926 6.58 -22.70 45.33
CA VAL B 926 5.34 -21.97 45.12
C VAL B 926 5.63 -20.49 44.89
N ASN B 927 6.64 -19.95 45.58
CA ASN B 927 6.99 -18.55 45.38
C ASN B 927 7.45 -18.30 43.95
N GLN B 928 8.34 -19.15 43.43
CA GLN B 928 8.82 -18.99 42.07
C GLN B 928 7.70 -19.16 41.06
N ASN B 929 6.84 -20.17 41.25
CA ASN B 929 5.76 -20.38 40.29
C ASN B 929 4.80 -19.21 40.28
N ALA B 930 4.41 -18.72 41.45
CA ALA B 930 3.50 -17.58 41.50
C ALA B 930 4.14 -16.34 40.91
N GLN B 931 5.41 -16.10 41.21
CA GLN B 931 6.08 -14.92 40.69
C GLN B 931 6.19 -14.96 39.17
N ALA B 932 6.52 -16.13 38.62
CA ALA B 932 6.60 -16.23 37.17
C ALA B 932 5.23 -16.04 36.52
N LEU B 933 4.20 -16.68 37.07
CA LEU B 933 2.87 -16.51 36.51
C LEU B 933 2.34 -15.10 36.69
N ASN B 934 2.87 -14.37 37.66
CA ASN B 934 2.44 -12.99 37.88
C ASN B 934 3.14 -12.02 36.94
N THR B 935 4.45 -12.19 36.75
CA THR B 935 5.16 -11.38 35.76
C THR B 935 4.79 -11.75 34.34
N LEU B 936 4.16 -12.91 34.13
CA LEU B 936 3.56 -13.19 32.83
C LEU B 936 2.37 -12.29 32.53
N VAL B 937 1.43 -12.20 33.47
CA VAL B 937 0.21 -11.45 33.25
C VAL B 937 0.44 -9.96 33.41
N LYS B 938 1.52 -9.56 34.07
CA LYS B 938 1.87 -8.14 34.12
C LYS B 938 2.42 -7.63 32.80
N GLN B 939 2.94 -8.50 31.94
CA GLN B 939 3.49 -8.07 30.66
C GLN B 939 2.41 -7.66 29.67
N LEU B 940 1.13 -7.87 29.99
CA LEU B 940 0.05 -7.49 29.10
C LEU B 940 -0.16 -5.99 29.01
N SER B 941 0.38 -5.22 29.95
CA SER B 941 0.22 -3.78 29.96
C SER B 941 1.44 -3.06 29.40
N SER B 942 2.20 -3.71 28.53
CA SER B 942 3.35 -3.11 27.88
C SER B 942 3.06 -2.95 26.39
N ASN B 943 3.39 -1.79 25.84
CA ASN B 943 3.05 -1.49 24.46
C ASN B 943 4.12 -1.94 23.47
N PHE B 944 5.31 -2.31 23.93
CA PHE B 944 6.37 -2.83 23.06
C PHE B 944 6.69 -1.85 21.93
N GLY B 945 6.59 -0.56 22.24
CA GLY B 945 6.82 0.48 21.27
C GLY B 945 5.64 0.84 20.40
N ALA B 946 4.50 0.18 20.55
CA ALA B 946 3.32 0.51 19.78
C ALA B 946 2.60 1.72 20.40
N ILE B 947 1.42 2.02 19.87
CA ILE B 947 0.69 3.20 20.32
C ILE B 947 0.16 3.00 21.74
N SER B 948 -0.37 1.81 22.03
CA SER B 948 -0.95 1.53 23.33
C SER B 948 -0.87 0.03 23.60
N SER B 949 -1.20 -0.34 24.83
CA SER B 949 -1.20 -1.75 25.23
C SER B 949 -2.55 -2.42 24.96
N VAL B 950 -3.64 -1.69 25.11
CA VAL B 950 -4.96 -2.25 24.87
C VAL B 950 -5.23 -2.33 23.37
N LEU B 951 -5.80 -3.45 22.94
CA LEU B 951 -6.15 -3.61 21.54
C LEU B 951 -7.38 -2.80 21.15
N ASN B 952 -8.37 -2.74 22.02
CA ASN B 952 -9.63 -2.11 21.68
C ASN B 952 -9.52 -0.60 21.49
N ASP B 953 -8.41 0.01 21.89
CA ASP B 953 -8.20 1.42 21.58
C ASP B 953 -7.48 1.62 20.25
N ILE B 954 -6.41 0.87 20.00
CA ILE B 954 -5.76 0.94 18.70
C ILE B 954 -6.69 0.45 17.60
N LEU B 955 -7.64 -0.41 17.95
CA LEU B 955 -8.62 -0.90 16.99
C LEU B 955 -9.61 0.18 16.57
N SER B 956 -10.07 1.00 17.52
CA SER B 956 -11.08 2.01 17.26
C SER B 956 -10.49 3.43 17.28
N ARG B 957 -9.22 3.58 16.93
CA ARG B 957 -8.61 4.90 16.83
C ARG B 957 -7.69 4.99 15.62
N LEU B 958 -7.66 3.97 14.76
CA LEU B 958 -6.88 4.01 13.54
C LEU B 958 -7.61 3.24 12.45
N ASP B 959 -7.30 3.61 11.21
CA ASP B 959 -7.77 2.84 10.06
C ASP B 959 -7.10 1.47 10.09
N PRO B 960 -7.82 0.39 9.77
CA PRO B 960 -7.23 -0.95 9.79
C PRO B 960 -5.88 -1.07 9.09
N PRO B 961 -5.71 -0.54 7.86
CA PRO B 961 -4.47 -0.86 7.13
C PRO B 961 -3.20 -0.44 7.84
N GLU B 962 -3.21 0.65 8.61
CA GLU B 962 -2.00 0.97 9.35
C GLU B 962 -2.05 0.41 10.77
N ALA B 963 -3.24 0.18 11.31
CA ALA B 963 -3.36 -0.47 12.61
C ALA B 963 -2.85 -1.90 12.57
N GLU B 964 -2.74 -2.48 11.38
CA GLU B 964 -2.14 -3.82 11.26
C GLU B 964 -0.71 -3.81 11.80
N VAL B 965 0.06 -2.76 11.51
CA VAL B 965 1.45 -2.69 11.97
C VAL B 965 1.51 -2.68 13.49
N GLN B 966 0.68 -1.84 14.13
CA GLN B 966 0.68 -1.77 15.59
C GLN B 966 0.24 -3.10 16.18
N ILE B 967 -0.81 -3.71 15.63
CA ILE B 967 -1.30 -4.96 16.19
C ILE B 967 -0.26 -6.06 16.05
N ASP B 968 0.44 -6.10 14.92
CA ASP B 968 1.51 -7.09 14.75
C ASP B 968 2.64 -6.84 15.72
N ARG B 969 3.02 -5.59 15.92
CA ARG B 969 4.14 -5.28 16.79
C ARG B 969 3.81 -5.61 18.24
N LEU B 970 2.53 -5.51 18.61
CA LEU B 970 2.11 -5.92 19.95
C LEU B 970 2.00 -7.44 20.06
N ILE B 971 1.55 -8.10 18.99
CA ILE B 971 1.42 -9.55 18.97
C ILE B 971 2.79 -10.19 19.15
N THR B 972 3.81 -9.65 18.48
CA THR B 972 5.14 -10.25 18.60
C THR B 972 5.65 -10.20 20.03
N GLY B 973 5.47 -9.06 20.70
CA GLY B 973 5.92 -8.96 22.08
C GLY B 973 5.18 -9.91 22.99
N ARG B 974 3.87 -10.01 22.83
CA ARG B 974 3.12 -10.93 23.69
C ARG B 974 3.51 -12.38 23.43
N LEU B 975 3.71 -12.75 22.17
CA LEU B 975 4.13 -14.10 21.84
C LEU B 975 5.50 -14.41 22.43
N GLN B 976 6.42 -13.46 22.37
CA GLN B 976 7.74 -13.68 22.94
C GLN B 976 7.66 -13.85 24.45
N SER B 977 6.82 -13.05 25.12
CA SER B 977 6.66 -13.21 26.57
C SER B 977 6.14 -14.60 26.90
N LEU B 978 5.14 -15.07 26.15
CA LEU B 978 4.59 -16.39 26.42
C LEU B 978 5.62 -17.49 26.19
N GLN B 979 6.41 -17.36 25.12
CA GLN B 979 7.43 -18.36 24.83
C GLN B 979 8.48 -18.41 25.93
N THR B 980 8.91 -17.24 26.42
CA THR B 980 9.86 -17.21 27.54
C THR B 980 9.28 -17.90 28.75
N TYR B 981 8.01 -17.63 29.06
CA TYR B 981 7.39 -18.28 30.22
C TYR B 981 7.41 -19.79 30.07
N VAL B 982 7.05 -20.29 28.89
CA VAL B 982 7.00 -21.75 28.71
C VAL B 982 8.40 -22.37 28.80
N THR B 983 9.42 -21.68 28.29
CA THR B 983 10.76 -22.23 28.37
C THR B 983 11.23 -22.35 29.82
N GLN B 984 11.07 -21.29 30.61
CA GLN B 984 11.41 -21.41 32.03
C GLN B 984 10.55 -22.45 32.74
N GLN B 985 9.30 -22.64 32.31
CA GLN B 985 8.49 -23.70 32.92
C GLN B 985 9.07 -25.08 32.66
N LEU B 986 9.51 -25.33 31.42
CA LEU B 986 10.11 -26.62 31.11
C LEU B 986 11.38 -26.84 31.93
N ILE B 987 12.21 -25.81 32.03
CA ILE B 987 13.46 -25.92 32.77
C ILE B 987 13.19 -26.19 34.25
N ARG B 988 12.18 -25.54 34.83
CA ARG B 988 11.85 -25.81 36.23
C ARG B 988 11.26 -27.19 36.42
N ALA B 989 10.46 -27.67 35.47
CA ALA B 989 9.87 -29.00 35.58
C ALA B 989 10.93 -30.08 35.54
N ALA B 990 12.01 -29.85 34.79
CA ALA B 990 13.09 -30.83 34.79
C ALA B 990 13.70 -31.00 36.18
N GLU B 991 13.95 -29.88 36.87
CA GLU B 991 14.49 -29.94 38.22
C GLU B 991 13.51 -30.62 39.18
N ILE B 992 12.22 -30.29 39.07
CA ILE B 992 11.25 -30.91 39.96
C ILE B 992 11.19 -32.41 39.72
N ARG B 993 11.33 -32.84 38.47
CA ARG B 993 11.33 -34.27 38.19
C ARG B 993 12.55 -34.95 38.76
N ALA B 994 13.72 -34.29 38.72
CA ALA B 994 14.89 -34.85 39.38
C ALA B 994 14.65 -35.02 40.87
N SER B 995 14.06 -34.02 41.50
CA SER B 995 13.77 -34.11 42.92
C SER B 995 12.78 -35.24 43.22
N ALA B 996 11.76 -35.41 42.38
CA ALA B 996 10.77 -36.45 42.62
C ALA B 996 11.38 -37.83 42.43
N ASN B 997 12.28 -37.98 41.46
CA ASN B 997 12.97 -39.26 41.29
C ASN B 997 13.82 -39.58 42.50
N LEU B 998 14.53 -38.59 43.03
CA LEU B 998 15.27 -38.82 44.27
C LEU B 998 14.35 -39.21 45.42
N ALA B 999 13.19 -38.55 45.52
CA ALA B 999 12.28 -38.86 46.61
C ALA B 999 11.71 -40.26 46.50
N ALA B 1000 11.41 -40.71 45.28
CA ALA B 1000 10.96 -42.09 45.08
C ALA B 1000 12.05 -43.08 45.44
N THR B 1001 13.29 -42.77 45.06
CA THR B 1001 14.40 -43.64 45.46
C THR B 1001 14.52 -43.73 46.97
N LYS B 1002 14.39 -42.59 47.66
CA LYS B 1002 14.45 -42.62 49.11
C LYS B 1002 13.31 -43.40 49.72
N MET B 1003 12.10 -43.24 49.18
CA MET B 1003 10.97 -44.00 49.70
C MET B 1003 11.18 -45.49 49.53
N SER B 1004 11.76 -45.90 48.42
CA SER B 1004 12.04 -47.32 48.24
C SER B 1004 13.13 -47.80 49.20
N GLU B 1005 14.22 -47.06 49.30
CA GLU B 1005 15.43 -47.59 49.93
C GLU B 1005 15.52 -47.33 51.43
N CYS B 1006 15.04 -46.20 51.94
CA CYS B 1006 15.08 -45.92 53.36
C CYS B 1006 13.83 -46.34 54.10
N VAL B 1007 12.67 -46.34 53.45
CA VAL B 1007 11.41 -46.67 54.11
C VAL B 1007 11.03 -48.13 53.92
N LEU B 1008 11.16 -48.66 52.71
CA LEU B 1008 10.83 -50.06 52.47
C LEU B 1008 11.97 -50.99 52.83
N GLY B 1009 13.10 -50.47 53.31
CA GLY B 1009 14.21 -51.30 53.69
C GLY B 1009 15.19 -50.51 54.53
N GLN B 1010 16.36 -51.09 54.74
CA GLN B 1010 17.44 -50.45 55.46
C GLN B 1010 18.63 -50.30 54.53
N SER B 1011 19.16 -49.10 54.43
CA SER B 1011 20.18 -48.78 53.44
C SER B 1011 21.56 -48.76 54.09
N LYS B 1012 22.52 -49.42 53.45
CA LYS B 1012 23.92 -49.34 53.86
C LYS B 1012 24.63 -48.11 53.33
N ARG B 1013 24.06 -47.42 52.35
CA ARG B 1013 24.70 -46.22 51.82
C ARG B 1013 24.78 -45.16 52.90
N VAL B 1014 25.93 -44.55 53.03
CA VAL B 1014 26.17 -43.58 54.10
C VAL B 1014 25.65 -42.22 53.65
N ASP B 1015 25.10 -41.47 54.61
CA ASP B 1015 24.56 -40.13 54.43
C ASP B 1015 23.41 -40.08 53.43
N PHE B 1016 22.88 -41.22 53.01
CA PHE B 1016 21.75 -41.21 52.09
C PHE B 1016 20.42 -41.11 52.83
N CYS B 1017 20.33 -41.73 54.00
CA CYS B 1017 19.10 -41.71 54.77
C CYS B 1017 19.37 -41.05 56.13
N GLY B 1018 20.06 -39.92 56.13
CA GLY B 1018 20.37 -39.19 57.34
C GLY B 1018 21.83 -39.33 57.75
N LYS B 1019 22.14 -38.73 58.88
CA LYS B 1019 23.49 -38.72 59.43
C LYS B 1019 23.62 -39.76 60.52
N GLY B 1020 24.56 -40.69 60.37
CA GLY B 1020 24.71 -41.81 61.27
C GLY B 1020 24.17 -43.08 60.65
N TYR B 1021 24.40 -44.19 61.35
CA TYR B 1021 23.93 -45.48 60.85
C TYR B 1021 22.41 -45.50 60.82
N HIS B 1022 21.85 -45.97 59.72
CA HIS B 1022 20.42 -45.86 59.47
C HIS B 1022 19.66 -47.01 60.11
N LEU B 1023 18.59 -46.69 60.83
CA LEU B 1023 17.68 -47.70 61.37
C LEU B 1023 16.39 -47.80 60.57
N MET B 1024 15.62 -46.72 60.50
CA MET B 1024 14.38 -46.73 59.73
C MET B 1024 13.92 -45.31 59.48
N SER B 1025 12.98 -45.16 58.56
CA SER B 1025 12.44 -43.86 58.20
C SER B 1025 10.92 -43.94 58.13
N PHE B 1026 10.26 -42.81 58.36
CA PHE B 1026 8.80 -42.73 58.37
C PHE B 1026 8.35 -41.61 57.45
N PRO B 1027 7.62 -41.90 56.39
CA PRO B 1027 7.18 -40.84 55.48
C PRO B 1027 6.07 -39.99 56.08
N GLN B 1028 6.02 -38.75 55.61
CA GLN B 1028 4.97 -37.80 55.98
C GLN B 1028 4.67 -36.96 54.76
N SER B 1029 3.43 -36.52 54.62
CA SER B 1029 3.05 -35.71 53.47
C SER B 1029 3.13 -34.23 53.81
N ALA B 1030 3.54 -33.45 52.83
CA ALA B 1030 3.61 -32.00 52.91
C ALA B 1030 3.03 -31.45 51.62
N PRO B 1031 2.61 -30.18 51.60
CA PRO B 1031 2.01 -29.64 50.36
C PRO B 1031 2.98 -29.68 49.19
N HIS B 1032 2.66 -30.49 48.18
CA HIS B 1032 3.49 -30.66 46.99
C HIS B 1032 4.88 -31.15 47.35
N GLY B 1033 4.95 -32.03 48.34
CA GLY B 1033 6.24 -32.50 48.80
C GLY B 1033 6.09 -33.68 49.72
N VAL B 1034 7.21 -34.09 50.31
CA VAL B 1034 7.24 -35.22 51.22
C VAL B 1034 8.30 -34.93 52.26
N VAL B 1035 8.08 -35.45 53.47
CA VAL B 1035 8.99 -35.27 54.59
C VAL B 1035 9.33 -36.64 55.15
N PHE B 1036 10.62 -36.91 55.32
CA PHE B 1036 11.09 -38.17 55.87
C PHE B 1036 11.64 -37.94 57.26
N LEU B 1037 11.28 -38.80 58.19
CA LEU B 1037 11.84 -38.78 59.54
C LEU B 1037 12.84 -39.92 59.63
N HIS B 1038 14.12 -39.58 59.54
CA HIS B 1038 15.18 -40.58 59.52
C HIS B 1038 15.62 -40.87 60.95
N VAL B 1039 15.44 -42.12 61.38
CA VAL B 1039 15.89 -42.56 62.69
C VAL B 1039 17.27 -43.18 62.52
N THR B 1040 18.26 -42.66 63.23
CA THR B 1040 19.64 -43.10 63.06
C THR B 1040 20.28 -43.39 64.41
N TYR B 1041 21.32 -44.22 64.36
CA TYR B 1041 22.07 -44.66 65.53
C TYR B 1041 23.40 -43.93 65.56
N VAL B 1042 23.66 -43.20 66.64
CA VAL B 1042 24.86 -42.40 66.77
C VAL B 1042 25.65 -42.89 67.97
N PRO B 1043 26.88 -43.35 67.79
CA PRO B 1043 27.69 -43.77 68.94
C PRO B 1043 28.09 -42.59 69.81
N ALA B 1044 28.31 -42.87 71.09
CA ALA B 1044 28.64 -41.82 72.04
C ALA B 1044 29.50 -42.38 73.16
N GLN B 1045 30.15 -41.48 73.88
CA GLN B 1045 30.92 -41.82 75.08
C GLN B 1045 32.02 -42.85 74.78
N GLU B 1046 32.96 -42.43 73.94
CA GLU B 1046 34.04 -43.31 73.51
C GLU B 1046 35.16 -43.36 74.54
N LYS B 1047 35.69 -44.54 74.78
CA LYS B 1047 36.83 -44.74 75.66
C LYS B 1047 37.98 -45.34 74.87
N ASN B 1048 39.19 -44.86 75.14
CA ASN B 1048 40.37 -45.30 74.41
C ASN B 1048 40.96 -46.55 75.06
N PHE B 1049 41.45 -47.45 74.22
CA PHE B 1049 42.03 -48.71 74.67
C PHE B 1049 43.36 -48.93 73.98
N THR B 1050 44.00 -50.04 74.32
CA THR B 1050 45.20 -50.50 73.63
C THR B 1050 44.85 -51.77 72.87
N THR B 1051 45.34 -51.89 71.65
CA THR B 1051 44.85 -52.89 70.72
C THR B 1051 46.00 -53.54 69.98
N ALA B 1052 45.79 -54.78 69.55
CA ALA B 1052 46.77 -55.58 68.84
C ALA B 1052 46.07 -56.31 67.71
N PRO B 1053 46.79 -56.65 66.65
CA PRO B 1053 46.14 -57.30 65.50
C PRO B 1053 45.93 -58.79 65.69
N ALA B 1054 46.81 -59.46 66.43
CA ALA B 1054 46.73 -60.90 66.58
C ALA B 1054 47.31 -61.30 67.94
N ILE B 1055 47.00 -62.53 68.34
CA ILE B 1055 47.44 -63.08 69.61
C ILE B 1055 48.23 -64.35 69.33
N CYS B 1056 49.46 -64.41 69.86
CA CYS B 1056 50.26 -65.62 69.75
C CYS B 1056 50.02 -66.53 70.95
N HIS B 1057 49.92 -67.83 70.67
CA HIS B 1057 49.68 -68.83 71.69
C HIS B 1057 50.15 -70.18 71.14
N ASP B 1058 51.10 -70.79 71.85
CA ASP B 1058 51.71 -72.06 71.41
C ASP B 1058 52.29 -71.93 70.00
N GLY B 1059 52.82 -70.76 69.68
CA GLY B 1059 53.45 -70.54 68.39
C GLY B 1059 52.50 -70.37 67.23
N LYS B 1060 51.22 -70.10 67.49
CA LYS B 1060 50.22 -69.94 66.45
C LYS B 1060 49.52 -68.59 66.63
N ALA B 1061 49.32 -67.88 65.53
CA ALA B 1061 48.69 -66.56 65.55
C ALA B 1061 47.18 -66.71 65.52
N HIS B 1062 46.50 -66.01 66.42
CA HIS B 1062 45.05 -66.06 66.52
C HIS B 1062 44.47 -64.71 66.12
N PHE B 1063 43.50 -64.73 65.23
CA PHE B 1063 42.79 -63.56 64.78
C PHE B 1063 41.35 -63.61 65.25
N PRO B 1064 40.74 -62.48 65.59
CA PRO B 1064 39.37 -62.51 66.11
C PRO B 1064 38.38 -62.88 65.01
N ARG B 1065 37.43 -63.74 65.37
CA ARG B 1065 36.43 -64.18 64.41
C ARG B 1065 35.63 -63.00 63.89
N GLU B 1066 35.13 -62.17 64.80
CA GLU B 1066 34.43 -60.94 64.42
C GLU B 1066 34.51 -59.98 65.61
N GLY B 1067 35.40 -59.00 65.50
CA GLY B 1067 35.61 -58.07 66.60
C GLY B 1067 37.05 -57.59 66.61
N VAL B 1068 37.46 -57.07 67.76
CA VAL B 1068 38.77 -56.46 67.92
C VAL B 1068 39.34 -56.88 69.27
N PHE B 1069 40.62 -57.25 69.28
CA PHE B 1069 41.33 -57.47 70.53
C PHE B 1069 41.59 -56.15 71.22
N VAL B 1070 41.22 -56.07 72.49
CA VAL B 1070 41.26 -54.83 73.25
C VAL B 1070 41.80 -55.12 74.64
N SER B 1071 42.69 -54.25 75.13
CA SER B 1071 43.30 -54.41 76.44
C SER B 1071 42.94 -53.25 77.34
N ASN B 1072 42.44 -53.54 78.54
CA ASN B 1072 42.11 -52.50 79.50
C ASN B 1072 43.32 -52.06 80.31
N GLY B 1073 44.49 -52.66 80.06
CA GLY B 1073 45.69 -52.35 80.80
C GLY B 1073 46.44 -53.59 81.26
N THR B 1074 45.71 -54.61 81.69
CA THR B 1074 46.34 -55.85 82.17
C THR B 1074 45.87 -57.08 81.42
N HIS B 1075 44.61 -57.13 81.00
CA HIS B 1075 44.05 -58.30 80.37
C HIS B 1075 43.65 -57.98 78.93
N TRP B 1076 43.34 -59.02 78.18
CA TRP B 1076 42.93 -58.91 76.79
C TRP B 1076 41.56 -59.51 76.60
N PHE B 1077 40.71 -58.82 75.84
CA PHE B 1077 39.37 -59.27 75.55
C PHE B 1077 39.10 -59.14 74.07
N VAL B 1078 38.02 -59.79 73.63
CA VAL B 1078 37.47 -59.59 72.29
C VAL B 1078 36.18 -58.82 72.45
N THR B 1079 36.06 -57.70 71.75
CA THR B 1079 34.86 -56.90 71.78
C THR B 1079 34.40 -56.64 70.36
N GLN B 1080 33.10 -56.40 70.21
CA GLN B 1080 32.57 -55.99 68.92
C GLN B 1080 32.97 -54.55 68.63
N ARG B 1081 33.04 -54.22 67.34
CA ARG B 1081 33.69 -52.99 66.93
C ARG B 1081 32.92 -51.74 67.36
N ASN B 1082 31.59 -51.79 67.32
CA ASN B 1082 30.78 -50.60 67.49
C ASN B 1082 30.21 -50.43 68.89
N PHE B 1083 30.54 -51.33 69.82
CA PHE B 1083 29.99 -51.26 71.16
C PHE B 1083 30.92 -51.99 72.09
N TYR B 1084 31.11 -51.45 73.29
CA TYR B 1084 32.06 -52.03 74.23
C TYR B 1084 31.38 -53.15 74.99
N GLU B 1085 31.82 -54.38 74.74
CA GLU B 1085 31.27 -55.56 75.43
C GLU B 1085 32.36 -56.62 75.50
N PRO B 1086 33.33 -56.45 76.41
CA PRO B 1086 34.49 -57.34 76.41
C PRO B 1086 34.13 -58.77 76.79
N GLN B 1087 34.88 -59.70 76.21
CA GLN B 1087 34.67 -61.13 76.45
C GLN B 1087 36.02 -61.83 76.49
N ILE B 1088 36.03 -62.99 77.14
CA ILE B 1088 37.27 -63.76 77.28
C ILE B 1088 37.63 -64.39 75.95
N ILE B 1089 38.92 -64.33 75.61
CA ILE B 1089 39.41 -64.92 74.37
C ILE B 1089 39.35 -66.44 74.48
N THR B 1090 38.64 -67.08 73.57
CA THR B 1090 38.52 -68.54 73.53
C THR B 1090 38.77 -69.04 72.12
N THR B 1091 38.83 -70.36 71.98
CA THR B 1091 39.15 -70.95 70.67
C THR B 1091 37.97 -70.88 69.72
N ASP B 1092 36.74 -70.87 70.23
CA ASP B 1092 35.57 -70.69 69.40
C ASP B 1092 35.25 -69.22 69.16
N ASN B 1093 36.03 -68.31 69.73
CA ASN B 1093 35.89 -66.89 69.54
C ASN B 1093 36.88 -66.32 68.54
N THR B 1094 37.88 -67.11 68.13
CA THR B 1094 38.93 -66.68 67.23
C THR B 1094 39.12 -67.75 66.16
N PHE B 1095 40.15 -67.57 65.34
CA PHE B 1095 40.59 -68.61 64.40
C PHE B 1095 42.08 -68.45 64.16
N VAL B 1096 42.71 -69.53 63.68
CA VAL B 1096 44.15 -69.63 63.60
C VAL B 1096 44.60 -69.55 62.15
N SER B 1097 45.76 -68.93 61.92
CA SER B 1097 46.38 -68.94 60.60
C SER B 1097 47.87 -68.64 60.75
N GLY B 1098 48.70 -69.66 60.59
CA GLY B 1098 50.14 -69.47 60.57
C GLY B 1098 50.76 -69.38 61.96
N ASN B 1099 52.05 -69.12 61.96
CA ASN B 1099 52.84 -69.00 63.17
C ASN B 1099 53.17 -67.54 63.46
N CYS B 1100 53.35 -67.23 64.74
CA CYS B 1100 53.42 -65.83 65.17
C CYS B 1100 54.82 -65.25 64.97
N ASP B 1101 55.21 -65.18 63.69
CA ASP B 1101 56.46 -64.53 63.31
C ASP B 1101 56.31 -63.62 62.10
N VAL B 1102 55.14 -63.56 61.48
CA VAL B 1102 54.94 -62.75 60.30
C VAL B 1102 54.07 -61.52 60.57
N VAL B 1103 53.12 -61.61 61.50
CA VAL B 1103 52.22 -60.50 61.77
C VAL B 1103 52.95 -59.43 62.58
N ILE B 1104 52.86 -58.19 62.13
CA ILE B 1104 53.50 -57.07 62.80
C ILE B 1104 52.62 -56.63 63.96
N GLY B 1105 53.16 -56.63 65.16
CA GLY B 1105 52.45 -56.16 66.32
C GLY B 1105 51.72 -57.22 67.12
N ILE B 1106 51.92 -58.49 66.80
CA ILE B 1106 51.28 -59.57 67.55
C ILE B 1106 51.83 -59.59 68.97
N VAL B 1107 50.95 -59.85 69.93
CA VAL B 1107 51.30 -59.84 71.34
C VAL B 1107 51.04 -61.21 71.94
N ASN B 1108 51.59 -61.42 73.13
CA ASN B 1108 51.49 -62.68 73.84
C ASN B 1108 50.30 -62.67 74.78
N ASN B 1109 49.49 -63.73 74.72
CA ASN B 1109 48.42 -63.93 75.67
C ASN B 1109 47.93 -65.37 75.55
N THR B 1110 47.17 -65.81 76.54
CA THR B 1110 46.62 -67.15 76.56
C THR B 1110 45.22 -67.15 75.96
N VAL B 1111 44.86 -68.25 75.31
CA VAL B 1111 43.54 -68.44 74.74
C VAL B 1111 42.90 -69.62 75.45
N TYR B 1112 41.75 -69.37 76.07
CA TYR B 1112 41.09 -70.39 76.88
C TYR B 1112 40.46 -71.45 76.00
N ASP B 1113 40.67 -72.72 76.35
CA ASP B 1113 40.07 -73.83 75.63
C ASP B 1113 38.89 -74.36 76.44
N PRO B 1114 37.66 -74.27 75.93
CA PRO B 1114 36.49 -74.67 76.73
C PRO B 1114 36.22 -76.15 76.74
N LEU B 1115 37.02 -76.97 76.06
CA LEU B 1115 36.72 -78.39 75.94
C LEU B 1115 37.44 -79.24 76.97
N GLN B 1116 38.67 -78.90 77.33
CA GLN B 1116 39.45 -79.75 78.22
C GLN B 1116 38.97 -79.76 79.68
N PRO B 1117 38.43 -78.66 80.25
CA PRO B 1117 38.03 -78.73 81.66
C PRO B 1117 36.90 -79.71 81.96
N GLU B 1118 36.20 -80.22 80.95
CA GLU B 1118 35.09 -81.12 81.22
C GLU B 1118 35.57 -82.45 81.78
N LEU B 1119 36.55 -83.08 81.14
CA LEU B 1119 37.01 -84.39 81.61
C LEU B 1119 37.99 -84.28 82.77
N ASP B 1120 38.44 -83.08 83.11
CA ASP B 1120 39.38 -82.84 84.20
C ASP B 1120 40.68 -83.60 83.99
N ALA C 1 57.28 -18.62 -18.93
CA ALA C 1 56.31 -17.55 -19.08
C ALA C 1 55.22 -17.64 -18.03
N TYR C 2 55.06 -18.81 -17.43
CA TYR C 2 54.00 -19.07 -16.47
C TYR C 2 54.61 -19.62 -15.19
N THR C 3 54.77 -18.76 -14.18
CA THR C 3 55.28 -19.17 -12.88
C THR C 3 54.14 -19.18 -11.87
N ASN C 4 54.39 -19.81 -10.73
CA ASN C 4 53.36 -20.03 -9.72
C ASN C 4 53.55 -19.03 -8.59
N SER C 5 52.51 -18.27 -8.30
CA SER C 5 52.55 -17.30 -7.21
C SER C 5 52.32 -18.00 -5.88
N PHE C 6 53.33 -18.00 -5.03
CA PHE C 6 53.26 -18.66 -3.74
C PHE C 6 52.42 -17.81 -2.78
N THR C 7 52.57 -18.02 -1.48
CA THR C 7 51.81 -17.27 -0.49
C THR C 7 52.33 -15.84 -0.48
N ARG C 8 51.84 -15.04 -1.43
CA ARG C 8 52.35 -13.69 -1.62
C ARG C 8 51.27 -12.84 -2.28
N GLY C 9 51.27 -11.56 -1.94
CA GLY C 9 50.35 -10.60 -2.52
C GLY C 9 49.16 -10.28 -1.63
N VAL C 10 49.41 -10.14 -0.34
CA VAL C 10 48.36 -9.83 0.64
C VAL C 10 48.65 -8.48 1.27
N TYR C 11 47.62 -7.65 1.36
CA TYR C 11 47.73 -6.29 1.85
C TYR C 11 46.89 -6.13 3.11
N TYR C 12 46.91 -4.91 3.65
CA TYR C 12 46.09 -4.59 4.81
C TYR C 12 44.73 -4.13 4.32
N PRO C 13 43.68 -4.94 4.43
CA PRO C 13 42.39 -4.55 3.87
C PRO C 13 41.78 -3.32 4.51
N ASP C 14 42.22 -2.95 5.71
CA ASP C 14 41.66 -1.79 6.41
C ASP C 14 42.79 -1.05 7.11
N LYS C 15 42.41 -0.05 7.89
CA LYS C 15 43.32 0.72 8.73
C LYS C 15 43.12 0.50 10.22
N VAL C 16 42.01 -0.10 10.64
CA VAL C 16 41.80 -0.31 12.07
C VAL C 16 42.93 -1.19 12.60
N PHE C 17 43.79 -0.60 13.42
CA PHE C 17 44.92 -1.32 13.99
C PHE C 17 44.44 -2.44 14.89
N ARG C 18 45.04 -3.62 14.73
CA ARG C 18 44.74 -4.75 15.59
C ARG C 18 46.03 -5.51 15.87
N SER C 19 46.07 -6.20 17.00
CA SER C 19 47.22 -7.01 17.37
C SER C 19 46.77 -8.27 18.07
N SER C 20 47.48 -9.37 17.80
CA SER C 20 47.22 -10.66 18.44
C SER C 20 45.76 -11.08 18.28
N VAL C 21 45.25 -10.94 17.05
CA VAL C 21 43.92 -11.39 16.70
C VAL C 21 44.03 -12.32 15.50
N LEU C 22 42.92 -12.94 15.15
CA LEU C 22 42.80 -13.79 13.98
C LEU C 22 41.67 -13.29 13.10
N HIS C 23 41.72 -11.99 12.80
CA HIS C 23 40.64 -11.34 12.08
C HIS C 23 40.44 -11.93 10.70
N SER C 24 39.19 -12.00 10.27
CA SER C 24 38.82 -12.55 8.97
C SER C 24 38.07 -11.50 8.18
N THR C 25 38.34 -11.44 6.87
CA THR C 25 37.78 -10.42 6.01
C THR C 25 37.69 -10.97 4.59
N GLN C 26 36.59 -10.65 3.91
CA GLN C 26 36.38 -11.04 2.53
C GLN C 26 36.64 -9.84 1.63
N ASP C 27 37.57 -9.98 0.70
CA ASP C 27 37.96 -8.91 -0.20
C ASP C 27 38.64 -9.52 -1.42
N LEU C 28 39.28 -8.68 -2.23
CA LEU C 28 39.98 -9.14 -3.42
C LEU C 28 41.44 -9.39 -3.10
N PHE C 29 41.91 -10.60 -3.37
CA PHE C 29 43.28 -10.98 -3.08
C PHE C 29 43.80 -11.88 -4.18
N LEU C 30 45.08 -12.20 -4.12
CA LEU C 30 45.65 -13.24 -4.96
C LEU C 30 45.32 -14.60 -4.37
N PRO C 31 44.65 -15.48 -5.09
CA PRO C 31 44.52 -16.85 -4.63
C PRO C 31 45.89 -17.47 -4.46
N PHE C 32 46.07 -18.23 -3.38
CA PHE C 32 47.34 -18.88 -3.14
C PHE C 32 47.61 -19.90 -4.23
N PHE C 33 48.85 -19.93 -4.72
CA PHE C 33 49.26 -20.83 -5.78
C PHE C 33 48.44 -20.58 -7.05
N SER C 34 48.50 -19.34 -7.52
CA SER C 34 47.81 -18.92 -8.73
C SER C 34 48.75 -18.93 -9.92
N ASN C 35 48.15 -19.00 -11.11
CA ASN C 35 48.87 -19.08 -12.37
C ASN C 35 49.10 -17.67 -12.88
N VAL C 36 50.29 -17.13 -12.66
CA VAL C 36 50.61 -15.76 -13.03
C VAL C 36 51.61 -15.76 -14.18
N THR C 37 51.57 -14.69 -14.97
CA THR C 37 52.44 -14.56 -16.14
C THR C 37 53.83 -14.13 -15.72
N TRP C 38 54.76 -14.23 -16.66
CA TRP C 38 56.18 -13.95 -16.45
C TRP C 38 56.71 -13.07 -17.58
N PHE C 39 56.01 -11.98 -17.87
CA PHE C 39 56.41 -11.09 -18.95
C PHE C 39 57.87 -10.70 -18.82
N HIS C 40 58.67 -11.13 -19.79
CA HIS C 40 60.11 -10.97 -19.76
C HIS C 40 60.51 -9.87 -20.74
N ALA C 41 61.27 -8.90 -20.26
CA ALA C 41 61.74 -7.81 -21.09
C ALA C 41 62.87 -7.07 -20.39
N ASN C 55 56.08 -3.22 -23.89
CA ASN C 55 55.38 -4.49 -23.63
C ASN C 55 53.88 -4.29 -23.84
N PRO C 56 53.16 -5.36 -24.16
CA PRO C 56 51.78 -5.22 -24.63
C PRO C 56 50.85 -4.73 -23.52
N VAL C 57 49.70 -4.22 -23.95
CA VAL C 57 48.62 -3.90 -23.03
C VAL C 57 48.04 -5.20 -22.47
N LEU C 58 47.51 -5.11 -21.26
CA LEU C 58 46.87 -6.23 -20.59
C LEU C 58 45.55 -5.79 -20.01
N PRO C 59 44.58 -6.69 -19.89
CA PRO C 59 43.28 -6.31 -19.30
C PRO C 59 43.43 -5.88 -17.86
N PHE C 60 42.35 -5.31 -17.33
CA PHE C 60 42.30 -4.79 -15.97
C PHE C 60 41.08 -5.31 -15.25
N ASN C 61 40.91 -6.64 -15.24
CA ASN C 61 39.94 -7.25 -14.37
C ASN C 61 40.18 -6.76 -12.95
N ASP C 62 39.19 -6.94 -12.06
CA ASP C 62 38.97 -6.09 -10.90
C ASP C 62 40.25 -5.53 -10.27
N GLY C 63 41.28 -6.35 -10.12
CA GLY C 63 42.56 -5.87 -9.63
C GLY C 63 43.69 -6.58 -10.31
N VAL C 64 44.89 -6.00 -10.19
CA VAL C 64 46.10 -6.59 -10.74
C VAL C 64 47.18 -6.58 -9.69
N TYR C 65 47.98 -7.63 -9.67
CA TYR C 65 49.17 -7.72 -8.83
C TYR C 65 50.40 -7.51 -9.70
N PHE C 66 51.33 -6.70 -9.22
CA PHE C 66 52.50 -6.33 -10.01
C PHE C 66 53.74 -6.47 -9.15
N ALA C 67 54.77 -7.09 -9.71
CA ALA C 67 56.05 -7.21 -9.01
C ALA C 67 57.18 -7.12 -10.02
N SER C 68 58.26 -6.46 -9.61
CA SER C 68 59.46 -6.34 -10.41
C SER C 68 60.65 -6.70 -9.54
N THR C 69 61.47 -7.64 -10.01
CA THR C 69 62.58 -8.17 -9.20
C THR C 69 63.84 -8.26 -10.05
N GLU C 70 64.59 -7.16 -10.11
CA GLU C 70 65.91 -7.18 -10.73
C GLU C 70 66.82 -6.20 -10.02
N LYS C 71 68.11 -6.56 -9.94
CA LYS C 71 69.11 -5.66 -9.39
C LYS C 71 69.22 -4.39 -10.23
N SER C 72 69.22 -4.55 -11.56
CA SER C 72 69.21 -3.40 -12.45
C SER C 72 67.84 -2.73 -12.43
N ASN C 73 67.84 -1.40 -12.40
CA ASN C 73 66.59 -0.63 -12.38
C ASN C 73 66.20 -0.32 -13.82
N ILE C 74 65.35 -1.17 -14.39
CA ILE C 74 64.92 -1.00 -15.77
C ILE C 74 63.43 -0.70 -15.87
N ILE C 75 62.65 -0.87 -14.81
CA ILE C 75 61.21 -0.66 -14.82
C ILE C 75 60.91 0.71 -14.23
N ARG C 76 60.04 1.47 -14.89
CA ARG C 76 59.72 2.83 -14.47
C ARG C 76 58.34 3.20 -14.98
N GLY C 77 57.40 3.39 -14.06
CA GLY C 77 56.13 3.99 -14.40
C GLY C 77 55.09 2.99 -14.90
N TRP C 78 53.87 3.50 -15.07
CA TRP C 78 52.74 2.72 -15.52
C TRP C 78 51.78 3.62 -16.28
N ILE C 79 50.94 2.99 -17.11
CA ILE C 79 49.95 3.72 -17.89
C ILE C 79 48.63 2.97 -17.81
N PHE C 80 47.55 3.68 -17.52
CA PHE C 80 46.23 3.10 -17.37
C PHE C 80 45.24 3.87 -18.24
N GLY C 81 44.14 3.22 -18.59
CA GLY C 81 43.11 3.89 -19.37
C GLY C 81 41.94 2.96 -19.61
N THR C 82 40.87 3.54 -20.19
CA THR C 82 39.68 2.78 -20.55
C THR C 82 39.76 2.29 -21.99
N THR C 83 39.87 3.21 -22.95
CA THR C 83 40.17 2.85 -24.32
C THR C 83 41.63 3.01 -24.66
N LEU C 84 42.36 3.85 -23.91
CA LEU C 84 43.80 4.03 -24.04
C LEU C 84 44.18 4.56 -25.43
N ASP C 85 43.22 5.08 -26.18
CA ASP C 85 43.47 5.55 -27.54
C ASP C 85 43.32 7.06 -27.66
N SER C 86 42.16 7.60 -27.30
CA SER C 86 41.87 9.03 -27.39
C SER C 86 40.49 9.29 -26.81
N LYS C 87 40.23 10.56 -26.50
CA LYS C 87 38.92 11.01 -26.03
C LYS C 87 38.47 10.25 -24.80
N THR C 88 39.41 9.94 -23.91
CA THR C 88 39.09 9.29 -22.65
C THR C 88 40.20 9.57 -21.66
N GLN C 89 39.86 10.20 -20.55
CA GLN C 89 40.83 10.56 -19.53
C GLN C 89 41.55 9.32 -19.02
N SER C 90 42.87 9.43 -18.86
CA SER C 90 43.74 8.31 -18.55
C SER C 90 44.76 8.70 -17.48
N LEU C 91 45.47 7.69 -16.98
CA LEU C 91 46.48 7.87 -15.95
C LEU C 91 47.87 7.71 -16.54
N LEU C 92 48.83 8.36 -15.91
CA LEU C 92 50.25 8.18 -16.25
C LEU C 92 51.02 8.35 -14.94
N ILE C 93 51.35 7.23 -14.32
CA ILE C 93 52.17 7.20 -13.12
C ILE C 93 53.59 6.89 -13.57
N VAL C 94 54.54 7.76 -13.20
CA VAL C 94 55.93 7.58 -13.61
C VAL C 94 56.84 8.28 -12.61
N ASN C 95 58.04 7.74 -12.47
CA ASN C 95 59.12 8.37 -11.71
C ASN C 95 60.25 8.67 -12.67
N ASN C 96 60.72 9.91 -12.68
CA ASN C 96 61.74 10.32 -13.65
C ASN C 96 63.12 9.81 -13.22
N ALA C 97 63.64 10.35 -12.13
CA ALA C 97 64.81 9.79 -11.45
C ALA C 97 64.54 9.50 -9.99
N THR C 98 64.10 10.50 -9.24
CA THR C 98 63.73 10.34 -7.84
C THR C 98 62.42 11.03 -7.48
N ASN C 99 61.82 11.79 -8.40
CA ASN C 99 60.58 12.52 -8.12
C ASN C 99 59.42 11.76 -8.76
N VAL C 100 58.65 11.05 -7.94
CA VAL C 100 57.53 10.28 -8.44
C VAL C 100 56.44 11.24 -8.91
N VAL C 101 55.92 11.00 -10.12
CA VAL C 101 54.99 11.91 -10.77
C VAL C 101 53.74 11.12 -11.15
N ILE C 102 52.58 11.64 -10.78
CA ILE C 102 51.29 11.06 -11.15
C ILE C 102 50.53 12.08 -11.97
N LYS C 103 50.02 11.64 -13.13
CA LYS C 103 49.26 12.50 -14.04
C LYS C 103 48.02 11.76 -14.47
N VAL C 104 46.85 12.32 -14.18
CA VAL C 104 45.58 11.63 -14.37
C VAL C 104 44.69 12.56 -15.20
N CYS C 105 44.76 12.44 -16.52
CA CYS C 105 43.99 13.30 -17.42
C CYS C 105 44.15 12.80 -18.85
N GLU C 106 43.47 13.49 -19.77
CA GLU C 106 43.52 13.12 -21.18
C GLU C 106 44.94 13.20 -21.71
N PHE C 107 45.35 12.14 -22.41
CA PHE C 107 46.67 12.08 -23.04
C PHE C 107 46.52 11.49 -24.43
N GLN C 108 47.66 11.28 -25.09
CA GLN C 108 47.73 10.55 -26.35
C GLN C 108 49.05 9.80 -26.39
N PHE C 109 48.97 8.47 -26.36
CA PHE C 109 50.14 7.62 -26.31
C PHE C 109 50.40 6.99 -27.66
N CYS C 110 51.68 6.83 -27.99
CA CYS C 110 52.06 6.08 -29.18
C CYS C 110 51.84 4.60 -28.92
N ASN C 111 51.98 3.79 -29.97
CA ASN C 111 51.73 2.35 -29.81
C ASN C 111 52.75 1.70 -28.89
N ASP C 112 54.00 2.18 -28.89
CA ASP C 112 55.07 1.61 -28.08
C ASP C 112 55.80 2.70 -27.31
N PRO C 113 55.18 3.24 -26.26
CA PRO C 113 55.89 4.19 -25.41
C PRO C 113 57.00 3.50 -24.64
N PHE C 114 58.02 4.26 -24.30
CA PHE C 114 59.19 3.72 -23.62
C PHE C 114 59.92 4.85 -22.92
N LEU C 115 61.05 4.51 -22.31
CA LEU C 115 61.91 5.49 -21.64
C LEU C 115 63.34 5.06 -21.86
N GLY C 116 64.00 5.67 -22.85
CA GLY C 116 65.35 5.26 -23.19
C GLY C 116 66.36 5.71 -22.16
N VAL C 117 67.33 4.85 -21.87
CA VAL C 117 68.38 5.15 -20.91
C VAL C 117 69.72 4.65 -21.46
N MET C 127 74.16 6.29 -25.97
CA MET C 127 72.73 6.51 -25.83
C MET C 127 72.41 7.37 -24.61
N GLU C 128 71.58 6.82 -23.71
CA GLU C 128 71.16 7.51 -22.48
C GLU C 128 70.32 8.75 -22.81
N SER C 129 69.22 8.52 -23.51
CA SER C 129 68.29 9.59 -23.90
C SER C 129 66.88 9.12 -23.63
N GLU C 130 66.13 9.90 -22.86
CA GLU C 130 64.79 9.53 -22.40
C GLU C 130 63.76 10.48 -23.01
N PHE C 131 62.88 9.94 -23.85
CA PHE C 131 61.91 10.74 -24.60
C PHE C 131 60.89 9.79 -25.22
N ARG C 132 60.03 10.34 -26.08
CA ARG C 132 59.09 9.58 -26.91
C ARG C 132 58.14 8.73 -26.06
N VAL C 133 57.32 9.43 -25.27
CA VAL C 133 56.29 8.79 -24.46
C VAL C 133 54.90 9.17 -24.93
N TYR C 134 54.66 10.46 -25.16
CA TYR C 134 53.34 10.95 -25.53
C TYR C 134 53.50 12.26 -26.29
N SER C 135 52.39 12.75 -26.82
CA SER C 135 52.40 14.00 -27.58
C SER C 135 51.35 14.99 -27.11
N SER C 136 50.18 14.53 -26.68
CA SER C 136 49.08 15.40 -26.28
C SER C 136 48.83 15.23 -24.79
N ALA C 137 48.71 16.35 -24.08
CA ALA C 137 48.43 16.36 -22.64
C ALA C 137 47.42 17.46 -22.32
N ASN C 138 46.37 17.54 -23.12
CA ASN C 138 45.38 18.59 -22.99
C ASN C 138 44.23 18.17 -22.08
N ASN C 139 43.51 19.17 -21.57
CA ASN C 139 42.32 18.97 -20.73
C ASN C 139 42.66 18.15 -19.49
N CYS C 140 43.50 18.72 -18.64
CA CYS C 140 44.02 18.01 -17.48
C CYS C 140 43.45 18.58 -16.18
N THR C 141 43.13 17.69 -15.25
CA THR C 141 42.54 18.04 -13.97
C THR C 141 43.46 17.73 -12.79
N PHE C 142 43.92 16.49 -12.67
CA PHE C 142 44.71 16.10 -11.51
C PHE C 142 46.20 16.25 -11.81
N GLU C 143 46.97 16.50 -10.75
CA GLU C 143 48.41 16.71 -10.86
C GLU C 143 49.03 16.36 -9.51
N TYR C 144 50.22 15.78 -9.54
CA TYR C 144 50.92 15.48 -8.31
C TYR C 144 52.41 15.31 -8.59
N VAL C 145 53.24 15.80 -7.69
CA VAL C 145 54.68 15.64 -7.76
C VAL C 145 55.19 15.22 -6.39
N SER C 146 55.99 14.16 -6.35
CA SER C 146 56.59 13.70 -5.11
C SER C 146 58.09 13.98 -5.11
N LYS C 161 70.11 -9.19 -5.49
CA LYS C 161 68.82 -8.84 -6.07
C LYS C 161 67.95 -8.04 -5.11
N ASN C 162 66.79 -7.62 -5.61
CA ASN C 162 65.85 -6.82 -4.83
C ASN C 162 64.46 -7.04 -5.39
N LEU C 163 63.45 -6.73 -4.58
CA LEU C 163 62.06 -6.98 -4.94
C LEU C 163 61.19 -5.78 -4.60
N ARG C 164 60.38 -5.36 -5.57
CA ARG C 164 59.34 -4.37 -5.35
C ARG C 164 58.04 -4.91 -5.92
N GLU C 165 56.98 -4.92 -5.11
CA GLU C 165 55.71 -5.46 -5.53
C GLU C 165 54.59 -4.50 -5.17
N PHE C 166 53.59 -4.43 -6.06
CA PHE C 166 52.52 -3.44 -5.98
C PHE C 166 51.18 -4.13 -6.17
N VAL C 167 50.13 -3.46 -5.70
CA VAL C 167 48.76 -3.88 -5.95
C VAL C 167 47.98 -2.67 -6.44
N PHE C 168 47.26 -2.84 -7.54
CA PHE C 168 46.45 -1.77 -8.10
C PHE C 168 44.99 -2.18 -8.05
N LYS C 169 44.18 -1.36 -7.40
CA LYS C 169 42.76 -1.63 -7.24
C LYS C 169 41.98 -0.37 -7.54
N ASN C 170 40.89 -0.53 -8.29
CA ASN C 170 40.04 0.59 -8.70
C ASN C 170 38.63 0.33 -8.21
N ILE C 171 38.22 1.06 -7.18
CA ILE C 171 36.90 0.91 -6.58
C ILE C 171 36.30 2.30 -6.39
N ASP C 172 35.03 2.46 -6.79
CA ASP C 172 34.18 3.62 -6.51
C ASP C 172 34.91 4.95 -6.54
N GLY C 173 35.79 5.15 -7.51
CA GLY C 173 36.57 6.36 -7.62
C GLY C 173 37.82 6.39 -6.78
N TYR C 174 38.07 5.34 -6.01
CA TYR C 174 39.28 5.25 -5.19
C TYR C 174 40.31 4.41 -5.94
N PHE C 175 41.52 4.92 -6.06
CA PHE C 175 42.60 4.22 -6.76
C PHE C 175 43.67 3.91 -5.73
N LYS C 176 43.56 2.76 -5.08
CA LYS C 176 44.48 2.40 -4.02
C LYS C 176 45.83 1.95 -4.59
N ILE C 177 46.89 2.32 -3.89
CA ILE C 177 48.26 1.89 -4.19
C ILE C 177 48.83 1.29 -2.92
N TYR C 178 49.39 0.10 -3.03
CA TYR C 178 50.08 -0.55 -1.92
C TYR C 178 51.48 -0.95 -2.37
N SER C 179 52.40 -1.01 -1.42
CA SER C 179 53.81 -1.18 -1.79
C SER C 179 54.53 -1.94 -0.71
N LYS C 180 55.68 -2.50 -1.09
CA LYS C 180 56.54 -3.26 -0.18
C LYS C 180 57.87 -3.52 -0.89
N HIS C 181 58.95 -3.55 -0.10
CA HIS C 181 60.28 -3.84 -0.60
C HIS C 181 60.89 -5.00 0.19
N THR C 182 61.65 -5.84 -0.50
CA THR C 182 62.30 -6.97 0.14
C THR C 182 63.59 -7.34 -0.59
N PRO C 183 64.75 -7.16 0.04
CA PRO C 183 66.00 -7.62 -0.58
C PRO C 183 66.04 -9.14 -0.69
N ILE C 184 66.46 -9.63 -1.84
CA ILE C 184 66.54 -11.05 -2.14
C ILE C 184 67.83 -11.32 -2.90
N ASN C 185 68.02 -12.60 -3.28
CA ASN C 185 69.15 -12.98 -4.12
C ASN C 185 68.77 -13.87 -5.29
N LEU C 186 67.56 -14.44 -5.31
CA LEU C 186 67.15 -15.31 -6.40
C LEU C 186 67.17 -14.55 -7.72
N VAL C 187 67.60 -15.24 -8.78
CA VAL C 187 67.90 -14.57 -10.04
C VAL C 187 66.62 -14.06 -10.69
N ARG C 188 65.73 -14.97 -11.09
CA ARG C 188 64.51 -14.53 -11.77
C ARG C 188 63.28 -15.34 -11.40
N ASP C 189 63.27 -16.06 -10.29
CA ASP C 189 62.09 -16.79 -9.85
C ASP C 189 61.54 -16.17 -8.57
N LEU C 190 60.21 -16.14 -8.48
CA LEU C 190 59.55 -15.47 -7.36
C LEU C 190 59.92 -16.17 -6.05
N PRO C 191 60.28 -15.42 -5.01
CA PRO C 191 60.71 -16.05 -3.76
C PRO C 191 59.60 -16.86 -3.11
N GLN C 192 60.02 -17.90 -2.40
CA GLN C 192 59.10 -18.76 -1.63
C GLN C 192 59.08 -18.22 -0.21
N GLY C 193 58.26 -17.21 0.01
CA GLY C 193 58.19 -16.58 1.31
C GLY C 193 56.95 -15.73 1.43
N PHE C 194 56.79 -15.15 2.61
CA PHE C 194 55.61 -14.36 2.95
C PHE C 194 56.06 -12.98 3.43
N SER C 195 55.29 -11.95 3.08
CA SER C 195 55.61 -10.60 3.49
C SER C 195 54.36 -9.74 3.36
N ALA C 196 53.96 -9.10 4.46
CA ALA C 196 52.82 -8.21 4.43
C ALA C 196 53.10 -7.00 3.56
N LEU C 197 52.06 -6.50 2.92
CA LEU C 197 52.16 -5.45 1.93
C LEU C 197 51.17 -4.35 2.28
N GLU C 198 51.60 -3.10 2.22
CA GLU C 198 50.88 -2.06 2.94
C GLU C 198 50.60 -0.85 2.05
N PRO C 199 49.55 -0.09 2.35
CA PRO C 199 49.16 1.01 1.46
C PRO C 199 50.19 2.12 1.43
N LEU C 200 50.57 2.50 0.23
CA LEU C 200 51.45 3.66 0.03
C LEU C 200 50.65 4.95 -0.06
N VAL C 201 49.62 4.97 -0.89
CA VAL C 201 48.78 6.15 -1.06
C VAL C 201 47.44 5.78 -1.69
N ASP C 202 46.43 6.59 -1.42
CA ASP C 202 45.09 6.37 -1.96
C ASP C 202 44.65 7.57 -2.79
N LEU C 203 44.88 7.50 -4.09
CA LEU C 203 44.51 8.57 -5.01
C LEU C 203 43.00 8.79 -5.03
N PRO C 204 42.58 10.06 -5.05
CA PRO C 204 41.16 10.43 -5.07
C PRO C 204 40.63 10.45 -6.50
N ILE C 205 40.06 11.58 -6.91
CA ILE C 205 39.52 11.74 -8.25
C ILE C 205 38.57 10.60 -8.64
N GLY C 206 39.13 9.55 -9.25
CA GLY C 206 38.35 8.42 -9.67
C GLY C 206 38.31 8.32 -11.18
N ILE C 207 39.19 7.50 -11.74
CA ILE C 207 39.27 7.34 -13.19
C ILE C 207 38.88 5.94 -13.67
N ASN C 208 38.04 5.90 -14.69
CA ASN C 208 37.58 4.66 -15.29
C ASN C 208 38.76 3.95 -15.94
N ILE C 209 38.95 2.67 -15.60
CA ILE C 209 40.09 1.89 -16.10
C ILE C 209 39.58 0.53 -16.57
N THR C 210 40.03 0.12 -17.76
CA THR C 210 39.75 -1.22 -18.26
C THR C 210 40.96 -1.91 -18.87
N ARG C 211 42.10 -1.23 -18.99
CA ARG C 211 43.30 -1.80 -19.59
C ARG C 211 44.50 -0.98 -19.15
N PHE C 212 45.68 -1.58 -19.19
CA PHE C 212 46.86 -0.86 -18.75
C PHE C 212 48.11 -1.42 -19.44
N GLN C 213 49.20 -0.67 -19.32
CA GLN C 213 50.46 -1.01 -19.96
C GLN C 213 51.61 -0.43 -19.14
N THR C 214 52.72 -1.16 -19.10
CA THR C 214 53.89 -0.73 -18.35
C THR C 214 54.87 0.03 -19.23
N LEU C 215 55.81 0.72 -18.58
CA LEU C 215 56.86 1.48 -19.23
C LEU C 215 58.20 1.04 -18.69
N LEU C 216 59.19 0.86 -19.57
CA LEU C 216 60.44 0.23 -19.19
C LEU C 216 61.65 1.03 -19.63
N ALA C 217 62.84 0.43 -19.52
CA ALA C 217 64.09 1.05 -20.00
C ALA C 217 65.08 -0.07 -20.29
N LEU C 218 65.20 -0.44 -21.57
CA LEU C 218 66.06 -1.54 -21.99
C LEU C 218 67.28 -1.07 -22.77
N HIS C 219 67.08 -0.42 -23.90
CA HIS C 219 68.15 0.06 -24.76
C HIS C 219 67.57 1.15 -25.65
N ARG C 220 68.33 1.57 -26.66
CA ARG C 220 67.89 2.61 -27.57
C ARG C 220 67.84 2.17 -29.02
N SER C 221 68.81 1.41 -29.50
CA SER C 221 68.89 1.04 -30.90
C SER C 221 67.70 0.17 -31.33
N ALA C 238 61.06 -10.22 -16.55
CA ALA C 238 61.55 -9.18 -15.64
C ALA C 238 60.52 -8.85 -14.57
N TYR C 239 59.25 -8.93 -14.95
CA TYR C 239 58.16 -8.61 -14.04
C TYR C 239 57.00 -9.57 -14.26
N TYR C 240 56.14 -9.67 -13.25
CA TYR C 240 55.03 -10.61 -13.26
C TYR C 240 53.72 -9.85 -13.08
N VAL C 241 52.63 -10.46 -13.52
CA VAL C 241 51.30 -9.88 -13.39
C VAL C 241 50.34 -10.94 -12.88
N GLY C 242 49.66 -10.65 -11.76
CA GLY C 242 48.60 -11.48 -11.25
C GLY C 242 47.27 -10.75 -11.29
N TYR C 243 46.24 -11.43 -10.82
CA TYR C 243 44.89 -10.89 -10.86
C TYR C 243 44.19 -11.17 -9.54
N LEU C 244 43.19 -10.36 -9.24
CA LEU C 244 42.45 -10.42 -7.97
C LEU C 244 41.01 -10.84 -8.23
N GLN C 245 40.48 -11.68 -7.35
CA GLN C 245 39.11 -12.15 -7.38
C GLN C 245 38.53 -12.05 -5.97
N PRO C 246 37.20 -12.06 -5.85
CA PRO C 246 36.60 -12.08 -4.51
C PRO C 246 36.94 -13.36 -3.78
N ARG C 247 37.67 -13.23 -2.68
CA ARG C 247 38.13 -14.35 -1.88
C ARG C 247 37.88 -14.07 -0.41
N THR C 248 38.09 -15.09 0.41
CA THR C 248 37.94 -15.00 1.86
C THR C 248 39.27 -15.35 2.50
N PHE C 249 39.79 -14.44 3.31
CA PHE C 249 41.06 -14.63 3.99
C PHE C 249 40.85 -14.40 5.49
N LEU C 250 41.62 -15.11 6.30
CA LEU C 250 41.78 -14.74 7.70
C LEU C 250 43.25 -14.57 7.98
N LEU C 251 43.58 -13.51 8.71
CA LEU C 251 44.95 -13.05 8.85
C LEU C 251 45.37 -13.12 10.31
N LYS C 252 46.67 -13.07 10.53
CA LYS C 252 47.24 -13.21 11.87
C LYS C 252 48.14 -12.01 12.14
N TYR C 253 47.76 -11.21 13.12
CA TYR C 253 48.51 -10.01 13.52
C TYR C 253 49.32 -10.37 14.74
N ASN C 254 50.64 -10.44 14.60
CA ASN C 254 51.42 -11.11 15.62
C ASN C 254 51.36 -10.42 16.98
N GLU C 255 52.10 -9.32 17.14
CA GLU C 255 52.11 -8.60 18.40
C GLU C 255 52.18 -7.09 18.25
N ASN C 256 52.74 -6.57 17.17
CA ASN C 256 52.87 -5.13 16.98
C ASN C 256 51.84 -4.58 16.00
N GLY C 257 50.91 -5.41 15.56
CA GLY C 257 49.99 -5.02 14.52
C GLY C 257 50.41 -5.38 13.11
N THR C 258 51.38 -6.26 12.96
CA THR C 258 51.91 -6.63 11.66
C THR C 258 51.37 -7.99 11.24
N ILE C 259 50.84 -8.08 10.04
CA ILE C 259 50.43 -9.36 9.51
C ILE C 259 51.67 -10.21 9.30
N THR C 260 51.66 -11.43 9.83
CA THR C 260 52.79 -12.32 9.66
C THR C 260 52.47 -13.56 8.85
N ASP C 261 51.21 -13.98 8.77
CA ASP C 261 50.82 -15.08 7.91
C ASP C 261 49.29 -15.13 7.85
N ALA C 262 48.79 -15.80 6.81
CA ALA C 262 47.36 -15.88 6.57
C ALA C 262 47.08 -17.16 5.79
N VAL C 263 45.81 -17.55 5.78
CA VAL C 263 45.39 -18.76 5.09
C VAL C 263 44.35 -18.39 4.04
N ASP C 264 44.51 -18.92 2.84
CA ASP C 264 43.58 -18.68 1.74
C ASP C 264 42.66 -19.89 1.63
N CYS C 265 41.60 -19.87 2.45
CA CYS C 265 40.64 -20.95 2.33
C CYS C 265 39.80 -20.77 1.07
N ALA C 266 39.02 -21.81 0.75
CA ALA C 266 38.45 -22.12 -0.55
C ALA C 266 39.52 -22.67 -1.48
N LEU C 267 40.72 -22.95 -0.96
CA LEU C 267 41.78 -23.57 -1.74
C LEU C 267 41.74 -25.09 -1.62
N ASP C 268 41.92 -25.61 -0.42
CA ASP C 268 41.86 -27.03 -0.14
C ASP C 268 41.02 -27.22 1.11
N PRO C 269 40.50 -28.43 1.35
CA PRO C 269 39.63 -28.65 2.51
C PRO C 269 40.28 -28.30 3.84
N LEU C 270 41.58 -28.52 3.98
CA LEU C 270 42.24 -28.22 5.25
C LEU C 270 42.16 -26.73 5.58
N SER C 271 42.42 -25.88 4.60
CA SER C 271 42.30 -24.44 4.83
C SER C 271 40.85 -24.04 5.08
N GLU C 272 39.91 -24.74 4.44
CA GLU C 272 38.50 -24.44 4.69
C GLU C 272 38.13 -24.74 6.14
N THR C 273 38.62 -25.87 6.67
CA THR C 273 38.43 -26.15 8.09
C THR C 273 39.10 -25.09 8.95
N LYS C 274 40.32 -24.72 8.57
CA LYS C 274 41.06 -23.72 9.32
C LYS C 274 40.33 -22.40 9.37
N CYS C 275 39.57 -22.06 8.32
CA CYS C 275 38.71 -20.90 8.35
C CYS C 275 37.47 -21.13 9.21
N THR C 276 36.87 -22.32 9.12
CA THR C 276 35.62 -22.55 9.86
C THR C 276 35.84 -22.44 11.37
N LEU C 277 36.95 -22.97 11.87
CA LEU C 277 37.20 -22.90 13.31
C LEU C 277 38.15 -21.78 13.70
N LYS C 278 38.49 -20.88 12.78
CA LYS C 278 39.13 -19.59 13.10
C LYS C 278 40.43 -19.78 13.88
N SER C 279 41.18 -20.82 13.55
CA SER C 279 42.44 -21.07 14.24
C SER C 279 43.42 -21.72 13.27
N PHE C 280 44.68 -21.31 13.37
CA PHE C 280 45.71 -21.78 12.45
C PHE C 280 46.06 -23.25 12.62
N THR C 281 45.65 -23.87 13.72
CA THR C 281 45.94 -25.28 13.99
C THR C 281 44.64 -26.00 14.30
N VAL C 282 44.62 -27.30 14.00
CA VAL C 282 43.50 -28.16 14.36
C VAL C 282 44.04 -29.41 15.03
N GLU C 283 43.23 -29.99 15.90
CA GLU C 283 43.53 -31.30 16.48
C GLU C 283 42.87 -32.37 15.63
N LYS C 284 43.18 -33.62 15.94
CA LYS C 284 42.56 -34.72 15.21
C LYS C 284 41.07 -34.74 15.47
N GLY C 285 40.31 -35.10 14.45
CA GLY C 285 38.86 -35.13 14.58
C GLY C 285 38.22 -34.98 13.22
N ILE C 286 36.89 -34.95 13.25
CA ILE C 286 36.08 -34.77 12.04
C ILE C 286 35.27 -33.48 12.20
N TYR C 287 35.36 -32.61 11.20
CA TYR C 287 34.79 -31.28 11.28
C TYR C 287 33.86 -31.05 10.11
N GLN C 288 32.60 -30.72 10.39
CA GLN C 288 31.67 -30.35 9.33
C GLN C 288 31.98 -28.94 8.88
N THR C 289 32.19 -28.75 7.58
CA THR C 289 32.79 -27.52 7.09
C THR C 289 32.01 -26.83 5.97
N SER C 290 31.20 -27.55 5.21
CA SER C 290 30.44 -26.94 4.13
C SER C 290 29.32 -27.89 3.72
N ASN C 291 28.68 -27.61 2.60
CA ASN C 291 27.60 -28.44 2.08
C ASN C 291 27.80 -28.66 0.59
N PHE C 292 27.37 -29.82 0.11
CA PHE C 292 27.48 -30.20 -1.28
C PHE C 292 26.09 -30.30 -1.88
N ARG C 293 25.87 -29.60 -2.99
CA ARG C 293 24.56 -29.57 -3.63
C ARG C 293 24.76 -29.77 -5.13
N VAL C 294 24.06 -30.76 -5.69
CA VAL C 294 24.17 -31.03 -7.11
C VAL C 294 23.50 -29.92 -7.90
N GLN C 295 24.19 -29.42 -8.91
CA GLN C 295 23.58 -28.43 -9.79
C GLN C 295 22.44 -29.08 -10.60
N PRO C 296 21.39 -28.32 -10.90
CA PRO C 296 20.33 -28.85 -11.76
C PRO C 296 20.74 -28.73 -13.21
N THR C 297 20.84 -29.87 -13.90
CA THR C 297 21.44 -29.88 -15.23
C THR C 297 20.63 -29.08 -16.22
N GLU C 298 19.39 -29.49 -16.47
CA GLU C 298 18.63 -28.91 -17.56
C GLU C 298 17.23 -28.47 -17.15
N SER C 299 16.45 -28.03 -18.12
CA SER C 299 15.05 -27.67 -17.92
C SER C 299 14.21 -28.39 -18.96
N ILE C 300 13.10 -28.98 -18.52
CA ILE C 300 12.19 -29.68 -19.40
C ILE C 300 10.77 -29.17 -19.14
N VAL C 301 10.01 -28.99 -20.21
CA VAL C 301 8.62 -28.57 -20.12
C VAL C 301 7.78 -29.58 -20.90
N ARG C 302 6.73 -30.09 -20.26
CA ARG C 302 5.85 -31.03 -20.92
C ARG C 302 4.41 -30.62 -20.68
N PHE C 303 3.65 -30.50 -21.76
CA PHE C 303 2.26 -30.05 -21.72
C PHE C 303 1.42 -30.90 -22.65
N PRO C 304 0.11 -31.02 -22.38
CA PRO C 304 -0.73 -31.88 -23.22
C PRO C 304 -0.81 -31.36 -24.65
N ASN C 305 -0.95 -32.29 -25.59
CA ASN C 305 -0.96 -31.93 -27.00
C ASN C 305 -2.21 -31.14 -27.36
N ILE C 306 -2.12 -30.38 -28.45
CA ILE C 306 -3.13 -29.42 -28.84
C ILE C 306 -4.16 -30.10 -29.73
N THR C 307 -5.44 -29.93 -29.39
CA THR C 307 -6.53 -30.61 -30.09
C THR C 307 -7.19 -29.72 -31.15
N ASN C 308 -7.80 -28.62 -30.72
CA ASN C 308 -8.54 -27.73 -31.62
C ASN C 308 -7.74 -26.46 -31.84
N LEU C 309 -7.65 -26.03 -33.10
CA LEU C 309 -6.71 -25.00 -33.50
C LEU C 309 -7.38 -23.65 -33.79
N CYS C 310 -8.59 -23.42 -33.28
CA CYS C 310 -9.31 -22.17 -33.50
C CYS C 310 -9.38 -21.87 -34.99
N PRO C 311 -10.23 -22.58 -35.75
CA PRO C 311 -10.20 -22.48 -37.22
C PRO C 311 -10.10 -21.05 -37.74
N PHE C 312 -8.99 -20.76 -38.41
CA PHE C 312 -8.77 -19.47 -39.04
C PHE C 312 -8.88 -19.51 -40.54
N GLY C 313 -8.85 -20.71 -41.14
CA GLY C 313 -9.02 -20.81 -42.58
C GLY C 313 -10.39 -20.33 -43.04
N GLU C 314 -11.42 -20.53 -42.22
CA GLU C 314 -12.75 -20.07 -42.58
C GLU C 314 -12.85 -18.55 -42.59
N VAL C 315 -11.91 -17.86 -41.96
CA VAL C 315 -11.93 -16.40 -41.90
C VAL C 315 -10.74 -15.78 -42.61
N PHE C 316 -9.66 -16.53 -42.80
CA PHE C 316 -8.51 -16.04 -43.55
C PHE C 316 -8.45 -16.56 -44.98
N ASN C 317 -9.30 -17.51 -45.34
CA ASN C 317 -9.32 -18.05 -46.70
C ASN C 317 -10.75 -18.22 -47.19
N ALA C 318 -11.68 -17.45 -46.65
CA ALA C 318 -13.07 -17.56 -47.06
C ALA C 318 -13.24 -17.13 -48.52
N THR C 319 -14.13 -17.83 -49.23
CA THR C 319 -14.35 -17.52 -50.64
C THR C 319 -14.95 -16.14 -50.81
N ARG C 320 -16.01 -15.84 -50.07
CA ARG C 320 -16.75 -14.59 -50.20
C ARG C 320 -16.53 -13.76 -48.95
N PHE C 321 -16.08 -12.52 -49.13
CA PHE C 321 -15.88 -11.59 -48.03
C PHE C 321 -17.10 -10.71 -47.89
N ALA C 322 -17.00 -9.67 -47.06
CA ALA C 322 -18.11 -8.76 -46.82
C ALA C 322 -17.73 -7.34 -47.22
N SER C 323 -18.74 -6.52 -47.43
CA SER C 323 -18.50 -5.11 -47.71
C SER C 323 -18.28 -4.34 -46.41
N VAL C 324 -17.74 -3.13 -46.55
CA VAL C 324 -17.30 -2.37 -45.38
C VAL C 324 -18.47 -2.00 -44.49
N TYR C 325 -19.57 -1.52 -45.07
CA TYR C 325 -20.67 -1.04 -44.26
C TYR C 325 -21.42 -2.17 -43.56
N ALA C 326 -21.17 -3.42 -43.93
CA ALA C 326 -21.75 -4.59 -43.27
C ALA C 326 -20.64 -5.61 -43.08
N TRP C 327 -19.93 -5.53 -41.96
CA TRP C 327 -18.83 -6.42 -41.65
C TRP C 327 -19.28 -7.53 -40.70
N ASN C 328 -18.40 -8.52 -40.54
CA ASN C 328 -18.68 -9.69 -39.72
C ASN C 328 -18.05 -9.53 -38.34
N ARG C 329 -18.65 -10.20 -37.35
CA ARG C 329 -18.18 -10.15 -35.97
C ARG C 329 -18.18 -11.54 -35.37
N LYS C 330 -17.62 -12.51 -36.10
CA LYS C 330 -17.60 -13.88 -35.61
C LYS C 330 -16.51 -14.01 -34.55
N ARG C 331 -16.86 -14.59 -33.41
CA ARG C 331 -15.93 -14.68 -32.30
C ARG C 331 -15.34 -16.08 -32.20
N ILE C 332 -14.19 -16.19 -31.55
CA ILE C 332 -13.49 -17.45 -31.41
C ILE C 332 -13.87 -18.09 -30.08
N SER C 333 -14.28 -19.35 -30.14
CA SER C 333 -14.75 -20.07 -28.96
C SER C 333 -13.57 -20.66 -28.20
N ASN C 334 -13.85 -21.58 -27.29
CA ASN C 334 -12.84 -22.20 -26.44
C ASN C 334 -11.94 -23.09 -27.29
N CYS C 335 -10.74 -22.61 -27.57
CA CYS C 335 -9.72 -23.39 -28.28
C CYS C 335 -8.38 -22.71 -28.04
N VAL C 336 -7.36 -23.14 -28.79
CA VAL C 336 -6.04 -22.55 -28.71
C VAL C 336 -5.66 -22.02 -30.10
N ALA C 337 -5.22 -20.77 -30.15
CA ALA C 337 -4.96 -20.07 -31.39
C ALA C 337 -3.46 -19.95 -31.62
N ASP C 338 -3.01 -20.30 -32.82
CA ASP C 338 -1.59 -20.26 -33.18
C ASP C 338 -1.34 -18.98 -33.98
N TYR C 339 -1.02 -17.90 -33.26
CA TYR C 339 -0.66 -16.66 -33.93
C TYR C 339 0.72 -16.72 -34.58
N SER C 340 1.53 -17.72 -34.26
CA SER C 340 2.86 -17.82 -34.85
C SER C 340 2.77 -18.00 -36.37
N VAL C 341 1.82 -18.83 -36.82
CA VAL C 341 1.69 -19.08 -38.25
C VAL C 341 1.34 -17.79 -38.98
N LEU C 342 0.52 -16.94 -38.37
CA LEU C 342 0.15 -15.68 -39.01
C LEU C 342 1.38 -14.80 -39.23
N TYR C 343 2.29 -14.77 -38.27
CA TYR C 343 3.48 -13.94 -38.39
C TYR C 343 4.36 -14.37 -39.56
N ASN C 344 4.90 -15.57 -39.51
CA ASN C 344 5.82 -16.03 -40.55
C ASN C 344 5.02 -16.61 -41.72
N SER C 345 4.26 -15.72 -42.35
CA SER C 345 3.45 -16.10 -43.51
C SER C 345 3.99 -15.55 -44.83
N ALA C 346 4.71 -14.43 -44.78
CA ALA C 346 5.33 -13.84 -45.97
C ALA C 346 4.30 -13.54 -47.07
N SER C 347 3.04 -13.39 -46.67
CA SER C 347 1.98 -13.09 -47.61
C SER C 347 1.07 -11.96 -47.15
N PHE C 348 1.30 -11.38 -45.99
CA PHE C 348 0.46 -10.31 -45.46
C PHE C 348 1.19 -8.99 -45.63
N SER C 349 0.54 -8.04 -46.30
CA SER C 349 1.18 -6.76 -46.56
C SER C 349 1.32 -5.93 -45.29
N THR C 350 0.31 -5.96 -44.42
CA THR C 350 0.20 -4.99 -43.34
C THR C 350 -0.06 -5.69 -42.01
N PHE C 351 0.72 -6.72 -41.72
CA PHE C 351 0.68 -7.37 -40.41
C PHE C 351 1.37 -6.46 -39.42
N LYS C 352 0.61 -5.54 -38.83
CA LYS C 352 1.14 -4.66 -37.80
C LYS C 352 0.01 -4.25 -36.90
N CYS C 353 0.31 -4.12 -35.61
CA CYS C 353 -0.73 -3.80 -34.64
C CYS C 353 -0.14 -3.29 -33.34
N TYR C 354 -1.00 -2.69 -32.53
CA TYR C 354 -0.63 -1.68 -31.56
C TYR C 354 -0.79 -2.11 -30.11
N GLY C 355 -1.88 -2.80 -29.79
CA GLY C 355 -2.17 -3.07 -28.39
C GLY C 355 -1.11 -3.91 -27.72
N VAL C 356 -0.69 -4.99 -28.37
CA VAL C 356 0.22 -5.95 -27.77
C VAL C 356 1.33 -6.27 -28.76
N SER C 357 2.41 -6.84 -28.24
CA SER C 357 3.54 -7.21 -29.08
C SER C 357 3.20 -8.42 -29.94
N PRO C 358 3.68 -8.47 -31.19
CA PRO C 358 3.43 -9.65 -32.03
C PRO C 358 4.04 -10.93 -31.49
N THR C 359 5.18 -10.85 -30.83
CA THR C 359 5.88 -12.06 -30.38
C THR C 359 5.27 -12.66 -29.12
N LYS C 360 4.49 -11.89 -28.36
CA LYS C 360 3.89 -12.37 -27.13
C LYS C 360 2.42 -12.73 -27.30
N LEU C 361 1.96 -12.87 -28.54
CA LEU C 361 0.56 -13.21 -28.78
C LEU C 361 0.23 -14.57 -28.18
N ASN C 362 1.07 -15.56 -28.42
CA ASN C 362 0.90 -16.89 -27.85
C ASN C 362 1.62 -17.02 -26.51
N ASP C 363 1.38 -16.05 -25.63
CA ASP C 363 1.95 -16.06 -24.29
C ASP C 363 0.88 -15.71 -23.27
N LEU C 364 -0.18 -15.06 -23.72
CA LEU C 364 -1.28 -14.64 -22.86
C LEU C 364 -2.54 -15.40 -23.24
N CYS C 365 -3.25 -15.90 -22.23
CA CYS C 365 -4.52 -16.57 -22.47
C CYS C 365 -5.62 -15.52 -22.43
N PHE C 366 -6.34 -15.38 -23.54
CA PHE C 366 -7.29 -14.30 -23.69
C PHE C 366 -8.72 -14.83 -23.57
N THR C 367 -9.69 -13.94 -23.59
CA THR C 367 -11.09 -14.31 -23.64
C THR C 367 -11.46 -14.48 -25.12
N ASN C 368 -12.75 -14.57 -25.42
CA ASN C 368 -13.20 -14.93 -26.77
C ASN C 368 -12.85 -13.82 -27.77
N VAL C 369 -11.79 -14.07 -28.53
CA VAL C 369 -11.28 -13.09 -29.47
C VAL C 369 -12.28 -12.85 -30.58
N TYR C 370 -12.59 -11.58 -30.84
CA TYR C 370 -13.42 -11.19 -31.97
C TYR C 370 -12.58 -11.12 -33.24
N ALA C 371 -13.24 -11.31 -34.38
CA ALA C 371 -12.60 -11.19 -35.67
C ALA C 371 -13.55 -10.49 -36.64
N ASP C 372 -13.07 -9.43 -37.27
CA ASP C 372 -13.84 -8.68 -38.25
C ASP C 372 -13.25 -8.90 -39.63
N SER C 373 -14.06 -8.64 -40.65
CA SER C 373 -13.66 -8.95 -42.01
C SER C 373 -14.38 -8.05 -42.99
N PHE C 374 -13.64 -7.49 -43.94
CA PHE C 374 -14.20 -6.68 -45.01
C PHE C 374 -13.12 -6.45 -46.05
N VAL C 375 -13.53 -5.90 -47.19
CA VAL C 375 -12.62 -5.60 -48.29
C VAL C 375 -12.68 -4.11 -48.58
N ILE C 376 -11.53 -3.52 -48.87
CA ILE C 376 -11.38 -2.08 -48.90
C ILE C 376 -10.30 -1.74 -49.94
N ARG C 377 -10.23 -0.46 -50.33
CA ARG C 377 -9.24 -0.03 -51.29
C ARG C 377 -7.86 0.05 -50.66
N GLY C 378 -6.88 0.53 -51.43
CA GLY C 378 -5.53 0.67 -50.93
C GLY C 378 -5.26 1.96 -50.21
N ASP C 379 -5.94 3.03 -50.62
CA ASP C 379 -5.62 4.35 -50.12
C ASP C 379 -5.95 4.49 -48.65
N GLU C 380 -6.80 3.63 -48.11
CA GLU C 380 -7.35 3.82 -46.77
C GLU C 380 -7.16 2.61 -45.87
N VAL C 381 -6.28 1.67 -46.25
CA VAL C 381 -5.86 0.66 -45.30
C VAL C 381 -5.16 1.34 -44.13
N ARG C 382 -4.57 2.51 -44.38
CA ARG C 382 -3.88 3.25 -43.33
C ARG C 382 -4.85 3.67 -42.23
N GLN C 383 -6.07 4.07 -42.58
CA GLN C 383 -7.00 4.58 -41.59
C GLN C 383 -7.87 3.50 -40.95
N ILE C 384 -7.64 2.23 -41.28
CA ILE C 384 -8.23 1.15 -40.50
C ILE C 384 -7.52 1.01 -39.16
N ALA C 385 -6.33 1.62 -39.04
CA ALA C 385 -5.59 1.62 -37.79
C ALA C 385 -6.43 2.22 -36.66
N PRO C 386 -6.00 2.07 -35.41
CA PRO C 386 -6.73 2.72 -34.31
C PRO C 386 -6.55 4.22 -34.36
N GLY C 387 -7.63 4.94 -34.12
CA GLY C 387 -7.58 6.38 -34.04
C GLY C 387 -7.20 7.06 -35.34
N GLN C 388 -8.12 7.09 -36.31
CA GLN C 388 -8.01 7.97 -37.46
C GLN C 388 -9.39 8.45 -37.88
N THR C 389 -9.40 9.51 -38.68
CA THR C 389 -10.63 10.04 -39.25
C THR C 389 -10.46 10.17 -40.77
N GLY C 390 -11.59 10.13 -41.45
CA GLY C 390 -11.62 10.20 -42.89
C GLY C 390 -13.00 9.90 -43.42
N LYS C 391 -13.08 9.04 -44.43
CA LYS C 391 -14.37 8.65 -44.99
C LYS C 391 -14.83 7.28 -44.48
N ILE C 392 -13.95 6.29 -44.54
CA ILE C 392 -14.28 4.96 -44.05
C ILE C 392 -14.08 4.81 -42.56
N ALA C 393 -13.06 5.46 -42.00
CA ALA C 393 -12.88 5.40 -40.56
C ALA C 393 -13.93 6.20 -39.81
N ASP C 394 -14.75 6.98 -40.49
CA ASP C 394 -15.70 7.86 -39.83
C ASP C 394 -17.14 7.36 -39.89
N TYR C 395 -17.60 6.86 -41.03
CA TYR C 395 -18.98 6.40 -41.14
C TYR C 395 -19.09 4.89 -41.34
N ASN C 396 -18.00 4.18 -41.55
CA ASN C 396 -18.08 2.76 -41.88
C ASN C 396 -17.56 1.88 -40.76
N TYR C 397 -16.32 2.07 -40.31
CA TYR C 397 -15.72 1.18 -39.33
C TYR C 397 -14.77 1.99 -38.47
N LYS C 398 -15.27 2.46 -37.33
CA LYS C 398 -14.50 3.29 -36.43
C LYS C 398 -13.85 2.42 -35.36
N LEU C 399 -12.55 2.60 -35.15
CA LEU C 399 -11.79 1.77 -34.25
C LEU C 399 -11.43 2.55 -33.00
N PRO C 400 -11.66 2.00 -31.81
CA PRO C 400 -11.43 2.77 -30.58
C PRO C 400 -9.95 3.11 -30.40
N ASP C 401 -9.70 4.24 -29.74
CA ASP C 401 -8.33 4.67 -29.49
C ASP C 401 -7.61 3.68 -28.57
N ASP C 402 -8.25 3.31 -27.46
CA ASP C 402 -7.68 2.37 -26.51
C ASP C 402 -7.80 0.94 -27.06
N PHE C 403 -7.17 0.75 -28.22
CA PHE C 403 -7.29 -0.48 -28.97
C PHE C 403 -6.19 -1.45 -28.58
N THR C 404 -6.55 -2.72 -28.44
CA THR C 404 -5.60 -3.76 -28.04
C THR C 404 -5.67 -4.99 -28.94
N GLY C 405 -6.23 -4.87 -30.13
CA GLY C 405 -6.33 -5.96 -31.07
C GLY C 405 -5.17 -6.00 -32.04
N CYS C 406 -5.42 -6.59 -33.21
CA CYS C 406 -4.38 -6.71 -34.20
C CYS C 406 -5.00 -6.68 -35.60
N VAL C 407 -4.32 -6.02 -36.53
CA VAL C 407 -4.90 -5.65 -37.83
C VAL C 407 -4.14 -6.36 -38.94
N ILE C 408 -4.88 -6.94 -39.86
CA ILE C 408 -4.31 -7.71 -40.97
C ILE C 408 -4.75 -7.03 -42.27
N ALA C 409 -3.90 -7.08 -43.28
CA ALA C 409 -4.28 -6.58 -44.60
C ALA C 409 -3.35 -7.17 -45.64
N TRP C 410 -3.93 -7.82 -46.65
CA TRP C 410 -3.14 -8.40 -47.73
C TRP C 410 -3.89 -8.23 -49.04
N ASN C 411 -3.12 -8.06 -50.11
CA ASN C 411 -3.70 -7.76 -51.42
C ASN C 411 -4.32 -9.00 -52.04
N SER C 412 -5.53 -8.83 -52.58
CA SER C 412 -6.15 -9.84 -53.41
C SER C 412 -6.71 -9.15 -54.64
N ASN C 413 -5.85 -8.88 -55.61
CA ASN C 413 -6.29 -8.46 -56.93
C ASN C 413 -6.34 -9.63 -57.89
N ASN C 414 -6.94 -10.73 -57.43
CA ASN C 414 -7.14 -11.90 -58.27
C ASN C 414 -8.48 -12.58 -58.05
N LEU C 415 -9.18 -12.28 -56.97
CA LEU C 415 -10.43 -12.94 -56.63
C LEU C 415 -11.61 -11.99 -56.55
N ASP C 416 -11.38 -10.73 -56.19
CA ASP C 416 -12.43 -9.74 -56.00
C ASP C 416 -12.34 -8.65 -57.05
N SER C 417 -11.87 -9.00 -58.25
CA SER C 417 -11.72 -8.02 -59.32
C SER C 417 -11.87 -8.74 -60.66
N LYS C 418 -12.92 -8.38 -61.39
CA LYS C 418 -13.22 -9.01 -62.67
C LYS C 418 -13.40 -7.93 -63.71
N VAL C 419 -13.21 -8.31 -64.98
CA VAL C 419 -13.31 -7.36 -66.08
C VAL C 419 -14.72 -6.77 -66.13
N GLY C 420 -14.80 -5.47 -66.34
CA GLY C 420 -16.05 -4.76 -66.23
C GLY C 420 -16.40 -4.33 -64.82
N GLY C 421 -15.51 -4.52 -63.87
CA GLY C 421 -15.73 -4.10 -62.50
C GLY C 421 -16.44 -5.14 -61.67
N ASN C 422 -16.27 -5.02 -60.36
CA ASN C 422 -16.93 -5.88 -59.38
C ASN C 422 -17.87 -5.01 -58.58
N TYR C 423 -19.09 -4.83 -59.08
CA TYR C 423 -20.09 -3.99 -58.42
C TYR C 423 -20.82 -4.84 -57.37
N ASN C 424 -20.05 -5.27 -56.38
CA ASN C 424 -20.59 -6.06 -55.29
C ASN C 424 -20.03 -5.68 -53.93
N TYR C 425 -19.21 -4.65 -53.84
CA TYR C 425 -18.58 -4.23 -52.59
C TYR C 425 -18.93 -2.76 -52.36
N LEU C 426 -19.87 -2.53 -51.45
CA LEU C 426 -20.39 -1.19 -51.21
C LEU C 426 -19.74 -0.59 -49.97
N TYR C 427 -19.90 0.72 -49.82
CA TYR C 427 -19.39 1.41 -48.64
C TYR C 427 -20.16 2.71 -48.47
N ARG C 428 -20.62 2.96 -47.25
CA ARG C 428 -21.37 4.17 -46.97
C ARG C 428 -20.46 5.39 -47.05
N LEU C 429 -20.99 6.50 -47.55
CA LEU C 429 -20.23 7.74 -47.62
C LEU C 429 -21.05 8.94 -47.19
N PHE C 430 -22.18 8.74 -46.52
CA PHE C 430 -22.99 9.83 -46.00
C PHE C 430 -23.61 9.39 -44.69
N ARG C 431 -23.69 10.30 -43.73
CA ARG C 431 -24.21 9.94 -42.43
C ARG C 431 -24.58 11.20 -41.66
N LYS C 432 -25.55 11.07 -40.75
CA LYS C 432 -25.95 12.18 -39.91
C LYS C 432 -24.78 12.68 -39.05
N SER C 433 -24.04 11.75 -38.46
CA SER C 433 -23.01 12.08 -37.49
C SER C 433 -21.84 11.13 -37.67
N ASN C 434 -20.92 11.13 -36.72
CA ASN C 434 -19.82 10.21 -36.74
C ASN C 434 -20.31 8.82 -36.29
N LEU C 435 -19.36 7.92 -36.08
CA LEU C 435 -19.67 6.55 -35.69
C LEU C 435 -18.90 6.20 -34.43
N LYS C 436 -19.61 5.68 -33.43
CA LYS C 436 -18.96 5.23 -32.21
C LYS C 436 -18.13 3.98 -32.51
N PRO C 437 -17.08 3.75 -31.73
CA PRO C 437 -16.20 2.60 -32.02
C PRO C 437 -16.97 1.29 -31.99
N PHE C 438 -16.64 0.42 -32.95
CA PHE C 438 -17.23 -0.90 -33.06
C PHE C 438 -18.77 -0.81 -33.15
N GLU C 439 -19.22 -0.14 -34.19
CA GLU C 439 -20.65 0.04 -34.44
C GLU C 439 -20.98 -0.45 -35.84
N ARG C 440 -22.20 -0.95 -36.01
CA ARG C 440 -22.65 -1.47 -37.29
C ARG C 440 -23.87 -0.68 -37.74
N ASP C 441 -23.90 -0.34 -39.03
CA ASP C 441 -25.05 0.36 -39.60
C ASP C 441 -25.24 -0.12 -41.02
N ILE C 442 -26.43 -0.68 -41.29
CA ILE C 442 -26.77 -1.17 -42.63
C ILE C 442 -28.06 -0.57 -43.15
N SER C 443 -28.65 0.39 -42.44
CA SER C 443 -29.88 1.02 -42.90
C SER C 443 -29.62 1.79 -44.19
N THR C 444 -30.63 1.83 -45.07
CA THR C 444 -30.47 2.46 -46.37
C THR C 444 -31.54 3.54 -46.54
N GLU C 445 -31.73 4.35 -45.50
CA GLU C 445 -32.60 5.51 -45.61
C GLU C 445 -31.86 6.61 -46.35
N ILE C 446 -32.51 7.23 -47.34
CA ILE C 446 -31.83 8.19 -48.19
C ILE C 446 -31.38 9.38 -47.36
N TYR C 447 -30.08 9.67 -47.42
CA TYR C 447 -29.50 10.74 -46.62
C TYR C 447 -29.97 12.10 -47.12
N GLN C 448 -30.28 12.99 -46.19
CA GLN C 448 -30.82 14.31 -46.48
C GLN C 448 -29.79 15.35 -46.08
N ALA C 449 -29.08 15.88 -47.07
CA ALA C 449 -28.08 16.91 -46.80
C ALA C 449 -28.71 18.26 -46.54
N GLY C 450 -29.83 18.57 -47.19
CA GLY C 450 -30.48 19.85 -47.07
C GLY C 450 -31.43 19.93 -45.90
N SER C 451 -32.33 20.90 -45.97
CA SER C 451 -33.33 21.13 -44.93
C SER C 451 -34.74 20.93 -45.47
N THR C 452 -34.92 20.01 -46.41
CA THR C 452 -36.21 19.76 -47.02
C THR C 452 -36.58 18.28 -46.92
N PRO C 453 -37.86 17.97 -46.80
CA PRO C 453 -38.27 16.56 -46.78
C PRO C 453 -37.87 15.86 -48.07
N CYS C 454 -37.51 14.58 -47.95
CA CYS C 454 -37.07 13.80 -49.10
C CYS C 454 -38.09 12.77 -49.56
N ASN C 455 -39.00 12.35 -48.69
CA ASN C 455 -40.08 11.44 -49.06
C ASN C 455 -39.55 10.12 -49.60
N GLY C 456 -38.41 9.68 -49.08
CA GLY C 456 -37.86 8.39 -49.45
C GLY C 456 -37.55 8.23 -50.91
N VAL C 457 -37.16 9.31 -51.58
CA VAL C 457 -36.82 9.27 -53.00
C VAL C 457 -35.77 10.35 -53.26
N GLU C 458 -34.67 9.94 -53.89
CA GLU C 458 -33.55 10.85 -54.06
C GLU C 458 -33.95 12.04 -54.93
N GLY C 459 -33.39 13.20 -54.61
CA GLY C 459 -33.72 14.42 -55.30
C GLY C 459 -32.71 15.49 -54.98
N PHE C 460 -33.17 16.74 -55.00
CA PHE C 460 -32.27 17.86 -54.76
C PHE C 460 -31.73 17.81 -53.34
N ASN C 461 -30.41 17.85 -53.21
CA ASN C 461 -29.73 17.84 -51.91
C ASN C 461 -30.19 16.65 -51.07
N CYS C 462 -30.35 15.49 -51.72
CA CYS C 462 -30.77 14.28 -51.02
C CYS C 462 -30.11 13.10 -51.71
N TYR C 463 -28.96 12.69 -51.19
CA TYR C 463 -28.12 11.69 -51.84
C TYR C 463 -28.42 10.30 -51.32
N PHE C 464 -28.19 9.31 -52.18
CA PHE C 464 -28.21 7.93 -51.72
C PHE C 464 -27.03 7.68 -50.79
N PRO C 465 -27.20 6.86 -49.75
CA PRO C 465 -26.12 6.70 -48.76
C PRO C 465 -24.94 5.92 -49.27
N LEU C 466 -25.15 4.90 -50.09
CA LEU C 466 -24.09 3.95 -50.39
C LEU C 466 -23.35 4.32 -51.66
N GLN C 467 -22.34 3.53 -51.99
CA GLN C 467 -21.50 3.75 -53.17
C GLN C 467 -20.78 2.45 -53.49
N SER C 468 -20.64 2.15 -54.77
CA SER C 468 -20.00 0.92 -55.18
C SER C 468 -18.51 1.14 -55.44
N TYR C 469 -17.80 0.05 -55.64
CA TYR C 469 -16.37 0.07 -55.92
C TYR C 469 -16.12 -0.39 -57.34
N GLY C 470 -15.40 0.42 -58.10
CA GLY C 470 -15.01 0.02 -59.44
C GLY C 470 -13.77 -0.82 -59.42
N PHE C 471 -13.90 -2.10 -59.04
CA PHE C 471 -12.74 -2.97 -58.90
C PHE C 471 -12.39 -3.56 -60.27
N GLN C 472 -11.77 -2.72 -61.09
CA GLN C 472 -11.28 -3.17 -62.38
C GLN C 472 -10.02 -4.01 -62.20
N PRO C 473 -9.84 -5.04 -63.04
CA PRO C 473 -8.60 -5.83 -62.96
C PRO C 473 -7.36 -5.03 -63.27
N THR C 474 -7.48 -3.91 -63.96
CA THR C 474 -6.35 -3.08 -64.36
C THR C 474 -6.45 -1.74 -63.64
N ASN C 475 -5.89 -1.66 -62.44
CA ASN C 475 -5.82 -0.43 -61.68
C ASN C 475 -4.46 -0.33 -61.01
N GLY C 476 -4.04 0.90 -60.73
CA GLY C 476 -2.82 1.09 -59.99
C GLY C 476 -2.95 0.64 -58.55
N VAL C 477 -1.81 0.28 -57.96
CA VAL C 477 -1.80 -0.11 -56.56
C VAL C 477 -2.28 1.07 -55.73
N GLY C 478 -3.18 0.79 -54.78
CA GLY C 478 -3.91 1.82 -54.07
C GLY C 478 -5.36 1.92 -54.48
N TYR C 479 -5.72 1.35 -55.63
CA TYR C 479 -7.11 1.17 -56.00
C TYR C 479 -7.53 -0.29 -56.01
N GLN C 480 -6.59 -1.23 -55.93
CA GLN C 480 -6.91 -2.63 -55.92
C GLN C 480 -7.47 -3.05 -54.56
N PRO C 481 -8.31 -4.08 -54.52
CA PRO C 481 -8.92 -4.47 -53.25
C PRO C 481 -7.91 -4.99 -52.24
N TYR C 482 -8.20 -4.73 -50.97
CA TYR C 482 -7.40 -5.19 -49.84
C TYR C 482 -8.33 -5.85 -48.83
N ARG C 483 -8.25 -7.17 -48.71
CA ARG C 483 -9.00 -7.86 -47.67
C ARG C 483 -8.38 -7.56 -46.31
N VAL C 484 -9.20 -7.17 -45.35
CA VAL C 484 -8.74 -6.70 -44.05
C VAL C 484 -9.39 -7.55 -42.97
N VAL C 485 -8.60 -7.96 -41.98
CA VAL C 485 -9.09 -8.68 -40.82
C VAL C 485 -8.63 -7.95 -39.57
N VAL C 486 -9.56 -7.62 -38.70
CA VAL C 486 -9.28 -6.90 -37.46
C VAL C 486 -9.59 -7.81 -36.29
N LEU C 487 -8.63 -7.97 -35.40
CA LEU C 487 -8.79 -8.81 -34.22
C LEU C 487 -9.00 -7.95 -32.99
N SER C 488 -9.49 -8.58 -31.92
CA SER C 488 -9.75 -7.88 -30.68
C SER C 488 -9.59 -8.83 -29.51
N PHE C 489 -8.85 -8.40 -28.51
CA PHE C 489 -8.55 -9.19 -27.32
C PHE C 489 -9.16 -8.48 -26.12
N GLU C 490 -10.13 -9.10 -25.47
CA GLU C 490 -10.74 -8.47 -24.31
C GLU C 490 -10.38 -9.21 -23.03
N LEU C 491 -10.27 -8.46 -21.94
CA LEU C 491 -9.96 -9.03 -20.63
C LEU C 491 -11.23 -9.16 -19.81
N LEU C 492 -12.12 -10.04 -20.28
CA LEU C 492 -13.37 -10.25 -19.57
C LEU C 492 -13.12 -10.94 -18.24
N HIS C 493 -14.03 -10.67 -17.29
CA HIS C 493 -13.88 -11.26 -15.95
C HIS C 493 -14.03 -12.77 -15.97
N ALA C 494 -14.60 -13.34 -17.01
CA ALA C 494 -14.55 -14.78 -17.19
C ALA C 494 -13.09 -15.22 -17.26
N PRO C 495 -12.75 -16.43 -16.80
CA PRO C 495 -11.33 -16.77 -16.62
C PRO C 495 -10.50 -16.59 -17.88
N ALA C 496 -10.80 -17.39 -18.90
CA ALA C 496 -10.12 -17.34 -20.19
C ALA C 496 -10.75 -18.39 -21.06
N THR C 497 -10.61 -18.23 -22.38
CA THR C 497 -11.13 -19.19 -23.33
C THR C 497 -10.14 -19.54 -24.44
N VAL C 498 -9.08 -18.76 -24.65
CA VAL C 498 -8.10 -19.06 -25.67
C VAL C 498 -6.69 -18.82 -25.16
N CYS C 499 -5.94 -19.90 -24.98
CA CYS C 499 -4.55 -19.83 -24.56
C CYS C 499 -3.67 -19.92 -25.80
N GLY C 500 -2.36 -20.04 -25.58
CA GLY C 500 -1.42 -20.14 -26.66
C GLY C 500 -0.73 -21.49 -26.69
N PRO C 501 -0.43 -21.98 -27.89
CA PRO C 501 0.28 -23.25 -28.05
C PRO C 501 1.79 -23.03 -28.02
N LYS C 502 2.30 -22.67 -26.84
CA LYS C 502 3.66 -22.19 -26.71
C LYS C 502 4.71 -23.22 -27.12
N LYS C 503 4.81 -24.32 -26.40
CA LYS C 503 5.89 -25.28 -26.63
C LYS C 503 5.70 -26.48 -25.73
N SER C 504 6.20 -27.63 -26.17
CA SER C 504 6.33 -28.82 -25.33
C SER C 504 7.56 -29.59 -25.81
N THR C 505 8.47 -29.91 -24.90
CA THR C 505 9.73 -30.54 -25.25
C THR C 505 9.78 -31.96 -24.69
N ASN C 506 10.88 -32.64 -24.99
CA ASN C 506 11.09 -34.01 -24.56
C ASN C 506 11.43 -34.04 -23.06
N LEU C 507 11.60 -35.25 -22.52
CA LEU C 507 11.92 -35.43 -21.11
C LEU C 507 13.11 -36.36 -21.00
N VAL C 508 14.07 -36.01 -20.16
CA VAL C 508 15.25 -36.81 -19.92
C VAL C 508 15.23 -37.26 -18.48
N LYS C 509 15.28 -38.56 -18.26
CA LYS C 509 15.21 -39.12 -16.92
C LYS C 509 16.60 -39.25 -16.31
N ASN C 510 16.63 -39.58 -15.03
CA ASN C 510 17.85 -40.00 -14.32
C ASN C 510 18.86 -38.87 -14.21
N LYS C 511 18.40 -37.62 -14.27
CA LYS C 511 19.27 -36.46 -14.12
C LYS C 511 18.59 -35.47 -13.20
N CYS C 512 19.38 -34.64 -12.51
CA CYS C 512 18.82 -33.56 -11.72
C CYS C 512 18.59 -32.38 -12.66
N VAL C 513 17.34 -32.19 -13.07
CA VAL C 513 16.97 -31.17 -14.06
C VAL C 513 15.78 -30.39 -13.54
N ASN C 514 15.58 -29.22 -14.11
CA ASN C 514 14.37 -28.46 -13.86
C ASN C 514 13.23 -28.96 -14.73
N PHE C 515 12.02 -28.86 -14.21
CA PHE C 515 10.86 -29.37 -14.92
C PHE C 515 9.66 -28.48 -14.65
N ASN C 516 8.63 -28.66 -15.47
CA ASN C 516 7.35 -27.97 -15.28
C ASN C 516 6.28 -28.80 -15.95
N PHE C 517 5.32 -29.29 -15.18
CA PHE C 517 4.23 -30.11 -15.69
C PHE C 517 2.92 -29.41 -15.36
N ASN C 518 2.29 -28.82 -16.37
CA ASN C 518 0.99 -28.16 -16.22
C ASN C 518 1.03 -27.11 -15.12
N GLY C 519 2.11 -26.35 -15.07
CA GLY C 519 2.30 -25.34 -14.05
C GLY C 519 2.98 -25.82 -12.79
N LEU C 520 3.17 -27.13 -12.64
CA LEU C 520 3.85 -27.68 -11.47
C LEU C 520 5.34 -27.76 -11.78
N THR C 521 6.10 -26.78 -11.31
CA THR C 521 7.52 -26.76 -11.56
C THR C 521 8.28 -27.39 -10.40
N GLY C 522 9.58 -27.47 -10.56
CA GLY C 522 10.45 -28.04 -9.53
C GLY C 522 11.70 -28.60 -10.16
N THR C 523 12.55 -29.12 -9.30
CA THR C 523 13.79 -29.75 -9.73
C THR C 523 13.95 -31.08 -9.00
N GLY C 524 14.70 -31.97 -9.63
CA GLY C 524 14.90 -33.29 -9.09
C GLY C 524 15.26 -34.25 -10.20
N VAL C 525 15.14 -35.53 -9.90
CA VAL C 525 15.47 -36.60 -10.82
C VAL C 525 14.20 -37.41 -11.08
N LEU C 526 13.86 -37.55 -12.35
CA LEU C 526 12.63 -38.24 -12.74
C LEU C 526 12.96 -39.67 -13.13
N THR C 527 12.20 -40.61 -12.57
CA THR C 527 12.39 -42.03 -12.85
C THR C 527 11.03 -42.69 -12.94
N GLU C 528 10.99 -43.80 -13.68
CA GLU C 528 9.75 -44.52 -13.90
C GLU C 528 9.26 -45.14 -12.59
N SER C 529 7.94 -45.15 -12.40
CA SER C 529 7.32 -45.61 -11.18
C SER C 529 6.54 -46.89 -11.43
N ASN C 530 5.86 -47.34 -10.39
CA ASN C 530 4.98 -48.49 -10.43
C ASN C 530 3.72 -48.22 -9.63
N LYS C 531 3.22 -46.98 -9.72
CA LYS C 531 2.07 -46.56 -8.94
C LYS C 531 0.78 -46.99 -9.61
N LYS C 532 -0.34 -46.55 -9.06
CA LYS C 532 -1.68 -46.94 -9.50
C LYS C 532 -2.59 -45.73 -9.61
N PHE C 533 -2.12 -44.69 -10.31
CA PHE C 533 -2.87 -43.45 -10.46
C PHE C 533 -4.29 -43.68 -10.94
N LEU C 534 -5.17 -42.82 -10.55
CA LEU C 534 -6.50 -42.90 -11.12
C LEU C 534 -6.65 -41.93 -12.28
N PRO C 535 -7.55 -42.19 -13.21
CA PRO C 535 -7.64 -41.34 -14.42
C PRO C 535 -7.76 -39.86 -14.13
N PHE C 536 -8.50 -39.48 -13.10
CA PHE C 536 -8.70 -38.07 -12.80
C PHE C 536 -7.64 -37.56 -11.80
N GLN C 537 -6.38 -37.86 -12.04
CA GLN C 537 -5.35 -37.49 -11.08
C GLN C 537 -4.07 -37.13 -11.82
N GLN C 538 -3.66 -35.87 -11.70
CA GLN C 538 -2.51 -35.38 -12.43
C GLN C 538 -1.21 -35.75 -11.72
N PHE C 539 -1.08 -35.38 -10.46
CA PHE C 539 0.15 -35.59 -9.72
C PHE C 539 -0.18 -36.09 -8.33
N GLY C 540 0.80 -36.74 -7.71
CA GLY C 540 0.62 -37.31 -6.38
C GLY C 540 1.63 -36.73 -5.40
N ARG C 541 1.18 -36.51 -4.17
CA ARG C 541 2.06 -36.09 -3.10
C ARG C 541 1.79 -36.95 -1.87
N ASP C 542 2.86 -37.20 -1.12
CA ASP C 542 2.77 -37.94 0.13
C ASP C 542 2.64 -36.96 1.30
N ILE C 543 2.88 -37.46 2.52
CA ILE C 543 2.88 -36.59 3.69
C ILE C 543 3.92 -35.49 3.51
N ALA C 544 3.76 -34.43 4.31
CA ALA C 544 4.54 -33.20 4.15
C ALA C 544 4.30 -32.57 2.78
N ASP C 545 3.15 -32.88 2.20
CA ASP C 545 2.68 -32.39 0.91
C ASP C 545 3.81 -32.22 -0.10
N THR C 546 4.67 -33.23 -0.17
CA THR C 546 5.77 -33.26 -1.12
C THR C 546 5.28 -33.94 -2.39
N THR C 547 5.16 -33.17 -3.47
CA THR C 547 4.82 -33.74 -4.76
C THR C 547 5.89 -34.73 -5.17
N ASP C 548 5.55 -36.01 -5.18
CA ASP C 548 6.53 -37.04 -5.46
C ASP C 548 6.22 -37.89 -6.67
N ALA C 549 5.03 -37.75 -7.26
CA ALA C 549 4.65 -38.56 -8.41
C ALA C 549 3.76 -37.75 -9.33
N VAL C 550 4.06 -37.76 -10.63
CA VAL C 550 3.30 -37.03 -11.63
C VAL C 550 3.07 -37.94 -12.83
N ARG C 551 2.07 -37.57 -13.63
CA ARG C 551 1.79 -38.25 -14.89
C ARG C 551 2.05 -37.28 -16.03
N ASP C 552 2.87 -37.70 -16.99
CA ASP C 552 3.17 -36.83 -18.11
C ASP C 552 1.92 -36.63 -18.97
N PRO C 553 1.65 -35.41 -19.43
CA PRO C 553 0.43 -35.16 -20.21
C PRO C 553 0.45 -35.77 -21.60
N GLN C 554 1.60 -36.20 -22.09
CA GLN C 554 1.70 -36.75 -23.44
C GLN C 554 1.43 -38.25 -23.47
N THR C 555 2.26 -39.02 -22.78
CA THR C 555 2.17 -40.48 -22.78
C THR C 555 1.14 -41.00 -21.79
N LEU C 556 0.71 -40.16 -20.85
CA LEU C 556 -0.16 -40.58 -19.74
C LEU C 556 0.54 -41.63 -18.89
N GLU C 557 1.83 -41.41 -18.64
CA GLU C 557 2.66 -42.31 -17.86
C GLU C 557 3.02 -41.65 -16.53
N ILE C 558 2.99 -42.44 -15.48
CA ILE C 558 3.26 -41.95 -14.13
C ILE C 558 4.74 -42.09 -13.83
N LEU C 559 5.30 -41.07 -13.18
CA LEU C 559 6.73 -40.99 -12.92
C LEU C 559 6.98 -40.73 -11.44
N ASP C 560 8.26 -40.71 -11.08
CA ASP C 560 8.70 -40.41 -9.72
C ASP C 560 9.45 -39.10 -9.65
N ILE C 561 9.50 -38.54 -8.44
CA ILE C 561 10.24 -37.31 -8.17
C ILE C 561 11.20 -37.58 -7.02
N THR C 562 12.46 -37.23 -7.21
CA THR C 562 13.45 -37.46 -6.18
C THR C 562 14.48 -36.34 -6.22
N PRO C 563 14.59 -35.54 -5.16
CA PRO C 563 15.56 -34.44 -5.18
C PRO C 563 16.97 -34.99 -5.37
N CYS C 564 17.76 -34.30 -6.18
CA CYS C 564 19.12 -34.74 -6.40
C CYS C 564 19.94 -34.54 -5.13
N SER C 565 21.03 -35.31 -5.03
CA SER C 565 21.70 -35.51 -3.75
C SER C 565 22.18 -34.20 -3.15
N PHE C 566 21.84 -33.99 -1.89
CA PHE C 566 22.30 -32.86 -1.11
C PHE C 566 22.78 -33.35 0.24
N GLY C 567 23.82 -32.70 0.77
CA GLY C 567 24.36 -33.13 2.04
C GLY C 567 25.51 -32.24 2.44
N GLY C 568 26.16 -32.64 3.55
CA GLY C 568 27.28 -31.89 4.07
C GLY C 568 28.62 -32.44 3.61
N VAL C 569 29.67 -31.73 4.00
CA VAL C 569 31.04 -32.11 3.69
C VAL C 569 31.86 -32.00 4.97
N SER C 570 32.48 -33.09 5.38
CA SER C 570 33.23 -33.13 6.62
C SER C 570 34.65 -33.61 6.36
N VAL C 571 35.60 -32.97 7.02
CA VAL C 571 37.01 -33.31 6.87
C VAL C 571 37.42 -34.24 8.00
N ILE C 572 38.36 -35.12 7.74
CA ILE C 572 38.90 -36.03 8.73
C ILE C 572 40.38 -35.71 8.87
N THR C 573 40.74 -34.99 9.92
CA THR C 573 42.09 -34.51 10.08
C THR C 573 42.80 -35.31 11.15
N PRO C 574 44.03 -35.77 10.92
CA PRO C 574 44.83 -36.32 12.01
C PRO C 574 45.59 -35.29 12.82
N GLY C 575 45.24 -34.00 12.70
CA GLY C 575 45.90 -32.95 13.44
C GLY C 575 47.05 -32.35 12.66
N THR C 576 47.14 -31.01 12.64
CA THR C 576 48.25 -30.37 11.94
C THR C 576 49.58 -30.60 12.63
N ASN C 577 49.57 -30.95 13.91
CA ASN C 577 50.82 -31.27 14.61
C ASN C 577 51.50 -32.49 14.00
N THR C 578 50.73 -33.39 13.39
CA THR C 578 51.27 -34.63 12.84
C THR C 578 51.47 -34.57 11.33
N SER C 579 50.44 -34.21 10.58
CA SER C 579 50.51 -34.24 9.13
C SER C 579 49.51 -33.25 8.57
N ASN C 580 49.40 -33.21 7.24
CA ASN C 580 48.43 -32.40 6.55
C ASN C 580 47.57 -33.21 5.59
N GLN C 581 47.74 -34.52 5.53
CA GLN C 581 46.98 -35.36 4.60
C GLN C 581 45.60 -35.58 5.19
N VAL C 582 44.60 -34.90 4.63
CA VAL C 582 43.25 -34.97 5.14
C VAL C 582 42.43 -35.90 4.26
N ALA C 583 41.22 -36.20 4.74
CA ALA C 583 40.24 -36.98 3.99
C ALA C 583 38.89 -36.30 4.11
N VAL C 584 38.01 -36.57 3.16
CA VAL C 584 36.70 -35.95 3.09
C VAL C 584 35.64 -37.03 2.88
N LEU C 585 34.50 -36.87 3.52
CA LEU C 585 33.32 -37.68 3.19
C LEU C 585 32.16 -36.76 2.89
N TYR C 586 31.22 -37.29 2.10
CA TYR C 586 30.00 -36.57 1.74
C TYR C 586 28.83 -37.36 2.31
N GLN C 587 28.17 -36.80 3.32
CA GLN C 587 27.12 -37.56 4.01
C GLN C 587 26.01 -37.95 3.05
N ASP C 588 25.56 -39.20 3.19
CA ASP C 588 24.45 -39.81 2.46
C ASP C 588 24.37 -39.31 1.01
N VAL C 589 25.52 -39.34 0.35
CA VAL C 589 25.63 -39.04 -1.08
C VAL C 589 26.28 -40.24 -1.75
N ASN C 590 25.56 -40.87 -2.66
CA ASN C 590 26.17 -41.86 -3.53
C ASN C 590 27.23 -41.16 -4.38
N CYS C 591 28.45 -41.69 -4.38
CA CYS C 591 29.55 -40.97 -5.01
C CYS C 591 29.77 -41.35 -6.46
N THR C 592 28.74 -41.88 -7.13
CA THR C 592 28.77 -41.88 -8.58
C THR C 592 28.48 -40.50 -9.14
N GLU C 593 28.06 -39.56 -8.29
CA GLU C 593 27.72 -38.20 -8.68
C GLU C 593 28.42 -37.19 -7.78
N VAL C 594 29.68 -37.47 -7.44
CA VAL C 594 30.44 -36.57 -6.58
C VAL C 594 30.86 -35.32 -7.35
N ASN C 615 41.44 -45.07 -2.47
CA ASN C 615 41.16 -43.74 -2.98
C ASN C 615 39.72 -43.32 -2.69
N VAL C 616 38.77 -44.17 -3.04
CA VAL C 616 37.35 -43.89 -2.84
C VAL C 616 36.70 -45.11 -2.19
N PHE C 617 35.91 -44.87 -1.15
CA PHE C 617 35.22 -45.92 -0.41
C PHE C 617 33.81 -45.48 -0.12
N GLN C 618 32.87 -46.41 -0.16
CA GLN C 618 31.47 -46.14 0.08
C GLN C 618 31.03 -46.75 1.40
N THR C 619 30.45 -45.93 2.27
CA THR C 619 29.96 -46.36 3.56
C THR C 619 28.48 -46.03 3.69
N ARG C 620 27.87 -46.49 4.78
CA ARG C 620 26.49 -46.11 5.06
C ARG C 620 26.38 -44.64 5.44
N ALA C 621 27.47 -44.04 5.92
CA ALA C 621 27.49 -42.63 6.27
C ALA C 621 27.66 -41.72 5.06
N GLY C 622 27.96 -42.27 3.90
CA GLY C 622 28.23 -41.51 2.70
C GLY C 622 29.36 -42.16 1.94
N CYS C 623 30.05 -41.37 1.13
CA CYS C 623 31.21 -41.85 0.39
C CYS C 623 32.44 -41.09 0.85
N LEU C 624 33.47 -41.83 1.24
CA LEU C 624 34.68 -41.29 1.83
C LEU C 624 35.81 -41.38 0.82
N ILE C 625 36.41 -40.25 0.50
CA ILE C 625 37.48 -40.18 -0.49
C ILE C 625 38.75 -39.71 0.21
N GLY C 626 39.89 -40.21 -0.24
CA GLY C 626 41.16 -39.85 0.33
C GLY C 626 41.74 -40.83 1.34
N ALA C 627 41.03 -41.91 1.63
CA ALA C 627 41.53 -42.93 2.53
C ALA C 627 41.24 -44.30 1.94
N GLU C 628 42.14 -45.24 2.20
CA GLU C 628 42.04 -46.59 1.64
C GLU C 628 41.46 -47.52 2.69
N HIS C 629 40.37 -48.18 2.34
CA HIS C 629 39.76 -49.13 3.25
C HIS C 629 40.63 -50.37 3.38
N VAL C 630 40.91 -50.76 4.63
CA VAL C 630 41.64 -51.98 4.93
C VAL C 630 40.66 -52.97 5.54
N ASN C 631 40.74 -54.23 5.11
CA ASN C 631 39.85 -55.25 5.65
C ASN C 631 40.35 -55.79 6.99
N ASN C 632 41.37 -55.17 7.57
CA ASN C 632 41.78 -55.44 8.93
C ASN C 632 40.78 -54.78 9.89
N SER C 633 41.09 -54.82 11.18
CA SER C 633 40.23 -54.21 12.19
C SER C 633 41.06 -53.72 13.37
N TYR C 634 40.80 -52.49 13.79
CA TYR C 634 41.55 -51.89 14.90
C TYR C 634 40.59 -51.24 15.88
N GLU C 635 41.14 -50.53 16.87
CA GLU C 635 40.30 -49.76 17.77
C GLU C 635 40.04 -48.37 17.20
N CYS C 636 38.86 -47.84 17.52
CA CYS C 636 38.39 -46.61 16.89
C CYS C 636 39.21 -45.41 17.35
N ASP C 637 39.58 -44.56 16.38
CA ASP C 637 40.35 -43.35 16.64
C ASP C 637 39.58 -42.08 16.30
N ILE C 638 39.12 -41.94 15.06
CA ILE C 638 38.32 -40.79 14.66
C ILE C 638 36.98 -41.32 14.14
N PRO C 639 35.91 -41.22 14.92
CA PRO C 639 34.64 -41.81 14.51
C PRO C 639 34.10 -41.19 13.23
N ILE C 640 33.49 -42.03 12.40
CA ILE C 640 32.85 -41.60 11.16
C ILE C 640 31.36 -41.92 11.15
N GLY C 641 31.01 -43.16 11.42
CA GLY C 641 29.62 -43.57 11.49
C GLY C 641 29.41 -44.95 10.92
N ALA C 642 28.27 -45.54 11.25
CA ALA C 642 27.90 -46.87 10.80
C ALA C 642 28.93 -47.92 11.19
N GLY C 643 29.64 -47.69 12.29
CA GLY C 643 30.63 -48.61 12.76
C GLY C 643 31.97 -48.54 12.08
N ILE C 644 32.16 -47.60 11.17
CA ILE C 644 33.42 -47.44 10.45
C ILE C 644 34.08 -46.17 10.96
N CYS C 645 35.38 -46.23 11.23
CA CYS C 645 36.08 -45.03 11.63
C CYS C 645 37.53 -45.10 11.17
N ALA C 646 38.16 -43.93 11.11
CA ALA C 646 39.43 -43.74 10.43
C ALA C 646 40.52 -43.40 11.42
N SER C 647 41.76 -43.70 11.03
CA SER C 647 42.93 -43.40 11.84
C SER C 647 44.08 -43.04 10.92
N TYR C 648 45.22 -42.69 11.51
CA TYR C 648 46.41 -42.33 10.76
C TYR C 648 47.54 -43.30 11.04
N GLN C 649 47.49 -44.47 10.40
CA GLN C 649 48.51 -45.49 10.59
C GLN C 649 49.40 -45.63 9.36
N THR C 650 50.66 -45.99 9.59
CA THR C 650 51.62 -46.16 8.52
C THR C 650 51.10 -47.09 7.43
N GLN C 664 51.46 -42.95 7.97
CA GLN C 664 51.93 -42.56 6.64
C GLN C 664 50.77 -42.18 5.74
N SER C 665 49.57 -42.64 6.09
CA SER C 665 48.37 -42.34 5.32
C SER C 665 47.11 -42.56 6.16
N ILE C 666 45.98 -42.05 5.67
CA ILE C 666 44.72 -42.20 6.36
C ILE C 666 44.04 -43.50 5.97
N ILE C 667 43.66 -44.30 6.95
CA ILE C 667 43.02 -45.58 6.68
C ILE C 667 41.64 -45.59 7.33
N ALA C 668 40.73 -46.37 6.74
CA ALA C 668 39.38 -46.52 7.26
C ALA C 668 39.08 -48.00 7.44
N TYR C 669 38.43 -48.33 8.56
CA TYR C 669 38.20 -49.71 8.92
C TYR C 669 36.97 -49.80 9.81
N THR C 670 36.46 -51.01 9.97
CA THR C 670 35.39 -51.24 10.92
C THR C 670 35.97 -51.37 12.33
N MET C 671 35.18 -50.94 13.31
CA MET C 671 35.64 -50.96 14.70
C MET C 671 35.83 -52.38 15.19
N SER C 672 36.81 -52.56 16.07
CA SER C 672 36.97 -53.79 16.83
C SER C 672 36.36 -53.57 18.20
N LEU C 673 35.39 -54.40 18.56
CA LEU C 673 34.77 -54.30 19.87
C LEU C 673 35.69 -54.78 20.97
N GLY C 674 36.53 -55.76 20.68
CA GLY C 674 37.48 -56.25 21.66
C GLY C 674 37.93 -57.65 21.31
N ALA C 675 38.75 -58.20 22.19
CA ALA C 675 39.25 -59.56 22.03
C ALA C 675 38.14 -60.57 22.31
N GLU C 676 38.28 -61.75 21.73
CA GLU C 676 37.33 -62.83 21.93
C GLU C 676 37.83 -63.76 23.03
N ASN C 677 36.91 -64.20 23.89
CA ASN C 677 37.21 -65.16 24.94
C ASN C 677 36.18 -66.27 24.92
N SER C 678 36.64 -67.51 25.00
CA SER C 678 35.76 -68.65 25.23
C SER C 678 36.13 -69.20 26.60
N VAL C 679 35.38 -68.77 27.62
CA VAL C 679 35.73 -69.13 28.99
C VAL C 679 35.52 -70.62 29.19
N ALA C 680 36.47 -71.27 29.85
CA ALA C 680 36.47 -72.71 29.94
C ALA C 680 35.38 -73.21 30.89
N TYR C 681 34.13 -73.09 30.49
CA TYR C 681 33.02 -73.45 31.35
C TYR C 681 32.74 -74.94 31.27
N SER C 682 32.60 -75.56 32.44
CA SER C 682 32.11 -76.93 32.54
C SER C 682 31.41 -77.06 33.87
N ASN C 683 30.59 -78.10 34.00
CA ASN C 683 29.74 -78.15 35.19
C ASN C 683 30.49 -78.56 36.45
N ASN C 684 31.82 -78.73 36.41
CA ASN C 684 32.53 -79.00 37.66
C ASN C 684 33.92 -78.35 37.67
N SER C 685 34.07 -77.20 37.05
CA SER C 685 35.35 -76.49 37.01
C SER C 685 35.22 -75.12 37.65
N ILE C 686 36.22 -74.75 38.45
CA ILE C 686 36.27 -73.47 39.14
C ILE C 686 37.60 -72.82 38.84
N ALA C 687 37.66 -71.51 39.01
CA ALA C 687 38.91 -70.77 38.98
C ALA C 687 38.95 -69.85 40.20
N ILE C 688 40.05 -69.91 40.93
CA ILE C 688 40.20 -69.15 42.17
C ILE C 688 41.50 -68.36 42.08
N PRO C 689 41.47 -67.03 42.20
CA PRO C 689 42.71 -66.26 42.18
C PRO C 689 43.62 -66.64 43.33
N THR C 690 44.91 -66.75 43.02
CA THR C 690 45.92 -67.12 44.02
C THR C 690 46.76 -65.93 44.45
N ASN C 691 46.44 -64.74 43.97
CA ASN C 691 47.22 -63.55 44.25
C ASN C 691 46.30 -62.35 44.04
N PHE C 692 46.86 -61.16 44.18
CA PHE C 692 46.06 -59.96 43.98
C PHE C 692 46.96 -58.79 43.63
N THR C 693 46.34 -57.75 43.09
CA THR C 693 47.02 -56.50 42.81
C THR C 693 46.15 -55.36 43.33
N ILE C 694 46.80 -54.30 43.79
CA ILE C 694 46.11 -53.14 44.34
C ILE C 694 46.32 -51.98 43.40
N SER C 695 45.25 -51.49 42.81
CA SER C 695 45.28 -50.50 41.76
C SER C 695 44.69 -49.19 42.23
N VAL C 696 45.27 -48.08 41.79
CA VAL C 696 44.77 -46.74 42.06
C VAL C 696 44.35 -46.14 40.73
N THR C 697 43.11 -45.69 40.65
CA THR C 697 42.58 -45.03 39.48
C THR C 697 42.05 -43.66 39.87
N THR C 698 41.74 -42.85 38.87
CA THR C 698 41.23 -41.51 39.08
C THR C 698 39.92 -41.32 38.34
N GLU C 699 39.09 -40.43 38.85
CA GLU C 699 37.94 -39.96 38.10
C GLU C 699 37.72 -38.50 38.42
N ILE C 700 37.39 -37.72 37.41
CA ILE C 700 37.37 -36.27 37.49
C ILE C 700 35.96 -35.80 37.22
N LEU C 701 35.40 -35.04 38.16
CA LEU C 701 34.02 -34.60 38.06
C LEU C 701 33.96 -33.08 38.15
N PRO C 702 33.39 -32.39 37.17
CA PRO C 702 33.13 -30.96 37.33
C PRO C 702 32.14 -30.73 38.45
N VAL C 703 32.36 -29.65 39.21
CA VAL C 703 31.54 -29.34 40.37
C VAL C 703 30.88 -27.97 40.24
N SER C 704 31.63 -26.96 39.82
CA SER C 704 31.13 -25.60 39.78
C SER C 704 31.42 -24.97 38.43
N MET C 705 30.84 -23.80 38.22
CA MET C 705 30.91 -23.08 36.96
C MET C 705 31.29 -21.64 37.26
N THR C 706 31.91 -20.98 36.28
CA THR C 706 32.24 -19.58 36.46
C THR C 706 30.98 -18.75 36.56
N LYS C 707 30.80 -18.10 37.71
CA LYS C 707 29.60 -17.32 37.95
C LYS C 707 29.78 -15.92 37.38
N THR C 708 29.03 -15.62 36.33
CA THR C 708 29.11 -14.33 35.66
C THR C 708 27.73 -13.70 35.62
N SER C 709 27.70 -12.37 35.67
CA SER C 709 26.48 -11.61 35.54
C SER C 709 26.70 -10.51 34.52
N VAL C 710 25.77 -10.36 33.59
CA VAL C 710 25.81 -9.29 32.61
C VAL C 710 24.66 -8.34 32.88
N ASP C 711 24.97 -7.05 32.95
CA ASP C 711 23.94 -6.05 33.21
C ASP C 711 23.12 -5.84 31.95
N CYS C 712 21.82 -6.17 32.04
CA CYS C 712 20.98 -6.19 30.85
C CYS C 712 20.91 -4.81 30.19
N THR C 713 20.57 -3.80 30.98
CA THR C 713 20.27 -2.50 30.40
C THR C 713 21.49 -1.82 29.80
N MET C 714 22.68 -2.04 30.37
CA MET C 714 23.84 -1.38 29.79
C MET C 714 24.43 -2.20 28.64
N TYR C 715 24.23 -3.52 28.66
CA TYR C 715 24.58 -4.29 27.47
C TYR C 715 23.72 -3.88 26.29
N ILE C 716 22.42 -3.69 26.52
CA ILE C 716 21.54 -3.28 25.44
C ILE C 716 21.84 -1.86 24.98
N CYS C 717 22.01 -0.94 25.93
CA CYS C 717 22.12 0.48 25.62
C CYS C 717 23.53 1.01 25.79
N GLY C 718 24.13 0.85 26.95
CA GLY C 718 25.48 1.35 27.16
C GLY C 718 25.53 2.86 27.31
N ASP C 719 24.94 3.38 28.38
CA ASP C 719 24.92 4.81 28.66
C ASP C 719 24.24 5.58 27.53
N SER C 720 22.96 5.32 27.36
CA SER C 720 22.15 6.01 26.37
C SER C 720 20.77 6.19 26.97
N THR C 721 20.45 7.43 27.35
CA THR C 721 19.16 7.68 27.99
C THR C 721 18.00 7.41 27.04
N GLU C 722 18.15 7.77 25.77
CA GLU C 722 17.10 7.48 24.80
C GLU C 722 16.89 5.98 24.68
N CYS C 723 17.98 5.22 24.60
CA CYS C 723 17.85 3.77 24.53
C CYS C 723 17.20 3.21 25.77
N SER C 724 17.56 3.73 26.96
CA SER C 724 16.97 3.23 28.19
C SER C 724 15.47 3.52 28.23
N ASN C 725 15.08 4.73 27.85
CA ASN C 725 13.66 5.08 27.85
C ASN C 725 12.88 4.23 26.87
N LEU C 726 13.50 3.91 25.72
CA LEU C 726 12.83 3.02 24.77
C LEU C 726 12.77 1.59 25.29
N LEU C 727 13.79 1.16 26.03
CA LEU C 727 13.79 -0.20 26.57
C LEU C 727 12.78 -0.35 27.69
N LEU C 728 12.42 0.75 28.36
CA LEU C 728 11.41 0.67 29.40
C LEU C 728 10.06 0.21 28.88
N GLN C 729 9.82 0.32 27.57
CA GLN C 729 8.54 -0.10 27.01
C GLN C 729 8.44 -1.60 26.81
N TYR C 730 9.53 -2.34 26.88
CA TYR C 730 9.49 -3.77 26.69
C TYR C 730 9.16 -4.53 27.96
N GLY C 731 8.71 -3.83 28.98
CA GLY C 731 8.23 -4.50 30.20
C GLY C 731 9.36 -4.76 31.18
N SER C 732 9.47 -6.01 31.61
CA SER C 732 10.46 -6.42 32.59
C SER C 732 11.26 -7.60 32.08
N PHE C 733 11.75 -7.52 30.85
CA PHE C 733 12.66 -8.54 30.37
C PHE C 733 13.99 -8.50 31.12
N CYS C 734 14.53 -7.30 31.33
CA CYS C 734 15.83 -7.18 31.98
C CYS C 734 15.79 -7.71 33.41
N THR C 735 14.70 -7.46 34.13
CA THR C 735 14.59 -7.97 35.49
C THR C 735 14.58 -9.48 35.51
N GLN C 736 13.86 -10.11 34.58
CA GLN C 736 13.85 -11.57 34.50
C GLN C 736 15.23 -12.11 34.17
N LEU C 737 15.93 -11.49 33.23
CA LEU C 737 17.27 -11.96 32.87
C LEU C 737 18.21 -11.84 34.07
N ASN C 738 18.15 -10.72 34.79
CA ASN C 738 18.99 -10.55 35.96
C ASN C 738 18.67 -11.60 37.02
N ARG C 739 17.38 -11.88 37.24
CA ARG C 739 17.02 -12.90 38.21
C ARG C 739 17.55 -14.26 37.82
N ALA C 740 17.46 -14.62 36.53
CA ALA C 740 17.94 -15.91 36.08
C ALA C 740 19.44 -16.04 36.31
N LEU C 741 20.20 -15.00 35.93
CA LEU C 741 21.64 -15.05 36.11
C LEU C 741 22.02 -15.11 37.58
N THR C 742 21.33 -14.35 38.42
CA THR C 742 21.61 -14.39 39.85
C THR C 742 21.32 -15.76 40.43
N GLY C 743 20.25 -16.40 39.98
CA GLY C 743 19.96 -17.75 40.46
C GLY C 743 21.05 -18.74 40.10
N ILE C 744 21.48 -18.73 38.83
CA ILE C 744 22.51 -19.69 38.46
C ILE C 744 23.84 -19.33 39.10
N ALA C 745 24.05 -18.07 39.48
CA ALA C 745 25.29 -17.72 40.18
C ALA C 745 25.28 -18.19 41.62
N VAL C 746 24.16 -18.01 42.34
CA VAL C 746 24.11 -18.47 43.72
C VAL C 746 23.97 -19.98 43.82
N GLU C 747 23.67 -20.66 42.72
CA GLU C 747 23.65 -22.11 42.75
C GLU C 747 25.04 -22.72 42.84
N GLN C 748 26.05 -22.05 42.27
CA GLN C 748 27.41 -22.61 42.26
C GLN C 748 27.98 -22.74 43.66
N ASP C 749 27.74 -21.74 44.51
CA ASP C 749 28.21 -21.81 45.88
C ASP C 749 27.55 -22.96 46.62
N LYS C 750 26.26 -23.17 46.38
CA LYS C 750 25.58 -24.32 46.97
C LYS C 750 26.19 -25.63 46.49
N ASN C 751 26.51 -25.71 45.20
CA ASN C 751 27.15 -26.93 44.67
C ASN C 751 28.44 -27.23 45.42
N THR C 752 29.31 -26.24 45.53
CA THR C 752 30.59 -26.46 46.19
C THR C 752 30.41 -26.77 47.67
N GLN C 753 29.45 -26.11 48.32
CA GLN C 753 29.20 -26.38 49.73
C GLN C 753 28.76 -27.82 49.94
N GLU C 754 27.85 -28.32 49.10
CA GLU C 754 27.43 -29.71 49.24
C GLU C 754 28.57 -30.67 49.00
N VAL C 755 29.39 -30.41 47.98
CA VAL C 755 30.44 -31.39 47.65
C VAL C 755 31.51 -31.43 48.74
N PHE C 756 31.99 -30.27 49.18
CA PHE C 756 33.19 -30.25 50.01
C PHE C 756 32.93 -30.12 51.49
N ALA C 757 31.99 -29.27 51.91
CA ALA C 757 31.75 -29.03 53.33
C ALA C 757 30.92 -30.17 53.94
N GLN C 758 31.52 -31.35 53.95
CA GLN C 758 30.86 -32.54 54.50
C GLN C 758 31.45 -32.96 55.84
N VAL C 759 32.34 -32.16 56.42
CA VAL C 759 33.02 -32.48 57.67
C VAL C 759 32.79 -31.34 58.64
N LYS C 760 32.45 -31.68 59.89
CA LYS C 760 32.11 -30.66 60.87
C LYS C 760 33.35 -30.08 61.56
N GLN C 761 34.40 -30.87 61.71
CA GLN C 761 35.65 -30.43 62.31
C GLN C 761 36.68 -30.20 61.21
N ILE C 762 37.90 -29.88 61.62
CA ILE C 762 39.04 -29.80 60.71
C ILE C 762 40.13 -30.65 61.32
N TYR C 763 40.18 -31.92 60.93
CA TYR C 763 41.16 -32.83 61.49
C TYR C 763 42.55 -32.53 60.93
N LYS C 764 43.55 -33.01 61.65
CA LYS C 764 44.95 -32.84 61.25
C LYS C 764 45.68 -34.16 61.42
N THR C 765 46.56 -34.46 60.48
CA THR C 765 47.41 -35.64 60.61
C THR C 765 48.45 -35.40 61.69
N PRO C 766 48.72 -36.38 62.53
CA PRO C 766 49.76 -36.21 63.55
C PRO C 766 51.13 -36.22 62.92
N PRO C 767 52.13 -35.61 63.58
CA PRO C 767 53.49 -35.63 63.03
C PRO C 767 54.07 -37.03 62.87
N ILE C 768 53.63 -37.99 63.68
CA ILE C 768 54.10 -39.37 63.58
C ILE C 768 53.32 -40.04 62.44
N LYS C 769 54.00 -40.29 61.33
CA LYS C 769 53.39 -40.94 60.18
C LYS C 769 53.73 -42.43 60.17
N ASP C 770 53.29 -43.13 61.22
CA ASP C 770 53.48 -44.58 61.34
C ASP C 770 52.20 -45.25 60.85
N PHE C 771 52.09 -45.35 59.52
CA PHE C 771 50.89 -45.86 58.87
C PHE C 771 51.05 -47.27 58.36
N GLY C 772 51.93 -48.05 58.99
CA GLY C 772 52.14 -49.43 58.60
C GLY C 772 52.73 -49.62 57.22
N GLY C 773 53.65 -48.76 56.81
CA GLY C 773 54.33 -48.90 55.55
C GLY C 773 53.72 -48.11 54.41
N PHE C 774 52.47 -47.70 54.53
CA PHE C 774 51.86 -46.85 53.52
C PHE C 774 52.43 -45.45 53.61
N ASN C 775 52.60 -44.82 52.45
CA ASN C 775 53.25 -43.51 52.36
C ASN C 775 52.30 -42.58 51.62
N PHE C 776 51.75 -41.60 52.34
CA PHE C 776 50.77 -40.67 51.80
C PHE C 776 51.35 -39.28 51.56
N SER C 777 52.68 -39.19 51.38
CA SER C 777 53.30 -37.88 51.27
C SER C 777 52.82 -37.12 50.04
N GLN C 778 52.48 -37.83 48.97
CA GLN C 778 52.08 -37.17 47.74
C GLN C 778 50.72 -36.49 47.87
N ILE C 779 49.86 -37.01 48.73
CA ILE C 779 48.49 -36.50 48.84
C ILE C 779 48.29 -35.61 50.06
N LEU C 780 49.13 -35.72 51.08
CA LEU C 780 48.99 -34.84 52.24
C LEU C 780 49.56 -33.45 51.92
N PRO C 781 49.03 -32.43 52.58
CA PRO C 781 49.46 -31.04 52.38
C PRO C 781 50.91 -30.80 52.79
N ASP C 782 51.56 -29.83 52.15
CA ASP C 782 52.95 -29.51 52.44
C ASP C 782 53.11 -28.06 52.91
N PRO C 783 54.00 -27.84 53.87
CA PRO C 783 54.28 -26.51 54.43
C PRO C 783 55.41 -25.80 53.69
N SER C 784 55.40 -25.86 52.36
CA SER C 784 56.43 -25.22 51.56
C SER C 784 55.87 -24.01 50.81
N LYS C 785 54.60 -24.09 50.44
CA LYS C 785 53.95 -23.00 49.71
C LYS C 785 52.92 -22.31 50.61
N PRO C 786 52.41 -21.15 50.14
CA PRO C 786 51.43 -20.38 50.88
C PRO C 786 50.02 -20.95 50.73
N SER C 787 49.80 -21.70 49.65
CA SER C 787 48.50 -22.31 49.38
C SER C 787 48.38 -23.67 50.06
N LYS C 788 49.50 -24.16 50.57
CA LYS C 788 49.61 -25.45 51.27
C LYS C 788 48.78 -26.58 50.67
N ARG C 789 49.20 -27.06 49.51
CA ARG C 789 48.50 -28.15 48.83
C ARG C 789 49.40 -29.36 48.66
N SER C 790 48.83 -30.44 48.13
CA SER C 790 49.56 -31.67 47.88
C SER C 790 50.32 -31.57 46.57
N PHE C 791 51.19 -32.55 46.33
CA PHE C 791 51.88 -32.63 45.06
C PHE C 791 50.89 -32.79 43.91
N ILE C 792 49.93 -33.69 44.09
CA ILE C 792 48.95 -33.99 43.04
C ILE C 792 48.10 -32.76 42.76
N GLU C 793 47.73 -32.01 43.80
CA GLU C 793 46.89 -30.84 43.60
C GLU C 793 47.62 -29.75 42.84
N ASP C 794 48.92 -29.58 43.10
CA ASP C 794 49.71 -28.65 42.30
C ASP C 794 49.80 -29.10 40.85
N LEU C 795 49.99 -30.40 40.62
CA LEU C 795 49.99 -30.89 39.25
C LEU C 795 48.67 -30.58 38.56
N LEU C 796 47.55 -30.79 39.26
CA LEU C 796 46.25 -30.54 38.69
C LEU C 796 46.06 -29.06 38.37
N PHE C 797 46.48 -28.18 39.28
CA PHE C 797 46.28 -26.76 39.03
C PHE C 797 47.19 -26.25 37.92
N ASN C 798 48.38 -26.81 37.78
CA ASN C 798 49.23 -26.43 36.67
C ASN C 798 48.69 -26.95 35.34
N LYS C 799 48.04 -28.12 35.35
CA LYS C 799 47.51 -28.68 34.11
C LYS C 799 46.45 -27.78 33.50
N VAL C 800 45.58 -27.21 34.33
CA VAL C 800 44.56 -26.29 33.85
C VAL C 800 45.03 -24.85 33.97
N LYS C 828 36.11 -7.25 31.84
CA LYS C 828 35.02 -6.28 31.91
C LYS C 828 35.02 -5.35 30.70
N PHE C 829 34.01 -5.52 29.84
CA PHE C 829 33.87 -4.67 28.66
C PHE C 829 32.53 -3.95 28.62
N ASN C 830 31.42 -4.69 28.64
CA ASN C 830 30.11 -4.06 28.58
C ASN C 830 29.14 -4.90 29.42
N GLY C 831 29.04 -4.58 30.69
CA GLY C 831 28.14 -5.29 31.58
C GLY C 831 28.68 -6.62 32.06
N LEU C 832 29.63 -7.19 31.33
CA LEU C 832 30.20 -8.48 31.70
C LEU C 832 30.96 -8.35 33.01
N THR C 833 30.64 -9.22 33.96
CA THR C 833 31.24 -9.19 35.29
C THR C 833 31.38 -10.62 35.77
N VAL C 834 32.46 -10.88 36.52
CA VAL C 834 32.70 -12.20 37.09
C VAL C 834 32.77 -12.05 38.60
N LEU C 835 31.82 -12.59 39.28
CA LEU C 835 31.86 -12.53 40.73
C LEU C 835 32.85 -13.57 41.28
N PRO C 836 33.51 -13.25 42.39
CA PRO C 836 34.43 -14.23 42.97
C PRO C 836 33.67 -15.37 43.61
N PRO C 837 34.24 -16.58 43.61
CA PRO C 837 33.64 -17.67 44.36
C PRO C 837 33.70 -17.40 45.86
N LEU C 838 32.71 -17.91 46.57
CA LEU C 838 32.65 -17.68 48.01
C LEU C 838 33.82 -18.35 48.74
N LEU C 839 34.14 -19.59 48.37
CA LEU C 839 35.23 -20.32 48.99
C LEU C 839 36.46 -20.20 48.10
N THR C 840 37.55 -19.68 48.65
CA THR C 840 38.78 -19.59 47.90
C THR C 840 39.39 -20.99 47.74
N ASP C 841 40.46 -21.06 46.94
CA ASP C 841 41.12 -22.34 46.73
C ASP C 841 41.74 -22.88 48.00
N GLU C 842 42.29 -22.00 48.84
CA GLU C 842 42.92 -22.44 50.07
C GLU C 842 41.90 -23.11 51.00
N MET C 843 40.69 -22.58 51.07
CA MET C 843 39.67 -23.19 51.91
C MET C 843 39.29 -24.58 51.39
N ILE C 844 39.19 -24.74 50.08
CA ILE C 844 38.87 -26.04 49.51
C ILE C 844 39.99 -27.04 49.80
N ALA C 845 41.24 -26.59 49.67
CA ALA C 845 42.36 -27.46 50.00
C ALA C 845 42.33 -27.84 51.48
N GLN C 846 41.93 -26.90 52.34
CA GLN C 846 41.79 -27.19 53.76
C GLN C 846 40.72 -28.26 54.00
N TYR C 847 39.59 -28.15 53.31
CA TYR C 847 38.54 -29.16 53.44
C TYR C 847 39.03 -30.52 52.99
N THR C 848 39.72 -30.58 51.86
CA THR C 848 40.19 -31.87 51.35
C THR C 848 41.22 -32.48 52.29
N SER C 849 42.10 -31.65 52.85
CA SER C 849 43.07 -32.16 53.82
C SER C 849 42.38 -32.68 55.07
N ALA C 850 41.32 -32.00 55.51
CA ALA C 850 40.57 -32.50 56.65
C ALA C 850 39.95 -33.86 56.36
N LEU C 851 39.37 -34.02 55.18
CA LEU C 851 38.79 -35.31 54.81
C LEU C 851 39.86 -36.40 54.75
N LEU C 852 41.02 -36.08 54.19
CA LEU C 852 42.10 -37.05 54.11
C LEU C 852 42.57 -37.48 55.48
N ALA C 853 42.80 -36.51 56.38
CA ALA C 853 43.24 -36.84 57.72
C ALA C 853 42.19 -37.68 58.44
N GLY C 854 40.92 -37.32 58.30
CA GLY C 854 39.88 -38.09 58.93
C GLY C 854 39.83 -39.53 58.44
N THR C 855 39.89 -39.71 57.12
CA THR C 855 39.81 -41.07 56.59
C THR C 855 41.04 -41.89 56.92
N ILE C 856 42.21 -41.26 57.03
CA ILE C 856 43.42 -42.01 57.36
C ILE C 856 43.43 -42.43 58.83
N THR C 857 43.08 -41.51 59.72
CA THR C 857 43.25 -41.79 61.14
C THR C 857 41.98 -42.30 61.83
N SER C 858 40.84 -42.34 61.16
CA SER C 858 39.59 -42.72 61.80
C SER C 858 38.78 -43.73 61.02
N GLY C 859 39.15 -44.06 59.79
CA GLY C 859 38.31 -44.95 59.00
C GLY C 859 37.06 -44.23 58.54
N TRP C 860 35.94 -44.95 58.56
CA TRP C 860 34.65 -44.36 58.25
C TRP C 860 33.92 -43.83 59.47
N THR C 861 34.54 -43.88 60.65
CA THR C 861 33.84 -43.52 61.87
C THR C 861 33.49 -42.04 61.92
N PHE C 862 34.30 -41.19 61.30
CA PHE C 862 34.07 -39.75 61.42
C PHE C 862 32.91 -39.27 60.56
N GLY C 863 32.48 -40.07 59.60
CA GLY C 863 31.30 -39.72 58.83
C GLY C 863 29.99 -40.13 59.45
N ALA C 864 30.03 -40.70 60.65
CA ALA C 864 28.83 -41.17 61.33
C ALA C 864 28.77 -40.71 62.78
N GLY C 865 29.58 -39.74 63.18
CA GLY C 865 29.60 -39.28 64.55
C GLY C 865 30.94 -38.67 64.92
N ALA C 866 31.47 -39.06 66.07
CA ALA C 866 32.78 -38.59 66.49
C ALA C 866 33.88 -39.47 65.88
N ALA C 867 35.00 -38.84 65.54
CA ALA C 867 36.10 -39.59 64.95
C ALA C 867 36.80 -40.42 66.00
N LEU C 868 36.87 -41.72 65.77
CA LEU C 868 37.51 -42.66 66.69
C LEU C 868 38.77 -43.19 66.03
N GLN C 869 39.91 -42.97 66.66
CA GLN C 869 41.17 -43.38 66.06
C GLN C 869 41.26 -44.89 65.97
N ILE C 870 42.02 -45.36 64.99
CA ILE C 870 42.26 -46.78 64.76
C ILE C 870 43.50 -46.88 63.88
N PRO C 871 44.41 -47.81 64.14
CA PRO C 871 45.61 -47.91 63.30
C PRO C 871 45.26 -48.27 61.86
N PHE C 872 46.10 -47.82 60.95
CA PHE C 872 45.81 -48.00 59.53
C PHE C 872 45.76 -49.47 59.12
N ALA C 873 46.63 -50.30 59.68
CA ALA C 873 46.63 -51.71 59.31
C ALA C 873 45.32 -52.39 59.70
N MET C 874 44.81 -52.09 60.89
CA MET C 874 43.55 -52.67 61.30
C MET C 874 42.39 -52.12 60.48
N GLN C 875 42.44 -50.85 60.10
CA GLN C 875 41.40 -50.32 59.24
C GLN C 875 41.40 -51.01 57.88
N MET C 876 42.58 -51.27 57.33
CA MET C 876 42.62 -51.94 56.03
C MET C 876 42.23 -53.42 56.16
N ALA C 877 42.43 -54.02 57.34
CA ALA C 877 41.88 -55.34 57.57
C ALA C 877 40.36 -55.33 57.61
N TYR C 878 39.78 -54.30 58.24
CA TYR C 878 38.34 -54.07 58.16
C TYR C 878 37.90 -54.00 56.70
N ARG C 879 38.62 -53.22 55.91
CA ARG C 879 38.22 -53.03 54.53
C ARG C 879 38.40 -54.31 53.71
N PHE C 880 39.34 -55.17 54.08
CA PHE C 880 39.45 -56.45 53.38
C PHE C 880 38.30 -57.38 53.74
N ASN C 881 37.97 -57.52 55.02
CA ASN C 881 36.87 -58.44 55.26
C ASN C 881 35.53 -57.81 54.95
N GLY C 882 35.51 -56.54 54.54
CA GLY C 882 34.31 -55.99 53.95
C GLY C 882 34.08 -56.34 52.50
N ILE C 883 35.04 -57.00 51.83
CA ILE C 883 34.88 -57.41 50.45
C ILE C 883 35.00 -58.92 50.28
N GLY C 884 35.06 -59.67 51.38
CA GLY C 884 35.08 -61.11 51.31
C GLY C 884 36.43 -61.77 51.45
N VAL C 885 37.49 -61.02 51.72
CA VAL C 885 38.82 -61.56 51.95
C VAL C 885 39.10 -61.46 53.44
N THR C 886 39.53 -62.57 54.04
CA THR C 886 39.69 -62.58 55.49
C THR C 886 40.84 -61.69 55.93
N GLN C 887 40.98 -61.57 57.24
CA GLN C 887 41.89 -60.63 57.87
C GLN C 887 43.34 -61.09 57.78
N ASN C 888 43.55 -62.41 57.93
CA ASN C 888 44.91 -62.95 57.89
C ASN C 888 45.59 -62.68 56.55
N VAL C 889 44.81 -62.58 55.47
CA VAL C 889 45.42 -62.34 54.16
C VAL C 889 46.13 -61.00 54.15
N LEU C 890 45.52 -59.96 54.72
CA LEU C 890 46.22 -58.69 54.82
C LEU C 890 47.36 -58.76 55.82
N TYR C 891 47.13 -59.36 56.98
CA TYR C 891 48.16 -59.31 58.00
C TYR C 891 49.40 -60.09 57.57
N GLU C 892 49.22 -61.14 56.79
CA GLU C 892 50.33 -61.97 56.33
C GLU C 892 50.96 -61.43 55.06
N ASN C 893 50.40 -60.39 54.46
CA ASN C 893 50.89 -59.84 53.20
C ASN C 893 50.97 -58.33 53.27
N GLN C 894 51.14 -57.78 54.46
CA GLN C 894 51.04 -56.34 54.65
C GLN C 894 52.14 -55.59 53.91
N LYS C 895 53.36 -56.14 53.93
CA LYS C 895 54.49 -55.48 53.27
C LYS C 895 54.25 -55.37 51.76
N LEU C 896 53.80 -56.46 51.15
CA LEU C 896 53.53 -56.45 49.72
C LEU C 896 52.41 -55.48 49.37
N ILE C 897 51.36 -55.44 50.21
CA ILE C 897 50.24 -54.54 49.96
C ILE C 897 50.71 -53.09 50.02
N ALA C 898 51.54 -52.77 51.02
CA ALA C 898 52.04 -51.41 51.13
C ALA C 898 52.91 -51.04 49.94
N ASN C 899 53.77 -51.95 49.49
CA ASN C 899 54.61 -51.67 48.33
C ASN C 899 53.76 -51.46 47.08
N GLN C 900 52.74 -52.29 46.89
CA GLN C 900 51.88 -52.15 45.72
C GLN C 900 51.15 -50.81 45.73
N PHE C 901 50.62 -50.42 46.89
CA PHE C 901 49.93 -49.14 46.98
C PHE C 901 50.88 -47.98 46.68
N ASN C 902 52.10 -48.04 47.23
CA ASN C 902 53.04 -46.95 47.01
C ASN C 902 53.42 -46.85 45.54
N SER C 903 53.69 -47.99 44.91
CA SER C 903 54.02 -47.96 43.48
C SER C 903 52.86 -47.44 42.65
N ALA C 904 51.64 -47.82 42.99
CA ALA C 904 50.48 -47.33 42.26
C ALA C 904 50.31 -45.83 42.38
N ILE C 905 50.49 -45.28 43.59
CA ILE C 905 50.35 -43.84 43.73
C ILE C 905 51.48 -43.12 43.00
N GLY C 906 52.68 -43.69 42.99
CA GLY C 906 53.74 -43.11 42.19
C GLY C 906 53.43 -43.14 40.71
N LYS C 907 52.78 -44.21 40.26
CA LYS C 907 52.36 -44.30 38.86
C LYS C 907 51.34 -43.23 38.52
N ILE C 908 50.39 -42.96 39.43
CA ILE C 908 49.45 -41.87 39.19
C ILE C 908 50.18 -40.55 39.09
N GLN C 909 51.15 -40.32 39.97
CA GLN C 909 51.92 -39.07 39.90
C GLN C 909 52.65 -38.96 38.57
N ASP C 910 53.30 -40.04 38.12
CA ASP C 910 54.03 -39.99 36.87
C ASP C 910 53.11 -39.76 35.68
N SER C 911 51.97 -40.44 35.65
CA SER C 911 51.08 -40.35 34.50
C SER C 911 50.21 -39.10 34.53
N LEU C 912 50.23 -38.33 35.61
CA LEU C 912 49.49 -37.09 35.63
C LEU C 912 50.27 -35.92 35.05
N SER C 913 51.60 -36.02 35.04
CA SER C 913 52.44 -34.92 34.55
C SER C 913 53.00 -35.23 33.17
N ALA C 918 43.99 -35.67 29.96
CA ALA C 918 43.43 -36.62 30.91
C ALA C 918 42.30 -35.99 31.71
N LEU C 919 42.36 -34.66 31.84
CA LEU C 919 41.34 -33.91 32.57
C LEU C 919 40.63 -32.91 31.67
N GLY C 920 40.31 -33.30 30.45
CA GLY C 920 39.53 -32.45 29.58
C GLY C 920 38.06 -32.36 29.93
N LYS C 921 37.59 -33.16 30.88
CA LYS C 921 36.20 -33.11 31.27
C LYS C 921 35.84 -31.75 31.86
N LEU C 922 36.73 -31.19 32.68
CA LEU C 922 36.50 -29.86 33.21
C LEU C 922 37.13 -28.76 32.38
N GLN C 923 37.86 -29.11 31.32
CA GLN C 923 38.23 -28.12 30.31
C GLN C 923 37.07 -27.85 29.35
N ASP C 924 36.23 -28.86 29.11
CA ASP C 924 35.08 -28.68 28.24
C ASP C 924 34.16 -27.59 28.76
N VAL C 925 33.91 -27.57 30.07
CA VAL C 925 32.96 -26.62 30.62
C VAL C 925 33.47 -25.19 30.50
N VAL C 926 34.75 -24.97 30.80
CA VAL C 926 35.30 -23.63 30.70
C VAL C 926 35.36 -23.18 29.25
N ASN C 927 35.68 -24.09 28.33
CA ASN C 927 35.66 -23.74 26.92
C ASN C 927 34.26 -23.37 26.45
N GLN C 928 33.25 -24.10 26.91
CA GLN C 928 31.87 -23.77 26.53
C GLN C 928 31.47 -22.40 27.03
N ASN C 929 31.79 -22.10 28.30
CA ASN C 929 31.46 -20.79 28.83
C ASN C 929 32.15 -19.68 28.05
N ALA C 930 33.43 -19.87 27.74
CA ALA C 930 34.15 -18.87 26.97
C ALA C 930 33.54 -18.66 25.60
N GLN C 931 33.17 -19.76 24.92
CA GLN C 931 32.60 -19.62 23.58
C GLN C 931 31.27 -18.89 23.62
N ALA C 932 30.41 -19.22 24.59
CA ALA C 932 29.13 -18.53 24.68
C ALA C 932 29.32 -17.04 24.94
N LEU C 933 30.23 -16.70 25.85
CA LEU C 933 30.45 -15.30 26.19
C LEU C 933 31.06 -14.54 25.00
N ASN C 934 31.96 -15.19 24.26
CA ASN C 934 32.55 -14.56 23.09
C ASN C 934 31.51 -14.31 22.02
N THR C 935 30.59 -15.26 21.81
CA THR C 935 29.51 -15.03 20.86
C THR C 935 28.65 -13.86 21.29
N LEU C 936 28.32 -13.80 22.58
CA LEU C 936 27.49 -12.70 23.08
C LEU C 936 28.17 -11.37 22.85
N VAL C 937 29.47 -11.29 23.08
CA VAL C 937 30.13 -10.00 22.93
C VAL C 937 30.31 -9.66 21.46
N LYS C 938 30.48 -10.65 20.59
CA LYS C 938 30.58 -10.37 19.17
C LYS C 938 29.27 -9.88 18.59
N GLN C 939 28.15 -10.27 19.19
CA GLN C 939 26.86 -9.86 18.65
C GLN C 939 26.64 -8.36 18.77
N LEU C 940 27.47 -7.67 19.53
CA LEU C 940 27.37 -6.22 19.61
C LEU C 940 27.86 -5.51 18.36
N SER C 941 28.44 -6.24 17.41
CA SER C 941 28.99 -5.66 16.21
C SER C 941 28.04 -5.78 15.02
N SER C 942 26.80 -6.19 15.25
CA SER C 942 25.82 -6.34 14.18
C SER C 942 24.92 -5.12 14.12
N ASN C 943 24.20 -5.01 13.01
CA ASN C 943 23.27 -3.91 12.79
C ASN C 943 21.81 -4.31 12.95
N PHE C 944 21.49 -5.57 12.65
CA PHE C 944 20.11 -6.06 12.70
C PHE C 944 19.19 -5.19 11.84
N GLY C 945 19.75 -4.62 10.78
CA GLY C 945 18.99 -3.80 9.87
C GLY C 945 19.12 -2.30 10.07
N ALA C 946 19.72 -1.85 11.16
CA ALA C 946 19.93 -0.43 11.36
C ALA C 946 21.11 0.04 10.50
N ILE C 947 21.30 1.35 10.45
CA ILE C 947 22.35 1.89 9.58
C ILE C 947 23.72 1.57 10.15
N SER C 948 23.88 1.65 11.46
CA SER C 948 25.17 1.51 12.11
C SER C 948 25.07 0.56 13.28
N SER C 949 26.19 -0.08 13.61
CA SER C 949 26.20 -1.00 14.73
C SER C 949 26.19 -0.27 16.06
N VAL C 950 26.97 0.80 16.17
CA VAL C 950 27.08 1.55 17.41
C VAL C 950 25.98 2.60 17.45
N LEU C 951 25.28 2.70 18.58
CA LEU C 951 24.20 3.67 18.66
C LEU C 951 24.68 5.05 19.03
N ASN C 952 25.94 5.21 19.42
CA ASN C 952 26.48 6.56 19.59
C ASN C 952 26.44 7.32 18.28
N ASP C 953 26.86 6.67 17.18
CA ASP C 953 26.78 7.32 15.88
C ASP C 953 25.34 7.56 15.47
N ILE C 954 24.46 6.61 15.74
CA ILE C 954 23.05 6.80 15.42
C ILE C 954 22.53 8.05 16.10
N LEU C 955 22.86 8.21 17.38
CA LEU C 955 22.37 9.35 18.13
C LEU C 955 23.09 10.64 17.76
N SER C 956 24.32 10.55 17.27
CA SER C 956 25.10 11.74 16.97
C SER C 956 24.81 12.31 15.59
N ARG C 957 24.01 11.63 14.78
CA ARG C 957 23.69 12.18 13.46
C ARG C 957 22.25 11.88 13.07
N LEU C 958 21.33 11.87 14.02
CA LEU C 958 19.93 11.67 13.70
C LEU C 958 19.05 12.41 14.69
N ASP C 959 17.90 12.85 14.22
CA ASP C 959 16.92 13.45 15.10
C ASP C 959 16.23 12.35 15.91
N PRO C 960 15.88 12.62 17.16
CA PRO C 960 15.31 11.57 18.02
C PRO C 960 14.08 10.90 17.40
N PRO C 961 13.16 11.64 16.80
CA PRO C 961 12.02 10.96 16.15
C PRO C 961 12.44 10.00 15.05
N GLU C 962 13.53 10.29 14.35
CA GLU C 962 14.01 9.37 13.33
C GLU C 962 15.05 8.39 13.87
N ALA C 963 15.79 8.80 14.90
CA ALA C 963 16.77 7.90 15.51
C ALA C 963 16.08 6.72 16.18
N GLU C 964 14.90 6.95 16.78
CA GLU C 964 14.25 5.88 17.51
C GLU C 964 13.86 4.73 16.61
N VAL C 965 13.64 4.99 15.31
CA VAL C 965 13.32 3.92 14.38
C VAL C 965 14.47 2.93 14.29
N GLN C 966 15.70 3.44 14.12
CA GLN C 966 16.86 2.58 14.08
C GLN C 966 17.10 1.91 15.44
N ILE C 967 16.93 2.69 16.51
CA ILE C 967 17.23 2.17 17.84
C ILE C 967 16.31 1.01 18.18
N ASP C 968 15.06 1.04 17.70
CA ASP C 968 14.15 -0.07 17.96
C ASP C 968 14.69 -1.38 17.39
N ARG C 969 15.15 -1.35 16.14
CA ARG C 969 15.68 -2.56 15.52
C ARG C 969 16.92 -3.04 16.24
N LEU C 970 17.80 -2.11 16.60
CA LEU C 970 19.03 -2.50 17.29
C LEU C 970 18.72 -3.12 18.65
N ILE C 971 17.75 -2.57 19.37
CA ILE C 971 17.36 -3.08 20.67
C ILE C 971 16.77 -4.47 20.54
N THR C 972 15.89 -4.68 19.56
CA THR C 972 15.31 -6.01 19.38
C THR C 972 16.39 -7.04 19.09
N GLY C 973 17.32 -6.69 18.20
CA GLY C 973 18.41 -7.59 17.89
C GLY C 973 19.26 -7.95 19.09
N ARG C 974 19.53 -7.00 19.97
CA ARG C 974 20.32 -7.33 21.15
C ARG C 974 19.55 -8.10 22.22
N LEU C 975 18.26 -7.83 22.37
CA LEU C 975 17.45 -8.60 23.30
C LEU C 975 17.41 -10.06 22.92
N GLN C 976 17.29 -10.36 21.63
CA GLN C 976 17.29 -11.76 21.21
C GLN C 976 18.58 -12.46 21.64
N SER C 977 19.72 -11.81 21.44
CA SER C 977 20.99 -12.41 21.79
C SER C 977 21.10 -12.65 23.29
N LEU C 978 20.68 -11.68 24.10
CA LEU C 978 20.76 -11.85 25.54
C LEU C 978 19.87 -13.00 26.02
N GLN C 979 18.66 -13.10 25.47
CA GLN C 979 17.77 -14.18 25.87
C GLN C 979 18.34 -15.54 25.49
N THR C 980 18.91 -15.65 24.29
CA THR C 980 19.54 -16.90 23.90
C THR C 980 20.66 -17.27 24.87
N TYR C 981 21.50 -16.30 25.23
CA TYR C 981 22.58 -16.58 26.16
C TYR C 981 22.06 -17.07 27.50
N VAL C 982 21.02 -16.43 28.03
CA VAL C 982 20.54 -16.80 29.35
C VAL C 982 19.94 -18.21 29.32
N THR C 983 19.20 -18.55 28.27
CA THR C 983 18.64 -19.89 28.18
C THR C 983 19.73 -20.95 28.12
N GLN C 984 20.75 -20.73 27.30
CA GLN C 984 21.85 -21.69 27.23
C GLN C 984 22.53 -21.84 28.59
N GLN C 985 22.73 -20.73 29.29
CA GLN C 985 23.36 -20.81 30.61
C GLN C 985 22.51 -21.61 31.58
N LEU C 986 21.19 -21.43 31.54
CA LEU C 986 20.32 -22.18 32.43
C LEU C 986 20.45 -23.68 32.19
N ILE C 987 20.44 -24.09 30.93
CA ILE C 987 20.54 -25.52 30.62
C ILE C 987 21.89 -26.09 31.07
N ARG C 988 22.96 -25.36 30.77
CA ARG C 988 24.28 -25.82 31.19
C ARG C 988 24.40 -25.89 32.70
N ALA C 989 23.79 -24.95 33.41
CA ALA C 989 23.82 -24.97 34.87
C ALA C 989 23.08 -26.17 35.42
N ALA C 990 21.95 -26.54 34.82
CA ALA C 990 21.26 -27.75 35.26
C ALA C 990 22.14 -28.98 35.09
N GLU C 991 22.83 -29.08 33.94
CA GLU C 991 23.73 -30.20 33.73
C GLU C 991 24.85 -30.24 34.77
N ILE C 992 25.45 -29.09 35.06
CA ILE C 992 26.55 -29.06 36.01
C ILE C 992 26.05 -29.33 37.42
N ARG C 993 24.79 -28.99 37.73
CA ARG C 993 24.23 -29.33 39.03
C ARG C 993 24.04 -30.84 39.18
N ALA C 994 23.59 -31.50 38.11
CA ALA C 994 23.52 -32.95 38.16
C ALA C 994 24.90 -33.56 38.42
N SER C 995 25.92 -33.02 37.75
CA SER C 995 27.28 -33.50 38.00
C SER C 995 27.70 -33.28 39.45
N ALA C 996 27.39 -32.12 40.01
CA ALA C 996 27.78 -31.83 41.39
C ALA C 996 27.08 -32.74 42.38
N ASN C 997 25.80 -33.06 42.12
CA ASN C 997 25.10 -34.00 42.99
C ASN C 997 25.73 -35.38 42.92
N LEU C 998 26.12 -35.82 41.72
CA LEU C 998 26.82 -37.08 41.61
C LEU C 998 28.12 -37.05 42.40
N ALA C 999 28.86 -35.94 42.32
CA ALA C 999 30.13 -35.85 43.04
C ALA C 999 29.93 -35.87 44.55
N ALA C 1000 28.89 -35.20 45.04
CA ALA C 1000 28.63 -35.21 46.48
C ALA C 1000 28.25 -36.61 46.96
N THR C 1001 27.44 -37.31 46.19
CA THR C 1001 27.10 -38.69 46.54
C THR C 1001 28.33 -39.57 46.53
N LYS C 1002 29.20 -39.40 45.53
CA LYS C 1002 30.44 -40.16 45.49
C LYS C 1002 31.30 -39.87 46.69
N MET C 1003 31.40 -38.60 47.08
CA MET C 1003 32.19 -38.24 48.25
C MET C 1003 31.67 -38.94 49.49
N SER C 1004 30.37 -38.84 49.75
CA SER C 1004 29.80 -39.50 50.91
C SER C 1004 30.06 -41.00 50.87
N GLU C 1005 29.78 -41.64 49.75
CA GLU C 1005 29.71 -43.11 49.73
C GLU C 1005 31.04 -43.78 49.44
N CYS C 1006 32.04 -43.08 48.94
CA CYS C 1006 33.35 -43.67 48.73
C CYS C 1006 34.42 -43.15 49.67
N VAL C 1007 34.30 -41.93 50.17
CA VAL C 1007 35.29 -41.37 51.08
C VAL C 1007 34.89 -41.57 52.53
N LEU C 1008 33.69 -41.16 52.90
CA LEU C 1008 33.23 -41.34 54.27
C LEU C 1008 32.77 -42.75 54.55
N GLY C 1009 32.96 -43.68 53.63
CA GLY C 1009 32.55 -45.04 53.87
C GLY C 1009 33.11 -45.97 52.81
N GLN C 1010 32.60 -47.19 52.80
CA GLN C 1010 32.95 -48.20 51.82
C GLN C 1010 31.68 -48.64 51.11
N SER C 1011 31.73 -48.71 49.78
CA SER C 1011 30.54 -48.92 48.98
C SER C 1011 30.54 -50.31 48.35
N LYS C 1012 29.43 -51.02 48.49
CA LYS C 1012 29.25 -52.30 47.84
C LYS C 1012 28.77 -52.17 46.39
N ARG C 1013 28.29 -50.99 46.00
CA ARG C 1013 27.80 -50.80 44.65
C ARG C 1013 28.93 -51.00 43.64
N VAL C 1014 28.64 -51.77 42.59
CA VAL C 1014 29.66 -52.16 41.64
C VAL C 1014 29.90 -51.01 40.67
N ASP C 1015 31.18 -50.72 40.40
CA ASP C 1015 31.62 -49.74 39.43
C ASP C 1015 31.17 -48.32 39.78
N PHE C 1016 30.85 -48.07 41.04
CA PHE C 1016 30.53 -46.73 41.47
C PHE C 1016 31.77 -45.98 41.95
N CYS C 1017 32.66 -46.66 42.66
CA CYS C 1017 33.90 -46.06 43.12
C CYS C 1017 35.10 -46.75 42.48
N GLY C 1018 35.06 -46.92 41.17
CA GLY C 1018 36.18 -47.49 40.44
C GLY C 1018 35.95 -48.96 40.11
N LYS C 1019 36.68 -49.42 39.08
CA LYS C 1019 36.54 -50.80 38.63
C LYS C 1019 37.36 -51.73 39.53
N GLY C 1020 36.72 -52.81 39.96
CA GLY C 1020 37.30 -53.72 40.93
C GLY C 1020 36.59 -53.61 42.26
N TYR C 1021 37.11 -54.34 43.24
CA TYR C 1021 36.54 -54.29 44.57
C TYR C 1021 37.07 -53.07 45.30
N HIS C 1022 36.17 -52.18 45.68
CA HIS C 1022 36.56 -50.91 46.27
C HIS C 1022 37.11 -51.11 47.68
N LEU C 1023 38.23 -50.45 47.97
CA LEU C 1023 38.79 -50.45 49.30
C LEU C 1023 38.62 -49.09 49.99
N MET C 1024 39.08 -48.02 49.36
CA MET C 1024 39.02 -46.70 49.98
C MET C 1024 39.47 -45.67 48.95
N SER C 1025 39.01 -44.45 49.10
CA SER C 1025 39.26 -43.42 48.10
C SER C 1025 39.63 -42.10 48.77
N PHE C 1026 40.32 -41.25 48.02
CA PHE C 1026 40.86 -40.00 48.50
C PHE C 1026 40.39 -38.85 47.62
N PRO C 1027 39.89 -37.76 48.19
CA PRO C 1027 39.53 -36.60 47.39
C PRO C 1027 40.71 -35.65 47.19
N GLN C 1028 40.78 -35.07 46.01
CA GLN C 1028 41.77 -34.04 45.71
C GLN C 1028 41.10 -32.94 44.91
N SER C 1029 41.32 -31.70 45.30
CA SER C 1029 40.63 -30.60 44.66
C SER C 1029 41.28 -30.24 43.34
N ALA C 1030 40.46 -29.85 42.38
CA ALA C 1030 40.85 -29.39 41.06
C ALA C 1030 40.32 -27.98 40.90
N PRO C 1031 40.69 -27.28 39.80
CA PRO C 1031 40.19 -25.90 39.61
C PRO C 1031 38.70 -25.71 39.84
N HIS C 1032 37.85 -26.34 39.06
CA HIS C 1032 36.41 -26.25 39.26
C HIS C 1032 35.81 -27.61 39.42
N GLY C 1033 36.51 -28.50 40.10
CA GLY C 1033 36.09 -29.86 40.18
C GLY C 1033 36.84 -30.59 41.26
N VAL C 1034 36.79 -31.92 41.19
CA VAL C 1034 37.40 -32.76 42.19
C VAL C 1034 37.82 -34.05 41.53
N VAL C 1035 38.95 -34.60 41.93
CA VAL C 1035 39.37 -35.91 41.47
C VAL C 1035 39.28 -36.87 42.66
N PHE C 1036 38.96 -38.11 42.37
CA PHE C 1036 38.89 -39.16 43.37
C PHE C 1036 39.93 -40.21 43.03
N LEU C 1037 40.73 -40.59 44.02
CA LEU C 1037 41.73 -41.64 43.84
C LEU C 1037 41.17 -42.91 44.47
N HIS C 1038 40.55 -43.74 43.64
CA HIS C 1038 39.92 -44.97 44.11
C HIS C 1038 40.97 -46.06 44.22
N VAL C 1039 41.13 -46.62 45.42
CA VAL C 1039 42.02 -47.74 45.66
C VAL C 1039 41.18 -49.01 45.64
N THR C 1040 41.50 -49.92 44.73
CA THR C 1040 40.69 -51.11 44.51
C THR C 1040 41.56 -52.36 44.57
N TYR C 1041 40.90 -53.47 44.85
CA TYR C 1041 41.53 -54.78 44.99
C TYR C 1041 41.15 -55.62 43.79
N VAL C 1042 42.13 -55.97 42.98
CA VAL C 1042 41.90 -56.73 41.75
C VAL C 1042 42.57 -58.09 41.89
N PRO C 1043 41.82 -59.19 41.79
CA PRO C 1043 42.44 -60.52 41.87
C PRO C 1043 43.26 -60.83 40.63
N ALA C 1044 44.20 -61.75 40.80
CA ALA C 1044 45.13 -62.09 39.72
C ALA C 1044 45.66 -63.50 39.92
N GLN C 1045 46.20 -64.06 38.84
CA GLN C 1045 46.85 -65.36 38.83
C GLN C 1045 45.90 -66.47 39.30
N GLU C 1046 44.85 -66.68 38.54
CA GLU C 1046 43.87 -67.70 38.85
C GLU C 1046 44.40 -69.09 38.48
N LYS C 1047 43.81 -70.11 39.09
CA LYS C 1047 44.19 -71.48 38.83
C LYS C 1047 42.95 -72.34 38.74
N ASN C 1048 43.01 -73.37 37.90
CA ASN C 1048 41.91 -74.29 37.73
C ASN C 1048 41.80 -75.23 38.92
N PHE C 1049 40.57 -75.59 39.28
CA PHE C 1049 40.33 -76.61 40.28
C PHE C 1049 39.06 -77.35 39.91
N THR C 1050 38.70 -78.33 40.73
CA THR C 1050 37.48 -79.10 40.54
C THR C 1050 36.62 -78.93 41.77
N THR C 1051 35.32 -78.75 41.57
CA THR C 1051 34.41 -78.46 42.67
C THR C 1051 33.24 -79.43 42.73
N ALA C 1052 32.67 -79.52 43.92
CA ALA C 1052 31.45 -80.25 44.15
C ALA C 1052 30.52 -79.39 44.99
N PRO C 1053 29.21 -79.45 44.72
CA PRO C 1053 28.26 -78.72 45.57
C PRO C 1053 28.31 -79.14 47.03
N ALA C 1054 28.51 -80.42 47.31
CA ALA C 1054 28.45 -80.91 48.68
C ALA C 1054 29.26 -82.19 48.78
N ILE C 1055 29.53 -82.58 50.02
CA ILE C 1055 30.30 -83.79 50.33
C ILE C 1055 29.38 -84.73 51.10
N CYS C 1056 29.22 -85.95 50.58
CA CYS C 1056 28.46 -86.96 51.30
C CYS C 1056 29.38 -87.72 52.23
N HIS C 1057 28.97 -87.84 53.48
CA HIS C 1057 29.72 -88.57 54.49
C HIS C 1057 28.73 -89.18 55.46
N ASP C 1058 28.85 -90.48 55.68
CA ASP C 1058 27.93 -91.23 56.55
C ASP C 1058 26.50 -91.12 56.04
N GLY C 1059 26.33 -91.07 54.72
CA GLY C 1059 25.02 -90.95 54.13
C GLY C 1059 24.33 -89.66 54.57
N LYS C 1060 25.04 -88.54 54.47
CA LYS C 1060 24.59 -87.31 55.10
C LYS C 1060 25.34 -86.15 54.47
N ALA C 1061 24.61 -85.23 53.83
CA ALA C 1061 25.24 -84.22 52.98
C ALA C 1061 25.83 -83.08 53.80
N HIS C 1062 27.02 -82.64 53.40
CA HIS C 1062 27.75 -81.58 54.07
C HIS C 1062 27.94 -80.41 53.12
N PHE C 1063 27.75 -79.19 53.62
CA PHE C 1063 27.79 -77.98 52.83
C PHE C 1063 28.83 -77.03 53.37
N PRO C 1064 29.58 -76.34 52.52
CA PRO C 1064 30.62 -75.42 53.02
C PRO C 1064 29.98 -74.24 53.73
N ARG C 1065 30.40 -74.02 54.98
CA ARG C 1065 29.78 -72.96 55.77
C ARG C 1065 30.06 -71.59 55.17
N GLU C 1066 31.27 -71.37 54.68
CA GLU C 1066 31.58 -70.12 53.98
C GLU C 1066 32.77 -70.40 53.05
N GLY C 1067 32.47 -70.59 51.78
CA GLY C 1067 33.50 -70.88 50.81
C GLY C 1067 33.04 -71.93 49.84
N VAL C 1068 34.00 -72.59 49.19
CA VAL C 1068 33.73 -73.63 48.20
C VAL C 1068 34.63 -74.83 48.46
N PHE C 1069 34.18 -75.97 47.94
CA PHE C 1069 34.95 -77.21 48.00
C PHE C 1069 35.77 -77.33 46.72
N VAL C 1070 37.08 -77.42 46.86
CA VAL C 1070 37.97 -77.57 45.72
C VAL C 1070 38.86 -78.77 45.95
N SER C 1071 39.35 -79.33 44.85
CA SER C 1071 40.31 -80.43 44.90
C SER C 1071 41.38 -80.20 43.86
N ASN C 1072 42.65 -80.29 44.27
CA ASN C 1072 43.74 -80.14 43.33
C ASN C 1072 43.90 -81.36 42.42
N GLY C 1073 43.08 -82.39 42.62
CA GLY C 1073 43.11 -83.57 41.78
C GLY C 1073 42.95 -84.85 42.57
N THR C 1074 43.48 -84.86 43.79
CA THR C 1074 43.40 -86.04 44.65
C THR C 1074 42.73 -85.78 45.99
N HIS C 1075 43.05 -84.65 46.62
CA HIS C 1075 42.53 -84.33 47.95
C HIS C 1075 41.58 -83.15 47.83
N TRP C 1076 40.53 -83.16 48.66
CA TRP C 1076 39.56 -82.08 48.69
C TRP C 1076 39.88 -81.11 49.79
N PHE C 1077 39.62 -79.82 49.54
CA PHE C 1077 39.80 -78.78 50.53
C PHE C 1077 38.60 -77.84 50.48
N VAL C 1078 38.51 -76.99 51.48
CA VAL C 1078 37.55 -75.89 51.50
C VAL C 1078 38.32 -74.59 51.58
N THR C 1079 37.97 -73.64 50.72
CA THR C 1079 38.70 -72.39 50.64
C THR C 1079 37.72 -71.23 50.51
N GLN C 1080 38.17 -70.06 50.94
CA GLN C 1080 37.38 -68.86 50.73
C GLN C 1080 37.30 -68.58 49.24
N ARG C 1081 36.13 -68.13 48.79
CA ARG C 1081 35.82 -68.12 47.37
C ARG C 1081 36.48 -66.99 46.60
N ASN C 1082 37.42 -66.27 47.21
CA ASN C 1082 38.01 -65.10 46.59
C ASN C 1082 39.53 -65.06 46.68
N PHE C 1083 40.13 -65.99 47.42
CA PHE C 1083 41.57 -66.11 47.58
C PHE C 1083 41.86 -67.57 47.89
N TYR C 1084 42.97 -68.08 47.40
CA TYR C 1084 43.27 -69.50 47.54
C TYR C 1084 43.94 -69.75 48.89
N GLU C 1085 43.19 -70.37 49.80
CA GLU C 1085 43.72 -70.78 51.10
C GLU C 1085 43.10 -72.10 51.48
N PRO C 1086 43.66 -73.22 51.03
CA PRO C 1086 43.05 -74.52 51.28
C PRO C 1086 43.05 -74.85 52.76
N GLN C 1087 42.01 -75.57 53.20
CA GLN C 1087 41.92 -76.05 54.56
C GLN C 1087 41.28 -77.43 54.57
N ILE C 1088 41.55 -78.17 55.63
CA ILE C 1088 40.99 -79.51 55.77
C ILE C 1088 39.50 -79.41 56.08
N ILE C 1089 38.69 -80.20 55.38
CA ILE C 1089 37.25 -80.23 55.61
C ILE C 1089 37.00 -80.84 56.96
N THR C 1090 36.53 -80.04 57.91
CA THR C 1090 36.15 -80.53 59.23
C THR C 1090 34.67 -80.24 59.46
N THR C 1091 34.21 -80.51 60.67
CA THR C 1091 32.83 -80.20 61.02
C THR C 1091 32.65 -78.75 61.43
N ASP C 1092 33.74 -77.99 61.58
CA ASP C 1092 33.65 -76.57 61.85
C ASP C 1092 33.59 -75.72 60.59
N ASN C 1093 33.93 -76.28 59.44
CA ASN C 1093 33.84 -75.59 58.17
C ASN C 1093 32.56 -75.89 57.43
N THR C 1094 31.74 -76.82 57.91
CA THR C 1094 30.59 -77.30 57.17
C THR C 1094 29.37 -77.34 58.08
N PHE C 1095 28.20 -77.41 57.44
CA PHE C 1095 26.95 -77.68 58.14
C PHE C 1095 26.20 -78.77 57.39
N VAL C 1096 25.28 -79.41 58.08
CA VAL C 1096 24.64 -80.63 57.62
C VAL C 1096 23.16 -80.38 57.36
N SER C 1097 22.66 -80.90 56.24
CA SER C 1097 21.23 -80.81 55.95
C SER C 1097 20.85 -81.90 54.95
N GLY C 1098 20.06 -82.87 55.40
CA GLY C 1098 19.53 -83.89 54.51
C GLY C 1098 20.51 -85.02 54.24
N ASN C 1099 20.06 -85.95 53.41
CA ASN C 1099 20.87 -87.10 53.03
C ASN C 1099 21.43 -86.92 51.63
N CYS C 1100 22.53 -87.61 51.36
CA CYS C 1100 23.29 -87.41 50.13
C CYS C 1100 22.74 -88.25 48.99
N ASP C 1101 21.48 -87.99 48.62
CA ASP C 1101 20.90 -88.64 47.46
C ASP C 1101 20.01 -87.69 46.65
N VAL C 1102 19.92 -86.42 47.03
CA VAL C 1102 19.07 -85.48 46.32
C VAL C 1102 19.86 -84.35 45.65
N VAL C 1103 21.06 -84.06 46.12
CA VAL C 1103 21.87 -82.99 45.52
C VAL C 1103 22.55 -83.53 44.27
N ILE C 1104 22.46 -82.77 43.19
CA ILE C 1104 23.13 -83.11 41.94
C ILE C 1104 24.57 -82.63 42.04
N GLY C 1105 25.52 -83.57 42.04
CA GLY C 1105 26.92 -83.25 42.17
C GLY C 1105 27.59 -83.73 43.43
N ILE C 1106 26.89 -84.50 44.28
CA ILE C 1106 27.52 -85.11 45.44
C ILE C 1106 28.75 -85.89 45.04
N VAL C 1107 29.82 -85.73 45.82
CA VAL C 1107 31.01 -86.55 45.69
C VAL C 1107 31.28 -87.20 47.05
N ASN C 1108 31.77 -88.43 47.01
CA ASN C 1108 32.08 -89.17 48.23
C ASN C 1108 33.41 -88.69 48.78
N ASN C 1109 33.44 -88.39 50.08
CA ASN C 1109 34.67 -88.02 50.75
C ASN C 1109 34.42 -88.10 52.26
N THR C 1110 35.49 -87.90 53.02
CA THR C 1110 35.44 -87.98 54.47
C THR C 1110 35.56 -86.59 55.08
N VAL C 1111 34.90 -86.41 56.22
CA VAL C 1111 34.91 -85.14 56.95
C VAL C 1111 35.62 -85.38 58.27
N TYR C 1112 36.68 -84.63 58.51
CA TYR C 1112 37.44 -84.73 59.76
C TYR C 1112 36.57 -84.23 60.91
N ASP C 1113 36.72 -84.85 62.07
CA ASP C 1113 36.02 -84.45 63.28
C ASP C 1113 37.03 -84.37 64.41
N PRO C 1114 37.29 -83.20 64.99
CA PRO C 1114 38.37 -83.09 65.98
C PRO C 1114 38.06 -83.73 67.32
N LEU C 1115 36.80 -83.98 67.64
CA LEU C 1115 36.45 -84.43 68.99
C LEU C 1115 36.99 -85.81 69.29
N GLN C 1116 36.73 -86.78 68.40
CA GLN C 1116 37.11 -88.17 68.68
C GLN C 1116 38.62 -88.38 68.82
N PRO C 1117 39.47 -87.91 67.91
CA PRO C 1117 40.92 -88.09 68.13
C PRO C 1117 41.40 -87.48 69.42
N GLU C 1118 40.84 -86.34 69.83
CA GLU C 1118 41.16 -85.78 71.14
C GLU C 1118 40.71 -86.73 72.25
N LEU C 1119 39.54 -87.34 72.09
CA LEU C 1119 39.05 -88.33 73.05
C LEU C 1119 39.49 -89.75 72.69
N ASP C 1120 40.34 -89.92 71.68
CA ASP C 1120 40.84 -91.21 71.25
C ASP C 1120 39.71 -92.15 70.82
N GLU D 1 -17.25 -7.33 -69.19
CA GLU D 1 -17.78 -6.54 -70.29
C GLU D 1 -19.31 -6.62 -70.33
N VAL D 2 -19.96 -5.92 -69.40
CA VAL D 2 -21.41 -5.92 -69.36
C VAL D 2 -21.96 -5.23 -70.60
N GLN D 3 -22.97 -5.85 -71.20
CA GLN D 3 -23.68 -5.26 -72.33
C GLN D 3 -25.07 -4.82 -71.87
N LEU D 4 -25.70 -3.97 -72.68
CA LEU D 4 -27.05 -3.50 -72.39
C LEU D 4 -27.84 -3.53 -73.69
N VAL D 5 -28.48 -4.66 -73.96
CA VAL D 5 -29.31 -4.79 -75.16
C VAL D 5 -30.58 -3.97 -74.96
N GLN D 6 -30.97 -3.24 -76.00
CA GLN D 6 -32.09 -2.31 -75.92
C GLN D 6 -33.14 -2.70 -76.96
N SER D 7 -34.29 -2.04 -76.90
CA SER D 7 -35.42 -2.36 -77.75
C SER D 7 -35.15 -1.87 -79.18
N GLY D 8 -36.18 -1.96 -80.04
CA GLY D 8 -36.10 -1.48 -81.39
C GLY D 8 -36.94 -0.21 -81.58
N ALA D 9 -36.86 0.35 -82.78
CA ALA D 9 -37.58 1.58 -83.08
C ALA D 9 -39.08 1.37 -82.95
N GLU D 10 -39.75 2.37 -82.38
CA GLU D 10 -41.20 2.31 -82.16
C GLU D 10 -41.82 3.64 -82.58
N VAL D 11 -42.35 3.70 -83.79
CA VAL D 11 -43.15 4.84 -84.19
C VAL D 11 -44.48 4.81 -83.43
N LYS D 12 -44.93 5.99 -83.00
CA LYS D 12 -46.16 6.09 -82.24
C LYS D 12 -46.94 7.32 -82.71
N LYS D 13 -48.05 7.59 -82.02
CA LYS D 13 -48.92 8.71 -82.31
C LYS D 13 -48.94 9.66 -81.11
N PRO D 14 -49.24 10.94 -81.33
CA PRO D 14 -49.30 11.88 -80.21
C PRO D 14 -50.34 11.46 -79.19
N GLY D 15 -50.00 11.65 -77.92
CA GLY D 15 -50.89 11.31 -76.83
C GLY D 15 -50.88 9.85 -76.43
N SER D 16 -50.07 9.02 -77.09
CA SER D 16 -50.04 7.58 -76.81
C SER D 16 -49.03 7.28 -75.71
N SER D 17 -48.68 6.01 -75.56
CA SER D 17 -47.73 5.56 -74.55
C SER D 17 -46.66 4.70 -75.20
N VAL D 18 -45.44 4.78 -74.65
CA VAL D 18 -44.30 4.03 -75.13
C VAL D 18 -43.63 3.37 -73.93
N LYS D 19 -42.86 2.31 -74.21
CA LYS D 19 -42.21 1.57 -73.14
C LYS D 19 -40.90 1.00 -73.69
N VAL D 20 -39.79 1.62 -73.29
CA VAL D 20 -38.46 1.21 -73.74
C VAL D 20 -37.83 0.32 -72.69
N SER D 21 -37.17 -0.74 -73.14
CA SER D 21 -36.56 -1.71 -72.24
C SER D 21 -35.04 -1.70 -72.41
N CYS D 22 -34.35 -1.99 -71.32
CA CYS D 22 -32.89 -1.95 -71.25
C CYS D 22 -32.35 -3.24 -70.65
N LYS D 23 -32.77 -4.37 -71.23
CA LYS D 23 -32.37 -5.67 -70.72
C LYS D 23 -30.85 -5.79 -70.65
N ALA D 24 -30.35 -6.27 -69.52
CA ALA D 24 -28.92 -6.40 -69.30
C ALA D 24 -28.44 -7.74 -69.83
N SER D 25 -27.52 -7.71 -70.79
CA SER D 25 -27.01 -8.94 -71.39
C SER D 25 -26.06 -9.61 -70.41
N GLY D 26 -26.46 -10.78 -69.91
CA GLY D 26 -25.65 -11.51 -68.96
C GLY D 26 -26.48 -12.17 -67.88
N GLY D 27 -27.76 -11.83 -67.82
CA GLY D 27 -28.65 -12.44 -66.84
C GLY D 27 -29.39 -11.44 -65.98
N THR D 28 -29.10 -11.44 -64.68
CA THR D 28 -29.78 -10.60 -63.72
C THR D 28 -28.98 -9.32 -63.49
N PHE D 29 -29.40 -8.54 -62.49
CA PHE D 29 -28.80 -7.26 -62.21
C PHE D 29 -27.74 -7.39 -61.11
N SER D 30 -27.15 -6.26 -60.75
CA SER D 30 -26.15 -6.16 -59.70
C SER D 30 -26.28 -4.77 -59.08
N ASN D 31 -25.22 -4.31 -58.42
CA ASN D 31 -25.26 -2.97 -57.85
C ASN D 31 -25.11 -1.91 -58.94
N TYR D 32 -26.12 -1.84 -59.79
CA TYR D 32 -26.31 -0.91 -60.90
C TYR D 32 -26.93 0.38 -60.39
N GLY D 33 -27.74 1.03 -61.21
CA GLY D 33 -27.98 2.46 -61.13
C GLY D 33 -28.14 3.05 -62.50
N ILE D 34 -28.59 2.21 -63.42
CA ILE D 34 -28.98 2.57 -64.78
C ILE D 34 -29.75 3.89 -64.80
N SER D 35 -29.38 4.78 -65.72
CA SER D 35 -30.05 6.06 -65.90
C SER D 35 -30.40 6.26 -67.36
N TRP D 36 -31.40 7.10 -67.62
CA TRP D 36 -31.98 7.26 -68.94
C TRP D 36 -31.65 8.63 -69.51
N VAL D 37 -31.09 8.65 -70.71
CA VAL D 37 -30.61 9.86 -71.36
C VAL D 37 -31.28 9.98 -72.72
N ARG D 38 -31.84 11.16 -72.99
CA ARG D 38 -32.56 11.43 -74.23
C ARG D 38 -31.78 12.44 -75.06
N GLN D 39 -31.63 12.17 -76.35
CA GLN D 39 -30.92 13.06 -77.26
C GLN D 39 -31.83 13.43 -78.42
N ALA D 40 -32.16 14.71 -78.54
CA ALA D 40 -32.97 15.18 -79.65
C ALA D 40 -32.19 15.06 -80.95
N PRO D 41 -32.89 14.99 -82.08
CA PRO D 41 -32.18 14.89 -83.37
C PRO D 41 -31.32 16.11 -83.63
N GLY D 42 -30.03 15.88 -83.83
CA GLY D 42 -29.11 16.97 -84.10
C GLY D 42 -29.01 17.98 -82.98
N GLN D 43 -28.88 17.52 -81.74
CA GLN D 43 -28.83 18.40 -80.58
C GLN D 43 -27.94 17.75 -79.53
N GLY D 44 -27.90 18.36 -78.35
CA GLY D 44 -27.15 17.83 -77.23
C GLY D 44 -27.94 16.80 -76.45
N LEU D 45 -27.29 16.24 -75.45
CA LEU D 45 -27.88 15.19 -74.62
C LEU D 45 -28.74 15.81 -73.53
N GLU D 46 -29.57 14.99 -72.91
CA GLU D 46 -30.48 15.46 -71.87
C GLU D 46 -30.79 14.32 -70.92
N TRP D 47 -30.48 14.52 -69.65
CA TRP D 47 -30.74 13.52 -68.61
C TRP D 47 -32.22 13.49 -68.26
N MET D 48 -32.72 12.30 -67.92
CA MET D 48 -34.12 12.15 -67.56
C MET D 48 -34.32 11.59 -66.16
N GLY D 49 -33.66 10.50 -65.81
CA GLY D 49 -33.84 9.91 -64.49
C GLY D 49 -33.03 8.64 -64.38
N ARG D 50 -33.02 8.10 -63.16
CA ARG D 50 -32.24 6.91 -62.86
C ARG D 50 -33.03 5.99 -61.95
N ILE D 51 -32.67 4.72 -61.99
CA ILE D 51 -33.32 3.69 -61.18
C ILE D 51 -32.27 2.85 -60.49
N LEU D 52 -32.61 2.37 -59.30
CA LEU D 52 -31.76 1.43 -58.57
C LEU D 52 -32.43 0.07 -58.61
N PRO D 53 -31.96 -0.86 -59.43
CA PRO D 53 -32.70 -2.11 -59.64
C PRO D 53 -32.83 -2.95 -58.38
N THR D 54 -31.69 -3.27 -57.77
CA THR D 54 -31.70 -4.17 -56.62
C THR D 54 -32.24 -3.47 -55.38
N PHE D 55 -31.93 -2.20 -55.19
CA PHE D 55 -32.38 -1.49 -54.00
C PHE D 55 -33.77 -0.90 -54.16
N GLY D 56 -34.39 -1.05 -55.33
CA GLY D 56 -35.76 -0.62 -55.53
C GLY D 56 -36.01 0.85 -55.31
N THR D 57 -35.32 1.71 -56.07
CA THR D 57 -35.51 3.15 -55.95
C THR D 57 -35.38 3.77 -57.32
N ALA D 58 -36.27 4.72 -57.62
CA ALA D 58 -36.29 5.36 -58.93
C ALA D 58 -36.84 6.76 -58.80
N ASN D 59 -36.35 7.66 -59.65
CA ASN D 59 -36.88 9.00 -59.73
C ASN D 59 -36.52 9.58 -61.09
N SER D 60 -37.25 10.63 -61.47
CA SER D 60 -37.05 11.29 -62.75
C SER D 60 -36.69 12.75 -62.53
N ALA D 61 -36.30 13.41 -63.62
CA ALA D 61 -35.95 14.82 -63.54
C ALA D 61 -37.18 15.64 -63.16
N GLN D 62 -36.93 16.84 -62.63
CA GLN D 62 -38.03 17.69 -62.19
C GLN D 62 -38.93 18.06 -63.36
N LYS D 63 -38.36 18.25 -64.55
CA LYS D 63 -39.15 18.61 -65.71
C LYS D 63 -40.05 17.47 -66.18
N PHE D 64 -39.63 16.22 -65.94
CA PHE D 64 -40.36 15.06 -66.41
C PHE D 64 -41.28 14.48 -65.34
N GLN D 65 -41.49 15.20 -64.24
CA GLN D 65 -42.32 14.68 -63.16
C GLN D 65 -43.75 14.48 -63.61
N GLY D 66 -44.35 13.38 -63.18
CA GLY D 66 -45.72 13.07 -63.54
C GLY D 66 -45.89 12.50 -64.92
N ARG D 67 -44.81 12.25 -65.65
CA ARG D 67 -44.90 11.73 -67.00
C ARG D 67 -44.07 10.47 -67.21
N VAL D 68 -42.93 10.34 -66.54
CA VAL D 68 -42.03 9.21 -66.72
C VAL D 68 -42.16 8.30 -65.51
N THR D 69 -42.12 6.99 -65.77
CA THR D 69 -42.22 6.00 -64.69
C THR D 69 -41.23 4.89 -65.00
N ILE D 70 -40.14 4.86 -64.26
CA ILE D 70 -39.08 3.88 -64.47
C ILE D 70 -39.30 2.70 -63.51
N THR D 71 -39.34 1.50 -64.07
CA THR D 71 -39.52 0.28 -63.28
C THR D 71 -38.44 -0.72 -63.65
N ALA D 72 -38.20 -1.67 -62.75
CA ALA D 72 -37.17 -2.68 -62.96
C ALA D 72 -37.75 -4.05 -62.65
N ASP D 73 -37.18 -5.06 -63.32
CA ASP D 73 -37.58 -6.46 -63.15
C ASP D 73 -36.31 -7.27 -62.91
N GLU D 74 -35.92 -7.38 -61.63
CA GLU D 74 -34.69 -8.08 -61.28
C GLU D 74 -34.76 -9.56 -61.59
N SER D 75 -35.96 -10.11 -61.77
CA SER D 75 -36.09 -11.53 -62.13
C SER D 75 -35.44 -11.82 -63.47
N THR D 76 -35.67 -10.95 -64.46
CA THR D 76 -35.10 -11.12 -65.79
C THR D 76 -34.01 -10.11 -66.09
N GLY D 77 -33.70 -9.21 -65.16
CA GLY D 77 -32.69 -8.20 -65.42
C GLY D 77 -33.07 -7.21 -66.51
N THR D 78 -34.32 -6.75 -66.50
CA THR D 78 -34.83 -5.84 -67.51
C THR D 78 -35.44 -4.64 -66.84
N ALA D 79 -35.07 -3.44 -67.29
CA ALA D 79 -35.58 -2.19 -66.76
C ALA D 79 -36.42 -1.49 -67.82
N TYR D 80 -37.55 -0.96 -67.42
CA TYR D 80 -38.48 -0.31 -68.33
C TYR D 80 -38.59 1.16 -67.98
N MET D 81 -38.84 1.99 -68.99
CA MET D 81 -38.92 3.43 -68.82
C MET D 81 -40.16 3.95 -69.52
N GLU D 82 -41.30 3.36 -69.19
CA GLU D 82 -42.56 3.71 -69.85
C GLU D 82 -42.82 5.21 -69.78
N LEU D 83 -43.20 5.77 -70.92
CA LEU D 83 -43.47 7.20 -71.06
C LEU D 83 -44.86 7.38 -71.64
N ARG D 84 -45.68 8.17 -70.95
CA ARG D 84 -47.06 8.41 -71.35
C ARG D 84 -47.23 9.85 -71.81
N SER D 85 -48.37 10.11 -72.44
CA SER D 85 -48.74 11.44 -72.92
C SER D 85 -47.67 12.00 -73.85
N LEU D 86 -47.31 11.22 -74.86
CA LEU D 86 -46.25 11.61 -75.77
C LEU D 86 -46.62 12.88 -76.52
N ARG D 87 -45.68 13.82 -76.58
CA ARG D 87 -45.87 15.08 -77.25
C ARG D 87 -45.20 15.02 -78.63
N SER D 88 -45.42 16.07 -79.43
CA SER D 88 -44.83 16.12 -80.76
C SER D 88 -43.32 16.29 -80.73
N GLU D 89 -42.77 16.91 -79.69
CA GLU D 89 -41.34 17.17 -79.60
C GLU D 89 -40.57 16.08 -78.89
N ASP D 90 -41.24 15.09 -78.31
CA ASP D 90 -40.56 14.02 -77.61
C ASP D 90 -39.89 13.02 -78.53
N THR D 91 -39.94 13.24 -79.84
CA THR D 91 -39.21 12.37 -80.75
C THR D 91 -37.71 12.57 -80.56
N ALA D 92 -37.00 11.47 -80.35
CA ALA D 92 -35.56 11.51 -80.07
C ALA D 92 -35.04 10.09 -80.06
N VAL D 93 -33.76 9.95 -79.70
CA VAL D 93 -33.13 8.64 -79.52
C VAL D 93 -32.87 8.47 -78.04
N TYR D 94 -33.48 7.44 -77.45
CA TYR D 94 -33.44 7.27 -76.00
C TYR D 94 -32.38 6.23 -75.64
N TYR D 95 -31.51 6.58 -74.70
CA TYR D 95 -30.40 5.74 -74.29
C TYR D 95 -30.60 5.26 -72.86
N CYS D 96 -29.89 4.19 -72.52
CA CYS D 96 -29.79 3.72 -71.15
C CYS D 96 -28.35 3.31 -70.89
N ALA D 97 -27.83 3.69 -69.73
CA ALA D 97 -26.44 3.42 -69.40
C ALA D 97 -26.30 3.27 -67.90
N LYS D 98 -25.43 2.36 -67.48
CA LYS D 98 -25.20 2.13 -66.06
C LYS D 98 -24.16 3.10 -65.53
N GLU D 99 -24.32 3.49 -64.27
CA GLU D 99 -23.45 4.51 -63.69
C GLU D 99 -23.01 4.19 -62.26
N GLY D 100 -23.03 2.92 -61.87
CA GLY D 100 -22.59 2.55 -60.54
C GLY D 100 -23.57 2.92 -59.45
N LEU D 101 -23.70 2.06 -58.44
CA LEU D 101 -24.72 2.25 -57.43
C LEU D 101 -24.36 3.44 -56.57
N ALA D 102 -24.73 4.62 -57.03
CA ALA D 102 -24.32 5.84 -56.38
C ALA D 102 -25.19 6.97 -56.91
N PHE D 103 -24.78 8.18 -56.63
CA PHE D 103 -25.42 9.36 -57.18
C PHE D 103 -24.42 10.34 -57.79
N LEU D 104 -23.25 10.47 -57.18
CA LEU D 104 -22.25 11.44 -57.58
C LEU D 104 -20.89 10.76 -57.66
N GLY D 105 -20.09 11.18 -58.64
CA GLY D 105 -18.81 10.54 -58.83
C GLY D 105 -18.58 9.94 -60.21
N TYR D 106 -18.60 8.61 -60.28
CA TYR D 106 -18.07 7.89 -61.44
C TYR D 106 -18.64 8.40 -62.75
N GLY D 107 -19.93 8.22 -62.97
CA GLY D 107 -20.50 8.62 -64.25
C GLY D 107 -20.66 7.44 -65.19
N MET D 108 -21.68 7.52 -66.05
CA MET D 108 -22.06 6.40 -66.89
C MET D 108 -20.96 6.06 -67.88
N ASP D 109 -20.71 4.75 -68.04
CA ASP D 109 -19.58 4.31 -68.85
C ASP D 109 -19.96 3.28 -69.91
N VAL D 110 -20.95 2.46 -69.62
CA VAL D 110 -21.43 1.42 -70.53
C VAL D 110 -22.83 1.80 -70.98
N TRP D 111 -22.99 2.04 -72.27
CA TRP D 111 -24.24 2.52 -72.84
C TRP D 111 -24.92 1.41 -73.62
N GLY D 112 -26.20 1.64 -73.91
CA GLY D 112 -26.96 0.70 -74.71
C GLY D 112 -26.65 0.87 -76.18
N GLN D 113 -27.69 0.97 -77.00
CA GLN D 113 -27.51 1.15 -78.43
C GLN D 113 -28.43 2.19 -79.04
N GLY D 114 -29.40 2.69 -78.30
CA GLY D 114 -30.31 3.69 -78.83
C GLY D 114 -31.59 3.08 -79.37
N THR D 115 -32.70 3.74 -79.07
CA THR D 115 -34.03 3.31 -79.51
C THR D 115 -34.75 4.52 -80.07
N THR D 116 -34.70 4.68 -81.39
CA THR D 116 -35.37 5.81 -82.03
C THR D 116 -36.87 5.75 -81.74
N VAL D 117 -37.44 6.88 -81.32
CA VAL D 117 -38.87 6.93 -81.01
C VAL D 117 -39.54 8.12 -81.67
N THR D 118 -39.86 7.99 -82.95
CA THR D 118 -40.51 9.07 -83.68
C THR D 118 -42.01 9.13 -83.39
N VAL D 119 -42.44 10.25 -82.82
CA VAL D 119 -43.85 10.44 -82.48
C VAL D 119 -44.50 11.45 -83.43
N SER D 120 -45.45 10.99 -84.22
CA SER D 120 -46.15 11.85 -85.17
C SER D 120 -47.61 11.46 -85.32
N SER D 121 -48.17 11.76 -86.48
CA SER D 121 -49.58 11.44 -86.77
C SER D 121 -49.78 11.20 -88.25
N ALA D 122 -49.10 10.19 -88.79
CA ALA D 122 -49.24 9.84 -90.20
C ALA D 122 -48.79 8.41 -90.44
N SER D 123 -49.57 7.67 -91.22
CA SER D 123 -49.26 6.28 -91.54
C SER D 123 -48.18 6.18 -92.60
N THR D 124 -47.62 4.98 -92.76
CA THR D 124 -46.58 4.74 -93.75
C THR D 124 -47.03 5.19 -95.13
N LYS D 125 -46.16 5.92 -95.83
CA LYS D 125 -46.46 6.42 -97.15
C LYS D 125 -45.29 6.20 -98.11
N GLY D 126 -45.59 5.67 -99.29
CA GLY D 126 -44.57 5.42 -100.28
C GLY D 126 -43.84 6.68 -100.69
N PRO D 127 -42.52 6.58 -100.92
CA PRO D 127 -41.68 7.70 -101.32
C PRO D 127 -41.74 7.98 -102.82
N SER D 128 -42.16 9.18 -103.18
CA SER D 128 -42.26 9.55 -104.60
C SER D 128 -40.90 9.97 -105.13
N VAL D 129 -40.29 9.09 -105.94
CA VAL D 129 -38.98 9.37 -106.51
C VAL D 129 -39.14 10.29 -107.71
N PHE D 130 -38.33 11.34 -107.76
CA PHE D 130 -38.38 12.29 -108.87
C PHE D 130 -36.94 12.52 -109.34
N PRO D 131 -36.68 12.36 -110.64
CA PRO D 131 -35.31 12.56 -111.13
C PRO D 131 -34.99 14.03 -111.35
N LEU D 132 -33.74 14.38 -111.07
CA LEU D 132 -33.22 15.72 -111.28
C LEU D 132 -32.26 15.66 -112.46
N ALA D 133 -32.73 16.10 -113.62
CA ALA D 133 -31.97 15.98 -114.85
C ALA D 133 -30.69 16.82 -114.78
N PRO D 134 -29.63 16.38 -115.44
CA PRO D 134 -28.40 17.19 -115.47
C PRO D 134 -28.58 18.44 -116.32
N SER D 135 -29.31 19.41 -115.78
CA SER D 135 -29.64 20.61 -116.53
C SER D 135 -28.42 21.51 -116.68
N SER D 136 -28.45 22.33 -117.74
CA SER D 136 -27.41 23.33 -118.01
C SER D 136 -26.03 22.67 -118.11
N LYS D 137 -25.89 21.84 -119.13
CA LYS D 137 -24.65 21.09 -119.33
C LYS D 137 -23.55 22.00 -119.86
N SER D 138 -23.29 23.10 -119.16
CA SER D 138 -22.26 24.05 -119.58
C SER D 138 -21.49 24.62 -118.38
N THR D 139 -21.42 23.87 -117.28
CA THR D 139 -20.77 24.40 -116.07
C THR D 139 -19.29 24.65 -116.31
N SER D 140 -18.52 23.59 -116.52
CA SER D 140 -17.08 23.73 -116.73
C SER D 140 -16.57 22.85 -117.87
N GLY D 141 -17.45 22.21 -118.63
CA GLY D 141 -17.02 21.37 -119.73
C GLY D 141 -16.18 20.20 -119.28
N GLY D 142 -16.79 19.28 -118.54
CA GLY D 142 -16.07 18.12 -118.04
C GLY D 142 -16.54 17.65 -116.69
N THR D 143 -17.42 18.43 -116.05
CA THR D 143 -18.00 18.07 -114.78
C THR D 143 -19.51 18.27 -114.82
N ALA D 144 -20.24 17.39 -114.15
CA ALA D 144 -21.69 17.48 -114.09
C ALA D 144 -22.17 16.75 -112.86
N ALA D 145 -23.34 17.16 -112.37
CA ALA D 145 -23.94 16.57 -111.19
C ALA D 145 -25.41 16.31 -111.46
N LEU D 146 -25.89 15.16 -110.99
CA LEU D 146 -27.27 14.76 -111.18
C LEU D 146 -27.69 13.86 -110.04
N GLY D 147 -28.99 13.82 -109.78
CA GLY D 147 -29.50 13.02 -108.70
C GLY D 147 -31.00 12.83 -108.83
N CYS D 148 -31.58 12.11 -107.88
CA CYS D 148 -33.00 11.86 -107.85
C CYS D 148 -33.55 12.27 -106.49
N LEU D 149 -34.53 13.16 -106.49
CA LEU D 149 -35.14 13.65 -105.26
C LEU D 149 -36.13 12.64 -104.73
N VAL D 150 -36.02 12.31 -103.44
CA VAL D 150 -36.98 11.45 -102.76
C VAL D 150 -37.83 12.32 -101.86
N LYS D 151 -39.14 12.33 -102.10
CA LYS D 151 -40.03 13.27 -101.44
C LYS D 151 -41.26 12.57 -100.91
N ASP D 152 -41.74 13.05 -99.75
CA ASP D 152 -42.99 12.60 -99.14
C ASP D 152 -42.97 11.08 -98.90
N TYR D 153 -42.12 10.68 -97.98
CA TYR D 153 -42.08 9.32 -97.49
C TYR D 153 -42.10 9.34 -95.97
N PHE D 154 -42.47 8.21 -95.38
CA PHE D 154 -42.58 8.10 -93.93
C PHE D 154 -42.65 6.64 -93.51
N PRO D 155 -41.91 6.22 -92.48
CA PRO D 155 -40.91 6.98 -91.74
C PRO D 155 -39.49 6.59 -92.16
N GLU D 156 -38.49 7.10 -91.45
CA GLU D 156 -37.11 6.73 -91.76
C GLU D 156 -36.92 5.23 -91.50
N PRO D 157 -35.92 4.61 -92.15
CA PRO D 157 -35.02 5.23 -93.12
C PRO D 157 -35.30 4.81 -94.55
N VAL D 158 -34.59 5.42 -95.50
CA VAL D 158 -34.64 4.99 -96.89
C VAL D 158 -33.25 5.05 -97.50
N THR D 159 -32.66 3.87 -97.74
CA THR D 159 -31.34 3.81 -98.33
C THR D 159 -31.42 4.08 -99.83
N VAL D 160 -30.39 4.72 -100.37
CA VAL D 160 -30.33 5.07 -101.78
C VAL D 160 -29.03 4.55 -102.35
N SER D 161 -29.12 3.84 -103.47
CA SER D 161 -27.95 3.35 -104.17
C SER D 161 -28.10 3.68 -105.65
N TRP D 162 -26.96 3.77 -106.33
CA TRP D 162 -26.92 4.16 -107.73
C TRP D 162 -26.33 3.03 -108.56
N ASN D 163 -27.04 2.65 -109.62
CA ASN D 163 -26.62 1.57 -110.51
C ASN D 163 -26.39 0.29 -109.72
N SER D 164 -27.32 -0.02 -108.82
CA SER D 164 -27.27 -1.21 -107.97
C SER D 164 -25.97 -1.26 -107.17
N GLY D 165 -25.55 -0.10 -106.67
CA GLY D 165 -24.37 -0.04 -105.83
C GLY D 165 -23.07 -0.21 -106.56
N ALA D 166 -23.05 0.00 -107.88
CA ALA D 166 -21.85 -0.14 -108.68
C ALA D 166 -21.05 1.16 -108.74
N LEU D 167 -21.55 2.23 -108.12
CA LEU D 167 -20.87 3.52 -108.15
C LEU D 167 -20.92 4.14 -106.77
N THR D 168 -19.75 4.59 -106.29
CA THR D 168 -19.65 5.27 -105.01
C THR D 168 -18.85 6.57 -105.06
N SER D 169 -18.00 6.77 -106.06
CA SER D 169 -17.20 7.98 -106.13
C SER D 169 -18.08 9.19 -106.40
N GLY D 170 -17.88 10.25 -105.63
CA GLY D 170 -18.66 11.47 -105.80
C GLY D 170 -20.14 11.27 -105.57
N VAL D 171 -20.50 10.51 -104.53
CA VAL D 171 -21.88 10.21 -104.21
C VAL D 171 -22.19 10.79 -102.84
N HIS D 172 -23.28 11.55 -102.74
CA HIS D 172 -23.69 12.18 -101.49
C HIS D 172 -25.13 11.82 -101.19
N THR D 173 -25.47 11.86 -99.91
CA THR D 173 -26.83 11.56 -99.47
C THR D 173 -27.14 12.48 -98.29
N PHE D 174 -27.86 13.56 -98.57
CA PHE D 174 -28.15 14.55 -97.55
C PHE D 174 -29.12 13.97 -96.52
N PRO D 175 -29.01 14.39 -95.27
CA PRO D 175 -29.93 13.90 -94.24
C PRO D 175 -31.36 14.33 -94.53
N ALA D 176 -32.31 13.48 -94.11
CA ALA D 176 -33.72 13.78 -94.30
C ALA D 176 -34.14 14.97 -93.45
N VAL D 177 -35.09 15.74 -93.97
CA VAL D 177 -35.64 16.89 -93.28
C VAL D 177 -37.14 16.68 -93.10
N LEU D 178 -37.63 16.97 -91.90
CA LEU D 178 -39.05 16.87 -91.63
C LEU D 178 -39.76 18.11 -92.14
N GLN D 179 -40.72 17.92 -93.05
CA GLN D 179 -41.43 19.06 -93.63
C GLN D 179 -42.53 19.54 -92.69
N SER D 180 -43.16 20.65 -93.10
CA SER D 180 -44.28 21.18 -92.31
C SER D 180 -45.44 20.19 -92.27
N SER D 181 -45.71 19.52 -93.39
CA SER D 181 -46.79 18.54 -93.42
C SER D 181 -46.54 17.40 -92.45
N GLY D 182 -45.30 16.91 -92.39
CA GLY D 182 -44.97 15.82 -91.49
C GLY D 182 -44.29 14.67 -92.19
N LEU D 183 -43.97 14.84 -93.47
CA LEU D 183 -43.29 13.82 -94.23
C LEU D 183 -41.83 14.19 -94.45
N TYR D 184 -41.02 13.17 -94.70
CA TYR D 184 -39.58 13.33 -94.85
C TYR D 184 -39.20 13.44 -96.32
N SER D 185 -38.03 14.03 -96.57
CA SER D 185 -37.53 14.19 -97.91
C SER D 185 -36.02 14.29 -97.86
N LEU D 186 -35.36 13.72 -98.86
CA LEU D 186 -33.91 13.80 -98.96
C LEU D 186 -33.50 13.69 -100.41
N SER D 187 -32.40 14.34 -100.73
CA SER D 187 -31.81 14.27 -102.06
C SER D 187 -30.65 13.29 -102.06
N SER D 188 -30.16 12.98 -103.25
CA SER D 188 -28.96 12.16 -103.39
C SER D 188 -28.39 12.45 -104.77
N VAL D 189 -27.27 13.14 -104.82
CA VAL D 189 -26.68 13.56 -106.08
C VAL D 189 -25.34 12.88 -106.26
N VAL D 190 -24.90 12.83 -107.51
CA VAL D 190 -23.62 12.24 -107.87
C VAL D 190 -22.94 13.13 -108.90
N THR D 191 -21.65 13.35 -108.74
CA THR D 191 -20.86 14.13 -109.68
C THR D 191 -20.32 13.20 -110.76
N VAL D 192 -20.61 13.53 -112.02
CA VAL D 192 -20.21 12.69 -113.14
C VAL D 192 -19.55 13.57 -114.20
N PRO D 193 -18.43 13.13 -114.79
CA PRO D 193 -17.82 13.91 -115.85
C PRO D 193 -18.75 14.09 -117.03
N SER D 194 -18.67 15.26 -117.66
CA SER D 194 -19.57 15.57 -118.77
C SER D 194 -19.38 14.62 -119.95
N SER D 195 -18.19 14.03 -120.07
CA SER D 195 -17.95 13.08 -121.15
C SER D 195 -18.83 11.85 -121.01
N SER D 196 -19.03 11.38 -119.77
CA SER D 196 -19.86 10.20 -119.54
C SER D 196 -21.32 10.46 -119.88
N LEU D 197 -21.74 11.72 -119.95
CA LEU D 197 -23.12 12.03 -120.28
C LEU D 197 -23.44 11.62 -121.71
N GLY D 198 -24.64 11.10 -121.91
CA GLY D 198 -25.07 10.68 -123.23
C GLY D 198 -24.57 9.33 -123.67
N THR D 199 -23.79 8.66 -122.85
CA THR D 199 -23.25 7.34 -123.18
C THR D 199 -23.53 6.31 -122.10
N GLN D 200 -23.46 6.71 -120.83
CA GLN D 200 -23.72 5.82 -119.70
C GLN D 200 -25.07 6.13 -119.08
N THR D 201 -25.83 5.09 -118.77
CA THR D 201 -27.14 5.23 -118.15
C THR D 201 -27.01 5.06 -116.64
N TYR D 202 -27.64 5.95 -115.90
CA TYR D 202 -27.61 5.93 -114.44
C TYR D 202 -29.02 5.76 -113.91
N ILE D 203 -29.20 4.78 -113.03
CA ILE D 203 -30.49 4.50 -112.40
C ILE D 203 -30.27 4.45 -110.91
N CYS D 204 -31.02 5.25 -110.17
CA CYS D 204 -30.99 5.22 -108.72
C CYS D 204 -32.16 4.39 -108.20
N ASN D 205 -31.92 3.66 -107.12
CA ASN D 205 -32.94 2.82 -106.51
C ASN D 205 -33.12 3.19 -105.04
N VAL D 206 -34.34 2.97 -104.54
CA VAL D 206 -34.65 3.25 -103.15
C VAL D 206 -35.24 1.99 -102.53
N ASN D 207 -35.10 1.88 -101.21
CA ASN D 207 -35.55 0.71 -100.48
C ASN D 207 -36.18 1.19 -99.18
N HIS D 208 -37.49 1.46 -99.21
CA HIS D 208 -38.21 1.87 -98.01
C HIS D 208 -38.73 0.62 -97.33
N LYS D 209 -38.03 0.20 -96.28
CA LYS D 209 -38.35 -1.08 -95.64
C LYS D 209 -39.77 -1.14 -95.08
N PRO D 210 -40.28 -0.14 -94.34
CA PRO D 210 -41.66 -0.26 -93.83
C PRO D 210 -42.70 -0.42 -94.93
N SER D 211 -42.49 0.22 -96.08
CA SER D 211 -43.42 0.09 -97.20
C SER D 211 -42.86 -0.77 -98.31
N ASN D 212 -41.79 -1.54 -98.04
CA ASN D 212 -41.21 -2.58 -98.88
C ASN D 212 -41.30 -2.27 -100.37
N THR D 213 -40.91 -1.05 -100.75
CA THR D 213 -41.00 -0.57 -102.12
C THR D 213 -39.62 -0.51 -102.75
N LYS D 214 -39.52 -0.94 -104.01
CA LYS D 214 -38.28 -0.94 -104.77
C LYS D 214 -38.53 -0.17 -106.07
N VAL D 215 -38.17 1.10 -106.07
CA VAL D 215 -38.36 1.96 -107.23
C VAL D 215 -37.04 2.06 -107.98
N ASP D 216 -37.12 2.32 -109.28
CA ASP D 216 -35.94 2.46 -110.13
C ASP D 216 -36.21 3.56 -111.14
N LYS D 217 -35.68 4.76 -110.87
CA LYS D 217 -35.82 5.89 -111.77
C LYS D 217 -34.54 6.04 -112.59
N LYS D 218 -34.69 6.05 -113.91
CA LYS D 218 -33.57 6.20 -114.82
C LYS D 218 -33.48 7.65 -115.25
N VAL D 219 -32.46 8.36 -114.78
CA VAL D 219 -32.35 9.78 -115.06
C VAL D 219 -32.01 10.01 -116.53
N GLU D 220 -32.49 11.12 -117.07
CA GLU D 220 -32.32 11.49 -118.46
C GLU D 220 -31.87 12.93 -118.55
N PRO D 221 -31.27 13.32 -119.68
CA PRO D 221 -31.01 14.74 -119.92
C PRO D 221 -32.29 15.49 -120.25
N LYS D 222 -32.16 16.75 -120.66
CA LYS D 222 -33.31 17.63 -120.89
C LYS D 222 -34.23 17.16 -122.01
N SER D 223 -33.93 16.07 -122.70
CA SER D 223 -34.78 15.58 -123.80
C SER D 223 -35.00 16.65 -124.86
N CYS D 224 -33.93 17.38 -125.18
CA CYS D 224 -33.96 18.44 -126.19
C CYS D 224 -35.02 19.49 -125.88
N GLU E 1 -30.29 24.24 -59.96
CA GLU E 1 -30.02 23.58 -61.24
C GLU E 1 -28.76 24.18 -61.88
N ILE E 2 -27.66 23.45 -61.79
CA ILE E 2 -26.39 23.94 -62.29
C ILE E 2 -26.39 23.91 -63.81
N VAL E 3 -25.85 24.96 -64.43
CA VAL E 3 -25.76 25.06 -65.87
C VAL E 3 -24.29 25.01 -66.27
N LEU E 4 -23.99 24.31 -67.36
CA LEU E 4 -22.65 24.21 -67.89
C LEU E 4 -22.61 24.79 -69.29
N THR E 5 -21.45 25.33 -69.66
CA THR E 5 -21.23 25.81 -71.03
C THR E 5 -19.87 25.31 -71.49
N GLN E 6 -19.72 25.20 -72.80
CA GLN E 6 -18.46 24.81 -73.39
C GLN E 6 -18.04 25.85 -74.41
N SER E 7 -16.78 26.26 -74.35
CA SER E 7 -16.25 27.28 -75.24
C SER E 7 -14.99 26.75 -75.90
N PRO E 8 -14.82 26.92 -77.22
CA PRO E 8 -15.82 27.55 -78.07
C PRO E 8 -16.88 26.56 -78.54
N GLY E 9 -17.57 26.89 -79.63
CA GLY E 9 -18.58 26.00 -80.15
C GLY E 9 -18.12 25.17 -81.33
N THR E 10 -17.04 25.61 -82.00
CA THR E 10 -16.54 24.90 -83.15
C THR E 10 -15.13 24.33 -82.94
N LEU E 11 -14.16 25.14 -82.54
CA LEU E 11 -12.81 24.67 -82.23
C LEU E 11 -12.26 23.84 -83.41
N SER E 12 -12.07 24.54 -84.53
CA SER E 12 -11.54 23.91 -85.73
C SER E 12 -10.03 23.81 -85.63
N LEU E 13 -9.49 22.59 -85.75
CA LEU E 13 -8.07 22.35 -85.63
C LEU E 13 -7.63 21.31 -86.64
N SER E 14 -6.37 21.41 -87.04
CA SER E 14 -5.78 20.44 -87.96
C SER E 14 -5.23 19.25 -87.20
N PRO E 15 -5.04 18.12 -87.87
CA PRO E 15 -4.49 16.93 -87.18
C PRO E 15 -3.08 17.19 -86.68
N GLY E 16 -2.79 16.65 -85.49
CA GLY E 16 -1.48 16.75 -84.89
C GLY E 16 -1.33 17.84 -83.85
N GLU E 17 -2.28 18.76 -83.77
CA GLU E 17 -2.17 19.89 -82.85
C GLU E 17 -2.78 19.53 -81.50
N ARG E 18 -2.94 20.54 -80.65
CA ARG E 18 -3.43 20.36 -79.28
C ARG E 18 -4.76 21.07 -79.11
N ALA E 19 -5.73 20.37 -78.54
CA ALA E 19 -7.06 20.91 -78.32
C ALA E 19 -7.20 21.40 -76.88
N THR E 20 -8.16 22.31 -76.69
CA THR E 20 -8.40 22.88 -75.36
C THR E 20 -9.88 23.20 -75.24
N LEU E 21 -10.61 22.36 -74.52
CA LEU E 21 -12.04 22.52 -74.30
C LEU E 21 -12.29 22.88 -72.85
N SER E 22 -13.13 23.87 -72.62
CA SER E 22 -13.37 24.39 -71.28
C SER E 22 -14.85 24.32 -70.96
N CYS E 23 -15.22 23.45 -70.01
CA CYS E 23 -16.60 23.34 -69.55
C CYS E 23 -16.72 24.12 -68.25
N ARG E 24 -16.87 25.43 -68.38
CA ARG E 24 -16.97 26.26 -67.19
C ARG E 24 -18.35 26.14 -66.57
N ALA E 25 -18.38 25.93 -65.26
CA ALA E 25 -19.59 25.61 -64.55
C ALA E 25 -20.29 26.88 -64.08
N SER E 26 -21.25 26.74 -63.17
CA SER E 26 -21.94 27.87 -62.56
C SER E 26 -21.95 27.85 -61.05
N GLN E 27 -21.60 26.73 -60.42
CA GLN E 27 -21.61 26.62 -58.95
C GLN E 27 -20.41 25.77 -58.55
N SER E 28 -20.42 25.32 -57.30
CA SER E 28 -19.32 24.51 -56.77
C SER E 28 -19.56 23.06 -57.15
N VAL E 29 -18.78 22.57 -58.12
CA VAL E 29 -18.83 21.19 -58.58
C VAL E 29 -17.45 20.59 -58.41
N SER E 30 -16.77 20.97 -57.32
CA SER E 30 -15.32 20.99 -57.17
C SER E 30 -14.55 19.94 -57.96
N SER E 31 -14.87 18.67 -57.79
CA SER E 31 -14.10 17.62 -58.45
C SER E 31 -15.00 16.53 -59.01
N TYR E 32 -16.22 16.90 -59.42
CA TYR E 32 -17.20 15.95 -59.91
C TYR E 32 -17.61 16.37 -61.32
N LEU E 33 -16.94 15.78 -62.31
CA LEU E 33 -17.23 16.11 -63.69
C LEU E 33 -16.81 14.92 -64.56
N ALA E 34 -17.42 14.81 -65.73
CA ALA E 34 -17.10 13.73 -66.64
C ALA E 34 -17.18 14.24 -68.07
N TRP E 35 -16.35 13.67 -68.94
CA TRP E 35 -16.25 14.09 -70.33
C TRP E 35 -16.57 12.92 -71.25
N TYR E 36 -17.44 13.16 -72.23
CA TYR E 36 -17.88 12.14 -73.15
C TYR E 36 -17.49 12.49 -74.58
N GLN E 37 -17.31 11.45 -75.39
CA GLN E 37 -16.74 11.56 -76.74
C GLN E 37 -17.67 10.81 -77.69
N GLN E 38 -18.59 11.53 -78.33
CA GLN E 38 -19.61 10.94 -79.17
C GLN E 38 -19.27 11.14 -80.64
N LYS E 39 -18.95 10.06 -81.33
CA LYS E 39 -18.83 10.15 -82.77
C LYS E 39 -20.22 10.15 -83.40
N PRO E 40 -20.38 10.74 -84.58
CA PRO E 40 -21.71 10.86 -85.19
C PRO E 40 -22.36 9.49 -85.39
N GLY E 41 -23.65 9.42 -85.07
CA GLY E 41 -24.41 8.19 -85.26
C GLY E 41 -23.92 7.02 -84.42
N GLN E 42 -23.54 7.28 -83.18
CA GLN E 42 -23.06 6.24 -82.28
C GLN E 42 -23.50 6.57 -80.86
N ALA E 43 -23.05 5.76 -79.92
CA ALA E 43 -23.36 5.98 -78.52
C ALA E 43 -22.19 6.67 -77.84
N PRO E 44 -22.45 7.65 -76.97
CA PRO E 44 -21.35 8.32 -76.27
C PRO E 44 -20.59 7.35 -75.39
N ARG E 45 -19.31 7.63 -75.20
CA ARG E 45 -18.48 6.83 -74.32
C ARG E 45 -17.76 7.75 -73.34
N LEU E 46 -17.49 7.21 -72.15
CA LEU E 46 -16.85 7.99 -71.10
C LEU E 46 -15.36 8.11 -71.35
N LEU E 47 -14.82 9.30 -71.09
CA LEU E 47 -13.40 9.57 -71.28
C LEU E 47 -12.70 9.86 -69.96
N ILE E 48 -13.12 10.90 -69.25
CA ILE E 48 -12.44 11.41 -68.08
C ILE E 48 -13.48 11.57 -66.99
N TYR E 49 -13.27 10.95 -65.84
CA TYR E 49 -14.20 11.07 -64.74
C TYR E 49 -13.48 11.62 -63.51
N ASP E 50 -14.24 12.32 -62.67
CA ASP E 50 -13.71 13.04 -61.53
C ASP E 50 -12.72 14.12 -61.93
N ALA E 51 -12.76 14.53 -63.20
CA ALA E 51 -12.00 15.64 -63.75
C ALA E 51 -10.51 15.34 -63.83
N SER E 52 -10.07 14.24 -63.29
CA SER E 52 -8.66 13.90 -63.46
C SER E 52 -8.45 12.46 -63.92
N ASN E 53 -9.25 11.52 -63.43
CA ASN E 53 -9.03 10.12 -63.76
C ASN E 53 -9.41 9.85 -65.21
N ARG E 54 -8.80 8.82 -65.77
CA ARG E 54 -9.06 8.41 -67.14
C ARG E 54 -9.69 7.02 -67.13
N ALA E 55 -10.77 6.86 -67.90
CA ALA E 55 -11.46 5.59 -67.94
C ALA E 55 -10.58 4.52 -68.58
N THR E 56 -10.91 3.27 -68.31
CA THR E 56 -10.11 2.16 -68.80
C THR E 56 -10.15 2.09 -70.32
N GLY E 57 -8.99 1.77 -70.91
CA GLY E 57 -8.87 1.63 -72.34
C GLY E 57 -8.66 2.92 -73.10
N ILE E 58 -8.83 4.07 -72.45
CA ILE E 58 -8.64 5.35 -73.13
C ILE E 58 -7.15 5.59 -73.35
N PRO E 59 -6.73 6.02 -74.53
CA PRO E 59 -5.32 6.34 -74.74
C PRO E 59 -4.88 7.50 -73.86
N ALA E 60 -3.59 7.47 -73.49
CA ALA E 60 -3.07 8.43 -72.53
C ALA E 60 -3.03 9.86 -73.05
N ARG E 61 -3.25 10.08 -74.35
CA ARG E 61 -3.18 11.43 -74.89
C ARG E 61 -4.24 12.34 -74.30
N PHE E 62 -5.32 11.76 -73.77
CA PHE E 62 -6.39 12.55 -73.16
C PHE E 62 -6.00 12.88 -71.73
N ILE E 63 -5.90 14.17 -71.41
CA ILE E 63 -5.61 14.63 -70.07
C ILE E 63 -6.66 15.65 -69.66
N GLY E 64 -7.17 15.53 -68.44
CA GLY E 64 -8.13 16.47 -67.90
C GLY E 64 -7.57 17.12 -66.65
N SER E 65 -8.01 18.35 -66.40
CA SER E 65 -7.51 19.10 -65.26
C SER E 65 -8.59 20.07 -64.82
N GLY E 66 -8.21 21.01 -63.95
CA GLY E 66 -9.15 22.00 -63.46
C GLY E 66 -9.96 21.49 -62.29
N SER E 67 -10.47 22.43 -61.50
CA SER E 67 -11.30 22.09 -60.36
C SER E 67 -12.08 23.34 -59.94
N GLY E 68 -13.08 23.12 -59.11
CA GLY E 68 -13.90 24.22 -58.63
C GLY E 68 -15.05 24.56 -59.56
N THR E 69 -14.89 25.62 -60.34
CA THR E 69 -15.93 26.07 -61.25
C THR E 69 -15.41 26.25 -62.68
N ASP E 70 -14.22 25.74 -62.98
CA ASP E 70 -13.63 25.93 -64.30
C ASP E 70 -12.72 24.75 -64.59
N PHE E 71 -13.12 23.89 -65.51
CA PHE E 71 -12.37 22.70 -65.86
C PHE E 71 -11.86 22.83 -67.29
N THR E 72 -11.06 21.84 -67.70
CA THR E 72 -10.44 21.89 -69.02
C THR E 72 -10.03 20.49 -69.42
N LEU E 73 -10.43 20.08 -70.62
CA LEU E 73 -9.98 18.85 -71.24
C LEU E 73 -9.00 19.19 -72.34
N THR E 74 -7.82 18.59 -72.30
CA THR E 74 -6.76 18.89 -73.24
C THR E 74 -6.34 17.62 -73.96
N ILE E 75 -6.21 17.71 -75.27
CA ILE E 75 -5.78 16.60 -76.12
C ILE E 75 -4.40 16.95 -76.65
N SER E 76 -3.46 16.03 -76.51
CA SER E 76 -2.10 16.31 -76.97
C SER E 76 -1.97 16.13 -78.47
N SER E 77 -2.15 14.90 -78.95
CA SER E 77 -1.94 14.56 -80.36
C SER E 77 -3.29 14.20 -80.97
N LEU E 78 -3.74 14.98 -81.94
CA LEU E 78 -5.03 14.74 -82.59
C LEU E 78 -4.87 13.66 -83.63
N GLU E 79 -5.30 12.46 -83.30
CA GLU E 79 -5.43 11.40 -84.28
C GLU E 79 -6.66 11.62 -85.13
N PRO E 80 -6.74 11.00 -86.31
CA PRO E 80 -7.96 11.15 -87.12
C PRO E 80 -9.21 10.67 -86.41
N GLU E 81 -9.10 9.73 -85.47
CA GLU E 81 -10.25 9.22 -84.74
C GLU E 81 -10.54 10.02 -83.47
N ASP E 82 -10.13 11.28 -83.42
CA ASP E 82 -10.42 12.13 -82.27
C ASP E 82 -11.34 13.29 -82.63
N PHE E 83 -11.86 13.34 -83.85
CA PHE E 83 -12.75 14.41 -84.28
C PHE E 83 -14.18 13.97 -84.01
N ALA E 84 -14.81 14.57 -83.00
CA ALA E 84 -16.18 14.22 -82.63
C ALA E 84 -16.75 15.39 -81.83
N VAL E 85 -17.87 15.14 -81.16
CA VAL E 85 -18.48 16.12 -80.26
C VAL E 85 -18.18 15.70 -78.84
N TYR E 86 -17.72 16.65 -78.02
CA TYR E 86 -17.30 16.37 -76.66
C TYR E 86 -18.28 17.00 -75.69
N PHE E 87 -18.84 16.18 -74.81
CA PHE E 87 -19.83 16.62 -73.83
C PHE E 87 -19.25 16.54 -72.43
N CYS E 88 -19.67 17.48 -71.58
CA CYS E 88 -19.29 17.49 -70.18
C CYS E 88 -20.55 17.36 -69.33
N GLN E 89 -20.51 16.46 -68.35
CA GLN E 89 -21.65 16.22 -67.47
C GLN E 89 -21.22 16.48 -66.04
N GLN E 90 -21.87 17.43 -65.38
CA GLN E 90 -21.59 17.66 -63.97
C GLN E 90 -22.37 16.68 -63.13
N ARG E 91 -21.70 16.09 -62.14
CA ARG E 91 -22.31 15.09 -61.28
C ARG E 91 -22.29 15.52 -59.82
N SER E 92 -22.55 16.80 -59.57
CA SER E 92 -22.55 17.28 -58.19
C SER E 92 -23.83 16.85 -57.48
N ASN E 93 -24.98 17.27 -57.97
CA ASN E 93 -26.24 16.91 -57.35
C ASN E 93 -27.39 17.02 -58.35
N TRP E 94 -28.58 16.75 -57.85
CA TRP E 94 -29.77 16.67 -58.69
C TRP E 94 -30.07 18.01 -59.35
N PRO E 95 -30.36 18.04 -60.66
CA PRO E 95 -30.24 16.89 -61.55
C PRO E 95 -28.90 16.89 -62.27
N LEU E 96 -28.52 15.74 -62.84
CA LEU E 96 -27.20 15.59 -63.46
C LEU E 96 -27.24 16.15 -64.87
N THR E 97 -27.13 17.48 -64.96
CA THR E 97 -27.28 18.16 -66.24
C THR E 97 -26.10 17.86 -67.15
N PHE E 98 -26.15 18.43 -68.35
CA PHE E 98 -25.14 18.24 -69.37
C PHE E 98 -24.64 19.60 -69.85
N GLY E 99 -23.82 19.57 -70.90
CA GLY E 99 -23.31 20.76 -71.53
C GLY E 99 -23.76 20.87 -72.97
N GLY E 100 -23.37 21.97 -73.59
CA GLY E 100 -23.74 22.23 -74.97
C GLY E 100 -23.14 21.26 -75.97
N GLY E 101 -21.82 21.29 -76.09
CA GLY E 101 -21.14 20.46 -77.06
C GLY E 101 -20.08 21.23 -77.80
N THR E 102 -19.13 20.52 -78.41
CA THR E 102 -18.05 21.19 -79.15
C THR E 102 -17.60 20.25 -80.26
N LYS E 103 -18.12 20.46 -81.46
CA LYS E 103 -17.83 19.59 -82.59
C LYS E 103 -16.47 19.97 -83.14
N VAL E 104 -15.47 19.12 -82.92
CA VAL E 104 -14.09 19.38 -83.33
C VAL E 104 -13.94 18.89 -84.77
N GLU E 105 -13.76 19.82 -85.71
CA GLU E 105 -13.64 19.48 -87.12
C GLU E 105 -12.18 19.36 -87.53
N ILE E 106 -11.96 19.14 -88.82
CA ILE E 106 -10.64 19.13 -89.41
C ILE E 106 -10.39 20.49 -90.04
N LYS E 107 -9.16 20.98 -89.93
CA LYS E 107 -8.76 22.27 -90.50
C LYS E 107 -8.02 21.99 -91.80
N ARG E 108 -8.49 22.60 -92.88
CA ARG E 108 -7.90 22.43 -94.20
C ARG E 108 -7.84 23.78 -94.90
N THR E 109 -7.32 23.77 -96.13
CA THR E 109 -7.29 24.98 -96.94
C THR E 109 -8.67 25.31 -97.47
N VAL E 110 -8.88 26.60 -97.73
CA VAL E 110 -10.18 27.07 -98.22
C VAL E 110 -10.42 26.54 -99.63
N ALA E 111 -11.66 26.14 -99.90
CA ALA E 111 -12.05 25.64 -101.20
C ALA E 111 -13.23 26.44 -101.72
N ALA E 112 -13.49 26.30 -103.03
CA ALA E 112 -14.53 27.06 -103.71
C ALA E 112 -15.78 26.23 -103.88
N PRO E 113 -16.95 26.76 -103.54
CA PRO E 113 -18.20 25.99 -103.66
C PRO E 113 -18.69 25.93 -105.09
N SER E 114 -18.62 24.74 -105.70
CA SER E 114 -19.28 24.53 -106.98
C SER E 114 -20.79 24.61 -106.80
N VAL E 115 -21.46 25.25 -107.75
CA VAL E 115 -22.87 25.56 -107.64
C VAL E 115 -23.62 24.92 -108.82
N PHE E 116 -24.74 24.29 -108.53
CA PHE E 116 -25.60 23.71 -109.55
C PHE E 116 -27.05 23.97 -109.17
N ILE E 117 -27.91 24.01 -110.18
CA ILE E 117 -29.33 24.21 -109.97
C ILE E 117 -30.10 23.18 -110.78
N PHE E 118 -31.32 22.86 -110.33
CA PHE E 118 -32.14 21.84 -110.99
C PHE E 118 -33.58 22.32 -111.04
N PRO E 119 -34.14 22.53 -112.23
CA PRO E 119 -35.55 22.90 -112.33
C PRO E 119 -36.44 21.73 -111.98
N PRO E 120 -37.66 21.98 -111.52
CA PRO E 120 -38.59 20.88 -111.27
C PRO E 120 -38.89 20.13 -112.55
N SER E 121 -39.00 18.82 -112.44
CA SER E 121 -39.24 18.00 -113.62
C SER E 121 -40.72 18.03 -114.00
N ASP E 122 -40.98 17.70 -115.27
CA ASP E 122 -42.36 17.62 -115.73
C ASP E 122 -43.13 16.53 -115.00
N GLU E 123 -42.48 15.39 -114.75
CA GLU E 123 -43.13 14.33 -113.99
C GLU E 123 -43.45 14.78 -112.57
N GLN E 124 -42.61 15.64 -111.99
CA GLN E 124 -42.91 16.21 -110.69
C GLN E 124 -44.05 17.21 -110.76
N LEU E 125 -44.38 17.68 -111.95
CA LEU E 125 -45.43 18.68 -112.13
C LEU E 125 -46.81 18.06 -112.30
N LYS E 126 -46.92 16.73 -112.22
CA LYS E 126 -48.24 16.12 -112.30
C LYS E 126 -49.13 16.56 -111.15
N SER E 127 -48.58 16.64 -109.96
CA SER E 127 -49.32 17.19 -108.81
C SER E 127 -49.18 18.71 -108.82
N GLY E 128 -49.67 19.35 -107.78
CA GLY E 128 -49.67 20.81 -107.72
C GLY E 128 -48.51 21.37 -106.93
N THR E 129 -47.48 20.57 -106.69
CA THR E 129 -46.32 20.98 -105.92
C THR E 129 -45.09 20.93 -106.81
N ALA E 130 -44.32 22.02 -106.80
CA ALA E 130 -43.08 22.11 -107.56
C ALA E 130 -41.95 22.46 -106.60
N SER E 131 -40.79 21.84 -106.81
CA SER E 131 -39.64 22.04 -105.93
C SER E 131 -38.42 22.35 -106.78
N VAL E 132 -37.61 23.30 -106.32
CA VAL E 132 -36.38 23.70 -106.99
C VAL E 132 -35.22 23.48 -106.03
N VAL E 133 -34.13 22.94 -106.56
CA VAL E 133 -32.99 22.54 -105.75
C VAL E 133 -31.76 23.30 -106.22
N CYS E 134 -31.12 24.02 -105.31
CA CYS E 134 -29.81 24.63 -105.51
C CYS E 134 -28.81 23.85 -104.67
N LEU E 135 -27.68 23.49 -105.27
CA LEU E 135 -26.74 22.59 -104.64
C LEU E 135 -25.33 23.19 -104.62
N LEU E 136 -24.69 23.11 -103.46
CA LEU E 136 -23.29 23.50 -103.28
C LEU E 136 -22.51 22.26 -102.91
N ASN E 137 -21.38 22.03 -103.57
CA ASN E 137 -20.70 20.76 -103.40
C ASN E 137 -19.19 20.99 -103.27
N ASN E 138 -18.58 20.30 -102.31
CA ASN E 138 -17.15 20.41 -102.01
C ASN E 138 -16.73 21.86 -101.74
N PHE E 139 -17.19 22.38 -100.61
CA PHE E 139 -16.72 23.67 -100.15
C PHE E 139 -16.21 23.56 -98.72
N TYR E 140 -15.55 24.63 -98.27
CA TYR E 140 -14.96 24.73 -96.95
C TYR E 140 -14.64 26.18 -96.69
N PRO E 141 -14.90 26.70 -95.48
CA PRO E 141 -15.45 25.99 -94.33
C PRO E 141 -16.97 25.94 -94.30
N ARG E 142 -17.53 25.67 -93.13
CA ARG E 142 -18.97 25.39 -93.02
C ARG E 142 -19.81 26.60 -93.39
N GLU E 143 -19.38 27.79 -92.98
CA GLU E 143 -20.19 28.98 -93.15
C GLU E 143 -20.51 29.27 -94.61
N ALA E 144 -21.80 29.19 -94.97
CA ALA E 144 -22.25 29.52 -96.31
C ALA E 144 -23.73 29.84 -96.25
N LYS E 145 -24.15 30.85 -97.01
CA LYS E 145 -25.52 31.31 -97.01
C LYS E 145 -26.09 31.26 -98.41
N VAL E 146 -27.33 30.80 -98.53
CA VAL E 146 -28.02 30.67 -99.81
C VAL E 146 -29.30 31.49 -99.74
N GLN E 147 -29.51 32.33 -100.75
CA GLN E 147 -30.71 33.16 -100.85
C GLN E 147 -31.34 32.97 -102.22
N TRP E 148 -32.66 32.88 -102.24
CA TRP E 148 -33.41 32.72 -103.47
C TRP E 148 -33.96 34.07 -103.92
N LYS E 149 -33.97 34.28 -105.24
CA LYS E 149 -34.30 35.56 -105.83
C LYS E 149 -35.29 35.38 -106.97
N VAL E 150 -36.39 34.67 -106.68
CA VAL E 150 -37.43 34.45 -107.67
C VAL E 150 -37.92 35.78 -108.21
N ASP E 151 -37.83 35.94 -109.54
CA ASP E 151 -38.24 37.18 -110.20
C ASP E 151 -37.55 38.39 -109.60
N ASN E 152 -36.25 38.23 -109.29
CA ASN E 152 -35.44 39.29 -108.69
C ASN E 152 -36.06 39.81 -107.41
N ALA E 153 -36.71 38.92 -106.67
CA ALA E 153 -37.33 39.26 -105.40
C ALA E 153 -36.85 38.28 -104.34
N LEU E 154 -36.42 38.80 -103.20
CA LEU E 154 -35.91 37.95 -102.13
C LEU E 154 -37.04 37.11 -101.56
N GLN E 155 -36.78 35.81 -101.42
CA GLN E 155 -37.77 34.84 -100.94
C GLN E 155 -37.32 34.29 -99.60
N SER E 156 -38.26 34.19 -98.65
CA SER E 156 -37.95 33.67 -97.34
C SER E 156 -39.16 32.93 -96.78
N GLY E 157 -38.90 32.05 -95.83
CA GLY E 157 -39.95 31.30 -95.16
C GLY E 157 -40.41 30.06 -95.89
N ASN E 158 -39.80 29.71 -97.03
CA ASN E 158 -40.21 28.54 -97.78
C ASN E 158 -39.02 27.75 -98.29
N SER E 159 -37.91 27.76 -97.56
CA SER E 159 -36.69 27.06 -97.94
C SER E 159 -36.18 26.25 -96.77
N GLN E 160 -35.53 25.13 -97.08
CA GLN E 160 -34.96 24.24 -96.07
C GLN E 160 -33.57 23.83 -96.49
N GLU E 161 -32.61 23.97 -95.59
CA GLU E 161 -31.22 23.61 -95.87
C GLU E 161 -30.93 22.20 -95.39
N SER E 162 -29.81 21.66 -95.85
CA SER E 162 -29.40 20.30 -95.49
C SER E 162 -27.92 20.18 -95.76
N VAL E 163 -27.14 19.92 -94.71
CA VAL E 163 -25.69 19.86 -94.79
C VAL E 163 -25.23 18.44 -94.50
N THR E 164 -24.36 17.91 -95.36
CA THR E 164 -23.77 16.63 -95.09
C THR E 164 -22.70 16.76 -94.02
N GLU E 165 -22.20 15.63 -93.55
CA GLU E 165 -21.07 15.64 -92.63
C GLU E 165 -19.77 15.80 -93.42
N GLN E 166 -18.70 16.08 -92.68
CA GLN E 166 -17.41 16.27 -93.33
C GLN E 166 -16.95 15.00 -94.01
N ASP E 167 -16.48 15.13 -95.24
CA ASP E 167 -16.01 13.98 -95.99
C ASP E 167 -14.76 13.39 -95.34
N SER E 168 -14.59 12.08 -95.49
CA SER E 168 -13.45 11.38 -94.93
C SER E 168 -12.27 11.32 -95.88
N LYS E 169 -12.38 11.90 -97.08
CA LYS E 169 -11.30 11.88 -98.05
C LYS E 169 -10.71 13.24 -98.34
N ASP E 170 -11.50 14.30 -98.32
CA ASP E 170 -10.99 15.64 -98.51
C ASP E 170 -11.49 16.63 -97.48
N SER E 171 -12.37 16.21 -96.56
CA SER E 171 -12.89 17.05 -95.49
C SER E 171 -13.56 18.30 -96.06
N THR E 172 -14.52 18.07 -96.95
CA THR E 172 -15.30 19.14 -97.56
C THR E 172 -16.77 18.88 -97.33
N TYR E 173 -17.53 19.95 -97.18
CA TYR E 173 -18.95 19.86 -96.92
C TYR E 173 -19.74 19.83 -98.22
N SER E 174 -21.06 19.80 -98.10
CA SER E 174 -21.94 19.78 -99.27
C SER E 174 -23.33 20.17 -98.81
N LEU E 175 -23.84 21.29 -99.32
CA LEU E 175 -25.10 21.84 -98.87
C LEU E 175 -26.14 21.75 -99.98
N SER E 176 -27.39 21.56 -99.57
CA SER E 176 -28.50 21.51 -100.51
C SER E 176 -29.70 22.23 -99.92
N SER E 177 -30.28 23.13 -100.69
CA SER E 177 -31.46 23.87 -100.28
C SER E 177 -32.57 23.68 -101.30
N THR E 178 -33.79 23.52 -100.81
CA THR E 178 -34.95 23.28 -101.66
C THR E 178 -35.94 24.43 -101.54
N LEU E 179 -36.66 24.69 -102.62
CA LEU E 179 -37.68 25.73 -102.67
C LEU E 179 -38.99 25.07 -103.05
N THR E 180 -39.75 24.62 -102.05
CA THR E 180 -41.02 23.97 -102.27
C THR E 180 -42.12 25.01 -102.37
N LEU E 181 -42.91 24.94 -103.43
CA LEU E 181 -43.99 25.89 -103.64
C LEU E 181 -45.00 25.30 -104.61
N SER E 182 -46.21 25.86 -104.60
CA SER E 182 -47.34 25.29 -105.32
C SER E 182 -47.17 25.48 -106.83
N LYS E 183 -47.90 24.65 -107.58
CA LYS E 183 -47.83 24.71 -109.04
C LYS E 183 -48.29 26.06 -109.56
N ALA E 184 -49.38 26.59 -109.00
CA ALA E 184 -49.87 27.90 -109.43
C ALA E 184 -48.81 28.98 -109.17
N ASP E 185 -48.15 28.90 -108.02
CA ASP E 185 -47.05 29.84 -107.74
C ASP E 185 -45.92 29.65 -108.74
N TYR E 186 -45.62 28.41 -109.09
CA TYR E 186 -44.59 28.14 -110.08
C TYR E 186 -44.99 28.64 -111.47
N GLU E 187 -46.28 28.91 -111.68
CA GLU E 187 -46.76 29.42 -112.96
C GLU E 187 -47.02 30.93 -112.93
N LYS E 188 -46.56 31.61 -111.89
CA LYS E 188 -46.85 33.03 -111.70
C LYS E 188 -45.57 33.86 -111.60
N HIS E 189 -44.53 33.44 -112.29
CA HIS E 189 -43.26 34.16 -112.29
C HIS E 189 -42.60 33.98 -113.65
N LYS E 190 -41.35 34.43 -113.77
CA LYS E 190 -40.59 34.19 -114.99
C LYS E 190 -39.25 33.49 -114.73
N VAL E 191 -38.46 33.98 -113.78
CA VAL E 191 -37.09 33.52 -113.62
C VAL E 191 -36.87 33.11 -112.17
N TYR E 192 -35.93 32.18 -111.97
CA TYR E 192 -35.55 31.70 -110.65
C TYR E 192 -34.04 31.72 -110.53
N ALA E 193 -33.55 32.07 -109.34
CA ALA E 193 -32.12 32.19 -109.12
C ALA E 193 -31.80 31.92 -107.66
N CYS E 194 -30.67 31.23 -107.44
CA CYS E 194 -30.13 30.99 -106.11
C CYS E 194 -28.76 31.66 -106.00
N GLU E 195 -28.56 32.41 -104.92
CA GLU E 195 -27.36 33.18 -104.71
C GLU E 195 -26.57 32.58 -103.55
N VAL E 196 -25.27 32.41 -103.74
CA VAL E 196 -24.39 31.80 -102.76
C VAL E 196 -23.31 32.80 -102.38
N THR E 197 -23.08 32.97 -101.09
CA THR E 197 -22.01 33.82 -100.57
C THR E 197 -21.09 32.98 -99.71
N HIS E 198 -19.79 33.01 -100.01
CA HIS E 198 -18.83 32.21 -99.29
C HIS E 198 -17.59 33.03 -98.99
N GLN E 199 -16.88 32.63 -97.94
CA GLN E 199 -15.58 33.24 -97.64
C GLN E 199 -14.59 32.99 -98.76
N GLY E 200 -14.62 31.80 -99.34
CA GLY E 200 -13.73 31.44 -100.42
C GLY E 200 -14.12 31.95 -101.78
N LEU E 201 -15.22 32.69 -101.89
CA LEU E 201 -15.65 33.28 -103.15
C LEU E 201 -15.36 34.78 -103.14
N SER E 202 -14.68 35.25 -104.19
CA SER E 202 -14.42 36.67 -104.33
C SER E 202 -15.71 37.44 -104.57
N SER E 203 -16.64 36.85 -105.31
CA SER E 203 -17.91 37.49 -105.64
C SER E 203 -19.06 36.57 -105.32
N PRO E 204 -20.25 37.13 -105.06
CA PRO E 204 -21.41 36.27 -104.80
C PRO E 204 -21.94 35.61 -106.07
N VAL E 205 -21.37 34.46 -106.42
CA VAL E 205 -21.82 33.73 -107.61
C VAL E 205 -23.31 33.43 -107.50
N THR E 206 -24.01 33.59 -108.63
CA THR E 206 -25.44 33.33 -108.67
C THR E 206 -25.77 32.55 -109.94
N LYS E 207 -26.46 31.43 -109.77
CA LYS E 207 -26.95 30.64 -110.89
C LYS E 207 -28.45 30.85 -111.04
N SER E 208 -28.93 30.75 -112.28
CA SER E 208 -30.33 31.03 -112.56
C SER E 208 -30.76 30.23 -113.78
N PHE E 209 -32.07 30.15 -113.96
CA PHE E 209 -32.63 29.47 -115.12
C PHE E 209 -34.00 30.07 -115.40
N ASN E 210 -34.47 29.88 -116.63
CA ASN E 210 -35.78 30.33 -117.04
C ASN E 210 -36.71 29.15 -117.30
N ARG E 211 -37.99 29.36 -117.02
CA ARG E 211 -38.97 28.28 -117.11
C ARG E 211 -39.26 27.92 -118.56
N GLY E 212 -39.75 26.69 -118.75
CA GLY E 212 -40.23 26.25 -120.04
C GLY E 212 -39.13 25.93 -121.03
N GLU E 213 -38.44 26.96 -121.51
CA GLU E 213 -37.38 26.78 -122.49
C GLU E 213 -36.14 26.25 -121.79
N CYS E 214 -35.67 25.08 -122.23
CA CYS E 214 -34.51 24.45 -121.64
C CYS E 214 -33.96 23.38 -122.58
N GLU F 1 -45.90 53.75 10.26
CA GLU F 1 -46.01 54.90 9.39
C GLU F 1 -45.51 56.16 10.08
N VAL F 2 -44.36 56.65 9.64
CA VAL F 2 -43.76 57.84 10.23
C VAL F 2 -44.37 59.08 9.60
N GLN F 3 -44.88 59.98 10.43
CA GLN F 3 -45.36 61.27 9.99
C GLN F 3 -44.32 62.34 10.29
N LEU F 4 -44.27 63.36 9.44
CA LEU F 4 -43.34 64.48 9.63
C LEU F 4 -44.18 65.75 9.69
N VAL F 5 -44.60 66.12 10.90
CA VAL F 5 -45.33 67.37 11.09
C VAL F 5 -44.36 68.54 10.92
N GLN F 6 -44.83 69.59 10.24
CA GLN F 6 -44.00 70.75 9.94
C GLN F 6 -44.53 71.99 10.65
N SER F 7 -43.86 73.11 10.40
CA SER F 7 -44.25 74.38 11.00
C SER F 7 -45.41 74.98 10.22
N GLY F 8 -45.69 76.27 10.47
CA GLY F 8 -46.70 77.00 9.74
C GLY F 8 -46.08 78.07 8.86
N ALA F 9 -46.95 78.76 8.13
CA ALA F 9 -46.51 79.80 7.21
C ALA F 9 -45.79 80.91 7.98
N GLU F 10 -44.69 81.40 7.42
CA GLU F 10 -43.86 82.42 8.06
C GLU F 10 -43.57 83.52 7.04
N VAL F 11 -44.39 84.57 7.06
CA VAL F 11 -44.06 85.76 6.27
C VAL F 11 -42.90 86.49 6.92
N LYS F 12 -41.95 86.92 6.10
CA LYS F 12 -40.75 87.59 6.60
C LYS F 12 -40.43 88.76 5.69
N LYS F 13 -39.27 89.35 5.89
CA LYS F 13 -38.81 90.50 5.13
C LYS F 13 -37.41 90.23 4.60
N PRO F 14 -37.03 90.88 3.50
CA PRO F 14 -35.71 90.62 2.91
C PRO F 14 -34.58 90.92 3.90
N GLY F 15 -33.56 90.08 3.86
CA GLY F 15 -32.42 90.22 4.74
C GLY F 15 -32.57 89.60 6.11
N SER F 16 -33.73 89.06 6.44
CA SER F 16 -33.99 88.50 7.76
C SER F 16 -33.58 87.02 7.80
N SER F 17 -34.02 86.33 8.85
CA SER F 17 -33.72 84.92 9.04
C SER F 17 -35.01 84.14 9.27
N VAL F 18 -34.98 82.87 8.85
CA VAL F 18 -36.12 81.97 8.99
C VAL F 18 -35.62 80.64 9.52
N LYS F 19 -36.51 79.91 10.20
CA LYS F 19 -36.13 78.64 10.81
C LYS F 19 -37.33 77.70 10.71
N VAL F 20 -37.23 76.72 9.83
CA VAL F 20 -38.32 75.77 9.57
C VAL F 20 -38.02 74.47 10.30
N SER F 21 -39.02 73.94 11.00
CA SER F 21 -38.86 72.74 11.79
C SER F 21 -39.63 71.57 11.16
N CYS F 22 -39.09 70.37 11.33
CA CYS F 22 -39.60 69.15 10.72
C CYS F 22 -39.74 68.06 11.77
N LYS F 23 -40.44 68.38 12.86
CA LYS F 23 -40.63 67.44 13.95
C LYS F 23 -41.23 66.14 13.47
N ALA F 24 -40.68 65.02 13.94
CA ALA F 24 -41.14 63.70 13.55
C ALA F 24 -42.25 63.25 14.49
N SER F 25 -43.40 62.90 13.93
CA SER F 25 -44.54 62.48 14.73
C SER F 25 -44.35 61.01 15.11
N GLY F 26 -44.15 60.76 16.41
CA GLY F 26 -43.92 59.42 16.89
C GLY F 26 -42.89 59.35 17.98
N GLY F 27 -42.22 60.47 18.24
CA GLY F 27 -41.21 60.50 19.28
C GLY F 27 -39.88 61.07 18.83
N THR F 28 -38.86 60.24 18.83
CA THR F 28 -37.51 60.66 18.49
C THR F 28 -37.13 60.16 17.09
N PHE F 29 -35.88 60.42 16.71
CA PHE F 29 -35.36 60.05 15.41
C PHE F 29 -34.81 58.62 15.42
N SER F 30 -34.27 58.22 14.27
CA SER F 30 -33.64 56.94 14.07
C SER F 30 -32.66 57.10 12.90
N ASN F 31 -32.26 56.00 12.28
CA ASN F 31 -31.38 56.08 11.12
C ASN F 31 -32.16 56.58 9.91
N TYR F 32 -32.54 57.85 9.92
CA TYR F 32 -33.46 58.41 8.93
C TYR F 32 -32.74 59.01 7.74
N GLY F 33 -31.94 60.04 7.96
CA GLY F 33 -31.43 60.82 6.86
C GLY F 33 -32.48 61.73 6.27
N ILE F 34 -32.81 62.82 6.96
CA ILE F 34 -33.79 63.78 6.47
C ILE F 34 -33.13 64.75 5.50
N SER F 35 -33.82 65.04 4.39
CA SER F 35 -33.33 65.97 3.38
C SER F 35 -34.37 67.04 3.12
N TRP F 36 -33.90 68.21 2.69
CA TRP F 36 -34.74 69.39 2.57
C TRP F 36 -34.92 69.79 1.11
N VAL F 37 -36.18 69.92 0.70
CA VAL F 37 -36.56 70.22 -0.68
C VAL F 37 -37.48 71.43 -0.68
N ARG F 38 -37.22 72.37 -1.59
CA ARG F 38 -38.06 73.53 -1.75
C ARG F 38 -38.56 73.61 -3.18
N GLN F 39 -39.72 74.25 -3.36
CA GLN F 39 -40.35 74.36 -4.66
C GLN F 39 -40.82 75.79 -4.87
N ALA F 40 -40.30 76.43 -5.91
CA ALA F 40 -40.72 77.78 -6.25
C ALA F 40 -42.18 77.77 -6.69
N PRO F 41 -42.87 78.91 -6.57
CA PRO F 41 -44.28 78.95 -6.99
C PRO F 41 -44.42 78.69 -8.47
N GLY F 42 -45.17 77.65 -8.81
CA GLY F 42 -45.39 77.30 -10.20
C GLY F 42 -44.13 76.90 -10.94
N GLN F 43 -43.32 76.03 -10.33
CA GLN F 43 -42.08 75.60 -10.94
C GLN F 43 -41.81 74.16 -10.53
N GLY F 44 -40.57 73.70 -10.76
CA GLY F 44 -40.20 72.35 -10.44
C GLY F 44 -39.86 72.15 -8.97
N LEU F 45 -38.78 71.43 -8.70
CA LEU F 45 -38.32 71.19 -7.35
C LEU F 45 -36.82 71.43 -7.27
N GLU F 46 -36.35 71.79 -6.08
CA GLU F 46 -34.95 72.06 -5.85
C GLU F 46 -34.53 71.35 -4.58
N TRP F 47 -33.37 70.69 -4.61
CA TRP F 47 -32.86 69.98 -3.45
C TRP F 47 -31.77 70.81 -2.80
N MET F 48 -31.91 71.06 -1.49
CA MET F 48 -31.00 71.96 -0.78
C MET F 48 -29.93 71.21 0.01
N GLY F 49 -30.33 70.27 0.86
CA GLY F 49 -29.35 69.56 1.66
C GLY F 49 -30.02 68.51 2.50
N ARG F 50 -29.19 67.75 3.22
CA ARG F 50 -29.68 66.66 4.04
C ARG F 50 -28.89 66.59 5.34
N ILE F 51 -29.49 65.95 6.33
CA ILE F 51 -28.88 65.78 7.64
C ILE F 51 -28.99 64.33 8.07
N LEU F 52 -27.98 63.87 8.80
CA LEU F 52 -28.01 62.56 9.43
C LEU F 52 -28.23 62.76 10.92
N PRO F 53 -29.42 62.55 11.44
CA PRO F 53 -29.71 62.92 12.82
C PRO F 53 -28.86 62.18 13.84
N THR F 54 -28.94 60.85 13.81
CA THR F 54 -28.24 60.05 14.82
C THR F 54 -26.73 60.14 14.67
N PHE F 55 -26.24 60.19 13.43
CA PHE F 55 -24.81 60.15 13.20
C PHE F 55 -24.19 61.53 13.12
N GLY F 56 -24.99 62.59 13.32
CA GLY F 56 -24.46 63.94 13.40
C GLY F 56 -23.70 64.41 12.17
N THR F 57 -24.37 64.40 11.02
CA THR F 57 -23.75 64.85 9.78
C THR F 57 -24.79 65.63 8.99
N ALA F 58 -24.37 66.76 8.41
CA ALA F 58 -25.27 67.62 7.66
C ALA F 58 -24.47 68.40 6.64
N ASN F 59 -25.09 68.66 5.50
CA ASN F 59 -24.48 69.51 4.49
C ASN F 59 -25.56 70.01 3.55
N SER F 60 -25.26 71.13 2.88
CA SER F 60 -26.17 71.75 1.94
C SER F 60 -25.57 71.74 0.55
N ALA F 61 -26.41 72.00 -0.45
CA ALA F 61 -25.94 72.01 -1.82
C ALA F 61 -24.87 73.07 -2.01
N GLN F 62 -24.09 72.90 -3.08
CA GLN F 62 -23.01 73.84 -3.37
C GLN F 62 -23.53 75.26 -3.52
N LYS F 63 -24.72 75.42 -4.12
CA LYS F 63 -25.28 76.74 -4.34
C LYS F 63 -25.69 77.43 -3.04
N PHE F 64 -26.08 76.66 -2.03
CA PHE F 64 -26.66 77.19 -0.82
C PHE F 64 -25.67 77.29 0.33
N GLN F 65 -24.39 77.04 0.08
CA GLN F 65 -23.40 77.11 1.15
C GLN F 65 -23.23 78.55 1.63
N GLY F 66 -22.96 78.69 2.92
CA GLY F 66 -22.85 80.00 3.52
C GLY F 66 -24.15 80.64 3.92
N ARG F 67 -25.28 79.99 3.64
CA ARG F 67 -26.60 80.53 3.97
C ARG F 67 -27.50 79.55 4.70
N VAL F 68 -27.26 78.25 4.59
CA VAL F 68 -28.16 77.23 5.11
C VAL F 68 -27.42 76.45 6.19
N THR F 69 -28.10 76.20 7.30
CA THR F 69 -27.52 75.48 8.43
C THR F 69 -28.56 74.51 8.96
N ILE F 70 -28.35 73.22 8.72
CA ILE F 70 -29.30 72.19 9.13
C ILE F 70 -28.82 71.61 10.45
N THR F 71 -29.68 71.64 11.46
CA THR F 71 -29.36 71.09 12.78
C THR F 71 -30.45 70.13 13.21
N ALA F 72 -30.09 69.20 14.08
CA ALA F 72 -31.03 68.20 14.57
C ALA F 72 -30.99 68.15 16.09
N ASP F 73 -32.15 67.90 16.68
CA ASP F 73 -32.31 67.80 18.13
C ASP F 73 -32.91 66.43 18.43
N GLU F 74 -32.03 65.43 18.58
CA GLU F 74 -32.49 64.06 18.79
C GLU F 74 -33.26 63.90 20.10
N SER F 75 -33.07 64.81 21.05
CA SER F 75 -33.80 64.72 22.31
C SER F 75 -35.30 64.84 22.08
N THR F 76 -35.71 65.78 21.22
CA THR F 76 -37.12 65.99 20.92
C THR F 76 -37.52 65.50 19.53
N GLY F 77 -36.58 64.98 18.76
CA GLY F 77 -36.88 64.49 17.42
C GLY F 77 -37.32 65.58 16.47
N THR F 78 -36.60 66.70 16.46
CA THR F 78 -36.96 67.86 15.66
C THR F 78 -35.75 68.35 14.89
N ALA F 79 -35.92 68.60 13.60
CA ALA F 79 -34.85 69.07 12.73
C ALA F 79 -35.14 70.49 12.27
N TYR F 80 -34.08 71.29 12.17
CA TYR F 80 -34.19 72.70 11.85
C TYR F 80 -33.48 73.00 10.53
N MET F 81 -33.96 74.03 9.84
CA MET F 81 -33.46 74.41 8.53
C MET F 81 -33.24 75.91 8.48
N GLU F 82 -32.52 76.44 9.48
CA GLU F 82 -32.31 77.87 9.58
C GLU F 82 -31.69 78.40 8.30
N LEU F 83 -32.30 79.45 7.75
CA LEU F 83 -31.89 80.05 6.48
C LEU F 83 -31.75 81.54 6.68
N ARG F 84 -30.52 82.03 6.65
CA ARG F 84 -30.23 83.44 6.88
C ARG F 84 -30.08 84.17 5.55
N SER F 85 -30.07 85.51 5.63
CA SER F 85 -29.89 86.38 4.48
C SER F 85 -30.94 86.09 3.40
N LEU F 86 -32.20 86.16 3.81
CA LEU F 86 -33.30 85.88 2.90
C LEU F 86 -33.33 86.87 1.76
N ARG F 87 -33.54 86.37 0.55
CA ARG F 87 -33.57 87.17 -0.66
C ARG F 87 -34.99 87.24 -1.18
N SER F 88 -35.24 88.20 -2.08
CA SER F 88 -36.56 88.39 -2.65
C SER F 88 -37.08 87.16 -3.37
N GLU F 89 -36.20 86.35 -3.97
CA GLU F 89 -36.60 85.19 -4.75
C GLU F 89 -36.66 83.91 -3.93
N ASP F 90 -36.25 83.95 -2.67
CA ASP F 90 -36.26 82.76 -1.82
C ASP F 90 -37.65 82.37 -1.34
N THR F 91 -38.69 82.99 -1.87
CA THR F 91 -40.05 82.59 -1.52
C THR F 91 -40.39 81.28 -2.22
N ALA F 92 -40.91 80.32 -1.45
CA ALA F 92 -41.17 78.99 -1.97
C ALA F 92 -42.01 78.22 -0.95
N VAL F 93 -42.17 76.93 -1.17
CA VAL F 93 -42.84 76.04 -0.24
C VAL F 93 -41.81 75.00 0.18
N TYR F 94 -41.32 75.09 1.41
CA TYR F 94 -40.22 74.24 1.84
C TYR F 94 -40.75 72.93 2.41
N TYR F 95 -40.31 71.82 1.81
CA TYR F 95 -40.67 70.48 2.23
C TYR F 95 -39.54 69.85 3.00
N CYS F 96 -39.87 68.78 3.73
CA CYS F 96 -38.89 67.94 4.38
C CYS F 96 -39.38 66.50 4.26
N ALA F 97 -38.45 65.60 3.93
CA ALA F 97 -38.80 64.20 3.68
C ALA F 97 -37.63 63.31 4.05
N LYS F 98 -37.94 62.15 4.60
CA LYS F 98 -36.91 61.19 4.99
C LYS F 98 -36.53 60.31 3.80
N GLU F 99 -35.27 59.87 3.78
CA GLU F 99 -34.78 59.18 2.60
C GLU F 99 -33.88 57.98 2.88
N GLY F 100 -33.83 57.48 4.12
CA GLY F 100 -32.98 56.35 4.39
C GLY F 100 -31.54 56.74 4.60
N LEU F 101 -30.91 56.18 5.62
CA LEU F 101 -29.58 56.59 6.02
C LEU F 101 -28.60 56.10 4.96
N ALA F 102 -28.31 56.96 4.01
CA ALA F 102 -27.50 56.60 2.86
C ALA F 102 -27.16 57.87 2.12
N PHE F 103 -26.73 57.71 0.91
CA PHE F 103 -26.60 58.85 0.02
C PHE F 103 -27.20 58.57 -1.35
N LEU F 104 -27.15 57.32 -1.80
CA LEU F 104 -27.67 56.90 -3.09
C LEU F 104 -28.62 55.74 -2.86
N GLY F 105 -29.69 55.66 -3.64
CA GLY F 105 -30.58 54.53 -3.47
C GLY F 105 -32.06 54.84 -3.40
N TYR F 106 -32.63 54.61 -2.22
CA TYR F 106 -34.08 54.48 -2.07
C TYR F 106 -34.83 55.70 -2.59
N GLY F 107 -34.74 56.82 -1.89
CA GLY F 107 -35.48 58.01 -2.24
C GLY F 107 -36.46 58.40 -1.15
N MET F 108 -37.05 59.57 -1.33
CA MET F 108 -37.84 60.22 -0.29
C MET F 108 -39.24 59.64 -0.26
N ASP F 109 -39.48 58.71 0.67
CA ASP F 109 -40.74 57.97 0.68
C ASP F 109 -41.84 58.68 1.46
N VAL F 110 -41.50 59.31 2.58
CA VAL F 110 -42.46 60.05 3.40
C VAL F 110 -42.10 61.52 3.39
N TRP F 111 -43.05 62.36 2.99
CA TRP F 111 -42.85 63.79 2.90
C TRP F 111 -43.59 64.51 4.02
N GLY F 112 -43.22 65.76 4.23
CA GLY F 112 -43.86 66.58 5.22
C GLY F 112 -45.20 67.09 4.74
N GLN F 113 -45.45 68.38 4.90
CA GLN F 113 -46.71 68.97 4.45
C GLN F 113 -46.53 70.32 3.77
N GLY F 114 -45.38 70.97 3.90
CA GLY F 114 -45.17 72.26 3.27
C GLY F 114 -45.23 73.40 4.26
N THR F 115 -44.32 74.36 4.12
CA THR F 115 -44.23 75.52 5.01
C THR F 115 -44.00 76.74 4.14
N THR F 116 -45.09 77.39 3.72
CA THR F 116 -44.98 78.57 2.87
C THR F 116 -44.15 79.64 3.55
N VAL F 117 -43.23 80.25 2.79
CA VAL F 117 -42.38 81.29 3.33
C VAL F 117 -42.28 82.48 2.37
N THR F 118 -43.16 83.46 2.57
CA THR F 118 -43.17 84.64 1.73
C THR F 118 -42.16 85.67 2.21
N VAL F 119 -41.31 86.14 1.31
CA VAL F 119 -40.30 87.14 1.66
C VAL F 119 -40.47 88.41 0.84
N SER F 120 -41.21 89.36 1.39
CA SER F 120 -41.44 90.63 0.71
C SER F 120 -41.28 91.81 1.67
N SER F 121 -41.70 92.99 1.22
CA SER F 121 -41.62 94.20 2.03
C SER F 121 -42.94 94.97 1.98
N ALA F 122 -43.95 94.46 2.68
CA ALA F 122 -45.25 95.10 2.73
C ALA F 122 -46.03 94.61 3.95
N SER F 123 -46.70 95.54 4.62
CA SER F 123 -47.49 95.20 5.81
C SER F 123 -48.83 94.61 5.42
N THR F 124 -49.42 93.84 6.33
CA THR F 124 -50.72 93.21 6.09
C THR F 124 -51.76 94.23 5.65
N LYS F 125 -51.93 94.37 4.34
CA LYS F 125 -52.90 95.31 3.80
C LYS F 125 -54.22 94.63 3.48
N GLY F 126 -55.33 95.29 3.79
CA GLY F 126 -56.65 94.74 3.54
C GLY F 126 -57.00 94.76 2.07
N PRO F 127 -57.98 93.93 1.67
CA PRO F 127 -58.43 93.84 0.28
C PRO F 127 -59.30 95.02 -0.13
N SER F 128 -59.32 95.32 -1.42
CA SER F 128 -60.11 96.43 -1.96
C SER F 128 -61.01 95.84 -3.05
N VAL F 129 -62.21 95.45 -2.66
CA VAL F 129 -63.11 94.73 -3.56
C VAL F 129 -63.80 95.73 -4.49
N PHE F 130 -63.77 95.43 -5.79
CA PHE F 130 -64.51 96.21 -6.77
C PHE F 130 -65.37 95.26 -7.59
N PRO F 131 -66.61 95.64 -7.90
CA PRO F 131 -67.49 94.76 -8.67
C PRO F 131 -67.28 94.95 -10.17
N LEU F 132 -67.70 93.94 -10.93
CA LEU F 132 -67.63 93.96 -12.38
C LEU F 132 -69.02 93.67 -12.91
N ALA F 133 -69.71 94.71 -13.35
CA ALA F 133 -71.10 94.59 -13.74
C ALA F 133 -71.23 93.71 -14.98
N PRO F 134 -72.37 93.06 -15.15
CA PRO F 134 -72.60 92.27 -16.37
C PRO F 134 -72.71 93.17 -17.58
N SER F 135 -71.57 93.68 -18.03
CA SER F 135 -71.55 94.68 -19.09
C SER F 135 -71.94 94.07 -20.44
N SER F 136 -72.57 94.90 -21.27
CA SER F 136 -72.91 94.55 -22.65
C SER F 136 -73.80 93.31 -22.68
N LYS F 137 -75.01 93.47 -22.14
CA LYS F 137 -75.94 92.35 -22.07
C LYS F 137 -76.45 92.00 -23.46
N SER F 138 -75.56 91.50 -24.32
CA SER F 138 -75.92 91.14 -25.68
C SER F 138 -75.15 89.93 -26.19
N THR F 139 -74.55 89.14 -25.32
CA THR F 139 -73.62 88.10 -25.77
C THR F 139 -74.33 87.05 -26.62
N SER F 140 -75.19 86.23 -25.99
CA SER F 140 -75.87 85.17 -26.71
C SER F 140 -77.33 85.03 -26.33
N GLY F 141 -77.88 85.97 -25.55
CA GLY F 141 -79.27 85.88 -25.14
C GLY F 141 -79.52 84.65 -24.32
N GLY F 142 -78.92 84.57 -23.14
CA GLY F 142 -79.06 83.41 -22.30
C GLY F 142 -77.83 83.09 -21.48
N THR F 143 -76.75 83.81 -21.73
CA THR F 143 -75.51 83.64 -20.97
C THR F 143 -74.97 85.00 -20.55
N ALA F 144 -74.35 85.04 -19.39
CA ALA F 144 -73.74 86.25 -18.87
C ALA F 144 -72.75 85.88 -17.78
N ALA F 145 -71.76 86.75 -17.58
CA ALA F 145 -70.73 86.50 -16.59
C ALA F 145 -70.44 87.79 -15.85
N LEU F 146 -70.16 87.66 -14.56
CA LEU F 146 -69.91 88.82 -13.70
C LEU F 146 -69.15 88.34 -12.47
N GLY F 147 -68.48 89.27 -11.82
CA GLY F 147 -67.75 88.91 -10.61
C GLY F 147 -66.85 90.00 -10.07
N CYS F 148 -66.86 90.15 -8.75
CA CYS F 148 -65.98 91.11 -8.11
C CYS F 148 -64.54 90.64 -8.19
N LEU F 149 -63.63 91.59 -8.35
CA LEU F 149 -62.20 91.31 -8.36
C LEU F 149 -61.56 91.89 -7.11
N VAL F 150 -60.70 91.10 -6.48
CA VAL F 150 -59.99 91.52 -5.28
C VAL F 150 -58.63 92.06 -5.69
N LYS F 151 -58.32 93.27 -5.25
CA LYS F 151 -57.10 93.94 -5.69
C LYS F 151 -56.32 94.47 -4.50
N ASP F 152 -55.00 94.33 -4.58
CA ASP F 152 -54.07 94.95 -3.64
C ASP F 152 -54.34 94.50 -2.20
N TYR F 153 -54.11 93.21 -1.96
CA TYR F 153 -54.19 92.65 -0.63
C TYR F 153 -52.90 91.90 -0.34
N PHE F 154 -52.66 91.63 0.93
CA PHE F 154 -51.43 90.95 1.34
C PHE F 154 -51.63 90.35 2.71
N PRO F 155 -51.20 89.11 2.96
CA PRO F 155 -50.71 88.10 2.03
C PRO F 155 -51.77 87.04 1.75
N GLU F 156 -51.43 85.98 1.04
CA GLU F 156 -52.39 84.90 0.82
C GLU F 156 -52.78 84.27 2.15
N PRO F 157 -53.98 83.68 2.23
CA PRO F 157 -54.96 83.60 1.15
C PRO F 157 -56.17 84.49 1.37
N VAL F 158 -57.06 84.52 0.38
CA VAL F 158 -58.34 85.20 0.53
C VAL F 158 -59.44 84.39 -0.14
N THR F 159 -60.20 83.63 0.65
CA THR F 159 -61.26 82.82 0.10
C THR F 159 -62.41 83.70 -0.37
N VAL F 160 -62.97 83.35 -1.53
CA VAL F 160 -64.09 84.09 -2.10
C VAL F 160 -65.26 83.14 -2.25
N SER F 161 -66.41 83.52 -1.71
CA SER F 161 -67.64 82.79 -1.86
C SER F 161 -68.70 83.71 -2.45
N TRP F 162 -69.78 83.11 -2.95
CA TRP F 162 -70.83 83.85 -3.62
C TRP F 162 -72.17 83.51 -2.98
N ASN F 163 -72.88 84.54 -2.53
CA ASN F 163 -74.15 84.37 -1.83
C ASN F 163 -73.99 83.43 -0.65
N SER F 164 -72.94 83.66 0.13
CA SER F 164 -72.63 82.85 1.32
C SER F 164 -72.52 81.37 0.97
N GLY F 165 -71.88 81.07 -0.14
CA GLY F 165 -71.66 79.69 -0.54
C GLY F 165 -72.89 78.96 -1.00
N ALA F 166 -73.92 79.68 -1.46
CA ALA F 166 -75.14 79.09 -1.97
C ALA F 166 -75.07 78.83 -3.46
N LEU F 167 -73.94 79.12 -4.10
CA LEU F 167 -73.82 78.94 -5.55
C LEU F 167 -72.40 78.52 -5.88
N THR F 168 -72.25 77.36 -6.50
CA THR F 168 -70.95 76.89 -6.97
C THR F 168 -70.92 76.57 -8.46
N SER F 169 -72.08 76.40 -9.10
CA SER F 169 -72.09 76.07 -10.52
C SER F 169 -71.62 77.25 -11.34
N GLY F 170 -70.69 77.01 -12.27
CA GLY F 170 -70.16 78.07 -13.10
C GLY F 170 -69.44 79.14 -12.33
N VAL F 171 -68.65 78.75 -11.33
CA VAL F 171 -67.91 79.68 -10.50
C VAL F 171 -66.43 79.39 -10.65
N HIS F 172 -65.65 80.44 -10.88
CA HIS F 172 -64.22 80.31 -11.09
C HIS F 172 -63.47 81.23 -10.14
N THR F 173 -62.25 80.84 -9.80
CA THR F 173 -61.39 81.64 -8.93
C THR F 173 -59.97 81.53 -9.44
N PHE F 174 -59.54 82.54 -10.19
CA PHE F 174 -58.22 82.51 -10.79
C PHE F 174 -57.14 82.63 -9.70
N PRO F 175 -55.99 81.99 -9.89
CA PRO F 175 -54.92 82.11 -8.90
C PRO F 175 -54.46 83.54 -8.74
N ALA F 176 -54.02 83.88 -7.53
CA ALA F 176 -53.50 85.20 -7.25
C ALA F 176 -52.23 85.46 -8.03
N VAL F 177 -52.03 86.71 -8.42
CA VAL F 177 -50.86 87.13 -9.18
C VAL F 177 -50.21 88.29 -8.44
N LEU F 178 -48.88 88.27 -8.36
CA LEU F 178 -48.13 89.29 -7.66
C LEU F 178 -47.78 90.43 -8.62
N GLN F 179 -48.31 91.62 -8.37
CA GLN F 179 -47.95 92.76 -9.19
C GLN F 179 -46.62 93.35 -8.76
N SER F 180 -46.09 94.25 -9.59
CA SER F 180 -44.77 94.81 -9.36
C SER F 180 -44.69 95.56 -8.03
N SER F 181 -45.81 96.12 -7.57
CA SER F 181 -45.79 96.84 -6.30
C SER F 181 -45.45 95.93 -5.13
N GLY F 182 -45.83 94.66 -5.21
CA GLY F 182 -45.58 93.74 -4.12
C GLY F 182 -46.87 93.31 -3.45
N LEU F 183 -47.95 93.27 -4.21
CA LEU F 183 -49.26 92.93 -3.69
C LEU F 183 -49.88 91.84 -4.56
N TYR F 184 -50.89 91.18 -4.01
CA TYR F 184 -51.60 90.12 -4.71
C TYR F 184 -52.97 90.61 -5.16
N SER F 185 -53.45 90.05 -6.27
CA SER F 185 -54.69 90.51 -6.85
C SER F 185 -55.30 89.38 -7.67
N LEU F 186 -56.35 88.76 -7.16
CA LEU F 186 -57.04 87.70 -7.87
C LEU F 186 -58.42 88.18 -8.31
N SER F 187 -59.08 87.36 -9.10
CA SER F 187 -60.41 87.64 -9.59
C SER F 187 -61.28 86.42 -9.40
N SER F 188 -62.59 86.65 -9.35
CA SER F 188 -63.54 85.54 -9.32
C SER F 188 -64.74 85.94 -10.14
N VAL F 189 -65.21 85.03 -10.99
CA VAL F 189 -66.32 85.29 -11.89
C VAL F 189 -67.30 84.14 -11.82
N VAL F 190 -68.54 84.41 -12.22
CA VAL F 190 -69.59 83.41 -12.26
C VAL F 190 -70.34 83.55 -13.57
N THR F 191 -70.67 82.43 -14.18
CA THR F 191 -71.47 82.43 -15.39
C THR F 191 -72.93 82.31 -15.02
N VAL F 192 -73.73 83.30 -15.41
CA VAL F 192 -75.13 83.40 -15.01
C VAL F 192 -75.98 83.47 -16.27
N PRO F 193 -77.06 82.69 -16.37
CA PRO F 193 -77.97 82.84 -17.51
C PRO F 193 -78.57 84.24 -17.53
N SER F 194 -78.78 84.76 -18.74
CA SER F 194 -79.30 86.11 -18.89
C SER F 194 -80.69 86.24 -18.30
N SER F 195 -81.50 85.18 -18.35
CA SER F 195 -82.83 85.23 -17.75
C SER F 195 -82.75 85.43 -16.24
N SER F 196 -81.80 84.76 -15.59
CA SER F 196 -81.63 84.94 -14.15
C SER F 196 -81.20 86.36 -13.81
N LEU F 197 -80.49 87.01 -14.73
CA LEU F 197 -80.01 88.36 -14.48
C LEU F 197 -81.17 89.34 -14.40
N GLY F 198 -81.06 90.29 -13.47
CA GLY F 198 -82.07 91.30 -13.28
C GLY F 198 -83.19 90.92 -12.34
N THR F 199 -83.21 89.68 -11.85
CA THR F 199 -84.27 89.23 -10.95
C THR F 199 -83.71 88.86 -9.58
N GLN F 200 -82.71 87.99 -9.50
CA GLN F 200 -82.16 87.53 -8.25
C GLN F 200 -80.78 88.17 -8.05
N THR F 201 -80.54 88.66 -6.85
CA THR F 201 -79.34 89.45 -6.56
C THR F 201 -78.18 88.55 -6.15
N TYR F 202 -77.00 88.85 -6.72
CA TYR F 202 -75.78 88.12 -6.46
C TYR F 202 -74.85 88.98 -5.62
N ILE F 203 -74.32 88.40 -4.55
CA ILE F 203 -73.45 89.12 -3.62
C ILE F 203 -72.22 88.26 -3.36
N CYS F 204 -71.04 88.83 -3.52
CA CYS F 204 -69.79 88.14 -3.24
C CYS F 204 -69.24 88.63 -1.91
N ASN F 205 -68.55 87.74 -1.19
CA ASN F 205 -67.98 88.05 0.11
C ASN F 205 -66.58 87.48 0.22
N VAL F 206 -65.62 88.34 0.54
CA VAL F 206 -64.24 87.92 0.68
C VAL F 206 -63.93 87.78 2.16
N ASN F 207 -62.90 86.98 2.46
CA ASN F 207 -62.55 86.66 3.84
C ASN F 207 -61.03 86.62 3.94
N HIS F 208 -60.42 87.77 4.24
CA HIS F 208 -58.97 87.84 4.38
C HIS F 208 -58.63 87.58 5.84
N LYS F 209 -58.12 86.38 6.12
CA LYS F 209 -57.89 85.98 7.50
C LYS F 209 -56.86 86.83 8.23
N PRO F 210 -55.67 87.12 7.67
CA PRO F 210 -54.66 87.85 8.46
C PRO F 210 -55.14 89.22 8.91
N SER F 211 -55.97 89.89 8.12
CA SER F 211 -56.54 91.17 8.52
C SER F 211 -58.02 91.07 8.88
N ASN F 212 -58.48 89.85 9.18
CA ASN F 212 -59.82 89.51 9.69
C ASN F 212 -60.89 90.46 9.16
N THR F 213 -61.00 90.55 7.84
CA THR F 213 -61.92 91.47 7.19
C THR F 213 -63.02 90.69 6.49
N LYS F 214 -64.24 91.21 6.53
CA LYS F 214 -65.41 90.49 6.02
C LYS F 214 -66.18 91.31 5.01
N VAL F 215 -65.51 91.91 4.03
CA VAL F 215 -66.19 92.70 3.02
C VAL F 215 -67.26 91.86 2.35
N ASP F 216 -68.41 92.48 2.07
CA ASP F 216 -69.55 91.82 1.43
C ASP F 216 -70.07 92.76 0.35
N LYS F 217 -69.52 92.62 -0.85
CA LYS F 217 -69.86 93.52 -1.95
C LYS F 217 -71.07 93.02 -2.70
N LYS F 218 -72.03 93.92 -2.95
CA LYS F 218 -73.24 93.61 -3.69
C LYS F 218 -73.07 94.09 -5.12
N VAL F 219 -72.84 93.16 -6.03
CA VAL F 219 -72.65 93.52 -7.43
C VAL F 219 -73.99 93.92 -8.03
N GLU F 220 -73.93 94.82 -9.02
CA GLU F 220 -75.10 95.37 -9.68
C GLU F 220 -74.88 95.39 -11.18
N PRO F 221 -75.95 95.49 -11.96
CA PRO F 221 -75.80 95.69 -13.41
C PRO F 221 -75.30 97.10 -13.72
N LYS F 222 -75.29 97.45 -15.00
CA LYS F 222 -74.67 98.69 -15.44
C LYS F 222 -75.51 99.92 -15.10
N SER F 223 -75.85 100.09 -13.83
CA SER F 223 -76.59 101.25 -13.35
C SER F 223 -77.88 101.46 -14.15
N CYS F 224 -78.58 100.35 -14.40
CA CYS F 224 -79.81 100.33 -15.19
C CYS F 224 -79.72 101.16 -16.46
N GLU G 1 -22.11 67.91 -11.68
CA GLU G 1 -23.54 68.16 -11.46
C GLU G 1 -24.36 67.64 -12.62
N ILE G 2 -24.91 66.43 -12.46
CA ILE G 2 -25.66 65.80 -13.54
C ILE G 2 -26.94 66.58 -13.79
N VAL G 3 -27.24 66.78 -15.07
CA VAL G 3 -28.43 67.51 -15.50
C VAL G 3 -29.38 66.52 -16.16
N LEU G 4 -30.60 66.44 -15.66
CA LEU G 4 -31.61 65.62 -16.28
C LEU G 4 -32.47 66.45 -17.21
N THR G 5 -33.26 65.77 -18.04
CA THR G 5 -34.12 66.46 -19.00
C THR G 5 -35.27 65.53 -19.35
N GLN G 6 -36.49 65.93 -19.02
CA GLN G 6 -37.65 65.15 -19.37
C GLN G 6 -38.23 65.61 -20.70
N SER G 7 -38.95 64.72 -21.37
CA SER G 7 -39.54 65.05 -22.64
C SER G 7 -40.71 64.10 -22.88
N PRO G 8 -41.86 64.60 -23.34
CA PRO G 8 -42.08 66.00 -23.68
C PRO G 8 -42.40 66.86 -22.47
N GLY G 9 -42.97 68.04 -22.71
CA GLY G 9 -43.28 68.94 -21.62
C GLY G 9 -44.73 68.88 -21.19
N THR G 10 -45.63 68.50 -22.09
CA THR G 10 -47.05 68.43 -21.78
C THR G 10 -47.58 67.01 -21.85
N LEU G 11 -47.46 66.33 -22.99
CA LEU G 11 -47.87 64.94 -23.14
C LEU G 11 -49.35 64.80 -22.76
N SER G 12 -50.19 65.36 -23.62
CA SER G 12 -51.64 65.34 -23.42
C SER G 12 -52.19 64.02 -23.93
N LEU G 13 -53.00 63.35 -23.10
CA LEU G 13 -53.60 62.08 -23.49
C LEU G 13 -55.05 61.99 -23.07
N SER G 14 -55.65 60.82 -23.25
CA SER G 14 -57.03 60.55 -22.91
C SER G 14 -57.09 59.46 -21.85
N PRO G 15 -58.19 59.37 -21.10
CA PRO G 15 -58.31 58.30 -20.08
C PRO G 15 -58.34 56.93 -20.76
N GLY G 16 -57.54 56.01 -20.23
CA GLY G 16 -57.51 54.64 -20.70
C GLY G 16 -56.35 54.31 -21.61
N GLU G 17 -55.56 55.28 -22.04
CA GLU G 17 -54.46 55.05 -22.95
C GLU G 17 -53.17 54.78 -22.15
N ARG G 18 -52.04 54.78 -22.85
CA ARG G 18 -50.75 54.47 -22.25
C ARG G 18 -49.83 55.68 -22.36
N ALA G 19 -49.17 56.01 -21.25
CA ALA G 19 -48.26 57.14 -21.20
C ALA G 19 -46.83 56.66 -21.43
N THR G 20 -45.96 57.60 -21.81
CA THR G 20 -44.57 57.29 -22.07
C THR G 20 -43.74 58.53 -21.78
N LEU G 21 -43.01 58.51 -20.67
CA LEU G 21 -42.18 59.62 -20.24
C LEU G 21 -40.71 59.22 -20.33
N SER G 22 -39.85 60.21 -20.49
CA SER G 22 -38.42 59.96 -20.60
C SER G 22 -37.66 60.92 -19.70
N CYS G 23 -36.53 60.45 -19.17
CA CYS G 23 -35.71 61.21 -18.24
C CYS G 23 -34.24 61.09 -18.64
N ARG G 24 -33.95 61.40 -19.90
CA ARG G 24 -32.61 61.33 -20.44
C ARG G 24 -31.63 62.14 -19.60
N ALA G 25 -30.60 61.47 -19.12
CA ALA G 25 -29.64 62.08 -18.20
C ALA G 25 -28.53 62.77 -18.97
N SER G 26 -27.49 63.18 -18.25
CA SER G 26 -26.30 63.78 -18.85
C SER G 26 -25.04 62.96 -18.66
N GLN G 27 -24.96 62.18 -17.59
CA GLN G 27 -23.83 61.31 -17.31
C GLN G 27 -24.33 59.87 -17.26
N SER G 28 -23.49 58.98 -16.75
CA SER G 28 -23.87 57.59 -16.54
C SER G 28 -24.35 57.43 -15.10
N VAL G 29 -25.62 57.11 -14.93
CA VAL G 29 -26.18 56.68 -13.65
C VAL G 29 -26.56 55.22 -13.80
N SER G 30 -26.09 54.38 -12.89
CA SER G 30 -26.19 52.95 -13.08
C SER G 30 -27.65 52.51 -13.15
N SER G 31 -28.34 52.57 -12.02
CA SER G 31 -29.77 52.27 -12.01
C SER G 31 -30.51 53.18 -11.05
N TYR G 32 -29.88 54.24 -10.56
CA TYR G 32 -30.42 55.06 -9.49
C TYR G 32 -31.26 56.17 -10.10
N LEU G 33 -32.57 56.02 -10.05
CA LEU G 33 -33.49 57.03 -10.55
C LEU G 33 -34.84 56.83 -9.89
N ALA G 34 -35.39 57.88 -9.32
CA ALA G 34 -36.69 57.81 -8.66
C ALA G 34 -37.69 58.69 -9.39
N TRP G 35 -38.94 58.23 -9.46
CA TRP G 35 -40.01 58.95 -10.14
C TRP G 35 -41.04 59.39 -9.12
N TYR G 36 -41.35 60.68 -9.11
CA TYR G 36 -42.29 61.27 -8.17
C TYR G 36 -43.53 61.76 -8.91
N GLN G 37 -44.66 61.74 -8.21
CA GLN G 37 -45.97 62.02 -8.80
C GLN G 37 -46.70 63.02 -7.90
N GLN G 38 -46.61 64.29 -8.25
CA GLN G 38 -47.17 65.37 -7.42
C GLN G 38 -48.48 65.84 -8.03
N LYS G 39 -49.57 65.70 -7.27
CA LYS G 39 -50.83 66.28 -7.68
C LYS G 39 -50.85 67.74 -7.26
N PRO G 40 -51.64 68.57 -7.95
CA PRO G 40 -51.63 70.01 -7.65
C PRO G 40 -52.00 70.30 -6.21
N GLY G 41 -51.22 71.18 -5.58
CA GLY G 41 -51.47 71.58 -4.21
C GLY G 41 -51.32 70.47 -3.18
N GLN G 42 -50.33 69.59 -3.35
CA GLN G 42 -50.06 68.54 -2.40
C GLN G 42 -48.56 68.33 -2.31
N ALA G 43 -48.15 67.24 -1.67
CA ALA G 43 -46.75 66.90 -1.54
C ALA G 43 -46.41 65.75 -2.47
N PRO G 44 -45.28 65.81 -3.16
CA PRO G 44 -44.90 64.74 -4.07
C PRO G 44 -44.77 63.42 -3.33
N ARG G 45 -45.09 62.33 -4.02
CA ARG G 45 -44.97 61.00 -3.44
C ARG G 45 -44.13 60.13 -4.37
N LEU G 46 -43.45 59.16 -3.77
CA LEU G 46 -42.55 58.29 -4.51
C LEU G 46 -43.32 57.18 -5.20
N LEU G 47 -42.93 56.89 -6.44
CA LEU G 47 -43.52 55.80 -7.21
C LEU G 47 -42.53 54.68 -7.48
N ILE G 48 -41.43 55.00 -8.17
CA ILE G 48 -40.51 54.01 -8.70
C ILE G 48 -39.13 54.37 -8.20
N TYR G 49 -38.46 53.44 -7.55
CA TYR G 49 -37.11 53.68 -7.07
C TYR G 49 -36.18 52.62 -7.64
N ASP G 50 -34.91 52.98 -7.76
CA ASP G 50 -33.90 52.17 -8.44
C ASP G 50 -34.30 51.85 -9.87
N ALA G 51 -35.18 52.67 -10.44
CA ALA G 51 -35.58 52.62 -11.85
C ALA G 51 -36.41 51.39 -12.19
N SER G 52 -36.55 50.47 -11.27
CA SER G 52 -37.43 49.35 -11.54
C SER G 52 -38.38 49.03 -10.40
N ASN G 53 -37.93 49.16 -9.16
CA ASN G 53 -38.73 48.74 -8.03
C ASN G 53 -39.91 49.67 -7.83
N ARG G 54 -41.03 49.11 -7.39
CA ARG G 54 -42.23 49.87 -7.13
C ARG G 54 -42.38 50.10 -5.64
N ALA G 55 -42.66 51.34 -5.25
CA ALA G 55 -42.82 51.65 -3.84
C ALA G 55 -44.08 50.98 -3.29
N THR G 56 -44.12 50.83 -1.97
CA THR G 56 -45.21 50.12 -1.34
C THR G 56 -46.54 50.86 -1.54
N GLY G 57 -47.60 50.09 -1.80
CA GLY G 57 -48.93 50.62 -1.96
C GLY G 57 -49.24 51.17 -3.34
N ILE G 58 -48.25 51.29 -4.20
CA ILE G 58 -48.48 51.83 -5.54
C ILE G 58 -49.14 50.76 -6.41
N PRO G 59 -50.19 51.11 -7.17
CA PRO G 59 -50.81 50.11 -8.03
C PRO G 59 -49.85 49.64 -9.12
N ALA G 60 -50.05 48.39 -9.54
CA ALA G 60 -49.09 47.72 -10.41
C ALA G 60 -49.02 48.29 -11.82
N ARG G 61 -49.97 49.15 -12.21
CA ARG G 61 -49.95 49.69 -13.55
C ARG G 61 -48.73 50.56 -13.83
N PHE G 62 -48.08 51.07 -12.78
CA PHE G 62 -46.87 51.88 -12.94
C PHE G 62 -45.69 50.95 -13.13
N ILE G 63 -45.05 51.03 -14.30
CA ILE G 63 -43.86 50.23 -14.59
C ILE G 63 -42.78 51.16 -15.12
N GLY G 64 -41.56 50.96 -14.66
CA GLY G 64 -40.43 51.73 -15.15
C GLY G 64 -39.37 50.82 -15.72
N SER G 65 -38.46 51.37 -16.52
CA SER G 65 -37.43 50.56 -17.15
C SER G 65 -36.26 51.48 -17.50
N GLY G 66 -35.37 50.97 -18.35
CA GLY G 66 -34.22 51.74 -18.77
C GLY G 66 -33.10 51.71 -17.76
N SER G 67 -31.90 51.99 -18.26
CA SER G 67 -30.71 52.03 -17.40
C SER G 67 -29.62 52.79 -18.15
N GLY G 68 -28.62 53.24 -17.39
CA GLY G 68 -27.51 53.94 -17.99
C GLY G 68 -27.73 55.42 -18.13
N THR G 69 -28.24 55.85 -19.28
CA THR G 69 -28.47 57.27 -19.51
C THR G 69 -29.76 57.49 -20.30
N ASP G 70 -30.74 56.59 -20.18
CA ASP G 70 -32.02 56.78 -20.84
C ASP G 70 -33.04 55.89 -20.13
N PHE G 71 -33.95 56.51 -19.39
CA PHE G 71 -34.95 55.78 -18.64
C PHE G 71 -36.34 56.08 -19.18
N THR G 72 -37.33 55.38 -18.65
CA THR G 72 -38.69 55.50 -19.16
C THR G 72 -39.66 55.00 -18.10
N LEU G 73 -40.58 55.87 -17.70
CA LEU G 73 -41.71 55.47 -16.87
C LEU G 73 -42.93 55.37 -17.74
N THR G 74 -43.62 54.23 -17.67
CA THR G 74 -44.75 53.95 -18.54
C THR G 74 -45.95 53.57 -17.70
N ILE G 75 -47.08 54.22 -17.94
CA ILE G 75 -48.34 53.90 -17.29
C ILE G 75 -49.19 53.12 -18.28
N SER G 76 -49.73 51.99 -17.84
CA SER G 76 -50.53 51.17 -18.74
C SER G 76 -51.95 51.71 -18.87
N SER G 77 -52.71 51.72 -17.78
CA SER G 77 -54.12 52.07 -17.82
C SER G 77 -54.32 53.39 -17.08
N LEU G 78 -54.52 54.46 -17.83
CA LEU G 78 -54.73 55.77 -17.24
C LEU G 78 -56.13 55.88 -16.68
N GLU G 79 -56.25 55.87 -15.37
CA GLU G 79 -57.49 56.16 -14.68
C GLU G 79 -57.51 57.63 -14.28
N PRO G 80 -58.64 58.16 -13.80
CA PRO G 80 -58.71 59.61 -13.55
C PRO G 80 -57.62 60.13 -12.61
N GLU G 81 -57.23 59.36 -11.60
CA GLU G 81 -56.25 59.86 -10.64
C GLU G 81 -54.82 59.50 -11.05
N ASP G 82 -54.48 59.77 -12.31
CA ASP G 82 -53.13 59.65 -12.81
C ASP G 82 -52.65 60.91 -13.53
N PHE G 83 -53.44 61.97 -13.53
CA PHE G 83 -53.06 63.21 -14.20
C PHE G 83 -52.41 64.14 -13.19
N ALA G 84 -51.11 64.35 -13.34
CA ALA G 84 -50.33 65.15 -12.42
C ALA G 84 -49.02 65.51 -13.09
N VAL G 85 -48.08 66.02 -12.31
CA VAL G 85 -46.73 66.31 -12.78
C VAL G 85 -45.81 65.22 -12.28
N TYR G 86 -44.98 64.68 -13.16
CA TYR G 86 -44.11 63.56 -12.84
C TYR G 86 -42.66 64.01 -12.87
N PHE G 87 -42.00 63.90 -11.72
CA PHE G 87 -40.60 64.28 -11.57
C PHE G 87 -39.71 63.05 -11.53
N CYS G 88 -38.49 63.20 -12.04
CA CYS G 88 -37.48 62.16 -11.97
C CYS G 88 -36.25 62.76 -11.31
N GLN G 89 -35.72 62.07 -10.30
CA GLN G 89 -34.56 62.52 -9.55
C GLN G 89 -33.45 61.49 -9.67
N GLN G 90 -32.23 61.94 -9.94
CA GLN G 90 -31.09 61.04 -10.06
C GLN G 90 -30.40 60.95 -8.71
N ARG G 91 -30.53 59.80 -8.06
CA ARG G 91 -29.89 59.61 -6.76
C ARG G 91 -28.57 58.88 -6.93
N SER G 92 -27.70 59.45 -7.76
CA SER G 92 -26.41 58.85 -8.07
C SER G 92 -25.30 59.42 -7.20
N ASN G 93 -25.08 60.73 -7.26
CA ASN G 93 -24.06 61.35 -6.44
C ASN G 93 -24.39 62.83 -6.25
N TRP G 94 -23.47 63.53 -5.61
CA TRP G 94 -23.76 64.85 -5.05
C TRP G 94 -23.79 65.89 -6.16
N PRO G 95 -24.83 66.74 -6.23
CA PRO G 95 -26.05 66.74 -5.44
C PRO G 95 -27.18 66.03 -6.17
N LEU G 96 -28.29 65.76 -5.48
CA LEU G 96 -29.35 64.93 -6.02
C LEU G 96 -30.34 65.83 -6.77
N THR G 97 -29.96 66.20 -7.99
CA THR G 97 -30.76 67.13 -8.77
C THR G 97 -32.05 66.47 -9.28
N PHE G 98 -33.03 67.31 -9.58
CA PHE G 98 -34.33 66.89 -10.04
C PHE G 98 -34.45 67.08 -11.54
N GLY G 99 -35.65 66.85 -12.08
CA GLY G 99 -35.95 67.08 -13.46
C GLY G 99 -37.01 68.16 -13.63
N GLY G 100 -37.39 68.38 -14.88
CA GLY G 100 -38.34 69.43 -15.20
C GLY G 100 -39.76 69.16 -14.75
N GLY G 101 -40.40 68.18 -15.36
CA GLY G 101 -41.78 67.87 -15.09
C GLY G 101 -42.50 67.55 -16.39
N THR G 102 -43.68 66.94 -16.26
CA THR G 102 -44.46 66.55 -17.42
C THR G 102 -45.93 66.56 -17.02
N LYS G 103 -46.61 67.68 -17.30
CA LYS G 103 -47.98 67.86 -16.84
C LYS G 103 -48.91 67.02 -17.70
N VAL G 104 -49.15 65.79 -17.26
CA VAL G 104 -50.01 64.87 -18.00
C VAL G 104 -51.46 65.30 -17.87
N GLU G 105 -51.97 66.01 -18.87
CA GLU G 105 -53.31 66.55 -18.83
C GLU G 105 -54.29 65.60 -19.52
N ILE G 106 -55.48 66.10 -19.83
CA ILE G 106 -56.56 65.32 -20.43
C ILE G 106 -56.82 65.83 -21.82
N LYS G 107 -57.05 64.92 -22.76
CA LYS G 107 -57.44 65.27 -24.11
C LYS G 107 -58.95 65.18 -24.27
N ARG G 108 -59.49 66.04 -25.12
CA ARG G 108 -60.91 66.08 -25.41
C ARG G 108 -61.10 66.73 -26.78
N THR G 109 -62.36 67.05 -27.11
CA THR G 109 -62.64 67.76 -28.34
C THR G 109 -62.41 69.26 -28.16
N VAL G 110 -61.99 69.91 -29.24
CA VAL G 110 -61.69 71.33 -29.18
C VAL G 110 -62.95 72.11 -28.85
N ALA G 111 -62.78 73.20 -28.11
CA ALA G 111 -63.88 74.07 -27.71
C ALA G 111 -63.56 75.51 -28.04
N ALA G 112 -64.61 76.34 -28.12
CA ALA G 112 -64.50 77.73 -28.50
C ALA G 112 -64.46 78.62 -27.26
N PRO G 113 -63.48 79.51 -27.15
CA PRO G 113 -63.38 80.37 -25.97
C PRO G 113 -64.39 81.51 -26.01
N SER G 114 -65.40 81.42 -25.14
CA SER G 114 -66.31 82.53 -24.94
C SER G 114 -65.54 83.70 -24.32
N VAL G 115 -65.80 84.91 -24.82
CA VAL G 115 -65.01 86.08 -24.48
C VAL G 115 -65.92 87.15 -23.89
N PHE G 116 -65.51 87.72 -22.77
CA PHE G 116 -66.20 88.85 -22.16
C PHE G 116 -65.17 89.89 -21.75
N ILE G 117 -65.61 91.15 -21.68
CA ILE G 117 -64.75 92.25 -21.28
C ILE G 117 -65.52 93.15 -20.32
N PHE G 118 -64.87 93.58 -19.25
CA PHE G 118 -65.48 94.43 -18.25
C PHE G 118 -64.74 95.74 -18.12
N PRO G 119 -65.41 96.88 -18.23
CA PRO G 119 -64.76 98.17 -18.02
C PRO G 119 -64.53 98.42 -16.55
N PRO G 120 -63.59 99.30 -16.19
CA PRO G 120 -63.39 99.62 -14.78
C PRO G 120 -64.62 100.31 -14.20
N SER G 121 -64.87 100.06 -12.93
CA SER G 121 -66.04 100.63 -12.28
C SER G 121 -65.74 102.03 -11.76
N ASP G 122 -66.80 102.82 -11.60
CA ASP G 122 -66.64 104.16 -11.05
C ASP G 122 -66.13 104.13 -9.61
N GLU G 123 -66.58 103.13 -8.83
CA GLU G 123 -66.07 102.98 -7.48
C GLU G 123 -64.56 102.74 -7.48
N GLN G 124 -64.09 101.90 -8.39
CA GLN G 124 -62.66 101.68 -8.54
C GLN G 124 -61.94 102.90 -9.11
N LEU G 125 -62.68 103.86 -9.65
CA LEU G 125 -62.09 105.05 -10.25
C LEU G 125 -61.84 106.16 -9.25
N LYS G 126 -62.18 105.96 -7.98
CA LYS G 126 -61.91 107.00 -6.98
C LYS G 126 -60.42 107.26 -6.85
N SER G 127 -59.61 106.21 -6.85
CA SER G 127 -58.16 106.38 -6.85
C SER G 127 -57.69 106.63 -8.29
N GLY G 128 -56.38 106.71 -8.47
CA GLY G 128 -55.82 107.07 -9.76
C GLY G 128 -55.46 105.87 -10.63
N THR G 129 -55.97 104.70 -10.28
CA THR G 129 -55.67 103.48 -11.03
C THR G 129 -56.96 102.86 -11.52
N ALA G 130 -56.95 102.37 -12.76
CA ALA G 130 -58.09 101.68 -13.34
C ALA G 130 -57.57 100.52 -14.17
N SER G 131 -58.25 99.38 -14.06
CA SER G 131 -57.82 98.16 -14.73
C SER G 131 -59.01 97.52 -15.43
N VAL G 132 -58.83 97.18 -16.69
CA VAL G 132 -59.84 96.47 -17.46
C VAL G 132 -59.52 94.99 -17.45
N VAL G 133 -60.51 94.17 -17.79
CA VAL G 133 -60.36 92.72 -17.72
C VAL G 133 -60.98 92.09 -18.96
N CYS G 134 -60.20 91.29 -19.67
CA CYS G 134 -60.69 90.37 -20.70
C CYS G 134 -60.70 88.97 -20.12
N LEU G 135 -61.79 88.24 -20.32
CA LEU G 135 -61.96 86.93 -19.75
C LEU G 135 -62.29 85.91 -20.82
N LEU G 136 -61.55 84.79 -20.82
CA LEU G 136 -61.80 83.67 -21.70
C LEU G 136 -62.29 82.51 -20.85
N ASN G 137 -63.44 81.94 -21.21
CA ASN G 137 -64.15 81.03 -20.33
C ASN G 137 -64.41 79.72 -21.05
N ASN G 138 -63.99 78.62 -20.44
CA ASN G 138 -64.33 77.26 -20.87
C ASN G 138 -63.88 77.01 -22.31
N PHE G 139 -62.57 77.00 -22.50
CA PHE G 139 -61.99 76.66 -23.79
C PHE G 139 -61.04 75.49 -23.62
N TYR G 140 -60.51 75.03 -24.76
CA TYR G 140 -59.56 73.94 -24.81
C TYR G 140 -58.85 74.01 -26.15
N PRO G 141 -57.53 73.78 -26.21
CA PRO G 141 -56.61 73.48 -25.11
C PRO G 141 -55.93 74.71 -24.51
N ARG G 142 -54.84 74.47 -23.77
CA ARG G 142 -54.15 75.54 -23.06
C ARG G 142 -53.74 76.69 -23.98
N GLU G 143 -53.30 76.38 -25.18
CA GLU G 143 -52.71 77.41 -26.04
C GLU G 143 -53.73 78.48 -26.39
N ALA G 144 -53.48 79.71 -25.96
CA ALA G 144 -54.33 80.84 -26.30
C ALA G 144 -53.56 82.12 -26.01
N LYS G 145 -53.68 83.09 -26.90
CA LYS G 145 -52.96 84.36 -26.80
C LYS G 145 -53.94 85.51 -26.80
N VAL G 146 -53.70 86.48 -25.93
CA VAL G 146 -54.55 87.66 -25.80
C VAL G 146 -53.69 88.90 -26.01
N GLN G 147 -54.16 89.81 -26.86
CA GLN G 147 -53.47 91.06 -27.12
C GLN G 147 -54.44 92.22 -26.97
N TRP G 148 -53.97 93.28 -26.31
CA TRP G 148 -54.75 94.49 -26.10
C TRP G 148 -54.46 95.48 -27.21
N LYS G 149 -55.49 96.19 -27.64
CA LYS G 149 -55.39 97.07 -28.81
C LYS G 149 -56.02 98.43 -28.49
N VAL G 150 -55.58 99.03 -27.37
CA VAL G 150 -56.10 100.33 -26.96
C VAL G 150 -55.88 101.35 -28.06
N ASP G 151 -56.96 101.98 -28.51
CA ASP G 151 -56.91 102.97 -29.59
C ASP G 151 -56.18 102.43 -30.81
N ASN G 152 -56.47 101.17 -31.14
CA ASN G 152 -55.91 100.50 -32.32
C ASN G 152 -54.38 100.50 -32.29
N ALA G 153 -53.82 100.41 -31.09
CA ALA G 153 -52.37 100.43 -30.89
C ALA G 153 -51.97 99.25 -30.01
N LEU G 154 -50.82 98.65 -30.34
CA LEU G 154 -50.34 97.51 -29.58
C LEU G 154 -49.97 97.94 -28.16
N GLN G 155 -50.48 97.21 -27.18
CA GLN G 155 -50.22 97.49 -25.77
C GLN G 155 -49.50 96.28 -25.17
N SER G 156 -48.25 96.47 -24.79
CA SER G 156 -47.43 95.38 -24.28
C SER G 156 -46.65 95.86 -23.06
N GLY G 157 -46.33 94.91 -22.18
CA GLY G 157 -45.55 95.20 -21.00
C GLY G 157 -46.35 95.61 -19.78
N ASN G 158 -47.68 95.69 -19.89
CA ASN G 158 -48.51 96.09 -18.75
C ASN G 158 -49.74 95.20 -18.64
N SER G 159 -49.59 93.91 -18.92
CA SER G 159 -50.68 92.94 -18.84
C SER G 159 -50.21 91.72 -18.09
N GLN G 160 -51.15 91.07 -17.40
CA GLN G 160 -50.84 89.87 -16.62
C GLN G 160 -51.93 88.84 -16.79
N GLU G 161 -51.55 87.63 -17.18
CA GLU G 161 -52.50 86.54 -17.41
C GLU G 161 -52.57 85.64 -16.18
N SER G 162 -53.67 84.89 -16.11
CA SER G 162 -53.94 84.04 -14.96
C SER G 162 -54.84 82.91 -15.41
N VAL G 163 -54.33 81.69 -15.43
CA VAL G 163 -55.05 80.53 -15.97
C VAL G 163 -55.43 79.61 -14.82
N THR G 164 -56.65 79.11 -14.85
CA THR G 164 -57.09 78.16 -13.85
C THR G 164 -56.52 76.78 -14.18
N GLU G 165 -57.03 75.76 -13.51
CA GLU G 165 -56.61 74.39 -13.76
C GLU G 165 -57.64 73.65 -14.61
N GLN G 166 -57.27 72.45 -15.00
CA GLN G 166 -58.18 71.54 -15.70
C GLN G 166 -59.45 71.37 -14.90
N ASP G 167 -60.59 71.81 -15.43
CA ASP G 167 -61.85 71.65 -14.72
C ASP G 167 -62.26 70.19 -14.73
N SER G 168 -62.47 69.62 -13.55
CA SER G 168 -62.81 68.19 -13.48
C SER G 168 -64.31 67.98 -13.56
N LYS G 169 -64.95 68.65 -14.52
CA LYS G 169 -66.32 68.33 -14.90
C LYS G 169 -66.41 68.20 -16.41
N ASP G 170 -65.68 69.05 -17.12
CA ASP G 170 -65.66 69.03 -18.57
C ASP G 170 -64.27 69.22 -19.17
N SER G 171 -63.23 69.33 -18.35
CA SER G 171 -61.85 69.40 -18.82
C SER G 171 -61.63 70.60 -19.75
N THR G 172 -62.09 71.77 -19.32
CA THR G 172 -61.83 73.01 -20.03
C THR G 172 -61.17 74.01 -19.11
N TYR G 173 -60.39 74.90 -19.71
CA TYR G 173 -59.56 75.84 -18.97
C TYR G 173 -60.32 77.15 -18.78
N SER G 174 -59.62 78.18 -18.34
CA SER G 174 -60.19 79.52 -18.22
C SER G 174 -59.06 80.50 -17.99
N LEU G 175 -59.07 81.59 -18.74
CA LEU G 175 -57.98 82.55 -18.71
C LEU G 175 -58.53 83.94 -18.45
N SER G 176 -57.73 84.78 -17.79
CA SER G 176 -58.13 86.15 -17.50
C SER G 176 -56.88 87.02 -17.47
N SER G 177 -56.89 88.09 -18.26
CA SER G 177 -55.78 89.02 -18.33
C SER G 177 -56.28 90.41 -18.00
N THR G 178 -55.49 91.15 -17.22
CA THR G 178 -55.86 92.49 -16.79
C THR G 178 -54.91 93.50 -17.38
N LEU G 179 -55.41 94.71 -17.59
CA LEU G 179 -54.64 95.82 -18.13
C LEU G 179 -54.66 96.94 -17.10
N THR G 180 -53.70 96.91 -16.18
CA THR G 180 -53.62 97.92 -15.14
C THR G 180 -52.91 99.16 -15.67
N LEU G 181 -53.52 100.32 -15.46
CA LEU G 181 -52.95 101.57 -15.93
C LEU G 181 -53.56 102.73 -15.15
N SER G 182 -52.87 103.86 -15.18
CA SER G 182 -53.23 105.00 -14.35
C SER G 182 -54.51 105.66 -14.85
N LYS G 183 -55.16 106.41 -13.96
CA LYS G 183 -56.40 107.08 -14.30
C LYS G 183 -56.19 108.10 -15.42
N ALA G 184 -55.10 108.85 -15.36
CA ALA G 184 -54.82 109.82 -16.41
C ALA G 184 -54.66 109.13 -17.75
N ASP G 185 -53.97 107.99 -17.78
CA ASP G 185 -53.86 107.22 -19.01
C ASP G 185 -55.21 106.71 -19.48
N TYR G 186 -56.07 106.32 -18.54
CA TYR G 186 -57.42 105.92 -18.88
C TYR G 186 -58.25 107.09 -19.39
N GLU G 187 -57.79 108.32 -19.18
CA GLU G 187 -58.48 109.50 -19.68
C GLU G 187 -57.83 110.09 -20.93
N LYS G 188 -56.86 109.38 -21.52
CA LYS G 188 -56.09 109.89 -22.64
C LYS G 188 -56.22 109.00 -23.86
N HIS G 189 -57.35 108.31 -24.02
CA HIS G 189 -57.60 107.48 -25.18
C HIS G 189 -59.09 107.54 -25.49
N LYS G 190 -59.55 106.68 -26.40
CA LYS G 190 -60.97 106.61 -26.69
C LYS G 190 -61.55 105.20 -26.57
N VAL G 191 -60.91 104.21 -27.16
CA VAL G 191 -61.51 102.89 -27.29
C VAL G 191 -60.55 101.83 -26.76
N TYR G 192 -61.11 100.73 -26.27
CA TYR G 192 -60.36 99.61 -25.75
C TYR G 192 -60.86 98.32 -26.38
N ALA G 193 -59.93 97.39 -26.63
CA ALA G 193 -60.30 96.14 -27.26
C ALA G 193 -59.27 95.07 -26.90
N CYS G 194 -59.75 93.86 -26.66
CA CYS G 194 -58.91 92.70 -26.39
C CYS G 194 -59.13 91.66 -27.47
N GLU G 195 -58.04 91.16 -28.03
CA GLU G 195 -58.07 90.23 -29.15
C GLU G 195 -57.66 88.84 -28.70
N VAL G 196 -58.41 87.84 -29.12
CA VAL G 196 -58.17 86.45 -28.74
C VAL G 196 -57.93 85.62 -29.98
N THR G 197 -56.91 84.77 -29.94
CA THR G 197 -56.59 83.87 -31.03
C THR G 197 -56.55 82.45 -30.51
N HIS G 198 -57.24 81.54 -31.20
CA HIS G 198 -57.32 80.16 -30.76
C HIS G 198 -57.47 79.26 -31.97
N GLN G 199 -56.94 78.04 -31.85
CA GLN G 199 -57.11 77.07 -32.92
C GLN G 199 -58.55 76.58 -33.02
N GLY G 200 -59.33 76.73 -31.97
CA GLY G 200 -60.75 76.46 -32.02
C GLY G 200 -61.59 77.58 -32.58
N LEU G 201 -60.97 78.72 -32.87
CA LEU G 201 -61.66 79.86 -33.47
C LEU G 201 -61.20 80.00 -34.92
N SER G 202 -62.17 80.09 -35.83
CA SER G 202 -61.85 80.29 -37.24
C SER G 202 -61.30 81.70 -37.48
N SER G 203 -61.74 82.67 -36.70
CA SER G 203 -61.32 84.06 -36.83
C SER G 203 -60.89 84.61 -35.48
N PRO G 204 -60.02 85.62 -35.47
CA PRO G 204 -59.63 86.24 -34.20
C PRO G 204 -60.72 87.12 -33.62
N VAL G 205 -61.62 86.51 -32.85
CA VAL G 205 -62.69 87.26 -32.20
C VAL G 205 -62.11 88.39 -31.37
N THR G 206 -62.78 89.54 -31.41
CA THR G 206 -62.33 90.71 -30.66
C THR G 206 -63.54 91.41 -30.05
N LYS G 207 -63.48 91.63 -28.74
CA LYS G 207 -64.48 92.41 -28.03
C LYS G 207 -63.91 93.79 -27.73
N SER G 208 -64.80 94.77 -27.63
CA SER G 208 -64.38 96.15 -27.43
C SER G 208 -65.49 96.92 -26.74
N PHE G 209 -65.13 98.09 -26.21
CA PHE G 209 -66.10 98.96 -25.57
C PHE G 209 -65.59 100.39 -25.62
N ASN G 210 -66.51 101.33 -25.44
CA ASN G 210 -66.18 102.75 -25.44
C ASN G 210 -66.42 103.35 -24.07
N ARG G 211 -65.49 104.18 -23.62
CA ARG G 211 -65.57 104.77 -22.30
C ARG G 211 -66.78 105.69 -22.19
N GLY G 212 -67.28 105.84 -20.97
CA GLY G 212 -68.36 106.76 -20.71
C GLY G 212 -69.71 106.25 -21.17
N GLU G 213 -69.91 106.20 -22.49
CA GLU G 213 -71.16 105.70 -23.04
C GLU G 213 -71.24 104.20 -22.83
N CYS G 214 -72.20 103.77 -22.02
CA CYS G 214 -72.39 102.36 -21.71
C CYS G 214 -73.76 102.13 -21.07
N GLU H 1 13.42 37.96 -25.62
CA GLU H 1 12.62 38.60 -26.65
C GLU H 1 13.45 38.88 -27.89
N VAL H 2 13.56 37.89 -28.76
CA VAL H 2 14.37 37.97 -29.96
C VAL H 2 13.46 37.95 -31.17
N GLN H 3 13.60 38.97 -32.02
CA GLN H 3 12.83 39.06 -33.25
C GLN H 3 13.61 38.41 -34.39
N LEU H 4 12.94 38.29 -35.54
CA LEU H 4 13.56 37.71 -36.72
C LEU H 4 13.22 38.57 -37.92
N VAL H 5 14.19 38.73 -38.82
CA VAL H 5 14.00 39.50 -40.04
C VAL H 5 14.45 38.66 -41.23
N GLN H 6 13.71 38.75 -42.32
CA GLN H 6 14.00 38.00 -43.54
C GLN H 6 14.43 38.96 -44.65
N SER H 7 14.68 38.41 -45.81
CA SER H 7 15.03 39.19 -46.99
C SER H 7 13.76 39.57 -47.75
N GLY H 8 13.90 40.56 -48.62
CA GLY H 8 12.78 41.06 -49.36
C GLY H 8 12.32 40.11 -50.44
N ALA H 9 11.15 40.42 -51.00
CA ALA H 9 10.59 39.60 -52.07
C ALA H 9 11.38 39.78 -53.35
N GLU H 10 11.44 38.71 -54.14
CA GLU H 10 12.17 38.73 -55.40
C GLU H 10 11.45 37.75 -56.31
N VAL H 11 11.75 37.78 -57.60
CA VAL H 11 11.04 36.96 -58.58
C VAL H 11 12.03 36.29 -59.52
N LYS H 12 11.91 34.97 -59.70
CA LYS H 12 12.72 34.26 -60.69
C LYS H 12 11.86 33.42 -61.61
N LYS H 13 12.50 32.79 -62.59
CA LYS H 13 11.79 31.95 -63.56
C LYS H 13 11.65 30.52 -63.08
N PRO H 14 10.66 29.79 -63.62
CA PRO H 14 10.45 28.40 -63.19
C PRO H 14 11.67 27.54 -63.48
N GLY H 15 11.93 26.60 -62.58
CA GLY H 15 13.07 25.71 -62.69
C GLY H 15 14.35 26.24 -62.07
N SER H 16 14.35 27.47 -61.57
CA SER H 16 15.54 28.06 -61.00
C SER H 16 15.72 27.60 -59.55
N SER H 17 16.62 28.27 -58.83
CA SER H 17 16.87 27.97 -57.43
C SER H 17 16.94 29.27 -56.64
N VAL H 18 16.63 29.20 -55.35
CA VAL H 18 16.61 30.37 -54.49
C VAL H 18 17.01 29.97 -53.07
N LYS H 19 17.67 30.89 -52.39
CA LYS H 19 17.98 30.75 -50.97
C LYS H 19 17.47 32.01 -50.26
N VAL H 20 16.61 31.82 -49.28
CA VAL H 20 16.08 32.92 -48.48
C VAL H 20 16.65 32.81 -47.08
N SER H 21 17.08 33.95 -46.53
CA SER H 21 17.73 33.99 -45.23
C SER H 21 16.80 34.58 -44.19
N CYS H 22 16.83 34.01 -42.99
CA CYS H 22 16.09 34.52 -41.84
C CYS H 22 17.11 35.04 -40.83
N LYS H 23 17.48 36.30 -40.98
CA LYS H 23 18.43 36.90 -40.05
C LYS H 23 17.80 37.11 -38.69
N ALA H 24 18.53 36.74 -37.64
CA ALA H 24 18.05 36.93 -36.28
C ALA H 24 18.25 38.38 -35.86
N SER H 25 17.25 38.92 -35.16
CA SER H 25 17.31 40.29 -34.66
C SER H 25 17.92 40.24 -33.26
N GLY H 26 19.24 40.33 -33.20
CA GLY H 26 19.96 40.26 -31.95
C GLY H 26 21.43 39.97 -32.16
N GLY H 27 21.95 39.00 -31.41
CA GLY H 27 23.34 38.60 -31.56
C GLY H 27 23.49 37.43 -32.49
N THR H 28 23.78 36.25 -31.95
CA THR H 28 23.92 35.04 -32.73
C THR H 28 22.85 34.04 -32.31
N PHE H 29 22.96 32.82 -32.84
CA PHE H 29 21.96 31.81 -32.55
C PHE H 29 22.13 31.28 -31.14
N SER H 30 21.11 30.55 -30.69
CA SER H 30 21.12 29.83 -29.42
C SER H 30 20.24 28.61 -29.62
N ASN H 31 19.73 28.05 -28.51
CA ASN H 31 18.88 26.87 -28.58
C ASN H 31 17.50 27.31 -29.10
N TYR H 32 17.39 27.37 -30.42
CA TYR H 32 16.18 27.86 -31.09
C TYR H 32 15.44 26.78 -31.83
N GLY H 33 16.07 26.15 -32.83
CA GLY H 33 15.33 25.22 -33.67
C GLY H 33 14.39 25.92 -34.62
N ILE H 34 14.95 26.58 -35.64
CA ILE H 34 14.12 27.31 -36.61
C ILE H 34 13.38 26.33 -37.50
N SER H 35 12.13 26.65 -37.80
CA SER H 35 11.32 25.89 -38.75
C SER H 35 10.68 26.86 -39.74
N TRP H 36 10.42 26.37 -40.95
CA TRP H 36 9.87 27.18 -42.02
C TRP H 36 8.48 26.68 -42.39
N VAL H 37 7.58 27.60 -42.68
CA VAL H 37 6.23 27.27 -43.15
C VAL H 37 5.90 28.17 -44.33
N ARG H 38 4.88 27.77 -45.07
CA ARG H 38 4.45 28.51 -46.24
C ARG H 38 2.92 28.54 -46.30
N GLN H 39 2.39 29.55 -46.97
CA GLN H 39 0.95 29.69 -47.13
C GLN H 39 0.66 30.23 -48.52
N ALA H 40 0.04 29.40 -49.36
CA ALA H 40 -0.37 29.86 -50.66
C ALA H 40 -1.49 30.89 -50.52
N PRO H 41 -1.53 31.90 -51.38
CA PRO H 41 -2.50 32.99 -51.21
C PRO H 41 -3.93 32.48 -51.29
N GLY H 42 -4.67 32.66 -50.21
CA GLY H 42 -6.05 32.23 -50.14
C GLY H 42 -6.25 30.84 -49.59
N GLN H 43 -5.21 30.16 -49.13
CA GLN H 43 -5.31 28.82 -48.57
C GLN H 43 -4.67 28.79 -47.19
N GLY H 44 -4.68 27.61 -46.58
CA GLY H 44 -4.12 27.44 -45.26
C GLY H 44 -2.61 27.29 -45.31
N LEU H 45 -2.05 27.06 -44.13
CA LEU H 45 -0.62 26.88 -43.97
C LEU H 45 -0.24 25.42 -44.16
N GLU H 46 1.05 25.19 -44.37
CA GLU H 46 1.58 23.83 -44.39
C GLU H 46 3.02 23.85 -43.91
N TRP H 47 3.37 22.86 -43.10
CA TRP H 47 4.69 22.81 -42.48
C TRP H 47 5.73 22.38 -43.51
N MET H 48 6.79 23.17 -43.65
CA MET H 48 7.77 22.93 -44.71
C MET H 48 8.98 22.15 -44.23
N GLY H 49 9.67 22.66 -43.22
CA GLY H 49 10.87 22.01 -42.76
C GLY H 49 11.28 22.48 -41.39
N ARG H 50 12.53 22.18 -41.03
CA ARG H 50 13.06 22.57 -39.74
C ARG H 50 14.57 22.44 -39.73
N ILE H 51 15.22 23.32 -38.94
CA ILE H 51 16.65 23.27 -38.73
C ILE H 51 16.94 23.41 -37.24
N LEU H 52 18.06 22.84 -36.81
CA LEU H 52 18.57 23.03 -35.46
C LEU H 52 19.91 23.76 -35.56
N PRO H 53 19.96 25.06 -35.30
CA PRO H 53 21.21 25.81 -35.52
C PRO H 53 22.35 25.34 -34.64
N THR H 54 22.13 25.26 -33.32
CA THR H 54 23.23 24.98 -32.40
C THR H 54 23.81 23.60 -32.65
N PHE H 55 22.96 22.60 -32.85
CA PHE H 55 23.43 21.23 -33.03
C PHE H 55 23.57 20.82 -34.49
N GLY H 56 23.26 21.73 -35.43
CA GLY H 56 23.44 21.45 -36.83
C GLY H 56 22.67 20.25 -37.35
N THR H 57 21.35 20.33 -37.32
CA THR H 57 20.50 19.24 -37.77
C THR H 57 19.30 19.82 -38.51
N ALA H 58 18.98 19.26 -39.67
CA ALA H 58 17.91 19.81 -40.49
C ALA H 58 17.40 18.75 -41.46
N ASN H 59 16.09 18.72 -41.65
CA ASN H 59 15.46 17.92 -42.70
C ASN H 59 14.06 18.47 -42.95
N SER H 60 13.49 18.09 -44.07
CA SER H 60 12.17 18.54 -44.48
C SER H 60 11.19 17.39 -44.48
N ALA H 61 9.96 17.67 -44.89
CA ALA H 61 8.93 16.66 -44.96
C ALA H 61 9.17 15.76 -46.16
N GLN H 62 8.37 14.69 -46.26
CA GLN H 62 8.52 13.75 -47.37
C GLN H 62 8.21 14.41 -48.70
N LYS H 63 7.28 15.36 -48.72
CA LYS H 63 6.89 15.99 -49.97
C LYS H 63 8.03 16.78 -50.60
N PHE H 64 8.87 17.40 -49.79
CA PHE H 64 9.92 18.28 -50.30
C PHE H 64 11.28 17.60 -50.33
N GLN H 65 11.32 16.28 -50.14
CA GLN H 65 12.59 15.58 -50.14
C GLN H 65 13.28 15.71 -51.49
N GLY H 66 14.57 16.01 -51.47
CA GLY H 66 15.30 16.24 -52.70
C GLY H 66 14.95 17.52 -53.41
N ARG H 67 14.34 18.48 -52.70
CA ARG H 67 13.95 19.75 -53.30
C ARG H 67 14.41 20.96 -52.51
N VAL H 68 14.72 20.82 -51.22
CA VAL H 68 15.09 21.94 -50.37
C VAL H 68 16.44 21.66 -49.74
N THR H 69 17.07 22.72 -49.23
CA THR H 69 18.34 22.60 -48.53
C THR H 69 18.43 23.74 -47.54
N ILE H 70 18.47 23.41 -46.25
CA ILE H 70 18.43 24.39 -45.18
C ILE H 70 19.78 24.41 -44.49
N THR H 71 20.39 25.59 -44.40
CA THR H 71 21.69 25.74 -43.76
C THR H 71 21.63 26.78 -42.67
N ALA H 72 22.73 26.96 -41.95
CA ALA H 72 22.80 27.93 -40.86
C ALA H 72 24.23 28.33 -40.55
N ASP H 73 24.41 29.60 -40.19
CA ASP H 73 25.74 30.11 -39.86
C ASP H 73 25.71 30.82 -38.50
N GLU H 74 26.22 30.14 -37.47
CA GLU H 74 26.24 30.69 -36.12
C GLU H 74 27.04 31.98 -36.04
N SER H 75 28.16 32.03 -36.76
CA SER H 75 29.02 33.21 -36.76
C SER H 75 28.25 34.48 -37.10
N THR H 76 27.45 34.42 -38.15
CA THR H 76 26.66 35.57 -38.56
C THR H 76 25.24 35.50 -38.01
N GLY H 77 24.91 34.39 -37.36
CA GLY H 77 23.60 34.20 -36.79
C GLY H 77 22.51 34.25 -37.84
N THR H 78 22.76 33.64 -38.99
CA THR H 78 21.79 33.62 -40.08
C THR H 78 21.60 32.22 -40.64
N ALA H 79 20.35 31.90 -40.99
CA ALA H 79 20.02 30.60 -41.53
C ALA H 79 19.29 30.74 -42.86
N TYR H 80 19.62 29.88 -43.81
CA TYR H 80 18.98 29.92 -45.13
C TYR H 80 18.20 28.65 -45.43
N MET H 81 17.26 28.76 -46.37
CA MET H 81 16.43 27.64 -46.78
C MET H 81 16.38 27.64 -48.31
N GLU H 82 17.41 27.08 -48.92
CA GLU H 82 17.49 27.05 -50.38
C GLU H 82 16.54 26.02 -50.98
N LEU H 83 15.82 26.45 -52.01
CA LEU H 83 14.82 25.62 -52.68
C LEU H 83 15.14 25.60 -54.17
N ARG H 84 15.26 24.41 -54.73
CA ARG H 84 15.62 24.22 -56.13
C ARG H 84 14.43 23.65 -56.89
N SER H 85 14.54 23.68 -58.21
CA SER H 85 13.53 23.15 -59.12
C SER H 85 12.16 23.76 -58.83
N LEU H 86 12.11 25.09 -58.83
CA LEU H 86 10.89 25.80 -58.50
C LEU H 86 9.80 25.49 -59.53
N ARG H 87 8.61 25.19 -59.03
CA ARG H 87 7.46 24.88 -59.86
C ARG H 87 6.57 26.12 -59.97
N SER H 88 5.55 26.04 -60.83
CA SER H 88 4.63 27.15 -61.00
C SER H 88 3.76 27.39 -59.78
N GLU H 89 3.47 26.36 -58.98
CA GLU H 89 2.59 26.49 -57.83
C GLU H 89 3.33 26.81 -56.54
N ASP H 90 4.66 26.82 -56.56
CA ASP H 90 5.42 27.11 -55.35
C ASP H 90 5.41 28.57 -54.97
N THR H 91 4.71 29.42 -55.72
CA THR H 91 4.57 30.81 -55.33
C THR H 91 3.76 30.92 -54.04
N ALA H 92 4.31 31.60 -53.05
CA ALA H 92 3.67 31.71 -51.73
C ALA H 92 4.48 32.71 -50.91
N VAL H 93 4.09 32.84 -49.65
CA VAL H 93 4.82 33.65 -48.67
C VAL H 93 5.47 32.70 -47.69
N TYR H 94 6.80 32.73 -47.61
CA TYR H 94 7.55 31.77 -46.83
C TYR H 94 7.94 32.39 -45.50
N TYR H 95 7.65 31.68 -44.41
CA TYR H 95 7.90 32.16 -43.06
C TYR H 95 8.99 31.32 -42.40
N CYS H 96 9.57 31.89 -41.35
CA CYS H 96 10.47 31.18 -40.46
C CYS H 96 10.16 31.59 -39.03
N ALA H 97 10.13 30.60 -38.14
CA ALA H 97 9.77 30.87 -36.75
C ALA H 97 10.47 29.86 -35.85
N LYS H 98 10.89 30.31 -34.68
CA LYS H 98 11.57 29.45 -33.73
C LYS H 98 10.56 28.71 -32.87
N GLU H 99 10.89 27.47 -32.49
CA GLU H 99 9.95 26.63 -31.76
C GLU H 99 10.60 25.87 -30.61
N GLY H 100 11.73 26.34 -30.10
CA GLY H 100 12.36 25.67 -28.98
C GLY H 100 13.06 24.38 -29.36
N LEU H 101 14.20 24.12 -28.73
CA LEU H 101 15.03 22.98 -29.13
C LEU H 101 14.34 21.71 -28.73
N ALA H 102 13.44 21.23 -29.59
CA ALA H 102 12.61 20.10 -29.26
C ALA H 102 11.99 19.60 -30.55
N PHE H 103 10.99 18.75 -30.40
CA PHE H 103 10.19 18.30 -31.52
C PHE H 103 8.70 18.40 -31.26
N LEU H 104 8.27 18.14 -30.03
CA LEU H 104 6.88 18.10 -29.66
C LEU H 104 6.66 18.91 -28.39
N GLY H 105 5.52 19.58 -28.32
CA GLY H 105 5.26 20.44 -27.18
C GLY H 105 4.98 21.89 -27.51
N TYR H 106 5.95 22.75 -27.20
CA TYR H 106 5.72 24.19 -27.13
C TYR H 106 5.04 24.73 -28.39
N GLY H 107 5.73 24.68 -29.51
CA GLY H 107 5.17 25.28 -30.72
C GLY H 107 5.71 26.67 -30.99
N MET H 108 5.78 27.01 -32.28
CA MET H 108 6.45 28.22 -32.70
C MET H 108 5.71 29.45 -32.18
N ASP H 109 6.48 30.44 -31.71
CA ASP H 109 5.88 31.60 -31.05
C ASP H 109 6.38 32.92 -31.60
N VAL H 110 7.63 32.96 -32.06
CA VAL H 110 8.23 34.17 -32.61
C VAL H 110 8.46 33.93 -34.10
N TRP H 111 7.79 34.72 -34.93
CA TRP H 111 7.82 34.55 -36.37
C TRP H 111 8.64 35.64 -37.02
N GLY H 112 9.00 35.41 -38.28
CA GLY H 112 9.72 36.39 -39.05
C GLY H 112 8.79 37.48 -39.56
N GLN H 113 8.89 37.78 -40.84
CA GLN H 113 8.03 38.79 -41.45
C GLN H 113 7.46 38.38 -42.79
N GLY H 114 7.90 37.27 -43.37
CA GLY H 114 7.39 36.85 -44.65
C GLY H 114 8.25 37.32 -45.80
N THR H 115 8.45 36.42 -46.76
CA THR H 115 9.26 36.68 -47.95
C THR H 115 8.47 36.18 -49.15
N THR H 116 7.75 37.08 -49.82
CA THR H 116 6.97 36.71 -50.99
C THR H 116 7.89 36.17 -52.07
N VAL H 117 7.52 35.03 -52.65
CA VAL H 117 8.34 34.42 -53.69
C VAL H 117 7.51 34.01 -54.90
N THR H 118 7.21 34.97 -55.75
CA THR H 118 6.41 34.71 -56.94
C THR H 118 7.25 34.08 -58.06
N VAL H 119 6.88 32.86 -58.43
CA VAL H 119 7.60 32.15 -59.49
C VAL H 119 6.76 32.09 -60.76
N SER H 120 7.24 32.73 -61.82
CA SER H 120 6.54 32.74 -63.10
C SER H 120 7.50 32.74 -64.27
N SER H 121 7.05 33.29 -65.40
CA SER H 121 7.87 33.36 -66.60
C SER H 121 7.50 34.57 -67.45
N ALA H 122 7.67 35.76 -66.86
CA ALA H 122 7.38 37.00 -67.57
C ALA H 122 8.12 38.18 -66.93
N SER H 123 8.72 39.02 -67.76
CA SER H 123 9.46 40.17 -67.28
C SER H 123 8.52 41.31 -66.87
N THR H 124 9.06 42.29 -66.18
CA THR H 124 8.28 43.44 -65.73
C THR H 124 7.55 44.09 -66.90
N LYS H 125 6.28 44.39 -66.72
CA LYS H 125 5.48 45.01 -67.75
C LYS H 125 4.63 46.15 -67.20
N GLY H 126 4.66 47.29 -67.89
CA GLY H 126 3.89 48.44 -67.47
C GLY H 126 2.40 48.16 -67.40
N PRO H 127 1.73 48.72 -66.39
CA PRO H 127 0.28 48.53 -66.19
C PRO H 127 -0.55 49.48 -67.06
N SER H 128 -1.39 48.92 -67.92
CA SER H 128 -2.24 49.73 -68.79
C SER H 128 -3.47 50.22 -68.04
N VAL H 129 -3.49 51.50 -67.69
CA VAL H 129 -4.60 52.09 -66.96
C VAL H 129 -5.73 52.40 -67.93
N PHE H 130 -6.94 51.99 -67.58
CA PHE H 130 -8.11 52.22 -68.41
C PHE H 130 -9.21 52.80 -67.53
N PRO H 131 -9.66 54.01 -67.92
CA PRO H 131 -10.80 54.71 -67.32
C PRO H 131 -12.05 53.84 -67.34
N LEU H 132 -13.06 54.30 -66.62
CA LEU H 132 -14.38 53.66 -66.63
C LEU H 132 -15.43 54.73 -66.38
N ALA H 133 -16.18 55.08 -67.41
CA ALA H 133 -17.22 56.09 -67.27
C ALA H 133 -18.39 55.52 -66.47
N PRO H 134 -19.05 56.34 -65.65
CA PRO H 134 -20.23 55.87 -64.93
C PRO H 134 -21.42 55.68 -65.85
N SER H 135 -21.47 54.54 -66.53
CA SER H 135 -22.52 54.29 -67.51
C SER H 135 -23.87 54.12 -66.83
N SER H 136 -24.92 54.34 -67.62
CA SER H 136 -26.32 54.19 -67.17
C SER H 136 -26.59 55.11 -65.98
N LYS H 137 -26.54 56.42 -66.23
CA LYS H 137 -26.72 57.41 -65.18
C LYS H 137 -28.20 57.56 -64.81
N SER H 138 -28.79 56.42 -64.45
CA SER H 138 -30.19 56.37 -64.05
C SER H 138 -30.43 55.40 -62.90
N THR H 139 -29.39 55.07 -62.13
CA THR H 139 -29.52 54.05 -61.08
C THR H 139 -30.49 54.48 -60.00
N SER H 140 -30.13 55.50 -59.22
CA SER H 140 -31.03 56.04 -58.22
C SER H 140 -30.97 57.55 -58.09
N GLY H 141 -30.17 58.23 -58.91
CA GLY H 141 -29.99 59.66 -58.77
C GLY H 141 -29.40 60.03 -57.43
N GLY H 142 -28.16 59.60 -57.19
CA GLY H 142 -27.52 59.85 -55.91
C GLY H 142 -26.64 58.71 -55.45
N THR H 143 -26.70 57.58 -56.16
CA THR H 143 -25.84 56.44 -55.88
C THR H 143 -25.28 55.95 -57.20
N ALA H 144 -23.97 56.12 -57.38
CA ALA H 144 -23.32 55.68 -58.61
C ALA H 144 -22.04 54.93 -58.29
N ALA H 145 -21.25 54.61 -59.32
CA ALA H 145 -19.97 53.93 -59.12
C ALA H 145 -19.13 54.13 -60.36
N LEU H 146 -17.94 54.72 -60.19
CA LEU H 146 -16.97 54.89 -61.26
C LEU H 146 -15.59 54.52 -60.73
N GLY H 147 -14.81 53.83 -61.56
CA GLY H 147 -13.53 53.34 -61.10
C GLY H 147 -12.44 53.24 -62.15
N CYS H 148 -11.36 52.54 -61.83
CA CYS H 148 -10.23 52.38 -62.73
C CYS H 148 -9.78 50.93 -62.70
N LEU H 149 -9.58 50.35 -63.87
CA LEU H 149 -9.11 48.98 -64.00
C LEU H 149 -7.71 49.01 -64.61
N VAL H 150 -6.77 48.37 -63.94
CA VAL H 150 -5.39 48.28 -64.41
C VAL H 150 -5.11 46.80 -64.69
N LYS H 151 -4.79 46.50 -65.94
CA LYS H 151 -4.55 45.13 -66.37
C LYS H 151 -3.15 45.00 -66.97
N ASP H 152 -2.65 43.76 -66.95
CA ASP H 152 -1.36 43.43 -67.56
C ASP H 152 -0.23 44.27 -66.95
N TYR H 153 0.04 44.02 -65.68
CA TYR H 153 1.16 44.61 -64.98
C TYR H 153 1.87 43.52 -64.19
N PHE H 154 3.18 43.72 -63.99
CA PHE H 154 3.99 42.72 -63.31
C PHE H 154 5.27 43.38 -62.82
N PRO H 155 5.71 43.10 -61.59
CA PRO H 155 5.03 42.21 -60.65
C PRO H 155 4.27 42.96 -59.56
N GLU H 156 3.69 42.23 -58.62
CA GLU H 156 2.99 42.85 -57.51
C GLU H 156 3.99 43.61 -56.63
N PRO H 157 3.52 44.63 -55.89
CA PRO H 157 2.14 45.13 -55.84
C PRO H 157 1.95 46.44 -56.58
N VAL H 158 0.73 46.94 -56.57
CA VAL H 158 0.40 48.23 -57.17
C VAL H 158 -0.46 49.01 -56.19
N THR H 159 -0.19 50.30 -56.07
CA THR H 159 -0.94 51.17 -55.17
C THR H 159 -1.78 52.13 -56.00
N VAL H 160 -3.09 52.13 -55.75
CA VAL H 160 -4.02 52.98 -56.47
C VAL H 160 -4.65 53.95 -55.48
N SER H 161 -4.68 55.23 -55.85
CA SER H 161 -5.28 56.28 -55.03
C SER H 161 -6.20 57.12 -55.92
N TRP H 162 -6.96 58.00 -55.28
CA TRP H 162 -7.87 58.89 -56.00
C TRP H 162 -7.62 60.31 -55.55
N ASN H 163 -7.35 61.20 -56.52
CA ASN H 163 -7.16 62.62 -56.26
C ASN H 163 -6.05 62.85 -55.23
N SER H 164 -4.91 62.20 -55.44
CA SER H 164 -3.80 62.21 -54.49
C SER H 164 -4.25 61.76 -53.11
N GLY H 165 -5.09 60.72 -53.08
CA GLY H 165 -5.61 60.20 -51.83
C GLY H 165 -6.52 61.16 -51.11
N ALA H 166 -7.38 61.85 -51.84
CA ALA H 166 -8.30 62.81 -51.24
C ALA H 166 -9.66 62.21 -50.91
N LEU H 167 -10.00 61.05 -51.46
CA LEU H 167 -11.28 60.41 -51.24
C LEU H 167 -11.09 59.09 -50.52
N THR H 168 -11.87 58.87 -49.47
CA THR H 168 -11.84 57.62 -48.73
C THR H 168 -13.20 57.06 -48.42
N SER H 169 -14.28 57.81 -48.67
CA SER H 169 -15.62 57.34 -48.35
C SER H 169 -16.10 56.37 -49.42
N GLY H 170 -16.45 55.15 -49.02
CA GLY H 170 -16.94 54.16 -49.95
C GLY H 170 -15.93 53.69 -50.96
N VAL H 171 -14.64 53.89 -50.70
CA VAL H 171 -13.60 53.49 -51.64
C VAL H 171 -13.35 52.00 -51.51
N HIS H 172 -13.41 51.29 -52.64
CA HIS H 172 -13.14 49.88 -52.68
C HIS H 172 -11.93 49.62 -53.57
N THR H 173 -11.21 48.55 -53.26
CA THR H 173 -10.06 48.14 -54.08
C THR H 173 -9.99 46.62 -54.02
N PHE H 174 -10.49 45.98 -55.07
CA PHE H 174 -10.54 44.52 -55.09
C PHE H 174 -9.14 43.93 -55.16
N PRO H 175 -8.93 42.77 -54.55
CA PRO H 175 -7.59 42.17 -54.58
C PRO H 175 -7.17 41.80 -55.99
N ALA H 176 -5.87 41.92 -56.25
CA ALA H 176 -5.33 41.57 -57.56
C ALA H 176 -5.51 40.08 -57.81
N VAL H 177 -5.78 39.74 -59.06
CA VAL H 177 -6.02 38.36 -59.46
C VAL H 177 -5.08 38.01 -60.60
N LEU H 178 -4.85 36.71 -60.75
CA LEU H 178 -4.00 36.17 -61.81
C LEU H 178 -4.88 35.50 -62.85
N GLN H 179 -4.77 35.95 -64.09
CA GLN H 179 -5.54 35.39 -65.19
C GLN H 179 -4.70 34.35 -65.93
N SER H 180 -5.31 33.70 -66.92
CA SER H 180 -4.64 32.64 -67.66
C SER H 180 -3.45 33.16 -68.47
N SER H 181 -3.43 34.45 -68.79
CA SER H 181 -2.31 35.00 -69.57
C SER H 181 -1.02 34.95 -68.76
N GLY H 182 -1.10 35.19 -67.46
CA GLY H 182 0.08 35.19 -66.61
C GLY H 182 0.38 36.56 -66.06
N LEU H 183 -0.59 37.46 -66.12
CA LEU H 183 -0.44 38.82 -65.64
C LEU H 183 -1.41 39.07 -64.49
N TYR H 184 -1.50 40.33 -64.07
CA TYR H 184 -2.27 40.72 -62.91
C TYR H 184 -3.23 41.84 -63.27
N SER H 185 -4.36 41.89 -62.57
CA SER H 185 -5.37 42.91 -62.80
C SER H 185 -6.09 43.22 -61.50
N LEU H 186 -6.61 44.44 -61.41
CA LEU H 186 -7.38 44.85 -60.24
C LEU H 186 -8.32 45.97 -60.65
N SER H 187 -9.39 46.13 -59.88
CA SER H 187 -10.38 47.17 -60.11
C SER H 187 -10.49 48.04 -58.86
N SER H 188 -10.42 49.35 -59.04
CA SER H 188 -10.46 50.31 -57.94
C SER H 188 -11.67 51.22 -58.15
N VAL H 189 -12.83 50.78 -57.65
CA VAL H 189 -14.07 51.51 -57.84
C VAL H 189 -14.31 52.42 -56.65
N VAL H 190 -15.11 53.47 -56.87
CA VAL H 190 -15.53 54.39 -55.82
C VAL H 190 -16.96 54.81 -56.13
N THR H 191 -17.80 54.89 -55.08
CA THR H 191 -19.19 55.27 -55.26
C THR H 191 -19.38 56.75 -54.92
N VAL H 192 -20.02 57.48 -55.84
CA VAL H 192 -20.26 58.91 -55.65
C VAL H 192 -21.72 59.19 -55.98
N PRO H 193 -22.27 60.26 -55.41
CA PRO H 193 -23.65 60.64 -55.74
C PRO H 193 -23.76 61.26 -57.12
N SER H 194 -24.99 61.23 -57.65
CA SER H 194 -25.25 61.81 -58.96
C SER H 194 -25.00 63.31 -58.96
N SER H 195 -25.18 63.97 -57.81
CA SER H 195 -24.87 65.39 -57.73
C SER H 195 -23.40 65.65 -57.98
N SER H 196 -22.53 64.82 -57.41
CA SER H 196 -21.10 64.95 -57.65
C SER H 196 -20.73 64.63 -59.08
N LEU H 197 -21.57 63.86 -59.78
CA LEU H 197 -21.32 63.55 -61.19
C LEU H 197 -21.31 64.82 -62.02
N GLY H 198 -20.30 64.95 -62.89
CA GLY H 198 -20.17 66.14 -63.71
C GLY H 198 -19.94 67.40 -62.94
N THR H 199 -19.59 67.30 -61.65
CA THR H 199 -19.41 68.46 -60.79
C THR H 199 -17.95 68.66 -60.37
N GLN H 200 -17.30 67.60 -59.90
CA GLN H 200 -15.91 67.66 -59.47
C GLN H 200 -15.03 66.94 -60.48
N THR H 201 -13.75 66.86 -60.17
CA THR H 201 -12.77 66.13 -60.95
C THR H 201 -12.23 64.95 -60.15
N TYR H 202 -12.04 63.82 -60.81
CA TYR H 202 -11.53 62.61 -60.19
C TYR H 202 -10.24 62.20 -60.89
N ILE H 203 -9.11 62.51 -60.28
CA ILE H 203 -7.80 62.12 -60.79
C ILE H 203 -7.44 60.79 -60.14
N CYS H 204 -7.39 59.75 -60.96
CA CYS H 204 -7.21 58.37 -60.48
C CYS H 204 -5.75 57.98 -60.69
N ASN H 205 -4.89 58.50 -59.82
CA ASN H 205 -3.46 58.24 -59.94
C ASN H 205 -3.11 56.83 -59.46
N VAL H 206 -2.06 56.27 -60.07
CA VAL H 206 -1.61 54.92 -59.79
C VAL H 206 -0.09 54.92 -59.70
N ASN H 207 0.44 54.19 -58.73
CA ASN H 207 1.88 54.07 -58.53
C ASN H 207 2.28 52.60 -58.60
N HIS H 208 3.40 52.32 -59.25
CA HIS H 208 3.95 50.96 -59.36
C HIS H 208 5.46 51.07 -59.15
N LYS H 209 5.91 50.72 -57.95
CA LYS H 209 7.32 50.91 -57.60
C LYS H 209 8.27 50.11 -58.49
N PRO H 210 8.07 48.82 -58.75
CA PRO H 210 9.02 48.11 -59.62
C PRO H 210 9.18 48.74 -60.99
N SER H 211 8.08 48.99 -61.70
CA SER H 211 8.17 49.63 -63.01
C SER H 211 8.37 51.13 -62.93
N ASN H 212 8.19 51.73 -61.74
CA ASN H 212 8.43 53.15 -61.51
C ASN H 212 7.57 54.01 -62.44
N THR H 213 6.26 53.90 -62.26
CA THR H 213 5.27 54.57 -63.10
C THR H 213 4.36 55.44 -62.25
N LYS H 214 4.16 56.68 -62.69
CA LYS H 214 3.26 57.63 -62.04
C LYS H 214 2.20 58.02 -63.06
N VAL H 215 1.12 57.23 -63.11
CA VAL H 215 0.06 57.46 -64.08
C VAL H 215 -0.94 58.44 -63.51
N ASP H 216 -1.40 59.38 -64.33
CA ASP H 216 -2.39 60.38 -63.94
C ASP H 216 -3.49 60.40 -65.01
N LYS H 217 -4.62 59.78 -64.71
CA LYS H 217 -5.72 59.66 -65.66
C LYS H 217 -7.01 60.17 -65.01
N LYS H 218 -7.85 60.80 -65.81
CA LYS H 218 -9.15 61.29 -65.36
C LYS H 218 -10.25 60.38 -65.87
N VAL H 219 -11.28 60.18 -65.05
CA VAL H 219 -12.39 59.30 -65.40
C VAL H 219 -13.67 60.12 -65.64
N GLU H 220 -13.84 60.56 -66.87
CA GLU H 220 -14.99 61.34 -67.28
C GLU H 220 -16.20 60.43 -67.51
N PRO H 221 -17.41 61.00 -67.52
CA PRO H 221 -18.59 60.17 -67.85
C PRO H 221 -18.61 59.77 -69.32
N LYS H 222 -19.67 59.07 -69.73
CA LYS H 222 -19.72 58.55 -71.09
C LYS H 222 -19.73 59.66 -72.13
N SER H 223 -20.27 60.84 -71.77
CA SER H 223 -20.34 61.98 -72.68
C SER H 223 -21.04 61.62 -73.98
N CYS H 224 -22.09 60.81 -73.88
CA CYS H 224 -22.86 60.39 -75.05
C CYS H 224 -24.25 59.89 -74.64
N GLU I 1 -0.61 8.54 -41.99
CA GLU I 1 -0.30 9.91 -41.64
C GLU I 1 -1.51 10.57 -40.99
N ILE I 2 -1.25 11.57 -40.15
CA ILE I 2 -2.29 12.20 -39.35
C ILE I 2 -3.06 13.21 -40.21
N VAL I 3 -4.37 13.26 -40.00
CA VAL I 3 -5.25 14.21 -40.67
C VAL I 3 -6.02 14.97 -39.60
N LEU I 4 -6.14 16.28 -39.79
CA LEU I 4 -6.80 17.15 -38.82
C LEU I 4 -8.01 17.79 -39.49
N THR I 5 -9.18 17.19 -39.29
CA THR I 5 -10.40 17.77 -39.82
C THR I 5 -10.81 18.99 -39.01
N GLN I 6 -11.47 19.93 -39.69
CA GLN I 6 -11.89 21.18 -39.07
C GLN I 6 -13.38 21.37 -39.33
N SER I 7 -14.11 21.77 -38.30
CA SER I 7 -15.54 22.00 -38.42
C SER I 7 -15.98 23.01 -37.38
N PRO I 8 -16.78 24.03 -37.75
CA PRO I 8 -17.29 24.24 -39.11
C PRO I 8 -16.30 24.94 -40.01
N GLY I 9 -16.79 25.54 -41.09
CA GLY I 9 -15.91 26.19 -42.05
C GLY I 9 -15.84 27.69 -41.89
N THR I 10 -16.95 28.32 -41.52
CA THR I 10 -16.99 29.77 -41.36
C THR I 10 -17.42 30.21 -39.97
N LEU I 11 -18.42 29.55 -39.39
CA LEU I 11 -18.89 29.87 -38.04
C LEU I 11 -19.26 31.35 -37.93
N SER I 12 -20.31 31.72 -38.66
CA SER I 12 -20.83 33.08 -38.60
C SER I 12 -21.44 33.33 -37.23
N LEU I 13 -20.90 34.30 -36.51
CA LEU I 13 -21.32 34.53 -35.13
C LEU I 13 -21.33 36.05 -34.89
N SER I 14 -21.72 36.43 -33.69
CA SER I 14 -21.96 37.81 -33.28
C SER I 14 -20.91 38.23 -32.26
N PRO I 15 -20.70 39.52 -32.08
CA PRO I 15 -19.69 39.98 -31.11
C PRO I 15 -20.10 39.83 -29.66
N GLY I 16 -19.82 38.67 -29.04
CA GLY I 16 -20.13 38.51 -27.64
C GLY I 16 -20.90 37.27 -27.24
N GLU I 17 -20.76 36.19 -28.01
CA GLU I 17 -21.41 34.92 -27.76
C GLU I 17 -20.37 33.82 -27.53
N ARG I 18 -20.84 32.58 -27.57
CA ARG I 18 -20.01 31.41 -27.39
C ARG I 18 -19.49 30.94 -28.75
N ALA I 19 -18.18 30.74 -28.85
CA ALA I 19 -17.58 30.12 -30.02
C ALA I 19 -17.11 28.71 -29.64
N THR I 20 -17.29 27.77 -30.57
CA THR I 20 -17.05 26.36 -30.29
C THR I 20 -16.17 25.74 -31.36
N LEU I 21 -15.03 26.40 -31.63
CA LEU I 21 -14.10 25.89 -32.64
C LEU I 21 -13.63 24.50 -32.26
N SER I 22 -13.65 23.58 -33.23
CA SER I 22 -13.32 22.18 -33.00
C SER I 22 -12.14 21.79 -33.90
N CYS I 23 -11.35 20.82 -33.41
CA CYS I 23 -10.13 20.37 -34.06
C CYS I 23 -10.07 18.85 -34.08
N ARG I 24 -11.14 18.21 -34.55
CA ARG I 24 -11.21 16.76 -34.62
C ARG I 24 -9.95 16.17 -35.26
N ALA I 25 -9.21 15.38 -34.49
CA ALA I 25 -7.91 14.86 -34.88
C ALA I 25 -8.04 13.46 -35.44
N SER I 26 -6.89 12.80 -35.63
CA SER I 26 -6.84 11.41 -36.04
C SER I 26 -6.32 10.50 -34.94
N GLN I 27 -5.08 10.71 -34.50
CA GLN I 27 -4.37 9.79 -33.63
C GLN I 27 -4.67 10.10 -32.17
N SER I 28 -3.94 9.44 -31.27
CA SER I 28 -3.91 9.86 -29.87
C SER I 28 -2.95 11.01 -29.72
N VAL I 29 -3.46 12.24 -29.76
CA VAL I 29 -2.66 13.45 -29.74
C VAL I 29 -3.02 14.18 -28.46
N SER I 30 -3.21 13.40 -27.39
CA SER I 30 -3.88 13.83 -26.18
C SER I 30 -3.59 15.27 -25.77
N SER I 31 -2.32 15.66 -25.77
CA SER I 31 -1.97 16.98 -25.26
C SER I 31 -0.95 17.74 -26.09
N TYR I 32 -0.51 17.20 -27.24
CA TYR I 32 0.50 17.86 -28.06
C TYR I 32 -0.20 18.50 -29.25
N LEU I 33 -0.75 19.70 -29.03
CA LEU I 33 -1.48 20.39 -30.08
C LEU I 33 -1.50 21.87 -29.74
N ALA I 34 -1.56 22.70 -30.79
CA ALA I 34 -1.53 24.15 -30.63
C ALA I 34 -2.55 24.80 -31.55
N TRP I 35 -2.93 26.02 -31.19
CA TRP I 35 -3.85 26.82 -31.99
C TRP I 35 -3.16 28.12 -32.38
N TYR I 36 -3.49 28.62 -33.57
CA TYR I 36 -2.91 29.84 -34.09
C TYR I 36 -4.00 30.79 -34.57
N GLN I 37 -3.65 32.07 -34.61
CA GLN I 37 -4.55 33.12 -35.08
C GLN I 37 -3.79 33.97 -36.09
N GLN I 38 -4.32 34.06 -37.30
CA GLN I 38 -3.70 34.84 -38.37
C GLN I 38 -4.62 35.99 -38.74
N LYS I 39 -4.27 37.19 -38.31
CA LYS I 39 -4.96 38.36 -38.79
C LYS I 39 -4.64 38.55 -40.27
N PRO I 40 -5.64 38.89 -41.09
CA PRO I 40 -5.39 39.03 -42.53
C PRO I 40 -4.31 40.04 -42.83
N GLY I 41 -3.27 39.60 -43.53
CA GLY I 41 -2.12 40.42 -43.81
C GLY I 41 -1.07 40.45 -42.73
N GLN I 42 -1.15 39.57 -41.73
CA GLN I 42 -0.21 39.54 -40.63
C GLN I 42 0.34 38.12 -40.46
N ALA I 43 1.24 37.97 -39.50
CA ALA I 43 1.82 36.67 -39.18
C ALA I 43 0.95 35.97 -38.14
N PRO I 44 0.74 34.68 -38.32
CA PRO I 44 -0.12 33.91 -37.40
C PRO I 44 0.52 33.65 -36.04
N ARG I 45 0.33 34.58 -35.08
CA ARG I 45 0.86 34.41 -33.74
C ARG I 45 0.18 33.24 -33.03
N LEU I 46 0.86 32.72 -32.01
CA LEU I 46 0.32 31.60 -31.24
C LEU I 46 -0.68 32.07 -30.19
N LEU I 47 -1.66 31.21 -29.92
CA LEU I 47 -2.66 31.46 -28.88
C LEU I 47 -2.60 30.43 -27.76
N ILE I 48 -2.74 29.15 -28.08
CA ILE I 48 -2.79 28.08 -27.10
C ILE I 48 -1.78 27.01 -27.49
N TYR I 49 -1.05 26.51 -26.51
CA TYR I 49 -0.13 25.41 -26.72
C TYR I 49 -0.38 24.33 -25.67
N ASP I 50 -0.02 23.09 -26.03
CA ASP I 50 -0.26 21.91 -25.21
C ASP I 50 -1.75 21.71 -24.91
N ALA I 51 -2.61 22.33 -25.71
CA ALA I 51 -4.05 22.08 -25.73
C ALA I 51 -4.76 22.60 -24.48
N SER I 52 -4.01 23.09 -23.50
CA SER I 52 -4.64 23.67 -22.32
C SER I 52 -3.91 24.89 -21.75
N ASN I 53 -2.81 25.32 -22.35
CA ASN I 53 -2.04 26.43 -21.82
C ASN I 53 -2.29 27.69 -22.64
N ARG I 54 -1.62 28.77 -22.26
CA ARG I 54 -1.80 30.06 -22.88
C ARG I 54 -0.46 30.77 -22.99
N ALA I 55 -0.21 31.38 -24.14
CA ALA I 55 1.05 32.09 -24.33
C ALA I 55 1.04 33.42 -23.58
N THR I 56 2.23 34.01 -23.46
CA THR I 56 2.35 35.29 -22.79
C THR I 56 1.71 36.39 -23.61
N GLY I 57 1.03 37.31 -22.92
CA GLY I 57 0.32 38.37 -23.58
C GLY I 57 -1.05 38.00 -24.09
N ILE I 58 -1.48 36.76 -23.92
CA ILE I 58 -2.80 36.33 -24.39
C ILE I 58 -3.83 36.59 -23.30
N PRO I 59 -4.91 37.32 -23.60
CA PRO I 59 -5.89 37.65 -22.56
C PRO I 59 -6.65 36.41 -22.11
N ALA I 60 -7.46 36.61 -21.07
CA ALA I 60 -8.28 35.54 -20.52
C ALA I 60 -9.44 35.16 -21.43
N ARG I 61 -9.66 35.93 -22.50
CA ARG I 61 -10.79 35.66 -23.39
C ARG I 61 -10.68 34.28 -24.01
N PHE I 62 -9.49 33.88 -24.44
CA PHE I 62 -9.28 32.63 -25.15
C PHE I 62 -9.06 31.50 -24.14
N ILE I 63 -9.98 30.53 -24.13
CA ILE I 63 -9.86 29.37 -23.27
C ILE I 63 -9.98 28.11 -24.14
N GLY I 64 -9.08 27.16 -23.93
CA GLY I 64 -9.06 25.93 -24.69
C GLY I 64 -9.50 24.75 -23.83
N SER I 65 -9.76 23.65 -24.52
CA SER I 65 -10.22 22.42 -23.86
C SER I 65 -10.05 21.27 -24.85
N GLY I 66 -10.45 20.08 -24.42
CA GLY I 66 -10.34 18.91 -25.28
C GLY I 66 -9.02 18.19 -25.09
N SER I 67 -9.09 16.87 -25.25
CA SER I 67 -7.90 16.02 -25.11
C SER I 67 -8.18 14.70 -25.80
N GLY I 68 -7.11 13.93 -26.00
CA GLY I 68 -7.23 12.63 -26.64
C GLY I 68 -7.21 12.75 -28.16
N THR I 69 -8.40 12.70 -28.76
CA THR I 69 -8.56 12.93 -30.18
C THR I 69 -9.46 14.12 -30.48
N ASP I 70 -10.33 14.52 -29.54
CA ASP I 70 -11.21 15.66 -29.70
C ASP I 70 -10.61 16.86 -28.99
N PHE I 71 -10.55 17.98 -29.70
CA PHE I 71 -10.03 19.23 -29.14
C PHE I 71 -10.94 20.37 -29.55
N THR I 72 -11.19 21.27 -28.61
CA THR I 72 -12.15 22.35 -28.81
C THR I 72 -11.59 23.65 -28.28
N LEU I 73 -11.89 24.73 -28.98
CA LEU I 73 -11.53 26.08 -28.55
C LEU I 73 -12.80 26.86 -28.30
N THR I 74 -12.89 27.47 -27.12
CA THR I 74 -14.04 28.26 -26.73
C THR I 74 -13.61 29.72 -26.63
N ILE I 75 -14.30 30.59 -27.36
CA ILE I 75 -14.05 32.03 -27.28
C ILE I 75 -15.17 32.64 -26.46
N SER I 76 -14.80 33.31 -25.38
CA SER I 76 -15.77 33.92 -24.48
C SER I 76 -15.94 35.39 -24.81
N SER I 77 -17.15 35.79 -25.17
CA SER I 77 -17.48 37.18 -25.43
C SER I 77 -16.61 37.76 -26.55
N LEU I 78 -16.88 37.26 -27.77
CA LEU I 78 -16.13 37.68 -28.95
C LEU I 78 -15.91 39.18 -28.99
N GLU I 79 -14.76 39.57 -29.52
CA GLU I 79 -14.22 40.91 -29.53
C GLU I 79 -13.85 41.25 -30.97
N PRO I 80 -14.08 42.49 -31.42
CA PRO I 80 -13.93 42.79 -32.86
C PRO I 80 -12.57 42.47 -33.46
N GLU I 81 -11.47 42.62 -32.73
CA GLU I 81 -10.18 42.20 -33.27
C GLU I 81 -9.85 40.74 -32.97
N ASP I 82 -10.88 39.93 -32.74
CA ASP I 82 -10.71 38.48 -32.62
C ASP I 82 -11.41 37.73 -33.75
N PHE I 83 -11.68 38.39 -34.87
CA PHE I 83 -12.26 37.75 -36.04
C PHE I 83 -11.14 37.49 -37.04
N ALA I 84 -10.58 36.29 -36.99
CA ALA I 84 -9.55 35.87 -37.93
C ALA I 84 -9.52 34.35 -37.96
N VAL I 85 -9.02 33.80 -39.06
CA VAL I 85 -9.03 32.35 -39.22
C VAL I 85 -8.07 31.72 -38.22
N TYR I 86 -8.49 30.60 -37.63
CA TYR I 86 -7.76 29.94 -36.57
C TYR I 86 -7.28 28.57 -37.02
N PHE I 87 -5.97 28.36 -36.95
CA PHE I 87 -5.34 27.11 -37.36
C PHE I 87 -4.93 26.31 -36.13
N CYS I 88 -5.25 25.02 -36.14
CA CYS I 88 -4.84 24.09 -35.09
C CYS I 88 -3.97 23.02 -35.73
N GLN I 89 -2.69 22.98 -35.35
CA GLN I 89 -1.75 22.05 -35.93
C GLN I 89 -1.16 21.18 -34.83
N GLN I 90 -1.22 19.87 -35.03
CA GLN I 90 -0.69 18.94 -34.04
C GLN I 90 0.83 19.01 -34.01
N ARG I 91 1.39 18.70 -32.85
CA ARG I 91 2.83 18.59 -32.67
C ARG I 91 3.17 17.34 -31.87
N SER I 92 2.55 16.22 -32.23
CA SER I 92 2.84 14.96 -31.57
C SER I 92 3.94 14.19 -32.27
N ASN I 93 3.74 13.86 -33.56
CA ASN I 93 4.75 13.12 -34.30
C ASN I 93 4.95 13.76 -35.66
N TRP I 94 5.82 13.20 -36.49
CA TRP I 94 6.20 13.76 -37.78
C TRP I 94 5.22 13.34 -38.85
N PRO I 95 4.75 14.25 -39.71
CA PRO I 95 5.12 15.66 -39.66
C PRO I 95 4.15 16.47 -38.82
N LEU I 96 4.31 17.79 -38.85
CA LEU I 96 3.55 18.71 -38.01
C LEU I 96 2.46 19.41 -38.80
N THR I 97 1.75 18.66 -39.65
CA THR I 97 0.75 19.22 -40.54
C THR I 97 -0.27 20.07 -39.79
N PHE I 98 -0.81 21.06 -40.50
CA PHE I 98 -1.75 22.00 -39.93
C PHE I 98 -3.18 21.53 -40.16
N GLY I 99 -4.15 22.42 -39.95
CA GLY I 99 -5.53 22.16 -40.26
C GLY I 99 -6.04 23.15 -41.30
N GLY I 100 -7.28 22.90 -41.73
CA GLY I 100 -7.88 23.80 -42.71
C GLY I 100 -8.12 25.19 -42.16
N GLY I 101 -8.62 25.28 -40.94
CA GLY I 101 -8.92 26.58 -40.36
C GLY I 101 -10.33 27.03 -40.66
N THR I 102 -10.86 27.86 -39.77
CA THR I 102 -12.21 28.40 -39.90
C THR I 102 -12.15 29.91 -39.72
N LYS I 103 -12.71 30.64 -40.67
CA LYS I 103 -12.68 32.10 -40.67
C LYS I 103 -13.91 32.61 -39.92
N VAL I 104 -13.75 32.92 -38.64
CA VAL I 104 -14.85 33.46 -37.85
C VAL I 104 -15.15 34.87 -38.31
N GLU I 105 -16.44 35.17 -38.47
CA GLU I 105 -16.87 36.46 -38.99
C GLU I 105 -18.14 36.91 -38.30
N ILE I 106 -18.55 38.14 -38.59
CA ILE I 106 -19.67 38.77 -37.92
C ILE I 106 -20.98 38.29 -38.54
N LYS I 107 -21.97 38.05 -37.71
CA LYS I 107 -23.32 37.72 -38.16
C LYS I 107 -24.15 39.01 -38.13
N ARG I 108 -24.69 39.38 -39.28
CA ARG I 108 -25.49 40.60 -39.42
C ARG I 108 -26.73 40.29 -40.24
N THR I 109 -27.61 41.29 -40.37
CA THR I 109 -28.82 41.12 -41.14
C THR I 109 -28.50 41.01 -42.62
N VAL I 110 -29.34 40.27 -43.35
CA VAL I 110 -29.15 40.09 -44.78
C VAL I 110 -29.36 41.42 -45.49
N ALA I 111 -28.45 41.76 -46.39
CA ALA I 111 -28.48 43.02 -47.12
C ALA I 111 -28.82 42.78 -48.58
N ALA I 112 -29.07 43.87 -49.29
CA ALA I 112 -29.43 43.81 -50.70
C ALA I 112 -28.21 44.11 -51.55
N PRO I 113 -27.82 43.22 -52.45
CA PRO I 113 -26.65 43.47 -53.30
C PRO I 113 -26.97 44.42 -54.44
N SER I 114 -26.38 45.60 -54.41
CA SER I 114 -26.48 46.52 -55.54
C SER I 114 -25.67 45.99 -56.72
N VAL I 115 -26.05 46.42 -57.92
CA VAL I 115 -25.42 45.95 -59.14
C VAL I 115 -25.02 47.13 -60.00
N PHE I 116 -23.83 47.06 -60.59
CA PHE I 116 -23.32 48.06 -61.52
C PHE I 116 -22.69 47.37 -62.71
N ILE I 117 -22.71 48.05 -63.86
CA ILE I 117 -22.13 47.52 -65.10
C ILE I 117 -21.35 48.64 -65.78
N PHE I 118 -20.13 48.33 -66.23
CA PHE I 118 -19.27 49.31 -66.89
C PHE I 118 -18.71 48.74 -68.18
N PRO I 119 -19.18 49.18 -69.33
CA PRO I 119 -18.61 48.72 -70.61
C PRO I 119 -17.23 49.30 -70.83
N PRO I 120 -16.41 48.66 -71.66
CA PRO I 120 -15.06 49.17 -71.91
C PRO I 120 -15.09 50.46 -72.70
N SER I 121 -14.02 51.24 -72.57
CA SER I 121 -13.92 52.52 -73.25
C SER I 121 -13.21 52.36 -74.59
N ASP I 122 -13.05 53.48 -75.29
CA ASP I 122 -12.35 53.47 -76.57
C ASP I 122 -10.88 53.09 -76.40
N GLU I 123 -10.24 53.60 -75.35
CA GLU I 123 -8.83 53.29 -75.14
C GLU I 123 -8.62 51.80 -74.91
N GLN I 124 -9.50 51.18 -74.12
CA GLN I 124 -9.44 49.73 -73.97
C GLN I 124 -9.76 49.02 -75.28
N LEU I 125 -10.49 49.67 -76.18
CA LEU I 125 -10.78 49.10 -77.48
C LEU I 125 -9.63 49.24 -78.46
N LYS I 126 -8.61 50.02 -78.12
CA LYS I 126 -7.40 50.09 -78.95
C LYS I 126 -6.63 48.78 -78.92
N SER I 127 -6.83 47.96 -77.89
CA SER I 127 -6.11 46.70 -77.75
C SER I 127 -6.78 45.62 -78.60
N GLY I 128 -6.39 44.37 -78.38
CA GLY I 128 -7.04 43.23 -78.98
C GLY I 128 -7.98 42.47 -78.08
N THR I 129 -8.25 42.96 -76.87
CA THR I 129 -9.08 42.25 -75.91
C THR I 129 -9.96 43.25 -75.17
N ALA I 130 -11.24 42.92 -75.02
CA ALA I 130 -12.18 43.80 -74.35
C ALA I 130 -12.12 43.60 -72.84
N SER I 131 -12.96 44.36 -72.12
CA SER I 131 -12.99 44.29 -70.66
C SER I 131 -14.35 44.76 -70.19
N VAL I 132 -15.19 43.80 -69.76
CA VAL I 132 -16.52 44.09 -69.23
C VAL I 132 -16.55 43.68 -67.78
N VAL I 133 -16.91 44.63 -66.90
CA VAL I 133 -16.88 44.41 -65.46
C VAL I 133 -18.28 44.63 -64.90
N CYS I 134 -18.74 43.67 -64.09
CA CYS I 134 -19.93 43.85 -63.28
C CYS I 134 -19.51 44.44 -61.93
N LEU I 135 -20.45 44.49 -60.99
CA LEU I 135 -20.13 44.97 -59.65
C LEU I 135 -21.27 44.62 -58.72
N LEU I 136 -20.94 44.08 -57.55
CA LEU I 136 -21.91 43.82 -56.48
C LEU I 136 -21.35 44.40 -55.20
N ASN I 137 -21.95 45.48 -54.72
CA ASN I 137 -21.42 46.24 -53.60
C ASN I 137 -22.29 46.06 -52.36
N ASN I 138 -21.62 45.87 -51.21
CA ASN I 138 -22.24 45.98 -49.90
C ASN I 138 -23.40 45.00 -49.76
N PHE I 139 -23.07 43.71 -49.81
CA PHE I 139 -24.06 42.65 -49.69
C PHE I 139 -23.67 41.71 -48.55
N TYR I 140 -24.58 40.79 -48.26
CA TYR I 140 -24.43 39.82 -47.19
C TYR I 140 -25.52 38.77 -47.35
N PRO I 141 -25.24 37.47 -47.09
CA PRO I 141 -23.96 36.91 -46.65
C PRO I 141 -22.97 36.67 -47.78
N ARG I 142 -21.98 35.82 -47.52
CA ARG I 142 -20.88 35.63 -48.47
C ARG I 142 -21.36 34.98 -49.75
N GLU I 143 -22.22 33.97 -49.65
CA GLU I 143 -22.55 33.16 -50.82
C GLU I 143 -23.28 33.99 -51.87
N ALA I 144 -22.90 33.79 -53.14
CA ALA I 144 -23.49 34.51 -54.25
C ALA I 144 -23.16 33.77 -55.54
N LYS I 145 -23.79 34.21 -56.63
CA LYS I 145 -23.53 33.64 -57.95
C LYS I 145 -23.83 34.70 -59.00
N VAL I 146 -22.85 34.99 -59.84
CA VAL I 146 -22.97 35.99 -60.90
C VAL I 146 -22.80 35.29 -62.25
N GLN I 147 -23.75 35.54 -63.15
CA GLN I 147 -23.75 34.94 -64.47
C GLN I 147 -23.95 36.02 -65.53
N TRP I 148 -23.56 35.71 -66.76
CA TRP I 148 -23.68 36.63 -67.88
C TRP I 148 -24.57 36.02 -68.95
N LYS I 149 -25.54 36.80 -69.42
CA LYS I 149 -26.43 36.40 -70.51
C LYS I 149 -26.14 37.32 -71.68
N VAL I 150 -25.26 36.88 -72.58
CA VAL I 150 -24.87 37.64 -73.76
C VAL I 150 -25.78 37.22 -74.91
N ASP I 151 -26.45 38.21 -75.52
CA ASP I 151 -27.40 37.97 -76.60
C ASP I 151 -28.48 36.98 -76.16
N ASN I 152 -28.92 37.11 -74.91
CA ASN I 152 -29.92 36.23 -74.31
C ASN I 152 -29.48 34.77 -74.36
N ALA I 153 -28.16 34.56 -74.34
CA ALA I 153 -27.58 33.22 -74.35
C ALA I 153 -26.76 33.03 -73.09
N LEU I 154 -26.81 31.81 -72.56
CA LEU I 154 -26.23 31.51 -71.25
C LEU I 154 -24.70 31.44 -71.39
N GLN I 155 -24.07 32.61 -71.27
CA GLN I 155 -22.63 32.65 -71.12
C GLN I 155 -22.25 32.30 -69.68
N SER I 156 -21.04 31.76 -69.52
CA SER I 156 -20.56 31.37 -68.19
C SER I 156 -19.21 31.99 -67.92
N GLY I 157 -19.17 32.90 -66.94
CA GLY I 157 -17.98 33.30 -66.22
C GLY I 157 -16.64 33.33 -66.93
N ASN I 158 -16.59 33.86 -68.15
CA ASN I 158 -15.29 34.05 -68.79
C ASN I 158 -14.60 35.22 -68.09
N SER I 159 -14.24 35.02 -66.83
CA SER I 159 -13.86 36.10 -65.94
C SER I 159 -13.16 35.51 -64.73
N GLN I 160 -12.87 36.37 -63.75
CA GLN I 160 -12.29 35.96 -62.48
C GLN I 160 -13.07 36.69 -61.38
N GLU I 161 -13.95 35.97 -60.71
CA GLU I 161 -14.79 36.58 -59.68
C GLU I 161 -13.96 36.93 -58.46
N SER I 162 -13.73 38.23 -58.24
CA SER I 162 -12.92 38.71 -57.13
C SER I 162 -13.82 39.16 -55.99
N VAL I 163 -13.52 38.68 -54.78
CA VAL I 163 -14.27 39.03 -53.58
C VAL I 163 -13.34 39.77 -52.64
N THR I 164 -13.82 40.87 -52.08
CA THR I 164 -13.02 41.66 -51.16
C THR I 164 -13.21 41.18 -49.73
N GLU I 165 -12.34 41.66 -48.85
CA GLU I 165 -12.40 41.30 -47.44
C GLU I 165 -13.59 41.99 -46.78
N GLN I 166 -14.05 41.40 -45.68
CA GLN I 166 -15.19 41.96 -44.96
C GLN I 166 -14.89 43.38 -44.50
N ASP I 167 -15.90 44.24 -44.58
CA ASP I 167 -15.75 45.63 -44.18
C ASP I 167 -15.47 45.73 -42.69
N SER I 168 -14.69 46.75 -42.32
CA SER I 168 -14.42 47.07 -40.94
C SER I 168 -15.43 48.04 -40.34
N LYS I 169 -16.34 48.57 -41.15
CA LYS I 169 -17.37 49.49 -40.68
C LYS I 169 -18.75 48.87 -40.67
N ASP I 170 -19.22 48.40 -41.83
CA ASP I 170 -20.53 47.76 -41.93
C ASP I 170 -20.42 46.25 -41.99
N SER I 171 -19.24 45.72 -42.30
CA SER I 171 -19.03 44.28 -42.47
C SER I 171 -19.88 43.72 -43.61
N THR I 172 -19.63 44.25 -44.80
CA THR I 172 -20.31 43.82 -46.02
C THR I 172 -19.28 43.54 -47.10
N TYR I 173 -19.67 42.73 -48.07
CA TYR I 173 -18.77 42.24 -49.09
C TYR I 173 -18.99 42.98 -50.41
N SER I 174 -17.98 42.92 -51.26
CA SER I 174 -18.04 43.50 -52.60
C SER I 174 -17.54 42.47 -53.60
N LEU I 175 -18.25 42.32 -54.71
CA LEU I 175 -17.95 41.31 -55.69
C LEU I 175 -17.77 41.94 -57.07
N SER I 176 -16.85 41.37 -57.85
CA SER I 176 -16.57 41.84 -59.19
C SER I 176 -16.36 40.62 -60.10
N SER I 177 -16.57 40.82 -61.39
CA SER I 177 -16.36 39.75 -62.37
C SER I 177 -16.00 40.40 -63.70
N THR I 178 -14.70 40.42 -64.01
CA THR I 178 -14.19 41.08 -65.22
C THR I 178 -14.33 40.11 -66.40
N LEU I 179 -15.51 40.12 -67.00
CA LEU I 179 -15.78 39.32 -68.19
C LEU I 179 -15.04 39.93 -69.37
N THR I 180 -14.01 39.25 -69.85
CA THR I 180 -13.15 39.76 -70.91
C THR I 180 -13.27 38.90 -72.16
N LEU I 181 -13.15 39.55 -73.32
CA LEU I 181 -13.25 38.88 -74.61
C LEU I 181 -12.43 39.66 -75.62
N SER I 182 -12.19 39.03 -76.77
CA SER I 182 -11.41 39.68 -77.82
C SER I 182 -12.25 40.73 -78.54
N LYS I 183 -11.55 41.61 -79.28
CA LYS I 183 -12.25 42.63 -80.04
C LYS I 183 -13.15 42.01 -81.10
N ALA I 184 -12.65 40.98 -81.79
CA ALA I 184 -13.45 40.30 -82.79
C ALA I 184 -14.70 39.69 -82.17
N ASP I 185 -14.57 39.14 -80.96
CA ASP I 185 -15.74 38.61 -80.26
C ASP I 185 -16.67 39.72 -79.78
N TYR I 186 -16.17 40.96 -79.72
CA TYR I 186 -17.00 42.05 -79.22
C TYR I 186 -18.13 42.39 -80.19
N GLU I 187 -17.81 42.53 -81.47
CA GLU I 187 -18.76 43.09 -82.41
C GLU I 187 -19.83 42.13 -82.88
N LYS I 188 -19.66 40.82 -82.67
CA LYS I 188 -20.67 39.88 -83.16
C LYS I 188 -21.72 39.57 -82.10
N HIS I 189 -21.68 40.25 -80.96
CA HIS I 189 -22.74 40.19 -79.97
C HIS I 189 -23.52 41.50 -79.95
N LYS I 190 -24.66 41.47 -79.29
CA LYS I 190 -25.56 42.63 -79.32
C LYS I 190 -25.99 43.12 -77.94
N VAL I 191 -26.23 42.22 -76.99
CA VAL I 191 -26.63 42.61 -75.64
C VAL I 191 -25.83 41.79 -74.62
N TYR I 192 -25.33 42.46 -73.60
CA TYR I 192 -24.59 41.85 -72.50
C TYR I 192 -25.33 42.10 -71.20
N ALA I 193 -25.48 41.05 -70.39
CA ALA I 193 -26.21 41.14 -69.13
C ALA I 193 -25.41 40.48 -68.02
N CYS I 194 -25.69 40.88 -66.78
CA CYS I 194 -25.01 40.38 -65.60
C CYS I 194 -26.06 39.82 -64.65
N GLU I 195 -26.27 38.50 -64.69
CA GLU I 195 -27.26 37.85 -63.84
C GLU I 195 -26.78 37.79 -62.40
N VAL I 196 -27.71 38.02 -61.47
CA VAL I 196 -27.44 37.97 -60.04
C VAL I 196 -28.47 37.06 -59.38
N THR I 197 -27.99 36.09 -58.60
CA THR I 197 -28.87 35.22 -57.82
C THR I 197 -28.44 35.31 -56.35
N HIS I 198 -29.39 35.67 -55.49
CA HIS I 198 -29.11 35.89 -54.07
C HIS I 198 -30.18 35.22 -53.23
N GLN I 199 -29.77 34.74 -52.05
CA GLN I 199 -30.74 34.25 -51.08
C GLN I 199 -31.65 35.37 -50.59
N GLY I 200 -31.07 36.54 -50.34
CA GLY I 200 -31.86 37.64 -49.78
C GLY I 200 -32.88 38.20 -50.76
N LEU I 201 -32.65 38.02 -52.06
CA LEU I 201 -33.56 38.51 -53.08
C LEU I 201 -34.40 37.37 -53.63
N SER I 202 -35.71 37.61 -53.72
CA SER I 202 -36.62 36.56 -54.18
C SER I 202 -36.51 36.34 -55.68
N SER I 203 -36.35 37.41 -56.45
CA SER I 203 -36.26 37.30 -57.91
C SER I 203 -34.89 37.72 -58.39
N PRO I 204 -34.26 36.95 -59.28
CA PRO I 204 -32.92 37.33 -59.77
C PRO I 204 -32.98 38.61 -60.60
N VAL I 205 -32.30 39.63 -60.12
CA VAL I 205 -32.22 40.92 -60.82
C VAL I 205 -31.12 40.84 -61.86
N THR I 206 -31.23 41.67 -62.89
CA THR I 206 -30.26 41.66 -63.98
C THR I 206 -30.09 43.07 -64.53
N LYS I 207 -28.84 43.51 -64.62
CA LYS I 207 -28.49 44.79 -65.21
C LYS I 207 -27.73 44.53 -66.51
N SER I 208 -28.16 45.19 -67.59
CA SER I 208 -27.61 44.94 -68.91
C SER I 208 -27.44 46.25 -69.66
N PHE I 209 -26.60 46.23 -70.69
CA PHE I 209 -26.44 47.38 -71.56
C PHE I 209 -26.32 46.89 -73.00
N ASN I 210 -26.61 47.79 -73.93
CA ASN I 210 -26.49 47.53 -75.36
C ASN I 210 -25.25 48.24 -75.90
N ARG I 211 -24.41 47.49 -76.59
CA ARG I 211 -23.13 48.02 -77.04
C ARG I 211 -23.32 49.09 -78.11
N GLY I 212 -22.35 50.00 -78.18
CA GLY I 212 -22.36 51.03 -79.21
C GLY I 212 -23.39 52.10 -78.96
N GLU I 213 -24.67 51.73 -79.05
CA GLU I 213 -25.77 52.67 -78.87
C GLU I 213 -25.87 53.00 -77.38
N CYS I 214 -25.01 53.91 -76.95
CA CYS I 214 -24.95 54.32 -75.56
C CYS I 214 -24.36 55.72 -75.44
C1 NAG J . 5.97 -74.89 46.23
C2 NAG J . 5.37 -76.21 46.68
C3 NAG J . 5.48 -77.25 45.57
C4 NAG J . 4.89 -76.72 44.28
C5 NAG J . 5.53 -75.39 43.93
C6 NAG J . 4.91 -74.74 42.71
C7 NAG J . 5.38 -76.77 49.07
C8 NAG J . 6.20 -77.26 50.22
N2 NAG J . 6.02 -76.69 47.90
O3 NAG J . 4.81 -78.44 45.97
O4 NAG J . 5.11 -77.66 43.22
O5 NAG J . 5.34 -74.47 45.01
O6 NAG J . 4.62 -73.36 42.94
O7 NAG J . 4.21 -76.46 49.20
C1 NAG J . 3.83 -78.09 42.71
C2 NAG J . 3.96 -78.32 41.20
C3 NAG J . 2.63 -78.81 40.63
C4 NAG J . 2.16 -80.04 41.39
C5 NAG J . 2.11 -79.76 42.89
C6 NAG J . 1.78 -80.99 43.71
C7 NAG J . 5.58 -77.00 39.93
C8 NAG J . 5.87 -75.68 39.27
N2 NAG J . 4.39 -77.10 40.52
O3 NAG J . 2.79 -79.12 39.26
O4 NAG J . 0.86 -80.42 40.94
O5 NAG J . 3.40 -79.30 43.35
O6 NAG J . 2.95 -81.62 44.20
O7 NAG J . 6.39 -77.91 39.92
C1 NAG K . 14.84 -74.78 25.93
C2 NAG K . 14.81 -76.24 25.50
C3 NAG K . 14.57 -76.35 24.00
C4 NAG K . 13.32 -75.58 23.60
C5 NAG K . 13.40 -74.15 24.12
C6 NAG K . 12.14 -73.35 23.88
C7 NAG K . 16.12 -78.21 26.16
C8 NAG K . 17.47 -78.73 26.52
N2 NAG K . 16.05 -76.91 25.87
O3 NAG K . 14.45 -77.72 23.63
O4 NAG K . 13.22 -75.58 22.19
O5 NAG K . 13.62 -74.16 25.54
O6 NAG K . 11.41 -73.17 25.08
O7 NAG K . 15.13 -78.94 26.11
C1 NAG K . 11.90 -75.98 21.76
C2 NAG K . 12.01 -76.48 20.31
C3 NAG K . 10.66 -76.95 19.78
C4 NAG K . 10.03 -77.96 20.75
C5 NAG K . 10.01 -77.40 22.17
C6 NAG K . 9.50 -78.39 23.18
C7 NAG K . 12.25 -74.28 19.08
C8 NAG K . 10.97 -73.75 19.68
N2 NAG K . 12.65 -75.52 19.41
O3 NAG K . 10.83 -77.56 18.51
O4 NAG K . 8.70 -78.25 20.34
O5 NAG K . 11.32 -77.02 22.58
O6 NAG K . 10.24 -79.59 23.15
O7 NAG K . 12.91 -73.59 18.30
C1 NAG L . -1.80 -66.15 60.94
C2 NAG L . -2.98 -66.25 60.02
C3 NAG L . -4.24 -65.83 60.76
C4 NAG L . -4.41 -66.67 62.02
C5 NAG L . -3.10 -66.75 62.84
C6 NAG L . -3.14 -67.79 63.94
C7 NAG L . -2.27 -66.01 57.69
C8 NAG L . -2.15 -65.09 56.51
N2 NAG L . -2.79 -65.48 58.81
O3 NAG L . -5.36 -65.96 59.88
O4 NAG L . -5.41 -66.10 62.86
O5 NAG L . -1.95 -67.07 62.02
O6 NAG L . -4.46 -68.26 64.19
O7 NAG L . -1.92 -67.19 57.63
C1 NAG L . -6.71 -66.63 62.57
C2 NAG L . -7.67 -65.43 62.49
C3 NAG L . -9.09 -65.88 62.14
C4 NAG L . -9.08 -66.72 60.87
C5 NAG L . -8.09 -67.87 61.03
C6 NAG L . -7.95 -68.70 59.77
C7 NAG L . -7.96 -64.90 64.96
C8 NAG L . -8.38 -66.32 65.25
N2 NAG L . -7.65 -64.58 63.69
O3 NAG L . -9.94 -64.74 61.95
O4 NAG L . -10.38 -67.27 60.64
O5 NAG L . -6.79 -67.38 61.34
O6 NAG L . -8.76 -68.20 58.73
O7 NAG L . -7.90 -64.06 65.85
C1 NAG M . 5.55 -79.48 66.55
C2 NAG M . 4.46 -80.51 66.76
C3 NAG M . 5.01 -81.70 67.54
C4 NAG M . 6.25 -82.25 66.87
C5 NAG M . 7.27 -81.15 66.56
C6 NAG M . 8.41 -81.61 65.70
C7 NAG M . 2.17 -79.63 66.80
C8 NAG M . 1.09 -79.04 67.65
N2 NAG M . 3.31 -79.93 67.44
O3 NAG M . 4.01 -82.70 67.64
O4 NAG M . 6.87 -83.20 67.73
O5 NAG M . 6.64 -80.07 65.85
O6 NAG M . 9.31 -82.43 66.44
O7 NAG M . 2.03 -79.83 65.60
C1 NAG M . 6.86 -84.51 67.11
C2 NAG M . 6.73 -85.56 68.21
C3 NAG M . 6.65 -86.96 67.61
C4 NAG M . 5.55 -87.03 66.57
C5 NAG M . 5.72 -85.91 65.54
C6 NAG M . 4.59 -85.85 64.54
C7 NAG M . 9.12 -85.65 68.87
C8 NAG M . 10.08 -85.51 70.01
N2 NAG M . 7.83 -85.47 69.17
O3 NAG M . 6.40 -87.91 68.65
O4 NAG M . 5.57 -88.29 65.91
O5 NAG M . 5.76 -84.64 66.20
O6 NAG M . 3.70 -86.96 64.68
O7 NAG M . 9.50 -85.90 67.73
C1 NAG N . 11.23 -69.91 83.93
C2 NAG N . 9.92 -69.38 84.52
C3 NAG N . 10.17 -68.71 85.86
C4 NAG N . 10.88 -69.67 86.80
C5 NAG N . 12.18 -70.12 86.15
C6 NAG N . 12.93 -71.15 86.97
C7 NAG N . 8.13 -68.75 82.96
C8 NAG N . 7.59 -67.67 82.05
N2 NAG N . 9.26 -68.46 83.60
O3 NAG N . 8.93 -68.32 86.42
O4 NAG N . 11.12 -69.06 88.05
O5 NAG N . 11.90 -70.75 84.89
O6 NAG N . 12.08 -72.22 87.35
O7 NAG N . 7.56 -69.83 83.09
C1 NAG N . 10.36 -69.81 89.03
C2 NAG N . 10.94 -69.57 90.43
C3 NAG N . 10.14 -70.35 91.45
C4 NAG N . 8.66 -70.00 91.35
C5 NAG N . 8.15 -70.17 89.92
C6 NAG N . 6.74 -69.69 89.73
C7 NAG N . 13.32 -69.12 90.07
C8 NAG N . 14.71 -69.65 90.19
N2 NAG N . 12.34 -69.93 90.48
O3 NAG N . 10.61 -70.05 92.76
O4 NAG N . 7.91 -70.86 92.21
O5 NAG N . 8.97 -69.42 89.00
O6 NAG N . 6.49 -68.49 90.45
O7 NAG N . 13.09 -68.00 89.61
C1 NAG O . 54.47 -48.36 67.02
C2 NAG O . 55.15 -49.71 66.86
C3 NAG O . 56.21 -49.90 67.95
C4 NAG O . 57.16 -48.71 67.98
C5 NAG O . 56.38 -47.40 68.06
C6 NAG O . 57.24 -46.17 67.99
C7 NAG O . 53.77 -51.43 65.81
C8 NAG O . 52.75 -52.51 66.03
N2 NAG O . 54.18 -50.78 66.91
O3 NAG O . 56.93 -51.09 67.70
O4 NAG O . 58.02 -48.80 69.11
O5 NAG O . 55.45 -47.32 66.98
O6 NAG O . 57.22 -45.46 69.22
O7 NAG O . 54.19 -51.16 64.70
C1 NAG O . 59.34 -49.17 68.66
C2 NAG O . 60.31 -48.97 69.81
C3 NAG O . 61.71 -49.40 69.40
C4 NAG O . 61.69 -50.83 68.86
C5 NAG O . 60.64 -50.96 67.76
C6 NAG O . 60.46 -52.39 67.29
C7 NAG O . 59.73 -47.18 71.39
C8 NAG O . 59.83 -45.72 71.69
N2 NAG O . 60.31 -47.58 70.26
O3 NAG O . 62.57 -49.34 70.53
O4 NAG O . 62.97 -51.15 68.32
O5 NAG O . 59.36 -50.53 68.24
O6 NAG O . 59.21 -52.91 67.71
O7 NAG O . 59.17 -47.97 72.14
C1 NAG P . 24.14 -43.85 78.26
C2 NAG P . 24.41 -43.80 79.76
C3 NAG P . 23.11 -43.76 80.54
C4 NAG P . 22.25 -42.60 80.06
C5 NAG P . 22.06 -42.68 78.55
C6 NAG P . 21.33 -41.48 77.98
C7 NAG P . 24.91 -46.20 80.10
C8 NAG P . 25.92 -47.18 80.60
N2 NAG P . 25.25 -44.90 80.20
O3 NAG P . 23.38 -43.63 81.93
O4 NAG P . 20.98 -42.63 80.69
O5 NAG P . 23.34 -42.74 77.89
O6 NAG P . 21.64 -41.29 76.61
O7 NAG P . 23.84 -46.56 79.62
C1 NAG P . 20.89 -41.54 81.63
C2 NAG P . 19.42 -41.21 81.87
C3 NAG P . 19.30 -40.10 82.92
C4 NAG P . 20.05 -40.48 84.19
C5 NAG P . 21.49 -40.84 83.85
C6 NAG P . 22.26 -41.36 85.04
C7 NAG P . 17.73 -41.52 80.12
C8 NAG P . 17.14 -40.99 78.85
N2 NAG P . 18.74 -40.83 80.65
O3 NAG P . 17.91 -39.89 83.21
O4 NAG P . 20.04 -39.40 85.11
O5 NAG P . 21.52 -41.89 82.86
O6 NAG P . 22.22 -42.79 85.11
O7 NAG P . 17.30 -42.55 80.65
C1 NAG Q . 2.36 -41.17 73.37
C2 NAG Q . 1.61 -41.69 74.59
C3 NAG Q . 0.35 -40.87 74.82
C4 NAG Q . 0.68 -39.39 74.91
C5 NAG Q . 1.45 -38.97 73.67
C6 NAG Q . 1.92 -37.53 73.72
C7 NAG Q . 1.24 -43.96 75.46
C8 NAG Q . 0.87 -45.36 75.13
N2 NAG Q . 1.28 -43.09 74.43
O3 NAG Q . -0.27 -41.31 76.03
O4 NAG Q . -0.52 -38.62 74.99
O5 NAG Q . 2.63 -39.78 73.53
O6 NAG Q . 3.34 -37.45 73.79
O7 NAG Q . 1.49 -43.60 76.61
C1 NAG Q . -0.65 -38.10 76.32
C2 NAG Q . -1.61 -36.91 76.27
C3 NAG Q . -1.85 -36.36 77.67
C4 NAG Q . -2.30 -37.47 78.61
C5 NAG Q . -1.31 -38.63 78.56
C6 NAG Q . -1.75 -39.82 79.38
C7 NAG Q . -1.53 -35.68 74.14
C8 NAG Q . -2.62 -36.60 73.68
N2 NAG Q . -1.09 -35.88 75.39
O3 NAG Q . -2.83 -35.33 77.61
O4 NAG Q . -2.39 -36.97 79.94
O5 NAG Q . -1.17 -39.09 77.21
O6 NAG Q . -0.73 -40.80 79.46
O7 NAG Q . -1.07 -34.80 73.42
C1 NAG R . 43.07 -41.67 74.71
C2 NAG R . 42.01 -40.57 74.56
C3 NAG R . 42.58 -39.35 73.83
C4 NAG R . 43.83 -38.86 74.54
C5 NAG R . 44.86 -39.98 74.56
C6 NAG R . 46.14 -39.61 75.29
C7 NAG R . 39.62 -40.54 73.96
C8 NAG R . 38.55 -41.21 73.18
N2 NAG R . 40.85 -41.08 73.85
O3 NAG R . 41.61 -38.31 73.78
O4 NAG R . 44.34 -37.71 73.88
O5 NAG R . 44.31 -41.11 75.25
O6 NAG R . 46.79 -40.75 75.80
O7 NAG R . 39.41 -39.54 74.65
C1 NAG R . 44.31 -36.66 74.87
C2 NAG R . 44.94 -35.38 74.31
C3 NAG R . 44.89 -34.28 75.36
C4 NAG R . 43.45 -34.07 75.85
C5 NAG R . 42.85 -35.41 76.32
C6 NAG R . 41.40 -35.28 76.68
C7 NAG R . 46.62 -35.94 72.63
C8 NAG R . 48.09 -36.18 72.36
N2 NAG R . 46.30 -35.63 73.88
O3 NAG R . 45.38 -33.07 74.79
O4 NAG R . 43.44 -33.17 76.94
O5 NAG R . 42.95 -36.39 75.29
O6 NAG R . 40.76 -34.28 75.90
O7 NAG R . 45.78 -36.01 71.74
C1 NAG S . 40.96 -55.04 83.60
C2 NAG S . 40.85 -54.40 84.98
C3 NAG S . 41.30 -55.39 86.05
C4 NAG S . 40.60 -56.73 85.91
C5 NAG S . 40.61 -57.22 84.45
C6 NAG S . 39.72 -58.42 84.22
C7 NAG S . 41.14 -51.98 84.76
C8 NAG S . 42.09 -50.82 84.90
N2 NAG S . 41.64 -53.18 85.06
O3 NAG S . 41.03 -54.84 87.32
O4 NAG S . 41.29 -57.68 86.71
O5 NAG S . 40.16 -56.20 83.56
O6 NAG S . 40.48 -59.60 83.99
O7 NAG S . 39.98 -51.83 84.40
C1 NAG S . 40.54 -58.40 87.72
C2 NAG S . 39.41 -57.55 88.34
C3 NAG S . 38.58 -58.38 89.31
C4 NAG S . 38.11 -59.68 88.66
C5 NAG S . 39.29 -60.43 88.08
C6 NAG S . 38.90 -61.68 87.33
C7 NAG S . 40.77 -56.40 90.04
C8 NAG S . 41.20 -55.06 90.57
N2 NAG S . 39.93 -56.37 88.99
O3 NAG S . 37.46 -57.62 89.75
O4 NAG S . 37.47 -60.50 89.64
O5 NAG S . 39.97 -59.60 87.13
O6 NAG S . 40.03 -62.41 86.88
O7 NAG S . 41.17 -57.45 90.53
C1 NAG T . 56.12 -64.08 73.39
C2 NAG T . 57.44 -63.34 73.51
C3 NAG T . 58.51 -64.06 72.69
C4 NAG T . 58.61 -65.52 73.11
C5 NAG T . 57.23 -66.18 73.09
C6 NAG T . 57.24 -67.56 73.69
C7 NAG T . 57.49 -60.92 73.90
C8 NAG T . 57.31 -59.57 73.30
N2 NAG T . 57.31 -61.96 73.07
O3 NAG T . 59.77 -63.41 72.89
O4 NAG T . 59.43 -66.22 72.18
O5 NAG T . 56.29 -65.41 73.86
O6 NAG T . 56.44 -67.63 74.86
O7 NAG T . 57.77 -61.07 75.09
C1 NAG T . 60.73 -66.46 72.75
C2 NAG T . 61.27 -67.76 72.17
C3 NAG T . 62.68 -68.03 72.70
C4 NAG T . 63.58 -66.83 72.44
C5 NAG T . 62.95 -65.56 73.00
C6 NAG T . 63.72 -64.31 72.66
C7 NAG T . 59.99 -69.75 71.54
C8 NAG T . 59.07 -70.83 72.02
N2 NAG T . 60.39 -68.87 72.47
O3 NAG T . 63.22 -69.18 72.06
O4 NAG T . 64.84 -67.03 73.06
O5 NAG T . 61.63 -65.38 72.44
O6 NAG T . 63.98 -64.21 71.26
O7 NAG T . 60.35 -69.67 70.37
C1 NAG U . 28.39 -82.77 34.32
C2 NAG U . 27.35 -83.78 34.79
C3 NAG U . 27.83 -85.21 34.54
C4 NAG U . 28.26 -85.38 33.09
C5 NAG U . 29.21 -84.26 32.66
C6 NAG U . 29.52 -84.29 31.19
C7 NAG U . 27.64 -83.63 37.32
C8 NAG U . 29.10 -83.95 37.20
N2 NAG U . 26.91 -83.58 36.18
O3 NAG U . 26.78 -86.12 34.86
O4 NAG U . 28.93 -86.62 32.94
O5 NAG U . 28.64 -82.98 32.94
O6 NAG U . 28.51 -83.65 30.44
O7 NAG U . 27.12 -83.43 38.41
C1 NAG U . 28.05 -87.59 32.33
C2 NAG U . 28.90 -88.71 31.73
C3 NAG U . 28.01 -89.79 31.14
C4 NAG U . 27.00 -90.28 32.17
C5 NAG U . 26.22 -89.10 32.75
C6 NAG U . 25.29 -89.49 33.86
C7 NAG U . 31.13 -88.24 30.84
C8 NAG U . 31.92 -87.66 29.70
N2 NAG U . 29.80 -88.19 30.72
O3 NAG U . 28.81 -90.87 30.68
O4 NAG U . 26.09 -91.21 31.58
O5 NAG U . 27.13 -88.14 33.29
O6 NAG U . 26.00 -89.75 35.07
O7 NAG U . 31.68 -88.73 31.82
C1 NAG V . 51.91 -62.14 43.89
C2 NAG V . 53.08 -63.10 44.14
C3 NAG V . 54.30 -62.31 44.61
C4 NAG V . 54.62 -61.20 43.63
C5 NAG V . 53.39 -60.33 43.40
C6 NAG V . 53.60 -59.29 42.33
C7 NAG V . 52.25 -65.32 44.75
C8 NAG V . 51.92 -66.25 45.88
N2 NAG V . 52.72 -64.12 45.11
O3 NAG V . 55.40 -63.20 44.74
O4 NAG V . 55.67 -60.39 44.15
O5 NAG V . 52.30 -61.15 42.96
O6 NAG V . 52.80 -58.13 42.56
O7 NAG V . 52.07 -65.63 43.58
C1 NAG V . 56.82 -60.49 43.29
C2 NAG V . 57.72 -59.29 43.54
C3 NAG V . 58.99 -59.39 42.69
C4 NAG V . 59.67 -60.73 42.90
C5 NAG V . 58.68 -61.86 42.65
C6 NAG V . 59.26 -63.23 42.95
C7 NAG V . 56.67 -57.18 44.23
C8 NAG V . 55.95 -55.95 43.77
N2 NAG V . 57.03 -58.04 43.27
O3 NAG V . 59.86 -58.33 43.03
O4 NAG V . 60.76 -60.88 42.00
O5 NAG V . 57.54 -61.70 43.53
O6 NAG V . 58.68 -64.22 42.09
O7 NAG V . 56.90 -57.41 45.41
C1 NAG W . 57.30 -41.20 50.61
C2 NAG W . 58.61 -41.28 51.40
C3 NAG W . 59.49 -40.08 51.07
C4 NAG W . 59.68 -39.94 49.57
C5 NAG W . 58.32 -39.90 48.87
C6 NAG W . 58.43 -39.88 47.37
C7 NAG W . 58.57 -42.45 53.55
C8 NAG W . 58.26 -42.34 55.01
N2 NAG W . 58.35 -41.36 52.82
O3 NAG W . 60.76 -40.25 51.70
O4 NAG W . 60.38 -38.73 49.27
O5 NAG W . 57.58 -41.08 49.22
O6 NAG W . 58.69 -41.18 46.85
O7 NAG W . 59.01 -43.49 53.06
C1 NAG W . 61.72 -39.04 48.83
C2 NAG W . 62.48 -37.74 48.56
C3 NAG W . 63.92 -38.03 48.18
C4 NAG W . 64.58 -38.92 49.21
C5 NAG W . 63.74 -40.17 49.45
C6 NAG W . 64.28 -41.05 50.57
C7 NAG W . 61.68 -37.30 46.26
C8 NAG W . 60.97 -36.32 45.37
N2 NAG W . 61.81 -36.94 47.54
O3 NAG W . 64.65 -36.81 48.06
O4 NAG W . 65.88 -39.31 48.78
O5 NAG W . 62.41 -39.80 49.83
O6 NAG W . 64.79 -40.26 51.64
O7 NAG W . 62.11 -38.37 45.83
C1 NAG X . 41.03 -74.86 32.86
C2 NAG X . 41.92 -73.85 32.14
C3 NAG X . 41.42 -73.63 30.71
C4 NAG X . 41.30 -74.96 29.99
C5 NAG X . 40.44 -75.92 30.80
C6 NAG X . 40.37 -77.31 30.20
C7 NAG X . 43.11 -72.05 33.31
C8 NAG X . 42.98 -70.75 34.03
N2 NAG X . 41.97 -72.60 32.86
O3 NAG X . 42.33 -72.76 30.04
O4 NAG X . 40.69 -74.77 28.71
O5 NAG X . 40.97 -76.06 32.11
O6 NAG X . 41.44 -78.12 30.66
O7 NAG X . 44.20 -72.60 33.15
C1 NAG X . 41.69 -74.60 27.70
C2 NAG X . 41.63 -75.76 26.68
C3 NAG X . 42.59 -75.54 25.50
C4 NAG X . 42.39 -74.14 24.92
C5 NAG X . 42.50 -73.09 26.01
C6 NAG X . 42.25 -71.69 25.51
C7 NAG X . 42.89 -77.58 27.94
C8 NAG X . 44.09 -76.68 28.10
N2 NAG X . 41.81 -77.08 27.28
O3 NAG X . 42.36 -76.53 24.51
O4 NAG X . 43.40 -73.89 23.94
O5 NAG X . 41.50 -73.36 27.01
O6 NAG X . 43.32 -70.82 25.89
O7 NAG X . 42.88 -78.72 28.39
C1 NAG Y . 47.12 -81.99 46.41
C2 NAG Y . 48.36 -82.70 45.89
C3 NAG Y . 48.75 -83.82 46.84
C4 NAG Y . 48.88 -83.29 48.27
C5 NAG Y . 47.65 -82.49 48.67
C6 NAG Y . 47.83 -81.77 49.99
C7 NAG Y . 48.58 -82.64 43.44
C8 NAG Y . 48.24 -83.32 42.15
N2 NAG Y . 48.13 -83.24 44.56
O3 NAG Y . 50.00 -84.38 46.43
O4 NAG Y . 49.01 -84.39 49.17
O5 NAG Y . 47.38 -81.47 47.70
O6 NAG Y . 48.71 -80.67 49.86
O7 NAG Y . 49.22 -81.60 43.48
C1 NAG Y . 50.29 -84.32 49.83
C2 NAG Y . 50.59 -85.69 50.47
C3 NAG Y . 51.95 -85.70 51.14
C4 NAG Y . 53.02 -85.21 50.18
C5 NAG Y . 52.61 -83.86 49.57
C6 NAG Y . 53.59 -83.37 48.52
C7 NAG Y . 49.07 -85.64 52.50
C8 NAG Y . 49.69 -84.35 52.99
N2 NAG Y . 49.53 -86.17 51.36
O3 NAG Y . 52.26 -87.02 51.58
O4 NAG Y . 54.26 -85.06 50.85
O5 NAG Y . 51.34 -83.96 48.94
O6 NAG Y . 54.56 -84.35 48.21
O7 NAG Y . 48.17 -86.18 53.14
C1 NAG Z . 29.54 -93.38 47.99
C2 NAG Z . 29.15 -93.99 46.65
C3 NAG Z . 27.83 -94.75 46.78
C4 NAG Z . 27.92 -95.76 47.91
C5 NAG Z . 28.39 -95.10 49.20
C6 NAG Z . 28.65 -96.08 50.32
C7 NAG Z . 29.94 -92.84 44.63
C8 NAG Z . 29.68 -91.73 43.66
N2 NAG Z . 29.04 -92.96 45.63
O3 NAG Z . 27.55 -95.41 45.55
O4 NAG Z . 26.64 -96.35 48.13
O5 NAG Z . 29.64 -94.41 48.97
O6 NAG Z . 30.01 -96.04 50.74
O7 NAG Z . 30.89 -93.59 44.52
C1 NAG Z . 26.73 -97.75 47.77
C2 NAG Z . 25.79 -98.53 48.69
C3 NAG Z . 25.84 -100.01 48.34
C4 NAG Z . 25.57 -100.21 46.85
C5 NAG Z . 26.49 -99.33 46.00
C6 NAG Z . 26.18 -99.39 44.53
C7 NAG Z . 25.27 -98.42 51.08
C8 NAG Z . 25.81 -98.17 52.46
N2 NAG Z . 26.15 -98.32 50.08
O3 NAG Z . 24.87 -100.71 49.10
O4 NAG Z . 25.79 -101.58 46.50
O5 NAG Z . 26.36 -97.97 46.40
O6 NAG Z . 24.79 -99.14 44.29
O7 NAG Z . 24.09 -98.70 50.89
C1 NAG AA . -36.73 -31.04 8.10
C2 NAG AA . -37.14 -31.74 9.39
C3 NAG AA . -38.66 -31.77 9.50
C4 NAG AA . -39.24 -30.38 9.36
C5 NAG AA . -38.73 -29.72 8.08
C6 NAG AA . -39.16 -28.28 7.93
C7 NAG AA . -35.76 -33.49 10.43
C8 NAG AA . -35.30 -34.91 10.33
N2 NAG AA . -36.59 -33.08 9.45
O3 NAG AA . -39.04 -32.35 10.75
O4 NAG AA . -40.66 -30.43 9.33
O5 NAG AA . -37.30 -29.72 8.06
O6 NAG AA . -38.68 -27.47 9.00
O7 NAG AA . -35.42 -32.74 11.33
C1 NAG BA . -7.12 -51.16 -5.78
C2 NAG BA . -6.38 -51.81 -6.96
C3 NAG BA . -6.71 -53.29 -7.08
C4 NAG BA . -6.55 -53.99 -5.74
C5 NAG BA . -7.29 -53.22 -4.64
C6 NAG BA . -7.10 -53.81 -3.26
C7 NAG BA . -7.69 -50.88 -8.93
C8 NAG BA . -8.98 -51.44 -8.38
N2 NAG BA . -6.56 -51.10 -8.22
O3 NAG BA . -5.84 -53.89 -8.04
O4 NAG BA . -7.07 -55.32 -5.81
O5 NAG BA . -6.83 -51.87 -4.60
O6 NAG BA . -8.16 -53.48 -2.40
O7 NAG BA . -7.67 -50.25 -9.98
C1 NAG CA . -10.39 -53.76 20.03
C2 NAG CA . -10.56 -54.96 20.96
C3 NAG CA . -9.98 -56.21 20.30
C4 NAG CA . -10.61 -56.42 18.93
C5 NAG CA . -10.44 -55.16 18.07
C6 NAG CA . -11.15 -55.26 16.75
C7 NAG CA . -10.60 -54.25 23.31
C8 NAG CA . -9.80 -54.06 24.55
N2 NAG CA . -9.93 -54.72 22.25
O3 NAG CA . -10.24 -57.33 21.13
O4 NAG CA . -9.99 -57.52 18.27
O5 NAG CA . -11.00 -54.03 18.76
O6 NAG CA . -12.22 -54.32 16.66
O7 NAG CA . -11.80 -54.00 23.26
C1 NAG DA . -21.26 -23.50 40.02
C2 NAG DA . -21.06 -23.87 41.50
C3 NAG DA . -22.22 -24.71 42.01
C4 NAG DA . -23.54 -24.00 41.74
C5 NAG DA . -23.66 -23.70 40.25
C6 NAG DA . -24.92 -22.91 39.91
C7 NAG DA . -19.18 -24.66 42.88
C8 NAG DA . -17.89 -25.41 42.89
N2 NAG DA . -19.79 -24.56 41.69
O3 NAG DA . -22.07 -24.92 43.41
O4 NAG DA . -24.63 -24.83 42.14
O5 NAG DA . -22.55 -22.89 39.85
O6 NAG DA . -25.42 -22.23 41.05
O7 NAG DA . -19.66 -24.15 43.89
C1 NAG EA . -25.65 -44.05 47.80
C2 NAG EA . -27.00 -44.38 47.16
C3 NAG EA . -28.09 -43.51 47.78
C4 NAG EA . -28.09 -43.66 49.30
C5 NAG EA . -26.70 -43.36 49.85
C6 NAG EA . -26.59 -43.63 51.34
C7 NAG EA . -27.22 -45.20 44.87
C8 NAG EA . -27.14 -44.85 43.41
N2 NAG EA . -26.95 -44.21 45.72
O3 NAG EA . -29.35 -43.92 47.26
O4 NAG EA . -29.02 -42.74 49.87
O5 NAG EA . -25.73 -44.21 49.22
O6 NAG EA . -26.10 -42.49 52.03
O7 NAG EA . -27.52 -46.32 45.25
C1 NAG FA . 1.81 -58.79 74.34
C2 NAG FA . 2.61 -58.85 75.63
C3 NAG FA . 2.14 -59.99 76.51
C4 NAG FA . 0.63 -59.89 76.75
C5 NAG FA . -0.09 -59.81 75.41
C6 NAG FA . -1.58 -59.61 75.56
C7 NAG FA . 4.99 -58.50 76.13
C8 NAG FA . 6.40 -58.74 75.68
N2 NAG FA . 4.03 -58.99 75.34
O3 NAG FA . 2.82 -59.95 77.76
O4 NAG FA . 0.17 -61.02 77.47
O5 NAG FA . 0.41 -58.70 74.65
O6 NAG FA . -2.03 -60.03 76.84
O7 NAG FA . 4.73 -57.89 77.17
C1 NAG GA . -27.19 -8.71 -26.56
C2 NAG GA . -26.32 -7.88 -27.52
C3 NAG GA . -26.89 -6.48 -27.67
C4 NAG GA . -28.36 -6.54 -28.08
C5 NAG GA . -29.14 -7.42 -27.11
C6 NAG GA . -30.57 -7.63 -27.53
C7 NAG GA . -24.50 -7.32 -25.94
C8 NAG GA . -23.02 -7.38 -25.70
N2 NAG GA . -24.93 -7.84 -27.10
O3 NAG GA . -26.14 -5.77 -28.65
O4 NAG GA . -28.92 -5.23 -28.07
O5 NAG GA . -28.54 -8.73 -27.03
O6 NAG GA . -30.70 -8.70 -28.45
O7 NAG GA . -25.27 -6.81 -25.12
C1 NAG HA . 19.15 23.16 53.91
C2 NAG HA . 19.74 21.80 54.35
C3 NAG HA . 20.87 22.04 55.33
C4 NAG HA . 21.89 22.99 54.73
C5 NAG HA . 21.23 24.27 54.23
C6 NAG HA . 22.18 25.19 53.49
C7 NAG HA . 18.66 19.63 54.71
C8 NAG HA . 17.53 18.91 55.38
N2 NAG HA . 18.71 20.95 54.92
O3 NAG HA . 21.49 20.79 55.64
O4 NAG HA . 22.89 23.31 55.71
O5 NAG HA . 20.16 23.96 53.32
O6 NAG HA . 21.45 26.16 52.75
O7 NAG HA . 19.47 19.06 53.99
C1 NAG IA . -12.30 -1.09 58.73
C2 NAG IA . -12.61 0.27 59.36
C3 NAG IA . -13.62 0.10 60.49
C4 NAG IA . -14.84 -0.66 60.00
C5 NAG IA . -14.44 -1.95 59.30
C6 NAG IA . -15.61 -2.66 58.64
C7 NAG IA . -11.11 2.20 59.65
C8 NAG IA . -12.13 2.99 58.89
N2 NAG IA . -11.39 0.90 59.84
O3 NAG IA . -14.00 1.37 61.00
O4 NAG IA . -15.67 -0.98 61.11
O5 NAG IA . -13.51 -1.66 58.25
O6 NAG IA . -15.17 -3.52 57.60
O7 NAG IA . -10.08 2.71 60.08
C1 NAG JA . 12.64 -9.77 65.73
C2 NAG JA . 11.47 -10.76 65.61
C3 NAG JA . 11.21 -11.47 66.94
C4 NAG JA . 12.50 -12.09 67.46
C5 NAG JA . 13.58 -11.03 67.56
C6 NAG JA . 14.92 -11.59 68.00
C7 NAG JA . 9.59 -9.17 65.79
C8 NAG JA . 8.37 -8.62 65.12
N2 NAG JA . 10.27 -10.11 65.12
O3 NAG JA . 10.23 -12.49 66.74
O4 NAG JA . 12.27 -12.65 68.76
O5 NAG JA . 13.79 -10.44 66.27
O6 NAG JA . 15.26 -12.76 67.27
O7 NAG JA . 9.95 -8.77 66.90
C1 NAG KA . 43.53 -0.39 42.68
C2 NAG KA . 44.41 0.12 43.83
C3 NAG KA . 45.65 -0.74 43.97
C4 NAG KA . 45.28 -2.22 44.10
C5 NAG KA . 44.41 -2.62 42.91
C6 NAG KA . 43.93 -4.05 42.99
C7 NAG KA . 44.04 2.53 44.10
C8 NAG KA . 44.57 3.90 43.79
N2 NAG KA . 44.76 1.51 43.63
O3 NAG KA . 46.39 -0.33 45.12
O4 NAG KA . 46.45 -3.02 44.13
O5 NAG KA . 43.25 -1.79 42.87
O6 NAG KA . 43.74 -4.47 44.34
O7 NAG KA . 43.01 2.35 44.74
C1 NAG LA . 44.50 -7.31 63.99
C2 NAG LA . 45.07 -6.79 65.30
C3 NAG LA . 45.89 -5.53 65.06
C4 NAG LA . 46.96 -5.80 64.01
C5 NAG LA . 46.33 -6.37 62.75
C6 NAG LA . 47.35 -6.80 61.71
C7 NAG LA . 43.49 -7.46 67.07
C8 NAG LA . 42.42 -7.00 68.01
N2 NAG LA . 44.02 -6.52 66.27
O3 NAG LA . 46.51 -5.12 66.28
O4 NAG LA . 47.65 -4.60 63.69
O5 NAG LA . 45.56 -7.54 63.06
O6 NAG LA . 48.28 -7.72 62.27
O7 NAG LA . 43.87 -8.62 67.03
C1 NAG MA . 49.01 -22.33 -16.12
C2 NAG MA . 49.08 -23.82 -15.74
C3 NAG MA . 49.76 -24.60 -16.86
C4 NAG MA . 49.08 -24.34 -18.19
C5 NAG MA . 49.01 -22.84 -18.46
C6 NAG MA . 48.23 -22.51 -19.71
C7 NAG MA . 49.55 -25.03 -13.67
C8 NAG MA . 50.37 -25.07 -12.40
N2 NAG MA . 49.78 -24.00 -14.48
O3 NAG MA . 49.73 -25.99 -16.55
O4 NAG MA . 49.80 -24.97 -19.24
O5 NAG MA . 48.35 -22.18 -17.37
O6 NAG MA . 48.64 -23.31 -20.81
O7 NAG MA . 48.74 -25.91 -13.93
C1 NAG NA . 61.09 14.34 -14.87
C2 NAG NA . 61.74 15.61 -14.32
C3 NAG NA . 60.70 16.50 -13.65
C4 NAG NA . 59.55 16.78 -14.61
C5 NAG NA . 58.98 15.47 -15.14
C6 NAG NA . 57.91 15.67 -16.18
C7 NAG NA . 64.07 15.69 -13.54
C8 NAG NA . 65.03 15.27 -12.49
N2 NAG NA . 62.80 15.28 -13.39
O3 NAG NA . 61.30 17.72 -13.26
O4 NAG NA . 58.53 17.51 -13.94
O5 NAG NA . 60.01 14.70 -15.76
O6 NAG NA . 57.02 16.72 -15.82
O7 NAG NA . 64.40 16.40 -14.50
C1 NAG OA . 33.89 2.75 -17.91
C2 NAG OA . 32.42 3.18 -18.00
C3 NAG OA . 31.54 2.00 -18.40
C4 NAG OA . 32.07 1.37 -19.68
C5 NAG OA . 33.54 1.03 -19.56
C6 NAG OA . 34.14 0.55 -20.85
C7 NAG OA . 31.84 5.06 -16.52
C8 NAG OA . 31.36 5.46 -15.16
N2 NAG OA . 31.97 3.74 -16.73
O3 NAG OA . 30.21 2.45 -18.57
O4 NAG OA . 31.33 0.18 -19.97
O5 NAG OA . 34.28 2.20 -19.16
O6 NAG OA . 33.14 0.20 -21.79
O7 NAG OA . 32.10 5.88 -17.39
C1 NAG PA . 57.60 -6.37 17.37
C2 NAG PA . 58.27 -5.51 18.47
C3 NAG PA . 59.39 -6.27 19.18
C4 NAG PA . 58.92 -7.65 19.62
C5 NAG PA . 58.31 -8.39 18.44
C6 NAG PA . 57.76 -9.74 18.82
C7 NAG PA . 59.67 -3.91 17.09
C8 NAG PA . 60.39 -5.06 16.42
N2 NAG PA . 58.72 -4.20 18.00
O3 NAG PA . 59.83 -5.52 20.32
O4 NAG PA . 60.03 -8.40 20.11
O5 NAG PA . 57.21 -7.63 17.93
O6 NAG PA . 58.51 -10.79 18.23
O7 NAG PA . 59.94 -2.76 16.79
C1 NAG QA . 52.88 -33.46 18.33
C2 NAG QA . 52.64 -34.93 18.66
C3 NAG QA . 53.82 -35.49 19.46
C4 NAG QA . 55.12 -35.24 18.72
C5 NAG QA . 55.26 -33.75 18.39
C6 NAG QA . 56.48 -33.43 17.57
C7 NAG QA . 50.42 -35.94 18.97
C8 NAG QA . 50.68 -36.68 17.70
N2 NAG QA . 51.40 -35.12 19.38
O3 NAG QA . 53.65 -36.89 19.66
O4 NAG QA . 56.23 -35.65 19.53
O5 NAG QA . 54.13 -33.31 17.64
O6 NAG QA . 56.45 -34.10 16.31
O7 NAG QA . 49.38 -36.07 19.60
C1 NAG RA . 24.86 -46.05 -5.61
C2 NAG RA . 23.80 -47.09 -5.24
C3 NAG RA . 24.07 -48.41 -5.94
C4 NAG RA . 24.21 -48.20 -7.45
C5 NAG RA . 25.25 -47.12 -7.74
C6 NAG RA . 25.32 -46.75 -9.20
C7 NAG RA . 24.68 -47.77 -3.04
C8 NAG RA . 24.37 -47.89 -1.58
N2 NAG RA . 23.70 -47.27 -3.80
O3 NAG RA . 23.01 -49.32 -5.68
O4 NAG RA . 24.61 -49.42 -8.07
O5 NAG RA . 24.93 -45.92 -7.03
O6 NAG RA . 24.28 -45.84 -9.54
O7 NAG RA . 25.77 -48.09 -3.49
C1 NAG SA . 39.57 -58.45 2.81
C2 NAG SA . 39.47 -58.06 1.33
C3 NAG SA . 38.11 -58.46 0.77
C4 NAG SA . 37.84 -59.94 1.02
C5 NAG SA . 38.00 -60.25 2.51
C6 NAG SA . 37.86 -61.72 2.82
C7 NAG SA . 40.93 -56.11 1.03
C8 NAG SA . 40.99 -54.63 0.84
N2 NAG SA . 39.71 -56.64 1.14
O3 NAG SA . 38.08 -58.19 -0.63
O4 NAG SA . 36.52 -60.28 0.60
O5 NAG SA . 39.31 -59.86 2.95
O6 NAG SA . 36.63 -62.24 2.34
O7 NAG SA . 41.94 -56.81 1.09
C1 NAG TA . 39.09 19.45 -24.45
C2 NAG TA . 38.69 18.49 -25.58
C3 NAG TA . 37.99 19.24 -26.72
C4 NAG TA . 36.84 20.07 -26.17
C5 NAG TA . 37.32 20.97 -25.03
C6 NAG TA . 36.20 21.72 -24.37
C7 NAG TA . 40.95 18.05 -26.66
C8 NAG TA . 41.17 19.52 -26.88
N2 NAG TA . 39.80 17.66 -26.07
O3 NAG TA . 37.51 18.30 -27.67
O4 NAG TA . 36.29 20.88 -27.21
O5 NAG TA . 37.95 20.17 -24.01
O6 NAG TA . 35.36 20.84 -23.63
O7 NAG TA . 41.79 17.22 -27.01
#